data_6AUI
#
_entry.id   6AUI
#
_cell.length_a   1
_cell.length_b   1
_cell.length_c   1
_cell.angle_alpha   90.00
_cell.angle_beta   90.00
_cell.angle_gamma   90.00
#
_symmetry.space_group_name_H-M   'P 1'
#
loop_
_entity.id
_entity.type
_entity.pdbx_description
1 polymer 'Ribonucleoside-diphosphate reductase large subunit'
2 non-polymer "2'-DEOXYADENOSINE 5'-TRIPHOSPHATE"
3 non-polymer 'MAGNESIUM ION'
4 non-polymer "CYTIDINE-5'-DIPHOSPHATE"
5 water water
#
_entity_poly.entity_id   1
_entity_poly.type   'polypeptide(L)'
_entity_poly.pdbx_seq_one_letter_code
;MGSSHHHHHHSSGLVPRGSHMHVIKRDGRQERVMFDKITSRIQKLCYGLNMDFVDPAQITMKVIQGLYSGVTTVELDTLA
AETAATLTTKHPDYAILAARIAVSNLHKETKKVFSDVMEDLYNYINPHNGKHSPMVAKSTLDIVLANKDRLNSAIIYDRD
FSYNYFGFKTLERSYLLKINGKVAERPQHMLMRVSVGIHKEDIDAAIETYNLLSERWFTHASPTLFNAGTNRPQLSSCFL
LSMKDDSIEGIYDTLKQCALISKSAGGIGVAVSCIRATGSYIAGTNGNSNGLVPMLRVYNNTARYVDQGGNKRPGAFAIY
LEPWHLDIFEFLDLKKNTGKEEQRARDLFFALWIPDLFMKRVETNQDWSLMCPNECPGLDEVWGEEFEKLYASYEKQGRV
RKVVKAQQLWYAIIESQTETGTPYMLYKDSCNRKSNQQNLGTIKCSNLCTEIVEYTSKDEVAVCNLASLALNMYVTSEHT
YDFKKLAEVTKVVVRNLNKIIDINYYPVPEACLSNKRHRPIGIGVQGLADAFILMRYPFESAEAQLLNKQIFETIYYGAL
EASCDLAKEQGPYETYEGSPVSKGILQYDMWNVTPTDLWDWKVLKEKIAKYGIRNSLLIAPMPTASTAQILGNNESIEPY
TSNIYTRRVLSGEFQIVNPHLLKDLTERGLWHEEMKNQIIACNGSIQSIPEIPDDLKQLYKTVWEISQKTVLKMAAERGA
FIDQSQSLNIHIAEPNYGKLTSMHFYGWKQGLKTGMYYLRTRPAANPIQFTLNKEKLKDKEKVSKEEEEKERNTAAMVCS
LENRDECLMCGS
;
_entity_poly.pdbx_strand_id   A,B,C,D,E,F
#
# COMPACT_ATOMS: atom_id res chain seq x y z
N SER A 19 -29.84 -13.61 52.90
CA SER A 19 -31.23 -13.28 52.62
C SER A 19 -31.35 -11.94 51.90
N HIS A 20 -31.97 -10.97 52.58
CA HIS A 20 -32.22 -9.67 52.00
C HIS A 20 -30.96 -8.81 52.05
N MET A 21 -31.08 -7.54 51.66
CA MET A 21 -29.99 -6.59 51.82
C MET A 21 -29.88 -6.21 53.28
N HIS A 22 -28.93 -6.81 53.97
CA HIS A 22 -28.63 -6.48 55.35
C HIS A 22 -27.30 -5.75 55.41
N VAL A 23 -27.24 -4.71 56.21
CA VAL A 23 -25.98 -4.04 56.47
C VAL A 23 -25.49 -4.47 57.85
N ILE A 24 -24.17 -4.46 58.01
CA ILE A 24 -23.53 -4.88 59.24
C ILE A 24 -23.40 -3.63 60.11
N LYS A 25 -24.34 -3.45 61.03
CA LYS A 25 -24.29 -2.30 61.91
C LYS A 25 -23.15 -2.45 62.90
N ARG A 26 -22.47 -1.32 63.16
CA ARG A 26 -21.21 -1.09 63.87
C ARG A 26 -21.05 -1.88 65.17
N ASP A 27 -22.15 -2.20 65.83
CA ASP A 27 -22.12 -3.12 66.96
C ASP A 27 -21.70 -4.53 66.53
N GLY A 28 -21.83 -4.85 65.25
CA GLY A 28 -21.51 -6.16 64.75
C GLY A 28 -22.72 -6.91 64.25
N ARG A 29 -23.89 -6.30 64.28
CA ARG A 29 -25.11 -7.00 63.95
C ARG A 29 -25.48 -6.70 62.50
N GLN A 30 -26.69 -7.07 62.10
CA GLN A 30 -27.16 -6.79 60.75
C GLN A 30 -28.59 -6.30 60.81
N GLU A 31 -28.95 -5.45 59.86
CA GLU A 31 -30.33 -4.99 59.73
C GLU A 31 -30.71 -4.85 58.27
N ARG A 32 -31.99 -4.58 58.06
CA ARG A 32 -32.48 -4.19 56.75
C ARG A 32 -32.01 -2.79 56.41
N VAL A 33 -32.04 -2.47 55.12
CA VAL A 33 -31.59 -1.17 54.64
C VAL A 33 -32.75 -0.20 54.81
N MET A 34 -32.68 0.66 55.81
CA MET A 34 -33.66 1.71 56.03
C MET A 34 -32.98 3.04 55.74
N PHE A 35 -33.42 3.72 54.70
CA PHE A 35 -32.67 4.83 54.13
C PHE A 35 -32.81 6.13 54.91
N ASP A 36 -33.90 6.31 55.67
CA ASP A 36 -34.03 7.54 56.44
C ASP A 36 -33.15 7.59 57.67
N LYS A 37 -32.37 6.55 57.96
CA LYS A 37 -31.34 6.68 58.97
C LYS A 37 -30.22 7.58 58.48
N ILE A 38 -29.96 7.59 57.18
CA ILE A 38 -28.92 8.43 56.61
C ILE A 38 -29.29 9.91 56.74
N THR A 39 -30.40 10.30 56.15
CA THR A 39 -30.86 11.68 56.25
C THR A 39 -31.28 12.03 57.68
N SER A 40 -31.64 11.02 58.49
CA SER A 40 -31.82 11.23 59.91
C SER A 40 -30.50 11.61 60.59
N ARG A 41 -29.37 11.14 60.07
CA ARG A 41 -28.10 11.46 60.72
C ARG A 41 -27.45 12.73 60.17
N ILE A 42 -27.52 12.94 58.85
CA ILE A 42 -26.82 14.05 58.23
C ILE A 42 -27.40 15.39 58.69
N GLN A 43 -28.73 15.51 58.67
CA GLN A 43 -29.38 16.72 59.14
C GLN A 43 -29.16 16.95 60.63
N LYS A 44 -28.94 15.88 61.40
CA LYS A 44 -28.46 16.04 62.76
C LYS A 44 -27.05 16.61 62.78
N LEU A 45 -26.22 16.28 61.78
CA LEU A 45 -24.88 16.83 61.68
C LEU A 45 -24.77 18.01 60.73
N CYS A 46 -25.87 18.74 60.52
CA CYS A 46 -25.83 19.94 59.68
C CYS A 46 -26.18 21.21 60.45
N TYR A 47 -26.14 21.18 61.78
CA TYR A 47 -26.59 22.32 62.54
C TYR A 47 -25.57 23.45 62.48
N GLY A 48 -26.05 24.64 62.12
CA GLY A 48 -25.21 25.81 62.01
C GLY A 48 -24.68 26.12 60.63
N LEU A 49 -25.34 25.67 59.58
CA LEU A 49 -24.89 25.92 58.22
C LEU A 49 -25.99 26.57 57.39
N ASN A 50 -25.61 27.00 56.19
CA ASN A 50 -26.53 27.65 55.25
C ASN A 50 -27.45 26.60 54.65
N MET A 51 -28.67 26.50 55.19
CA MET A 51 -29.63 25.51 54.69
C MET A 51 -30.18 25.83 53.31
N ASP A 52 -29.85 26.99 52.73
CA ASP A 52 -30.25 27.27 51.36
C ASP A 52 -29.52 26.40 50.35
N PHE A 53 -28.36 25.88 50.70
CA PHE A 53 -27.61 25.02 49.80
C PHE A 53 -27.17 23.72 50.45
N VAL A 54 -27.28 23.59 51.76
CA VAL A 54 -27.03 22.31 52.41
C VAL A 54 -28.18 21.37 52.12
N ASP A 55 -27.89 20.28 51.43
CA ASP A 55 -28.91 19.38 50.89
C ASP A 55 -28.52 17.95 51.22
N PRO A 56 -29.17 17.32 52.19
CA PRO A 56 -28.84 15.93 52.53
C PRO A 56 -29.26 14.93 51.46
N ALA A 57 -30.21 15.28 50.59
CA ALA A 57 -30.75 14.31 49.66
C ALA A 57 -29.79 13.97 48.55
N GLN A 58 -28.98 14.92 48.09
CA GLN A 58 -27.99 14.62 47.06
C GLN A 58 -26.90 13.70 47.59
N ILE A 59 -26.45 13.98 48.81
CA ILE A 59 -25.44 13.16 49.47
C ILE A 59 -25.95 11.76 49.69
N THR A 60 -27.20 11.65 50.14
CA THR A 60 -27.82 10.35 50.35
C THR A 60 -27.96 9.61 49.03
N MET A 61 -28.30 10.32 47.96
CA MET A 61 -28.48 9.69 46.65
C MET A 61 -27.18 9.11 46.12
N LYS A 62 -26.09 9.89 46.20
CA LYS A 62 -24.82 9.36 45.71
C LYS A 62 -24.23 8.30 46.64
N VAL A 63 -24.60 8.30 47.93
CA VAL A 63 -24.19 7.19 48.80
C VAL A 63 -24.92 5.91 48.41
N ILE A 64 -26.24 6.00 48.18
CA ILE A 64 -27.02 4.83 47.80
C ILE A 64 -26.66 4.34 46.41
N GLN A 65 -26.04 5.18 45.58
CA GLN A 65 -25.45 4.69 44.34
C GLN A 65 -24.34 3.67 44.61
N GLY A 66 -23.66 3.77 45.75
CA GLY A 66 -22.58 2.84 46.04
C GLY A 66 -22.89 1.68 46.97
N LEU A 67 -24.04 1.71 47.64
CA LEU A 67 -24.35 0.70 48.64
C LEU A 67 -24.65 -0.64 47.98
N TYR A 68 -24.41 -1.72 48.75
CA TYR A 68 -24.80 -3.07 48.34
C TYR A 68 -25.08 -3.87 49.61
N SER A 69 -25.22 -5.18 49.47
CA SER A 69 -25.63 -6.02 50.59
C SER A 69 -24.41 -6.52 51.33
N GLY A 70 -24.49 -6.49 52.65
CA GLY A 70 -23.35 -6.85 53.47
C GLY A 70 -22.25 -5.80 53.43
N VAL A 71 -22.58 -4.60 53.87
CA VAL A 71 -21.64 -3.49 53.93
C VAL A 71 -21.56 -3.02 55.38
N THR A 72 -20.34 -2.86 55.89
CA THR A 72 -20.16 -2.27 57.20
C THR A 72 -20.49 -0.78 57.14
N THR A 73 -21.20 -0.29 58.15
CA THR A 73 -21.76 1.06 58.10
C THR A 73 -20.71 2.15 58.16
N VAL A 74 -19.50 1.84 58.65
CA VAL A 74 -18.44 2.83 58.67
C VAL A 74 -17.97 3.14 57.24
N GLU A 75 -18.16 2.21 56.31
CA GLU A 75 -17.94 2.54 54.90
C GLU A 75 -19.00 3.49 54.39
N LEU A 76 -20.21 3.44 54.96
CA LEU A 76 -21.24 4.38 54.54
C LEU A 76 -20.96 5.77 55.08
N ASP A 77 -20.41 5.87 56.29
CA ASP A 77 -20.02 7.21 56.75
C ASP A 77 -18.80 7.73 56.02
N THR A 78 -17.85 6.85 55.69
CA THR A 78 -16.67 7.26 54.93
C THR A 78 -17.05 7.75 53.55
N LEU A 79 -17.93 7.01 52.86
CA LEU A 79 -18.39 7.43 51.55
C LEU A 79 -19.32 8.64 51.64
N ALA A 80 -19.95 8.85 52.79
CA ALA A 80 -20.77 10.05 52.97
C ALA A 80 -19.90 11.29 53.07
N ALA A 81 -18.84 11.23 53.88
CA ALA A 81 -17.91 12.35 53.97
C ALA A 81 -17.18 12.57 52.66
N GLU A 82 -16.91 11.49 51.92
CA GLU A 82 -16.27 11.61 50.62
C GLU A 82 -17.18 12.31 49.61
N THR A 83 -18.46 11.95 49.60
CA THR A 83 -19.41 12.58 48.69
C THR A 83 -19.62 14.04 49.04
N ALA A 84 -19.66 14.37 50.33
CA ALA A 84 -19.75 15.78 50.74
C ALA A 84 -18.50 16.54 50.33
N ALA A 85 -17.34 15.89 50.40
CA ALA A 85 -16.10 16.53 49.95
C ALA A 85 -16.11 16.79 48.45
N THR A 86 -16.71 15.88 47.67
CA THR A 86 -16.82 16.15 46.24
C THR A 86 -17.88 17.20 45.92
N LEU A 87 -18.89 17.34 46.76
CA LEU A 87 -19.93 18.33 46.54
C LEU A 87 -19.60 19.71 47.10
N THR A 88 -18.45 19.84 47.76
CA THR A 88 -18.01 21.11 48.35
C THR A 88 -17.90 22.26 47.34
N THR A 89 -17.75 21.94 46.05
CA THR A 89 -17.66 22.97 45.01
C THR A 89 -18.94 23.80 44.89
N LYS A 90 -20.09 23.19 45.15
CA LYS A 90 -21.36 23.92 45.02
C LYS A 90 -21.54 24.96 46.12
N HIS A 91 -21.15 24.63 47.35
CA HIS A 91 -21.20 25.62 48.40
C HIS A 91 -20.12 25.29 49.41
N PRO A 92 -19.41 26.29 49.93
CA PRO A 92 -18.27 26.01 50.82
C PRO A 92 -18.63 25.42 52.18
N ASP A 93 -19.91 25.30 52.53
CA ASP A 93 -20.23 24.71 53.82
C ASP A 93 -20.15 23.19 53.82
N TYR A 94 -20.04 22.56 52.65
CA TYR A 94 -19.90 21.10 52.63
C TYR A 94 -18.52 20.65 53.07
N ALA A 95 -17.55 21.56 53.12
CA ALA A 95 -16.27 21.22 53.75
C ALA A 95 -16.45 21.08 55.25
N ILE A 96 -17.20 22.02 55.85
CA ILE A 96 -17.51 21.95 57.27
C ILE A 96 -18.37 20.73 57.56
N LEU A 97 -19.27 20.40 56.63
CA LEU A 97 -20.09 19.20 56.76
C LEU A 97 -19.25 17.93 56.71
N ALA A 98 -18.39 17.81 55.70
CA ALA A 98 -17.58 16.60 55.53
C ALA A 98 -16.60 16.41 56.67
N ALA A 99 -16.07 17.52 57.20
CA ALA A 99 -15.26 17.46 58.41
C ALA A 99 -16.08 16.94 59.59
N ARG A 100 -17.32 17.41 59.72
CA ARG A 100 -18.15 16.92 60.83
C ARG A 100 -18.53 15.46 60.65
N ILE A 101 -18.64 14.99 59.41
CA ILE A 101 -18.99 13.59 59.17
C ILE A 101 -17.82 12.68 59.52
N ALA A 102 -16.62 13.02 59.04
CA ALA A 102 -15.48 12.16 59.31
C ALA A 102 -15.07 12.20 60.78
N VAL A 103 -15.06 13.39 61.37
CA VAL A 103 -14.67 13.52 62.77
C VAL A 103 -15.72 12.93 63.69
N SER A 104 -17.01 13.03 63.33
CA SER A 104 -18.02 12.35 64.12
C SER A 104 -17.95 10.84 63.95
N ASN A 105 -17.52 10.37 62.78
CA ASN A 105 -17.32 8.95 62.56
C ASN A 105 -16.21 8.41 63.44
N LEU A 106 -15.15 9.19 63.62
CA LEU A 106 -14.08 8.72 64.49
C LEU A 106 -14.47 8.84 65.96
N HIS A 107 -15.12 9.92 66.35
CA HIS A 107 -15.45 10.12 67.75
C HIS A 107 -16.58 9.24 68.24
N LYS A 108 -17.39 8.69 67.34
CA LYS A 108 -18.28 7.62 67.77
C LYS A 108 -17.53 6.31 67.98
N GLU A 109 -16.37 6.16 67.34
CA GLU A 109 -15.73 4.84 67.31
C GLU A 109 -14.93 4.56 68.57
N THR A 110 -13.86 5.33 68.80
CA THR A 110 -12.90 4.97 69.81
C THR A 110 -13.29 5.53 71.17
N LYS A 111 -12.42 5.35 72.15
CA LYS A 111 -12.79 5.56 73.54
C LYS A 111 -12.78 7.04 73.91
N LYS A 112 -13.54 7.38 74.94
CA LYS A 112 -13.65 8.76 75.39
C LYS A 112 -12.50 9.13 76.30
N VAL A 113 -12.06 8.21 77.15
CA VAL A 113 -11.05 8.50 78.17
C VAL A 113 -9.66 8.22 77.61
N PHE A 114 -8.75 9.18 77.81
CA PHE A 114 -7.38 9.07 77.33
C PHE A 114 -6.60 7.97 78.05
N SER A 115 -6.88 7.79 79.35
CA SER A 115 -6.08 6.90 80.17
C SER A 115 -6.26 5.44 79.79
N ASP A 116 -7.48 5.06 79.44
CA ASP A 116 -7.71 3.67 79.07
C ASP A 116 -7.20 3.38 77.67
N VAL A 117 -7.13 4.39 76.82
CA VAL A 117 -6.45 4.26 75.53
C VAL A 117 -4.97 4.01 75.74
N MET A 118 -4.35 4.75 76.68
CA MET A 118 -2.93 4.55 76.95
C MET A 118 -2.67 3.19 77.57
N GLU A 119 -3.59 2.70 78.41
CA GLU A 119 -3.43 1.35 78.95
C GLU A 119 -3.64 0.30 77.89
N ASP A 120 -4.49 0.58 76.89
CA ASP A 120 -4.66 -0.35 75.78
C ASP A 120 -3.41 -0.39 74.92
N LEU A 121 -2.76 0.76 74.73
CA LEU A 121 -1.57 0.79 73.90
C LEU A 121 -0.39 0.13 74.59
N TYR A 122 -0.20 0.39 75.89
CA TYR A 122 0.90 -0.26 76.60
C TYR A 122 0.64 -1.74 76.79
N ASN A 123 -0.62 -2.13 76.96
CA ASN A 123 -0.98 -3.53 77.12
C ASN A 123 -1.23 -4.23 75.79
N TYR A 124 -0.65 -3.72 74.71
CA TYR A 124 -0.77 -4.36 73.42
C TYR A 124 -0.01 -5.68 73.41
N ILE A 125 -0.54 -6.65 72.66
CA ILE A 125 0.08 -7.94 72.45
C ILE A 125 0.03 -8.24 70.96
N ASN A 126 1.18 -8.61 70.39
CA ASN A 126 1.29 -9.00 68.99
C ASN A 126 0.39 -10.20 68.72
N PRO A 127 -0.61 -10.07 67.83
CA PRO A 127 -1.65 -11.10 67.74
C PRO A 127 -1.24 -12.42 67.09
N HIS A 128 0.05 -12.61 66.78
CA HIS A 128 0.51 -13.97 66.49
C HIS A 128 1.90 -14.24 67.05
N ASN A 129 2.37 -13.46 68.02
CA ASN A 129 3.62 -13.76 68.69
C ASN A 129 3.57 -13.62 70.19
N GLY A 130 2.48 -13.10 70.76
CA GLY A 130 2.30 -13.07 72.20
C GLY A 130 3.16 -12.10 72.97
N LYS A 131 3.93 -11.26 72.28
CA LYS A 131 4.89 -10.40 72.94
C LYS A 131 4.21 -9.12 73.41
N HIS A 132 4.48 -8.75 74.66
CA HIS A 132 4.00 -7.49 75.23
C HIS A 132 4.82 -6.37 74.58
N SER A 133 4.39 -5.99 73.38
CA SER A 133 5.11 -5.08 72.48
C SER A 133 4.40 -3.74 72.51
N PRO A 134 4.79 -2.82 73.38
CA PRO A 134 3.95 -1.65 73.65
C PRO A 134 4.06 -0.62 72.55
N MET A 135 3.07 0.26 72.53
CA MET A 135 3.11 1.44 71.69
C MET A 135 3.68 2.64 72.40
N VAL A 136 3.68 2.62 73.74
CA VAL A 136 4.23 3.70 74.54
C VAL A 136 5.14 3.12 75.61
N ALA A 137 6.08 3.93 76.08
CA ALA A 137 6.98 3.49 77.12
C ALA A 137 6.27 3.48 78.47
N LYS A 138 6.86 2.75 79.41
CA LYS A 138 6.21 2.58 80.72
C LYS A 138 6.27 3.85 81.55
N SER A 139 7.27 4.70 81.32
CA SER A 139 7.33 5.96 82.06
C SER A 139 6.26 6.93 81.60
N THR A 140 5.89 6.85 80.33
CA THR A 140 4.78 7.65 79.81
C THR A 140 3.47 7.24 80.48
N LEU A 141 3.25 5.93 80.58
CA LEU A 141 2.07 5.42 81.27
C LEU A 141 2.11 5.72 82.75
N ASP A 142 3.31 5.82 83.34
CA ASP A 142 3.44 6.20 84.73
C ASP A 142 3.02 7.66 84.93
N ILE A 143 3.43 8.53 84.01
CA ILE A 143 3.05 9.94 84.11
C ILE A 143 1.56 10.12 83.88
N VAL A 144 0.99 9.33 82.98
CA VAL A 144 -0.45 9.41 82.73
C VAL A 144 -1.24 8.90 83.93
N LEU A 145 -0.93 7.70 84.39
CA LEU A 145 -1.70 7.10 85.49
C LEU A 145 -1.47 7.80 86.82
N ALA A 146 -0.35 8.50 86.99
CA ALA A 146 -0.19 9.30 88.19
C ALA A 146 -0.95 10.62 88.10
N ASN A 147 -1.36 11.02 86.90
CA ASN A 147 -1.91 12.36 86.72
C ASN A 147 -3.13 12.36 85.81
N LYS A 148 -3.89 11.27 85.77
CA LYS A 148 -4.99 11.17 84.82
C LYS A 148 -6.20 12.00 85.21
N ASP A 149 -6.27 12.44 86.47
CA ASP A 149 -7.47 13.11 86.94
C ASP A 149 -7.52 14.56 86.47
N ARG A 150 -6.41 15.28 86.58
CA ARG A 150 -6.34 16.63 86.03
C ARG A 150 -6.28 16.60 84.52
N LEU A 151 -5.56 15.63 83.98
CA LEU A 151 -5.25 15.63 82.55
C LEU A 151 -6.42 15.15 81.70
N ASN A 152 -7.23 14.21 82.21
CA ASN A 152 -8.47 13.88 81.52
C ASN A 152 -9.48 15.02 81.60
N SER A 153 -9.37 15.88 82.61
CA SER A 153 -10.20 17.07 82.66
C SER A 153 -9.69 18.16 81.75
N ALA A 154 -8.41 18.14 81.39
CA ALA A 154 -7.86 19.25 80.60
C ALA A 154 -8.23 19.15 79.11
N ILE A 155 -8.51 17.95 78.61
CA ILE A 155 -8.72 17.74 77.19
C ILE A 155 -10.05 18.33 76.75
N ILE A 156 -10.07 18.99 75.60
CA ILE A 156 -11.28 19.57 75.04
C ILE A 156 -11.51 18.97 73.67
N TYR A 157 -12.57 18.16 73.54
CA TYR A 157 -12.92 17.51 72.28
C TYR A 157 -13.71 18.39 71.35
N ASP A 158 -13.96 19.64 71.72
CA ASP A 158 -14.65 20.57 70.84
C ASP A 158 -13.75 21.07 69.71
N ARG A 159 -12.45 20.83 69.80
CA ARG A 159 -11.48 21.36 68.86
C ARG A 159 -11.20 20.42 67.69
N ASP A 160 -11.69 19.17 67.75
CA ASP A 160 -11.46 18.24 66.68
C ASP A 160 -12.31 18.50 65.44
N PHE A 161 -13.40 19.24 65.58
CA PHE A 161 -14.20 19.62 64.44
C PHE A 161 -13.69 20.88 63.75
N SER A 162 -12.43 21.24 63.97
CA SER A 162 -11.85 22.45 63.42
C SER A 162 -10.84 22.16 62.32
N TYR A 163 -10.53 20.91 62.05
CA TYR A 163 -9.62 20.60 60.97
C TYR A 163 -10.35 20.64 59.63
N ASN A 164 -9.59 20.80 58.56
CA ASN A 164 -10.14 20.55 57.24
C ASN A 164 -10.32 19.05 57.04
N TYR A 165 -11.10 18.72 56.00
CA TYR A 165 -11.34 17.32 55.70
C TYR A 165 -10.08 16.62 55.21
N PHE A 166 -9.40 17.23 54.24
CA PHE A 166 -8.23 16.59 53.67
C PHE A 166 -7.06 16.58 54.64
N GLY A 167 -6.98 17.62 55.49
CA GLY A 167 -6.01 17.58 56.57
C GLY A 167 -6.34 16.51 57.59
N PHE A 168 -7.61 16.21 57.79
CA PHE A 168 -7.95 15.14 58.71
C PHE A 168 -7.68 13.77 58.12
N LYS A 169 -7.88 13.60 56.81
CA LYS A 169 -7.59 12.30 56.21
C LYS A 169 -6.09 12.07 56.13
N THR A 170 -5.33 13.13 55.85
CA THR A 170 -3.87 13.02 55.88
C THR A 170 -3.37 12.76 57.30
N LEU A 171 -4.01 13.39 58.29
CA LEU A 171 -3.66 13.13 59.67
C LEU A 171 -4.03 11.72 60.09
N GLU A 172 -5.06 11.16 59.50
CA GLU A 172 -5.55 9.86 59.93
C GLU A 172 -4.81 8.71 59.26
N ARG A 173 -4.41 8.87 58.00
CA ARG A 173 -3.87 7.72 57.27
C ARG A 173 -2.49 7.31 57.75
N SER A 174 -1.75 8.21 58.40
CA SER A 174 -0.36 7.91 58.70
C SER A 174 0.07 8.28 60.11
N TYR A 175 -0.63 9.19 60.77
CA TYR A 175 -0.09 9.72 62.01
C TYR A 175 -0.70 9.14 63.26
N LEU A 176 -1.97 8.78 63.24
CA LEU A 176 -2.61 8.22 64.43
C LEU A 176 -2.15 6.78 64.62
N LEU A 177 -1.87 6.43 65.88
CA LEU A 177 -1.29 5.11 66.16
C LEU A 177 -2.36 4.04 66.03
N LYS A 178 -2.13 3.09 65.14
CA LYS A 178 -3.13 2.10 64.78
C LYS A 178 -2.93 0.84 65.59
N ILE A 179 -4.01 0.08 65.76
CA ILE A 179 -3.96 -1.23 66.39
C ILE A 179 -4.57 -2.23 65.41
N ASN A 180 -3.72 -3.06 64.80
CA ASN A 180 -4.08 -4.12 63.86
C ASN A 180 -4.86 -3.58 62.66
N GLY A 181 -4.52 -2.38 62.22
CA GLY A 181 -5.18 -1.76 61.09
C GLY A 181 -6.34 -0.86 61.44
N LYS A 182 -6.84 -0.91 62.66
CA LYS A 182 -7.94 -0.05 63.09
C LYS A 182 -7.37 1.08 63.93
N VAL A 183 -7.68 2.32 63.54
CA VAL A 183 -7.15 3.48 64.22
C VAL A 183 -7.80 3.60 65.60
N ALA A 184 -6.97 3.69 66.63
CA ALA A 184 -7.47 3.70 68.00
C ALA A 184 -7.02 4.95 68.76
N GLU A 185 -6.90 6.08 68.07
CA GLU A 185 -6.59 7.34 68.73
C GLU A 185 -7.41 8.47 68.14
N ARG A 186 -8.10 9.19 69.02
CA ARG A 186 -8.65 10.47 68.65
C ARG A 186 -7.51 11.47 68.46
N PRO A 187 -7.75 12.57 67.72
CA PRO A 187 -6.66 13.55 67.54
C PRO A 187 -6.21 14.23 68.83
N GLN A 188 -7.13 14.55 69.73
CA GLN A 188 -6.70 15.11 71.02
C GLN A 188 -5.97 14.08 71.86
N HIS A 189 -6.21 12.80 71.63
CA HIS A 189 -5.38 11.78 72.27
C HIS A 189 -3.96 11.82 71.75
N MET A 190 -3.78 12.16 70.47
CA MET A 190 -2.43 12.24 69.95
C MET A 190 -1.73 13.49 70.44
N LEU A 191 -2.42 14.63 70.46
CA LEU A 191 -1.76 15.87 70.86
C LEU A 191 -1.50 15.89 72.35
N MET A 192 -2.41 15.35 73.15
CA MET A 192 -2.12 15.20 74.57
C MET A 192 -1.05 14.14 74.81
N ARG A 193 -0.99 13.11 73.96
CA ARG A 193 0.11 12.15 74.03
C ARG A 193 1.45 12.80 73.73
N VAL A 194 1.47 13.79 72.84
CA VAL A 194 2.70 14.52 72.57
C VAL A 194 3.09 15.36 73.76
N SER A 195 2.13 16.06 74.37
CA SER A 195 2.47 16.93 75.51
C SER A 195 2.92 16.14 76.72
N VAL A 196 2.40 14.93 76.92
CA VAL A 196 2.95 14.06 77.95
C VAL A 196 4.32 13.56 77.53
N GLY A 197 4.50 13.30 76.24
CA GLY A 197 5.75 12.79 75.72
C GLY A 197 6.90 13.77 75.78
N ILE A 198 6.61 15.06 75.87
CA ILE A 198 7.68 16.05 76.02
C ILE A 198 7.74 16.52 77.47
N HIS A 199 6.67 17.11 77.96
CA HIS A 199 6.68 17.64 79.32
C HIS A 199 6.41 16.49 80.28
N LYS A 200 7.49 15.89 80.79
CA LYS A 200 7.38 14.63 81.51
C LYS A 200 6.87 14.84 82.93
N GLU A 201 7.64 15.55 83.75
CA GLU A 201 7.25 15.68 85.15
C GLU A 201 6.19 16.76 85.35
N ASP A 202 6.31 17.87 84.62
CA ASP A 202 5.42 19.00 84.87
C ASP A 202 4.12 18.82 84.10
N ILE A 203 3.03 19.31 84.69
CA ILE A 203 1.71 19.22 84.10
C ILE A 203 1.21 20.58 83.62
N ASP A 204 1.57 21.67 84.30
CA ASP A 204 1.17 23.02 83.86
C ASP A 204 1.74 23.35 82.50
N ALA A 205 2.96 22.91 82.23
CA ALA A 205 3.53 23.06 80.90
C ALA A 205 2.85 22.13 79.90
N ALA A 206 2.30 21.00 80.37
CA ALA A 206 1.59 20.12 79.47
C ALA A 206 0.20 20.63 79.14
N ILE A 207 -0.38 21.46 79.98
CA ILE A 207 -1.71 22.01 79.74
C ILE A 207 -1.63 23.34 79.00
N GLU A 208 -0.62 24.16 79.31
CA GLU A 208 -0.36 25.33 78.47
C GLU A 208 0.14 24.92 77.10
N THR A 209 0.98 23.87 77.05
CA THR A 209 1.46 23.34 75.78
C THR A 209 0.35 22.65 75.03
N TYR A 210 -0.54 21.97 75.74
CA TYR A 210 -1.66 21.32 75.07
C TYR A 210 -2.65 22.31 74.52
N ASN A 211 -3.00 23.34 75.30
CA ASN A 211 -4.02 24.27 74.84
C ASN A 211 -3.47 25.19 73.76
N LEU A 212 -2.22 25.63 73.93
CA LEU A 212 -1.56 26.39 72.88
C LEU A 212 -1.28 25.53 71.65
N LEU A 213 -1.21 24.21 71.82
CA LEU A 213 -0.97 23.30 70.70
C LEU A 213 -2.25 23.00 69.95
N SER A 214 -3.27 22.54 70.67
CA SER A 214 -4.55 22.14 70.08
C SER A 214 -5.39 23.32 69.65
N GLU A 215 -5.06 24.54 70.10
CA GLU A 215 -5.61 25.73 69.46
C GLU A 215 -4.87 26.12 68.19
N ARG A 216 -4.03 25.23 67.66
CA ARG A 216 -3.47 25.30 66.31
C ARG A 216 -2.55 26.50 66.13
N TRP A 217 -1.91 26.95 67.21
CA TRP A 217 -0.97 28.06 67.09
C TRP A 217 0.33 27.59 66.46
N PHE A 218 1.03 26.67 67.12
CA PHE A 218 2.21 26.04 66.55
C PHE A 218 2.02 24.54 66.56
N THR A 219 2.80 23.86 65.75
CA THR A 219 2.84 22.40 65.73
C THR A 219 4.27 21.94 65.59
N HIS A 220 4.57 20.79 66.18
CA HIS A 220 5.91 20.22 66.08
C HIS A 220 6.11 19.57 64.72
N ALA A 221 7.32 19.05 64.52
CA ALA A 221 7.63 18.37 63.28
C ALA A 221 7.06 16.95 63.28
N SER A 222 7.20 16.29 62.14
CA SER A 222 6.56 14.98 61.97
C SER A 222 7.20 13.81 62.72
N PRO A 223 8.53 13.70 62.90
CA PRO A 223 9.02 12.66 63.82
C PRO A 223 8.63 12.88 65.26
N THR A 224 8.37 14.12 65.67
CA THR A 224 7.83 14.36 67.00
C THR A 224 6.42 13.81 67.10
N LEU A 225 5.61 13.99 66.07
CA LEU A 225 4.28 13.39 66.05
C LEU A 225 4.34 11.88 65.91
N PHE A 226 5.42 11.35 65.35
CA PHE A 226 5.57 9.90 65.29
C PHE A 226 5.89 9.31 66.66
N ASN A 227 6.92 9.82 67.31
CA ASN A 227 7.52 9.07 68.40
C ASN A 227 7.59 9.90 69.67
N ALA A 228 6.50 10.57 70.02
CA ALA A 228 6.44 11.27 71.28
C ALA A 228 5.96 10.30 72.36
N GLY A 229 6.83 10.03 73.32
CA GLY A 229 6.46 9.14 74.41
C GLY A 229 6.35 7.68 74.06
N THR A 230 6.71 7.29 72.84
CA THR A 230 6.63 5.90 72.43
C THR A 230 7.84 5.15 72.96
N ASN A 231 8.05 3.93 72.49
CA ASN A 231 9.07 3.09 73.10
C ASN A 231 10.47 3.48 72.61
N ARG A 232 10.59 3.95 71.37
CA ARG A 232 11.85 4.45 70.82
C ARG A 232 11.69 5.94 70.57
N PRO A 233 11.90 6.80 71.55
CA PRO A 233 11.67 8.23 71.32
C PRO A 233 12.77 8.84 70.50
N GLN A 234 12.50 9.07 69.22
CA GLN A 234 13.46 9.72 68.34
C GLN A 234 12.74 10.93 67.76
N LEU A 235 12.76 12.01 68.52
CA LEU A 235 11.95 13.17 68.19
C LEU A 235 12.59 14.05 67.14
N SER A 236 13.82 13.77 66.74
CA SER A 236 14.56 14.69 65.89
C SER A 236 14.25 14.45 64.42
N SER A 237 14.44 15.51 63.63
CA SER A 237 14.14 15.42 62.21
C SER A 237 15.24 15.97 61.31
N CYS A 238 16.37 16.41 61.85
CA CYS A 238 17.44 16.94 61.01
C CYS A 238 18.75 16.24 61.33
N PHE A 239 19.37 15.64 60.32
CA PHE A 239 20.61 14.90 60.48
C PHE A 239 21.57 15.24 59.37
N LEU A 240 22.77 15.67 59.76
CA LEU A 240 23.83 16.06 58.85
C LEU A 240 25.04 15.19 59.15
N LEU A 241 25.46 14.42 58.14
CA LEU A 241 26.54 13.45 58.25
C LEU A 241 27.59 13.73 57.20
N SER A 242 28.85 13.62 57.60
CA SER A 242 29.98 13.66 56.68
C SER A 242 30.72 12.33 56.77
N MET A 243 31.61 12.10 55.81
CA MET A 243 32.31 10.83 55.74
C MET A 243 33.34 10.72 56.85
N LYS A 244 33.43 9.55 57.47
CA LYS A 244 34.46 9.32 58.48
C LYS A 244 35.83 9.28 57.85
N ASP A 245 35.95 8.70 56.65
CA ASP A 245 37.24 8.41 56.06
C ASP A 245 37.03 8.22 54.57
N ASP A 246 38.10 8.42 53.81
CA ASP A 246 38.12 8.07 52.40
C ASP A 246 38.66 6.66 52.21
N SER A 247 38.07 5.71 52.93
CA SER A 247 38.43 4.31 52.84
C SER A 247 37.15 3.51 52.74
N ILE A 248 37.28 2.20 52.58
CA ILE A 248 36.10 1.34 52.60
C ILE A 248 35.48 1.32 53.98
N GLU A 249 36.31 1.39 55.03
CA GLU A 249 35.78 1.39 56.38
C GLU A 249 34.98 2.66 56.67
N GLY A 250 35.45 3.80 56.16
CA GLY A 250 34.70 5.03 56.36
C GLY A 250 33.42 5.07 55.55
N ILE A 251 33.46 4.56 54.32
CA ILE A 251 32.29 4.59 53.45
C ILE A 251 31.20 3.68 53.98
N TYR A 252 31.57 2.48 54.39
CA TYR A 252 30.55 1.57 54.86
C TYR A 252 30.16 1.81 56.31
N ASP A 253 31.00 2.45 57.11
CA ASP A 253 30.53 2.86 58.43
C ASP A 253 29.58 4.04 58.32
N THR A 254 29.82 4.94 57.38
CA THR A 254 28.87 6.01 57.13
C THR A 254 27.57 5.48 56.57
N LEU A 255 27.66 4.44 55.74
CA LEU A 255 26.47 3.75 55.25
C LEU A 255 25.69 3.09 56.39
N LYS A 256 26.40 2.56 57.38
CA LYS A 256 25.72 2.01 58.55
C LYS A 256 24.99 3.08 59.34
N GLN A 257 25.64 4.23 59.56
CA GLN A 257 24.99 5.29 60.32
C GLN A 257 23.79 5.86 59.57
N CYS A 258 23.88 5.98 58.25
CA CYS A 258 22.72 6.42 57.48
C CYS A 258 21.61 5.38 57.50
N ALA A 259 21.96 4.10 57.65
CA ALA A 259 20.93 3.09 57.74
C ALA A 259 20.17 3.17 59.06
N LEU A 260 20.90 3.35 60.18
CA LEU A 260 20.22 3.41 61.48
C LEU A 260 19.42 4.70 61.62
N ILE A 261 19.96 5.82 61.15
CA ILE A 261 19.26 7.08 61.26
C ILE A 261 18.04 7.09 60.35
N SER A 262 18.16 6.54 59.15
CA SER A 262 16.98 6.41 58.30
C SER A 262 16.01 5.36 58.82
N LYS A 263 16.43 4.46 59.70
CA LYS A 263 15.46 3.61 60.38
C LYS A 263 14.64 4.43 61.37
N SER A 264 15.28 5.26 62.17
CA SER A 264 14.53 5.91 63.23
C SER A 264 13.88 7.23 62.80
N ALA A 265 13.54 7.33 61.51
CA ALA A 265 12.75 8.40 60.91
C ALA A 265 13.43 9.77 61.07
N GLY A 266 14.55 9.91 60.38
CA GLY A 266 15.25 11.18 60.26
C GLY A 266 15.47 11.56 58.81
N GLY A 267 16.03 12.75 58.64
CA GLY A 267 16.38 13.21 57.31
C GLY A 267 17.88 13.43 57.20
N ILE A 268 18.52 12.86 56.19
CA ILE A 268 19.96 12.70 56.19
C ILE A 268 20.55 13.46 55.01
N GLY A 269 21.44 14.41 55.32
CA GLY A 269 22.23 15.08 54.31
C GLY A 269 23.69 14.75 54.49
N VAL A 270 24.37 14.33 53.42
CA VAL A 270 25.69 13.73 53.51
C VAL A 270 26.66 14.60 52.72
N ALA A 271 27.80 14.93 53.34
CA ALA A 271 28.88 15.65 52.66
C ALA A 271 29.81 14.63 52.00
N VAL A 272 29.79 14.56 50.68
CA VAL A 272 30.54 13.49 50.00
C VAL A 272 31.67 14.18 49.25
N SER A 273 32.24 15.22 49.86
CA SER A 273 33.30 15.96 49.19
C SER A 273 34.61 15.18 49.17
N CYS A 274 34.90 14.41 50.21
CA CYS A 274 36.26 13.93 50.46
C CYS A 274 36.48 12.50 49.98
N ILE A 275 35.88 12.10 48.86
CA ILE A 275 36.11 10.81 48.26
C ILE A 275 36.92 11.02 46.99
N ARG A 276 37.97 10.22 46.80
CA ARG A 276 38.85 10.39 45.67
C ARG A 276 38.14 10.00 44.37
N ALA A 277 38.59 10.59 43.28
CA ALA A 277 37.85 10.57 42.03
C ALA A 277 38.24 9.37 41.18
N THR A 278 37.77 9.36 39.94
CA THR A 278 38.01 8.24 39.05
C THR A 278 39.46 8.25 38.57
N GLY A 279 40.16 7.13 38.75
CA GLY A 279 41.48 6.96 38.20
C GLY A 279 42.62 7.18 39.16
N SER A 280 42.35 7.68 40.36
CA SER A 280 43.41 7.90 41.33
C SER A 280 43.96 6.57 41.83
N TYR A 281 45.25 6.57 42.16
CA TYR A 281 45.92 5.34 42.53
C TYR A 281 45.52 4.92 43.94
N ILE A 282 45.41 3.62 44.14
CA ILE A 282 45.02 3.05 45.42
C ILE A 282 46.22 2.28 45.95
N ALA A 283 46.81 2.76 47.04
CA ALA A 283 48.06 2.20 47.54
C ALA A 283 47.90 0.82 48.16
N GLY A 284 46.68 0.41 48.48
CA GLY A 284 46.50 -0.87 49.12
C GLY A 284 46.52 -2.02 48.15
N THR A 285 45.77 -1.92 47.06
CA THR A 285 45.58 -3.02 46.13
C THR A 285 46.07 -2.70 44.73
N ASN A 286 46.86 -1.62 44.57
CA ASN A 286 47.58 -1.27 43.35
C ASN A 286 46.66 -1.01 42.15
N GLY A 287 45.40 -0.68 42.40
CA GLY A 287 44.47 -0.41 41.35
C GLY A 287 44.07 1.04 41.28
N ASN A 288 42.99 1.32 40.57
CA ASN A 288 42.49 2.67 40.42
C ASN A 288 41.02 2.69 40.77
N SER A 289 40.58 3.77 41.41
CA SER A 289 39.21 3.90 41.84
C SER A 289 38.29 4.13 40.64
N ASN A 290 37.03 3.73 40.81
CA ASN A 290 36.01 3.99 39.81
C ASN A 290 35.25 5.27 40.06
N GLY A 291 35.54 5.97 41.15
CA GLY A 291 34.97 7.27 41.38
C GLY A 291 33.82 7.28 42.36
N LEU A 292 32.81 8.09 42.06
CA LEU A 292 31.66 8.28 42.93
C LEU A 292 30.40 7.59 42.43
N VAL A 293 30.31 7.26 41.16
CA VAL A 293 29.06 6.82 40.56
C VAL A 293 28.57 5.47 41.10
N PRO A 294 29.39 4.41 41.22
CA PRO A 294 28.83 3.20 41.84
C PRO A 294 28.60 3.35 43.34
N MET A 295 29.38 4.22 44.01
CA MET A 295 29.18 4.47 45.43
C MET A 295 27.82 5.11 45.70
N LEU A 296 27.51 6.18 44.96
CA LEU A 296 26.20 6.79 45.06
C LEU A 296 25.10 5.87 44.52
N ARG A 297 25.44 4.88 43.71
CA ARG A 297 24.45 3.88 43.35
C ARG A 297 24.16 2.94 44.53
N VAL A 298 25.16 2.67 45.36
CA VAL A 298 24.93 1.90 46.59
C VAL A 298 24.05 2.70 47.55
N TYR A 299 24.31 4.00 47.65
CA TYR A 299 23.41 4.85 48.43
C TYR A 299 22.03 4.96 47.81
N ASN A 300 21.90 4.74 46.50
CA ASN A 300 20.58 4.72 45.89
C ASN A 300 19.79 3.52 46.39
N ASN A 301 20.38 2.32 46.34
CA ASN A 301 19.61 1.18 46.85
C ASN A 301 19.39 1.23 48.35
N THR A 302 20.29 1.86 49.10
CA THR A 302 20.03 2.01 50.53
C THR A 302 18.88 2.98 50.76
N ALA A 303 18.78 4.01 49.92
CA ALA A 303 17.63 4.91 50.04
C ALA A 303 16.33 4.22 49.63
N ARG A 304 16.39 3.21 48.79
CA ARG A 304 15.16 2.47 48.51
C ARG A 304 14.80 1.50 49.63
N TYR A 305 15.79 0.85 50.24
CA TYR A 305 15.49 -0.25 51.16
C TYR A 305 14.92 0.25 52.48
N VAL A 306 15.70 1.02 53.24
CA VAL A 306 15.27 1.47 54.55
C VAL A 306 14.24 2.59 54.37
N ASP A 307 13.07 2.41 54.96
CA ASP A 307 12.06 3.46 54.98
C ASP A 307 11.99 4.09 56.36
N GLN A 308 11.59 5.35 56.40
CA GLN A 308 11.55 6.08 57.66
C GLN A 308 10.38 5.60 58.50
N GLY A 309 10.68 5.03 59.66
CA GLY A 309 9.63 4.56 60.55
C GLY A 309 8.95 3.32 59.98
N GLY A 310 7.64 3.23 60.22
CA GLY A 310 6.87 2.12 59.71
C GLY A 310 6.34 2.36 58.32
N ASN A 311 7.26 2.52 57.36
CA ASN A 311 6.96 2.80 55.96
C ASN A 311 6.12 4.07 55.79
N LYS A 312 6.29 5.03 56.68
CA LYS A 312 5.40 6.18 56.70
C LYS A 312 5.79 7.22 55.66
N ARG A 313 7.08 7.28 55.31
CA ARG A 313 7.56 8.02 54.15
C ARG A 313 8.92 7.46 53.77
N PRO A 314 9.25 7.42 52.49
CA PRO A 314 10.49 6.75 52.06
C PRO A 314 11.72 7.50 52.53
N GLY A 315 12.76 6.74 52.88
CA GLY A 315 13.98 7.32 53.36
C GLY A 315 14.72 8.00 52.24
N ALA A 316 14.99 9.30 52.39
CA ALA A 316 15.61 10.08 51.34
C ALA A 316 16.95 10.62 51.83
N PHE A 317 17.90 10.67 50.90
CA PHE A 317 19.26 11.12 51.20
C PHE A 317 19.59 12.34 50.35
N ALA A 318 20.26 13.30 50.94
CA ALA A 318 20.87 14.39 50.20
C ALA A 318 22.35 14.12 50.05
N ILE A 319 22.88 14.40 48.87
CA ILE A 319 24.29 14.22 48.57
C ILE A 319 24.86 15.57 48.19
N TYR A 320 25.77 16.07 49.00
CA TYR A 320 26.35 17.39 48.73
C TYR A 320 27.75 17.21 48.17
N LEU A 321 28.03 17.94 47.10
CA LEU A 321 29.33 17.90 46.47
C LEU A 321 29.80 19.31 46.15
N GLU A 322 31.05 19.60 46.45
CA GLU A 322 31.61 20.87 46.02
C GLU A 322 32.05 20.77 44.56
N PRO A 323 31.91 21.86 43.79
CA PRO A 323 32.06 21.74 42.33
C PRO A 323 33.47 21.53 41.84
N TRP A 324 34.49 21.63 42.68
CA TRP A 324 35.84 21.41 42.19
C TRP A 324 36.20 19.93 42.05
N HIS A 325 35.34 19.02 42.49
CA HIS A 325 35.66 17.61 42.43
C HIS A 325 35.59 17.12 40.98
N LEU A 326 36.42 16.13 40.67
CA LEU A 326 36.64 15.72 39.28
C LEU A 326 35.43 15.00 38.69
N ASP A 327 34.67 14.30 39.51
CA ASP A 327 33.54 13.52 39.02
C ASP A 327 32.27 14.34 38.86
N ILE A 328 32.40 15.67 38.72
CA ILE A 328 31.26 16.56 38.79
C ILE A 328 30.33 16.39 37.59
N PHE A 329 30.86 15.99 36.43
CA PHE A 329 29.99 15.87 35.26
C PHE A 329 29.12 14.63 35.33
N GLU A 330 29.69 13.49 35.71
CA GLU A 330 28.87 12.30 35.95
C GLU A 330 28.01 12.45 37.18
N PHE A 331 28.39 13.32 38.12
CA PHE A 331 27.52 13.62 39.25
C PHE A 331 26.30 14.41 38.80
N LEU A 332 26.47 15.35 37.87
CA LEU A 332 25.34 16.14 37.42
C LEU A 332 24.46 15.37 36.45
N ASP A 333 25.03 14.41 35.71
CA ASP A 333 24.23 13.60 34.79
C ASP A 333 23.67 12.35 35.45
N LEU A 334 23.49 12.37 36.77
CA LEU A 334 23.19 11.16 37.51
C LEU A 334 21.73 11.02 37.89
N LYS A 335 21.03 12.11 38.17
CA LYS A 335 19.59 12.06 38.42
C LYS A 335 18.89 12.50 37.15
N LYS A 336 18.74 11.55 36.22
CA LYS A 336 18.00 11.83 35.00
C LYS A 336 17.02 10.71 34.74
N ASN A 337 16.41 10.71 33.56
CA ASN A 337 15.42 9.71 33.21
C ASN A 337 15.94 8.71 32.19
N THR A 338 16.72 9.14 31.21
CA THR A 338 17.21 8.27 30.16
C THR A 338 18.61 7.76 30.51
N GLY A 339 19.25 7.14 29.54
CA GLY A 339 20.58 6.60 29.73
C GLY A 339 20.56 5.17 30.23
N LYS A 340 21.75 4.65 30.48
CA LYS A 340 21.88 3.33 31.07
C LYS A 340 21.44 3.38 32.52
N GLU A 341 20.90 2.25 33.00
CA GLU A 341 20.39 2.22 34.36
C GLU A 341 21.51 2.16 35.38
N GLU A 342 22.64 1.54 35.03
CA GLU A 342 23.75 1.42 35.96
C GLU A 342 24.56 2.70 36.11
N GLN A 343 24.19 3.77 35.43
CA GLN A 343 24.86 5.06 35.56
C GLN A 343 23.88 6.13 36.02
N ARG A 344 22.83 5.71 36.73
CA ARG A 344 21.83 6.63 37.25
C ARG A 344 21.50 6.25 38.68
N ALA A 345 21.35 7.25 39.54
CA ALA A 345 20.92 7.05 40.91
C ALA A 345 19.85 8.10 41.18
N ARG A 346 18.60 7.75 40.89
CA ARG A 346 17.56 8.76 40.79
C ARG A 346 16.64 8.85 42.00
N ASP A 347 16.78 7.96 42.98
CA ASP A 347 16.02 8.09 44.22
C ASP A 347 16.82 8.76 45.31
N LEU A 348 17.69 9.69 44.96
CA LEU A 348 18.44 10.50 45.90
C LEU A 348 18.06 11.96 45.66
N PHE A 349 18.75 12.86 46.35
CA PHE A 349 18.57 14.28 46.11
C PHE A 349 19.94 14.93 46.09
N PHE A 350 20.29 15.54 44.97
CA PHE A 350 21.65 16.00 44.72
C PHE A 350 21.77 17.49 44.96
N ALA A 351 22.93 17.92 45.43
CA ALA A 351 23.10 19.34 45.71
C ALA A 351 24.55 19.77 45.59
N LEU A 352 24.73 20.97 45.08
CA LEU A 352 26.05 21.56 44.90
C LEU A 352 26.31 22.56 46.01
N TRP A 353 27.50 22.46 46.60
CA TRP A 353 27.91 23.31 47.70
C TRP A 353 28.98 24.26 47.14
N ILE A 354 28.52 25.34 46.53
CA ILE A 354 29.34 26.14 45.62
C ILE A 354 30.07 27.25 46.38
N PRO A 355 31.38 27.41 46.18
CA PRO A 355 32.08 28.55 46.76
C PRO A 355 31.95 29.79 45.90
N ASP A 356 32.64 30.88 46.25
CA ASP A 356 32.56 32.08 45.44
C ASP A 356 33.40 32.01 44.18
N LEU A 357 34.40 31.14 44.14
CA LEU A 357 35.29 31.11 43.00
C LEU A 357 34.61 30.59 41.75
N PHE A 358 33.71 29.61 41.88
CA PHE A 358 32.99 29.17 40.70
C PHE A 358 32.01 30.24 40.23
N MET A 359 31.53 31.07 41.16
CA MET A 359 30.70 32.20 40.78
C MET A 359 31.51 33.22 39.99
N LYS A 360 32.74 33.51 40.42
CA LYS A 360 33.55 34.51 39.75
C LYS A 360 34.07 34.00 38.40
N ARG A 361 34.41 32.72 38.33
CA ARG A 361 34.89 32.18 37.06
C ARG A 361 33.76 31.99 36.05
N VAL A 362 32.54 31.73 36.50
CA VAL A 362 31.43 31.77 35.56
C VAL A 362 31.12 33.21 35.18
N GLU A 363 31.37 34.14 36.09
CA GLU A 363 31.06 35.56 35.86
C GLU A 363 31.89 36.13 34.72
N THR A 364 33.19 35.85 34.69
CA THR A 364 34.08 36.45 33.71
C THR A 364 34.62 35.44 32.71
N ASN A 365 33.92 34.32 32.50
CA ASN A 365 34.17 33.36 31.43
C ASN A 365 35.58 32.75 31.51
N GLN A 366 36.14 32.66 32.70
CA GLN A 366 37.49 32.15 32.82
C GLN A 366 37.47 30.62 32.92
N ASP A 367 38.60 30.03 33.29
CA ASP A 367 38.70 28.59 33.37
C ASP A 367 38.57 28.10 34.80
N TRP A 368 38.51 26.78 34.95
CA TRP A 368 38.19 26.16 36.22
C TRP A 368 38.95 24.85 36.32
N SER A 369 39.46 24.56 37.51
CA SER A 369 40.39 23.45 37.72
C SER A 369 39.68 22.34 38.49
N LEU A 370 39.31 21.28 37.78
CA LEU A 370 38.77 20.09 38.39
C LEU A 370 39.92 19.20 38.85
N MET A 371 39.99 18.94 40.15
CA MET A 371 41.08 18.20 40.75
C MET A 371 40.51 17.01 41.54
N CYS A 372 41.41 16.27 42.18
CA CYS A 372 41.09 15.10 42.97
C CYS A 372 41.55 15.30 44.41
N PRO A 373 40.68 15.06 45.41
CA PRO A 373 41.05 15.37 46.78
C PRO A 373 42.07 14.42 47.40
N ASN A 374 42.50 13.39 46.69
CA ASN A 374 43.69 12.68 47.13
C ASN A 374 44.94 13.45 46.73
N GLU A 375 44.93 14.03 45.54
CA GLU A 375 46.06 14.83 45.08
C GLU A 375 46.17 16.12 45.85
N CYS A 376 45.04 16.78 46.10
CA CYS A 376 44.99 18.10 46.73
C CYS A 376 44.22 17.97 48.04
N PRO A 377 44.88 17.56 49.11
CA PRO A 377 44.16 17.21 50.33
C PRO A 377 43.85 18.41 51.21
N GLY A 378 42.77 18.26 51.97
CA GLY A 378 42.38 19.24 52.97
C GLY A 378 41.83 20.51 52.38
N LEU A 379 40.88 20.39 51.46
CA LEU A 379 40.37 21.55 50.73
C LEU A 379 39.00 22.00 51.20
N ASP A 380 38.06 21.07 51.42
CA ASP A 380 36.69 21.45 51.75
C ASP A 380 36.55 22.04 53.15
N GLU A 381 37.56 21.90 53.99
CA GLU A 381 37.55 22.50 55.32
C GLU A 381 38.01 23.94 55.32
N VAL A 382 38.13 24.55 54.15
CA VAL A 382 38.68 25.88 53.99
C VAL A 382 37.74 26.70 53.13
N TRP A 383 37.32 27.87 53.62
CA TRP A 383 36.34 28.69 52.94
C TRP A 383 36.87 30.10 52.71
N GLY A 384 36.26 30.79 51.75
CA GLY A 384 36.52 32.20 51.55
C GLY A 384 37.83 32.55 50.88
N GLU A 385 38.48 33.60 51.38
CA GLU A 385 39.74 34.05 50.82
C GLU A 385 40.84 33.00 50.99
N GLU A 386 40.79 32.24 52.08
CA GLU A 386 41.75 31.17 52.29
C GLU A 386 41.56 30.06 51.26
N PHE A 387 40.31 29.78 50.90
CA PHE A 387 40.04 28.87 49.80
C PHE A 387 40.51 29.44 48.48
N GLU A 388 40.45 30.76 48.32
CA GLU A 388 40.96 31.37 47.10
C GLU A 388 42.47 31.22 47.01
N LYS A 389 43.15 31.33 48.15
CA LYS A 389 44.61 31.24 48.16
C LYS A 389 45.07 29.80 47.98
N LEU A 390 44.41 28.85 48.65
CA LEU A 390 44.81 27.45 48.55
C LEU A 390 44.44 26.90 47.17
N TYR A 391 43.28 27.29 46.66
CA TYR A 391 42.87 26.85 45.33
C TYR A 391 43.74 27.48 44.25
N ALA A 392 44.19 28.71 44.46
CA ALA A 392 45.11 29.29 43.49
C ALA A 392 46.48 28.64 43.58
N SER A 393 46.90 28.21 44.77
CA SER A 393 48.22 27.60 44.90
C SER A 393 48.25 26.20 44.31
N TYR A 394 47.16 25.43 44.48
CA TYR A 394 47.08 24.18 43.73
C TYR A 394 46.83 24.42 42.24
N GLU A 395 46.21 25.54 41.89
CA GLU A 395 45.99 25.85 40.49
C GLU A 395 47.28 26.29 39.80
N LYS A 396 48.27 26.70 40.59
CA LYS A 396 49.57 27.11 40.06
C LYS A 396 50.48 25.92 39.78
N GLN A 397 50.49 24.93 40.67
CA GLN A 397 51.50 23.88 40.60
C GLN A 397 51.26 22.88 39.49
N GLY A 398 50.12 22.94 38.81
CA GLY A 398 49.83 21.94 37.80
C GLY A 398 49.48 20.58 38.37
N ARG A 399 49.10 20.52 39.64
CA ARG A 399 48.70 19.27 40.26
C ARG A 399 47.26 18.90 39.90
N VAL A 400 46.51 19.82 39.31
CA VAL A 400 45.11 19.59 38.91
C VAL A 400 45.07 18.55 37.79
N ARG A 401 43.88 18.02 37.52
CA ARG A 401 43.79 16.97 36.53
C ARG A 401 43.03 17.38 35.28
N LYS A 402 41.98 18.18 35.41
CA LYS A 402 41.26 18.64 34.25
C LYS A 402 41.02 20.13 34.38
N VAL A 403 41.00 20.81 33.23
CA VAL A 403 40.68 22.24 33.16
C VAL A 403 39.49 22.40 32.24
N VAL A 404 38.39 22.92 32.79
CA VAL A 404 37.15 23.09 32.06
C VAL A 404 36.77 24.56 32.12
N LYS A 405 36.34 25.12 30.98
CA LYS A 405 35.77 26.45 30.97
C LYS A 405 34.53 26.51 31.84
N ALA A 406 34.44 27.56 32.66
CA ALA A 406 33.47 27.60 33.75
C ALA A 406 32.03 27.72 33.24
N GLN A 407 31.83 28.43 32.13
CA GLN A 407 30.49 28.58 31.58
C GLN A 407 29.99 27.28 30.95
N GLN A 408 30.87 26.35 30.62
CA GLN A 408 30.42 25.04 30.16
C GLN A 408 29.80 24.25 31.31
N LEU A 409 30.46 24.24 32.47
CA LEU A 409 29.89 23.56 33.62
C LEU A 409 28.65 24.26 34.14
N TRP A 410 28.61 25.59 34.00
CA TRP A 410 27.39 26.32 34.34
C TRP A 410 26.25 25.97 33.40
N TYR A 411 26.56 25.75 32.12
CA TYR A 411 25.56 25.26 31.18
C TYR A 411 25.12 23.85 31.51
N ALA A 412 26.00 23.02 32.08
CA ALA A 412 25.59 21.69 32.51
C ALA A 412 24.68 21.76 33.72
N ILE A 413 24.96 22.68 34.64
CA ILE A 413 24.10 22.88 35.81
C ILE A 413 22.72 23.34 35.38
N ILE A 414 22.64 24.26 34.43
CA ILE A 414 21.33 24.71 33.97
C ILE A 414 20.63 23.63 33.15
N GLU A 415 21.39 22.74 32.50
CA GLU A 415 20.73 21.59 31.87
C GLU A 415 20.13 20.66 32.92
N SER A 416 20.82 20.45 34.03
CA SER A 416 20.30 19.54 35.04
C SER A 416 19.11 20.14 35.79
N GLN A 417 19.21 21.41 36.19
CA GLN A 417 18.09 22.06 36.87
C GLN A 417 16.92 22.26 35.93
N THR A 418 17.19 22.49 34.65
CA THR A 418 16.13 22.59 33.67
C THR A 418 15.43 21.25 33.49
N GLU A 419 16.18 20.16 33.51
CA GLU A 419 15.56 18.87 33.25
C GLU A 419 14.79 18.35 34.46
N THR A 420 15.43 18.32 35.63
CA THR A 420 14.80 17.70 36.80
C THR A 420 14.61 18.61 37.98
N GLY A 421 15.34 19.71 38.09
CA GLY A 421 15.30 20.55 39.26
C GLY A 421 16.41 20.27 40.25
N THR A 422 16.92 19.17 40.23
CA THR A 422 18.17 18.92 40.92
C THR A 422 19.32 19.29 40.01
N PRO A 423 20.47 19.77 40.53
CA PRO A 423 20.90 19.92 41.91
C PRO A 423 20.32 21.10 42.63
N TYR A 424 20.35 21.05 43.95
CA TYR A 424 20.14 22.25 44.73
C TYR A 424 21.40 23.10 44.63
N MET A 425 21.32 24.35 45.03
CA MET A 425 22.48 25.22 45.01
C MET A 425 22.61 25.94 46.32
N LEU A 426 23.70 25.69 47.04
CA LEU A 426 23.98 26.45 48.24
C LEU A 426 25.31 27.16 48.06
N TYR A 427 25.53 28.19 48.85
CA TYR A 427 26.70 29.04 48.68
C TYR A 427 27.61 28.86 49.88
N LYS A 428 28.82 28.38 49.61
CA LYS A 428 29.71 27.89 50.67
C LYS A 428 30.21 29.01 51.56
N ASP A 429 30.74 30.07 50.96
CA ASP A 429 31.34 31.15 51.75
C ASP A 429 30.26 31.99 52.43
N SER A 430 29.07 32.06 51.82
CA SER A 430 27.97 32.79 52.42
C SER A 430 27.48 32.10 53.69
N CYS A 431 27.44 30.76 53.68
CA CYS A 431 27.01 30.02 54.86
C CYS A 431 28.10 29.99 55.92
N ASN A 432 29.35 29.79 55.51
CA ASN A 432 30.45 29.76 56.46
C ASN A 432 30.73 31.11 57.07
N ARG A 433 30.33 32.20 56.41
CA ARG A 433 30.60 33.53 56.93
C ARG A 433 29.54 34.01 57.90
N LYS A 434 28.29 33.59 57.71
CA LYS A 434 27.16 34.20 58.41
C LYS A 434 26.48 33.22 59.34
N SER A 435 27.26 32.46 60.10
CA SER A 435 26.73 31.47 61.02
C SER A 435 27.37 31.63 62.39
N ASN A 436 26.67 31.18 63.41
CA ASN A 436 27.12 31.32 64.78
C ASN A 436 28.10 30.22 65.17
N GLN A 437 28.31 29.22 64.32
CA GLN A 437 29.27 28.15 64.59
C GLN A 437 30.57 28.33 63.82
N GLN A 438 31.02 29.58 63.70
CA GLN A 438 32.31 29.84 63.05
C GLN A 438 33.49 29.34 63.87
N ASN A 439 33.36 29.30 65.20
CA ASN A 439 34.49 28.96 66.04
C ASN A 439 34.87 27.48 65.95
N LEU A 440 34.00 26.64 65.41
CA LEU A 440 34.27 25.22 65.34
C LEU A 440 35.15 24.86 64.16
N GLY A 441 34.91 25.49 63.01
CA GLY A 441 35.62 25.11 61.81
C GLY A 441 34.88 25.52 60.56
N THR A 442 34.66 24.56 59.67
CA THR A 442 34.04 24.83 58.38
C THR A 442 32.79 23.99 58.24
N ILE A 443 31.66 24.65 57.97
CA ILE A 443 30.40 23.95 57.77
C ILE A 443 30.45 23.26 56.42
N LYS A 444 30.41 21.94 56.43
CA LYS A 444 30.57 21.20 55.19
C LYS A 444 29.26 21.10 54.43
N CYS A 445 28.18 20.72 55.09
CA CYS A 445 26.94 20.36 54.40
C CYS A 445 25.75 20.90 55.18
N SER A 446 24.58 20.41 54.80
CA SER A 446 23.29 20.85 55.31
C SER A 446 22.32 19.70 55.14
N ASN A 447 21.09 19.86 55.63
CA ASN A 447 20.17 18.72 55.64
C ASN A 447 19.52 18.54 54.27
N LEU A 448 18.48 17.70 54.25
CA LEU A 448 17.80 17.37 53.00
C LEU A 448 17.02 18.56 52.45
N CYS A 449 16.31 19.27 53.31
CA CYS A 449 15.46 20.36 52.85
C CYS A 449 16.16 21.71 52.86
N THR A 450 17.48 21.73 53.10
CA THR A 450 18.37 22.89 52.95
C THR A 450 17.95 24.06 53.82
N GLU A 451 17.79 23.81 55.11
CA GLU A 451 17.54 24.90 56.04
C GLU A 451 18.38 24.80 57.29
N ILE A 452 19.05 23.69 57.54
CA ILE A 452 19.84 23.50 58.74
C ILE A 452 21.30 23.55 58.33
N VAL A 453 21.99 24.63 58.70
CA VAL A 453 23.38 24.83 58.33
C VAL A 453 24.18 24.72 59.62
N GLU A 454 24.75 23.54 59.90
CA GLU A 454 25.44 23.28 61.15
C GLU A 454 26.77 22.57 60.88
N TYR A 455 27.61 22.55 61.90
CA TYR A 455 28.94 21.94 61.81
C TYR A 455 28.87 20.43 61.91
N THR A 456 29.52 19.75 60.97
CA THR A 456 29.68 18.31 60.96
C THR A 456 31.15 17.95 61.10
N SER A 457 31.42 16.74 61.56
CA SER A 457 32.80 16.29 61.69
C SER A 457 32.83 14.78 61.59
N LYS A 458 34.01 14.21 61.84
CA LYS A 458 34.12 12.78 62.00
C LYS A 458 33.52 12.33 63.32
N ASP A 459 33.56 13.19 64.32
CA ASP A 459 33.10 12.86 65.66
C ASP A 459 31.70 13.41 65.94
N GLU A 460 31.37 14.58 65.43
CA GLU A 460 30.08 15.20 65.71
C GLU A 460 29.17 15.07 64.50
N VAL A 461 28.07 14.35 64.66
CA VAL A 461 27.03 14.22 63.64
C VAL A 461 25.92 15.19 64.01
N ALA A 462 25.58 16.10 63.10
CA ALA A 462 24.73 17.23 63.47
C ALA A 462 23.27 16.83 63.52
N VAL A 463 22.60 17.18 64.62
CA VAL A 463 21.20 16.85 64.86
C VAL A 463 20.47 18.13 65.16
N CYS A 464 19.33 18.36 64.51
CA CYS A 464 18.53 19.53 64.85
C CYS A 464 17.06 19.18 64.90
N ASN A 465 16.37 19.77 65.88
CA ASN A 465 14.93 19.63 66.09
C ASN A 465 14.19 20.77 65.44
N LEU A 466 12.92 20.55 65.16
CA LEU A 466 12.12 21.51 64.43
C LEU A 466 10.82 21.79 65.16
N ALA A 467 10.26 22.96 64.85
CA ALA A 467 8.95 23.36 65.37
C ALA A 467 8.40 24.44 64.44
N SER A 468 7.26 24.18 63.84
CA SER A 468 6.68 25.07 62.84
C SER A 468 5.54 25.85 63.48
N LEU A 469 5.71 27.18 63.56
CA LEU A 469 4.61 28.04 63.96
C LEU A 469 3.76 28.41 62.76
N ALA A 470 2.45 28.36 62.95
CA ALA A 470 1.57 28.95 61.96
C ALA A 470 1.55 30.46 62.12
N LEU A 471 0.94 31.14 61.17
CA LEU A 471 0.93 32.60 61.20
C LEU A 471 -0.48 33.16 61.26
N ASN A 472 -1.40 32.64 60.44
CA ASN A 472 -2.72 33.22 60.26
C ASN A 472 -3.62 33.08 61.47
N MET A 473 -3.23 32.32 62.50
CA MET A 473 -3.99 32.30 63.73
C MET A 473 -3.73 33.56 64.55
N TYR A 474 -2.66 34.29 64.26
CA TYR A 474 -2.30 35.48 65.01
C TYR A 474 -2.98 36.75 64.52
N VAL A 475 -3.59 36.72 63.34
CA VAL A 475 -4.17 37.93 62.77
C VAL A 475 -5.46 38.26 63.50
N THR A 476 -5.51 39.45 64.10
CA THR A 476 -6.70 39.87 64.82
C THR A 476 -7.78 40.33 63.83
N SER A 477 -8.95 40.65 64.38
CA SER A 477 -10.09 41.05 63.55
C SER A 477 -9.94 42.46 63.02
N GLU A 478 -9.05 43.26 63.59
CA GLU A 478 -8.82 44.64 63.19
C GLU A 478 -8.00 44.73 61.90
N HIS A 479 -7.54 43.59 61.38
CA HIS A 479 -6.56 43.48 60.28
C HIS A 479 -5.26 44.22 60.60
N THR A 480 -4.92 44.25 61.88
CA THR A 480 -3.62 44.70 62.37
C THR A 480 -3.00 43.52 63.10
N TYR A 481 -1.76 43.20 62.75
CA TYR A 481 -1.17 41.94 63.17
C TYR A 481 -0.75 42.02 64.63
N ASP A 482 -0.84 40.89 65.32
CA ASP A 482 -0.54 40.80 66.73
C ASP A 482 0.94 40.42 66.86
N PHE A 483 1.74 41.33 67.41
CA PHE A 483 3.16 41.06 67.58
C PHE A 483 3.48 40.50 68.95
N LYS A 484 2.83 41.00 70.00
CA LYS A 484 3.18 40.66 71.37
C LYS A 484 2.80 39.23 71.73
N LYS A 485 1.83 38.65 71.04
CA LYS A 485 1.50 37.25 71.25
C LYS A 485 2.55 36.34 70.63
N LEU A 486 3.10 36.73 69.49
CA LEU A 486 3.96 35.86 68.71
C LEU A 486 5.28 35.57 69.43
N ALA A 487 5.85 36.59 70.07
CA ALA A 487 7.05 36.38 70.87
C ALA A 487 6.77 35.50 72.09
N GLU A 488 5.56 35.58 72.64
CA GLU A 488 5.21 34.81 73.82
C GLU A 488 5.08 33.33 73.48
N VAL A 489 4.39 33.02 72.38
CA VAL A 489 4.29 31.64 71.92
C VAL A 489 5.66 31.13 71.50
N THR A 490 6.49 32.01 70.94
CA THR A 490 7.87 31.64 70.61
C THR A 490 8.67 31.27 71.86
N LYS A 491 8.41 31.94 72.99
CA LYS A 491 9.04 31.56 74.24
C LYS A 491 8.60 30.17 74.69
N VAL A 492 7.30 29.87 74.53
CA VAL A 492 6.81 28.54 74.88
C VAL A 492 7.42 27.47 73.98
N VAL A 493 7.63 27.81 72.70
CA VAL A 493 8.20 26.87 71.74
C VAL A 493 9.66 26.58 72.08
N VAL A 494 10.43 27.61 72.42
CA VAL A 494 11.84 27.42 72.75
C VAL A 494 11.98 26.60 74.03
N ARG A 495 11.07 26.79 74.99
CA ARG A 495 11.10 25.92 76.16
C ARG A 495 10.70 24.49 75.79
N ASN A 496 9.84 24.31 74.79
CA ASN A 496 9.46 22.96 74.36
C ASN A 496 10.63 22.23 73.73
N LEU A 497 11.30 22.86 72.75
CA LEU A 497 12.41 22.20 72.05
C LEU A 497 13.59 21.96 72.97
N ASN A 498 13.89 22.94 73.84
CA ASN A 498 14.96 22.72 74.80
C ASN A 498 14.60 21.64 75.81
N LYS A 499 13.32 21.40 76.04
CA LYS A 499 12.98 20.17 76.76
C LYS A 499 13.04 18.94 75.86
N ILE A 500 12.97 19.10 74.53
CA ILE A 500 13.01 17.92 73.67
C ILE A 500 14.41 17.33 73.62
N ILE A 501 15.43 18.20 73.57
CA ILE A 501 16.82 17.78 73.36
C ILE A 501 17.32 16.85 74.47
N ASP A 502 16.79 17.01 75.67
CA ASP A 502 17.25 16.21 76.80
C ASP A 502 16.45 14.94 77.04
N ILE A 503 15.48 14.62 76.17
CA ILE A 503 14.62 13.45 76.36
C ILE A 503 14.89 12.47 75.22
N ASN A 504 15.39 13.00 74.11
CA ASN A 504 15.53 12.26 72.86
C ASN A 504 16.52 11.10 73.01
N TYR A 505 16.27 10.05 72.24
CA TYR A 505 17.13 8.87 72.16
C TYR A 505 17.79 8.85 70.79
N TYR A 506 19.05 9.20 70.76
CA TYR A 506 19.78 9.35 69.51
C TYR A 506 20.13 7.97 68.97
N PRO A 507 19.95 7.71 67.68
CA PRO A 507 20.19 6.36 67.16
C PRO A 507 21.66 5.98 67.07
N VAL A 508 22.56 6.95 66.95
CA VAL A 508 23.99 6.66 66.85
C VAL A 508 24.69 7.34 68.02
N PRO A 509 25.85 6.85 68.49
CA PRO A 509 26.50 7.51 69.63
C PRO A 509 27.15 8.83 69.30
N GLU A 510 27.43 9.12 68.03
CA GLU A 510 28.00 10.41 67.69
C GLU A 510 26.99 11.54 67.73
N ALA A 511 25.70 11.22 67.75
CA ALA A 511 24.68 12.26 67.72
C ALA A 511 24.55 12.95 69.07
N CYS A 512 24.71 12.20 70.16
CA CYS A 512 24.45 12.73 71.49
C CYS A 512 25.49 13.75 71.90
N LEU A 513 26.75 13.53 71.49
CA LEU A 513 27.80 14.46 71.85
C LEU A 513 27.64 15.79 71.14
N SER A 514 27.25 15.76 69.86
CA SER A 514 27.02 17.01 69.13
C SER A 514 25.80 17.74 69.67
N ASN A 515 24.67 17.03 69.77
CA ASN A 515 23.43 17.67 70.16
C ASN A 515 23.42 18.08 71.63
N LYS A 516 24.33 17.57 72.46
CA LYS A 516 24.40 18.07 73.83
C LYS A 516 25.55 19.05 74.07
N ARG A 517 26.59 19.03 73.23
CA ARG A 517 27.57 20.10 73.32
C ARG A 517 27.03 21.40 72.77
N HIS A 518 26.58 21.39 71.52
CA HIS A 518 26.24 22.65 70.88
C HIS A 518 24.78 23.04 71.08
N ARG A 519 23.91 22.05 71.17
CA ARG A 519 22.48 22.16 71.48
C ARG A 519 21.77 23.15 70.56
N PRO A 520 21.48 22.81 69.31
CA PRO A 520 20.70 23.70 68.47
C PRO A 520 19.22 23.35 68.48
N ILE A 521 18.41 24.32 68.07
CA ILE A 521 16.99 24.12 67.84
C ILE A 521 16.64 24.64 66.45
N GLY A 522 15.37 24.55 66.12
CA GLY A 522 14.90 25.02 64.83
C GLY A 522 13.45 25.43 64.87
N ILE A 523 13.17 26.65 64.43
CA ILE A 523 11.82 27.20 64.41
C ILE A 523 11.53 27.64 62.98
N GLY A 524 10.41 27.19 62.42
CA GLY A 524 10.03 27.61 61.10
C GLY A 524 8.55 27.85 60.98
N VAL A 525 8.17 28.92 60.28
CA VAL A 525 6.77 29.29 60.17
C VAL A 525 6.20 28.74 58.88
N GLN A 526 4.88 28.61 58.86
CA GLN A 526 4.15 28.14 57.71
C GLN A 526 2.98 29.05 57.43
N GLY A 527 2.59 29.14 56.16
CA GLY A 527 1.46 29.95 55.78
C GLY A 527 1.69 31.44 55.91
N LEU A 528 2.56 31.98 55.07
CA LEU A 528 2.74 33.42 55.01
C LEU A 528 1.72 34.08 54.10
N ALA A 529 1.29 33.38 53.06
CA ALA A 529 0.27 33.91 52.15
C ALA A 529 -1.06 34.13 52.86
N ASP A 530 -1.40 33.27 53.82
CA ASP A 530 -2.62 33.48 54.58
C ASP A 530 -2.49 34.66 55.53
N ALA A 531 -1.30 34.90 56.07
CA ALA A 531 -1.11 36.10 56.88
C ALA A 531 -1.19 37.35 56.03
N PHE A 532 -0.76 37.28 54.77
CA PHE A 532 -0.89 38.45 53.90
C PHE A 532 -2.33 38.68 53.48
N ILE A 533 -3.08 37.62 53.21
CA ILE A 533 -4.47 37.79 52.81
C ILE A 533 -5.30 38.28 54.01
N LEU A 534 -5.10 37.69 55.18
CA LEU A 534 -5.86 38.11 56.36
C LEU A 534 -5.40 39.46 56.89
N MET A 535 -4.19 39.89 56.55
CA MET A 535 -3.80 41.27 56.81
C MET A 535 -4.16 42.19 55.66
N ARG A 536 -4.65 41.63 54.55
CA ARG A 536 -5.18 42.36 53.39
C ARG A 536 -4.11 43.26 52.77
N TYR A 537 -3.01 42.64 52.34
CA TYR A 537 -2.01 43.39 51.60
C TYR A 537 -1.64 42.62 50.34
N PRO A 538 -1.24 43.32 49.29
CA PRO A 538 -0.65 42.64 48.14
C PRO A 538 0.68 42.00 48.50
N PHE A 539 1.05 40.97 47.73
CA PHE A 539 2.25 40.23 48.07
C PHE A 539 3.50 41.05 47.76
N GLU A 540 3.49 41.80 46.66
CA GLU A 540 4.61 42.67 46.30
C GLU A 540 4.38 44.12 46.70
N SER A 541 3.66 44.35 47.79
CA SER A 541 3.39 45.71 48.26
C SER A 541 4.56 46.22 49.09
N ALA A 542 4.37 47.37 49.72
CA ALA A 542 5.33 47.87 50.69
C ALA A 542 5.08 47.32 52.08
N GLU A 543 3.82 47.18 52.48
CA GLU A 543 3.51 46.68 53.82
C GLU A 543 3.77 45.19 53.94
N ALA A 544 3.88 44.47 52.84
CA ALA A 544 4.30 43.07 52.91
C ALA A 544 5.79 42.98 53.26
N GLN A 545 6.62 43.75 52.54
CA GLN A 545 8.05 43.73 52.80
C GLN A 545 8.40 44.35 54.14
N LEU A 546 7.62 45.34 54.57
CA LEU A 546 7.74 45.80 55.94
C LEU A 546 7.23 44.75 56.91
N LEU A 547 6.21 43.99 56.50
CA LEU A 547 5.50 43.13 57.43
C LEU A 547 6.33 41.91 57.82
N ASN A 548 6.86 41.18 56.83
CA ASN A 548 7.64 39.98 57.16
C ASN A 548 8.94 40.33 57.87
N LYS A 549 9.49 41.50 57.57
CA LYS A 549 10.64 42.01 58.28
C LYS A 549 10.30 42.23 59.76
N GLN A 550 9.16 42.85 60.03
CA GLN A 550 8.73 43.05 61.42
C GLN A 550 8.42 41.72 62.10
N ILE A 551 7.85 40.77 61.36
CA ILE A 551 7.49 39.47 61.92
C ILE A 551 8.73 38.72 62.35
N PHE A 552 9.73 38.65 61.47
CA PHE A 552 10.91 37.88 61.86
C PHE A 552 11.81 38.65 62.82
N GLU A 553 11.67 39.98 62.91
CA GLU A 553 12.27 40.66 64.04
C GLU A 553 11.58 40.26 65.35
N THR A 554 10.26 40.03 65.30
CA THR A 554 9.56 39.60 66.50
C THR A 554 9.93 38.18 66.89
N ILE A 555 9.96 37.28 65.90
CA ILE A 555 10.29 35.87 66.15
C ILE A 555 11.73 35.75 66.60
N TYR A 556 12.63 36.47 65.96
CA TYR A 556 14.04 36.43 66.30
C TYR A 556 14.29 37.04 67.67
N TYR A 557 13.59 38.13 67.98
CA TYR A 557 13.74 38.78 69.28
C TYR A 557 13.22 37.92 70.42
N GLY A 558 12.04 37.33 70.23
CA GLY A 558 11.48 36.48 71.25
C GLY A 558 12.26 35.19 71.42
N ALA A 559 12.86 34.70 70.34
CA ALA A 559 13.71 33.52 70.43
C ALA A 559 14.95 33.82 71.24
N LEU A 560 15.60 34.95 70.99
CA LEU A 560 16.78 35.32 71.75
C LEU A 560 16.45 35.62 73.20
N GLU A 561 15.28 36.21 73.47
CA GLU A 561 14.88 36.46 74.85
C GLU A 561 14.60 35.16 75.58
N ALA A 562 14.01 34.19 74.87
CA ALA A 562 13.70 32.91 75.49
C ALA A 562 14.96 32.13 75.81
N SER A 563 15.90 32.07 74.86
CA SER A 563 17.15 31.36 75.11
C SER A 563 18.01 32.10 76.13
N CYS A 564 17.89 33.42 76.20
CA CYS A 564 18.54 34.17 77.26
C CYS A 564 17.97 33.80 78.63
N ASP A 565 16.65 33.69 78.72
CA ASP A 565 16.04 33.37 80.00
C ASP A 565 16.26 31.91 80.37
N LEU A 566 16.58 31.06 79.39
CA LEU A 566 17.01 29.70 79.71
C LEU A 566 18.44 29.68 80.21
N ALA A 567 19.32 30.46 79.57
CA ALA A 567 20.72 30.52 79.98
C ALA A 567 20.89 31.21 81.32
N LYS A 568 19.91 32.03 81.74
CA LYS A 568 19.92 32.61 83.07
C LYS A 568 19.66 31.55 84.14
N GLU A 569 19.11 30.40 83.74
CA GLU A 569 18.67 29.38 84.68
C GLU A 569 19.50 28.11 84.64
N GLN A 570 20.15 27.80 83.51
CA GLN A 570 20.95 26.58 83.41
C GLN A 570 22.37 26.82 82.94
N GLY A 571 22.75 28.04 82.61
CA GLY A 571 24.06 28.30 82.06
C GLY A 571 24.09 28.04 80.57
N PRO A 572 24.93 28.78 79.84
CA PRO A 572 25.00 28.61 78.38
C PRO A 572 25.59 27.27 77.98
N TYR A 573 25.62 27.00 76.67
CA TYR A 573 26.10 25.71 76.21
C TYR A 573 27.62 25.63 76.32
N GLU A 574 28.15 24.44 76.04
CA GLU A 574 29.52 24.11 76.41
C GLU A 574 30.55 24.86 75.57
N THR A 575 30.17 25.29 74.37
CA THR A 575 31.11 26.00 73.50
C THR A 575 30.65 27.42 73.20
N TYR A 576 30.22 28.16 74.22
CA TYR A 576 29.67 29.48 73.93
C TYR A 576 30.76 30.53 73.70
N GLU A 577 31.73 30.62 74.61
CA GLU A 577 32.70 31.71 74.58
C GLU A 577 33.64 31.52 73.41
N GLY A 578 33.48 32.34 72.38
CA GLY A 578 34.17 32.18 71.12
C GLY A 578 33.22 32.48 69.98
N SER A 579 31.94 32.31 70.23
CA SER A 579 30.93 32.60 69.22
C SER A 579 30.78 34.11 69.05
N PRO A 580 30.34 34.56 67.86
CA PRO A 580 30.15 36.01 67.65
C PRO A 580 29.03 36.62 68.48
N VAL A 581 28.10 35.82 69.00
CA VAL A 581 27.12 36.35 69.93
C VAL A 581 27.78 36.75 71.24
N SER A 582 28.79 35.98 71.67
CA SER A 582 29.61 36.40 72.81
C SER A 582 30.41 37.65 72.47
N LYS A 583 30.74 37.85 71.21
CA LYS A 583 31.38 39.07 70.74
C LYS A 583 30.36 40.16 70.42
N GLY A 584 29.08 39.93 70.70
CA GLY A 584 28.05 40.92 70.52
C GLY A 584 27.45 41.01 69.14
N ILE A 585 28.10 40.43 68.14
CA ILE A 585 27.57 40.48 66.78
C ILE A 585 26.45 39.47 66.67
N LEU A 586 25.23 39.94 66.44
CA LEU A 586 24.13 39.04 66.17
C LEU A 586 24.07 38.76 64.68
N GLN A 587 22.99 38.12 64.23
CA GLN A 587 22.91 37.70 62.84
C GLN A 587 22.68 38.88 61.90
N TYR A 588 21.99 39.92 62.36
CA TYR A 588 21.68 41.02 61.46
C TYR A 588 22.90 41.85 61.12
N ASP A 589 23.87 41.95 62.02
CA ASP A 589 25.10 42.67 61.71
C ASP A 589 25.99 41.92 60.75
N MET A 590 25.89 40.59 60.70
CA MET A 590 26.57 39.83 59.66
C MET A 590 25.97 40.08 58.29
N TRP A 591 24.73 40.54 58.23
CA TRP A 591 24.12 41.06 57.03
C TRP A 591 24.29 42.57 56.90
N ASN A 592 24.84 43.22 57.94
CA ASN A 592 25.04 44.68 58.01
C ASN A 592 23.73 45.45 57.81
N VAL A 593 22.65 44.94 58.38
CA VAL A 593 21.34 45.57 58.28
C VAL A 593 20.89 45.87 59.69
N THR A 594 20.83 47.15 60.02
CA THR A 594 20.29 47.58 61.30
C THR A 594 18.79 47.30 61.33
N PRO A 595 18.26 46.68 62.38
CA PRO A 595 16.83 46.38 62.42
C PRO A 595 16.00 47.63 62.66
N THR A 596 14.69 47.47 62.60
CA THR A 596 13.78 48.60 62.76
C THR A 596 13.72 49.01 64.23
N ASP A 597 12.96 50.08 64.48
CA ASP A 597 12.73 50.56 65.85
C ASP A 597 11.53 49.91 66.49
N LEU A 598 11.15 48.71 66.03
CA LEU A 598 9.98 48.03 66.56
C LEU A 598 10.22 47.49 67.96
N TRP A 599 11.47 47.18 68.29
CA TRP A 599 11.78 46.57 69.58
C TRP A 599 12.91 47.30 70.28
N ASP A 600 13.35 46.75 71.42
CA ASP A 600 14.46 47.27 72.20
C ASP A 600 15.56 46.21 72.19
N TRP A 601 16.58 46.43 71.36
CA TRP A 601 17.66 45.46 71.22
C TRP A 601 18.79 45.69 72.20
N LYS A 602 18.85 46.88 72.81
CA LYS A 602 19.97 47.21 73.69
C LYS A 602 19.91 46.40 74.98
N VAL A 603 18.74 46.33 75.61
CA VAL A 603 18.61 45.56 76.85
C VAL A 603 18.73 44.07 76.57
N LEU A 604 18.33 43.63 75.36
CA LEU A 604 18.53 42.26 74.97
C LEU A 604 20.01 41.92 74.88
N LYS A 605 20.78 42.78 74.22
CA LYS A 605 22.21 42.54 74.11
C LYS A 605 22.93 42.72 75.44
N GLU A 606 22.36 43.48 76.36
CA GLU A 606 22.93 43.57 77.70
C GLU A 606 22.73 42.27 78.47
N LYS A 607 21.52 41.71 78.40
CA LYS A 607 21.27 40.47 79.14
C LYS A 607 21.97 39.29 78.50
N ILE A 608 22.13 39.30 77.17
CA ILE A 608 22.94 38.29 76.51
C ILE A 608 24.40 38.47 76.88
N ALA A 609 24.86 39.72 76.97
CA ALA A 609 26.23 39.98 77.38
C ALA A 609 26.49 39.65 78.84
N LYS A 610 25.43 39.52 79.65
CA LYS A 610 25.57 39.16 81.05
C LYS A 610 25.15 37.73 81.36
N TYR A 611 24.45 37.06 80.44
CA TYR A 611 24.03 35.69 80.70
C TYR A 611 24.24 34.72 79.55
N GLY A 612 24.52 35.18 78.34
CA GLY A 612 24.65 34.24 77.23
C GLY A 612 23.31 33.70 76.77
N ILE A 613 23.38 32.74 75.86
CA ILE A 613 22.20 32.07 75.33
C ILE A 613 22.38 30.57 75.49
N ARG A 614 21.26 29.87 75.47
CA ARG A 614 21.25 28.44 75.73
C ARG A 614 21.41 27.61 74.46
N ASN A 615 20.88 28.07 73.34
CA ASN A 615 20.97 27.34 72.10
C ASN A 615 21.77 28.15 71.09
N SER A 616 22.59 27.45 70.29
CA SER A 616 23.46 28.14 69.36
C SER A 616 22.68 28.75 68.21
N LEU A 617 22.01 27.91 67.43
CA LEU A 617 21.26 28.35 66.27
C LEU A 617 19.77 28.17 66.52
N LEU A 618 18.98 29.15 66.10
CA LEU A 618 17.59 29.22 66.52
C LEU A 618 16.59 29.05 65.40
N ILE A 619 16.64 29.87 64.37
CA ILE A 619 15.54 30.03 63.43
C ILE A 619 15.85 29.26 62.16
N ALA A 620 14.87 28.53 61.64
CA ALA A 620 15.07 27.73 60.44
C ALA A 620 13.77 27.51 59.70
N PRO A 621 13.50 28.25 58.64
CA PRO A 621 12.29 27.98 57.84
C PRO A 621 12.38 26.71 57.02
N MET A 622 11.66 25.71 57.48
CA MET A 622 11.52 24.40 56.85
C MET A 622 10.41 24.46 55.81
N PRO A 623 10.30 23.47 54.91
CA PRO A 623 9.21 23.55 53.93
C PRO A 623 7.83 23.25 54.48
N THR A 624 7.70 22.26 55.37
CA THR A 624 6.43 21.79 55.95
C THR A 624 5.40 21.45 54.88
N ALA A 625 5.70 20.38 54.15
CA ALA A 625 4.69 19.82 53.26
C ALA A 625 3.54 19.20 54.04
N SER A 626 3.85 18.26 54.92
CA SER A 626 2.82 17.48 55.59
C SER A 626 2.14 18.26 56.70
N THR A 627 2.88 19.14 57.38
CA THR A 627 2.31 19.91 58.48
C THR A 627 1.30 20.94 57.97
N ALA A 628 1.68 21.68 56.93
CA ALA A 628 0.73 22.57 56.29
C ALA A 628 -0.36 21.81 55.57
N GLN A 629 -0.10 20.56 55.19
CA GLN A 629 -1.19 19.72 54.68
C GLN A 629 -2.20 19.42 55.77
N ILE A 630 -1.74 19.28 57.02
CA ILE A 630 -2.68 19.08 58.13
C ILE A 630 -3.46 20.36 58.40
N LEU A 631 -2.76 21.44 58.71
CA LEU A 631 -3.46 22.61 59.25
C LEU A 631 -4.10 23.48 58.18
N GLY A 632 -3.96 23.13 56.90
CA GLY A 632 -4.61 23.86 55.84
C GLY A 632 -3.88 25.08 55.35
N ASN A 633 -2.79 25.48 56.01
CA ASN A 633 -2.02 26.62 55.58
C ASN A 633 -1.28 26.33 54.29
N ASN A 634 -0.74 27.37 53.69
CA ASN A 634 0.08 27.17 52.51
C ASN A 634 1.47 26.73 52.96
N GLU A 635 2.22 26.17 52.00
CA GLU A 635 3.62 25.84 52.23
C GLU A 635 4.39 27.12 52.55
N SER A 636 5.46 26.98 53.36
CA SER A 636 5.92 27.90 54.42
C SER A 636 5.86 29.37 54.02
N ILE A 637 6.60 29.83 53.02
CA ILE A 637 6.70 31.25 52.73
C ILE A 637 6.31 31.60 51.31
N GLU A 638 6.17 30.62 50.43
CA GLU A 638 5.89 30.93 49.04
C GLU A 638 4.44 31.38 48.87
N PRO A 639 4.12 32.06 47.75
CA PRO A 639 2.70 32.33 47.45
C PRO A 639 1.95 31.09 47.03
N TYR A 640 0.65 31.23 46.77
CA TYR A 640 -0.12 30.12 46.26
C TYR A 640 0.32 29.75 44.85
N THR A 641 0.40 28.45 44.59
CA THR A 641 0.77 27.98 43.25
C THR A 641 -0.27 28.38 42.23
N SER A 642 -1.54 28.21 42.57
CA SER A 642 -2.64 28.72 41.78
C SER A 642 -3.82 28.92 42.71
N ASN A 643 -4.76 29.77 42.31
CA ASN A 643 -5.94 29.99 43.11
C ASN A 643 -6.84 28.77 43.11
N ILE A 644 -6.86 28.04 42.01
CA ILE A 644 -7.46 26.71 41.94
C ILE A 644 -6.40 25.69 42.32
N TYR A 645 -6.69 24.89 43.34
CA TYR A 645 -5.84 23.75 43.69
C TYR A 645 -6.66 22.48 43.66
N THR A 646 -6.05 21.41 43.18
CA THR A 646 -6.75 20.16 43.01
C THR A 646 -6.83 19.41 44.34
N ARG A 647 -7.69 18.40 44.36
CA ARG A 647 -7.86 17.54 45.52
C ARG A 647 -7.90 16.10 45.06
N ARG A 648 -7.12 15.27 45.74
CA ARG A 648 -7.04 13.83 45.54
C ARG A 648 -8.18 13.17 46.30
N VAL A 649 -9.21 12.76 45.57
CA VAL A 649 -10.34 12.01 46.12
C VAL A 649 -10.45 10.73 45.31
N LEU A 650 -10.74 9.62 46.01
CA LEU A 650 -11.01 8.35 45.32
C LEU A 650 -12.17 8.51 44.36
N SER A 651 -11.90 8.26 43.09
CA SER A 651 -12.75 8.44 41.91
C SER A 651 -13.04 9.90 41.59
N GLY A 652 -12.61 10.85 42.42
CA GLY A 652 -12.70 12.25 42.03
C GLY A 652 -11.47 13.06 42.38
N GLU A 653 -10.76 13.52 41.36
CA GLU A 653 -9.56 14.33 41.56
C GLU A 653 -9.87 15.67 40.93
N PHE A 654 -10.30 16.62 41.73
CA PHE A 654 -11.01 17.75 41.14
C PHE A 654 -10.49 19.10 41.63
N GLN A 655 -11.20 20.18 41.34
CA GLN A 655 -10.68 21.52 41.51
C GLN A 655 -11.44 22.29 42.60
N ILE A 656 -10.71 22.76 43.60
CA ILE A 656 -11.26 23.63 44.65
C ILE A 656 -10.48 24.93 44.66
N VAL A 657 -11.20 26.04 44.58
CA VAL A 657 -10.58 27.36 44.59
C VAL A 657 -10.08 27.70 45.98
N ASN A 658 -9.24 28.72 46.08
CA ASN A 658 -8.73 29.20 47.35
C ASN A 658 -9.89 29.76 48.18
N PRO A 659 -10.16 29.22 49.37
CA PRO A 659 -11.38 29.63 50.10
C PRO A 659 -11.34 31.03 50.68
N HIS A 660 -10.18 31.69 50.74
CA HIS A 660 -10.17 33.10 51.09
C HIS A 660 -10.62 33.95 49.92
N LEU A 661 -10.15 33.60 48.72
CA LEU A 661 -10.63 34.22 47.48
C LEU A 661 -12.13 34.04 47.34
N LEU A 662 -12.62 32.83 47.60
CA LEU A 662 -14.04 32.56 47.54
C LEU A 662 -14.79 33.28 48.65
N LYS A 663 -14.16 33.44 49.81
CA LYS A 663 -14.75 34.20 50.90
C LYS A 663 -14.96 35.66 50.52
N ASP A 664 -14.00 36.23 49.77
CA ASP A 664 -14.23 37.59 49.29
C ASP A 664 -15.22 37.63 48.12
N LEU A 665 -15.25 36.59 47.28
CA LEU A 665 -16.14 36.64 46.13
C LEU A 665 -17.60 36.48 46.48
N THR A 666 -17.92 35.69 47.51
CA THR A 666 -19.33 35.58 47.92
C THR A 666 -19.82 36.86 48.58
N GLU A 667 -18.91 37.65 49.16
CA GLU A 667 -19.32 38.92 49.76
C GLU A 667 -19.39 40.03 48.72
N ARG A 668 -18.46 40.05 47.76
CA ARG A 668 -18.45 41.10 46.75
C ARG A 668 -19.44 40.85 45.61
N GLY A 669 -20.20 39.76 45.66
CA GLY A 669 -21.27 39.53 44.71
C GLY A 669 -20.88 38.96 43.37
N LEU A 670 -19.61 39.11 42.97
CA LEU A 670 -19.18 38.64 41.65
C LEU A 670 -19.11 37.13 41.54
N TRP A 671 -19.18 36.42 42.66
CA TRP A 671 -19.26 34.96 42.60
C TRP A 671 -20.61 34.54 42.05
N HIS A 672 -20.60 33.56 41.16
CA HIS A 672 -21.81 33.01 40.59
C HIS A 672 -21.58 31.52 40.35
N GLU A 673 -22.53 30.88 39.68
CA GLU A 673 -22.52 29.44 39.57
C GLU A 673 -21.61 28.89 38.48
N GLU A 674 -20.88 29.74 37.76
CA GLU A 674 -19.94 29.28 36.75
C GLU A 674 -18.58 29.96 36.84
N MET A 675 -18.31 30.68 37.94
CA MET A 675 -17.05 31.38 38.09
C MET A 675 -15.87 30.43 38.20
N LYS A 676 -16.10 29.26 38.81
CA LYS A 676 -15.11 28.18 38.82
C LYS A 676 -14.72 27.81 37.39
N ASN A 677 -15.72 27.61 36.53
CA ASN A 677 -15.47 27.29 35.13
C ASN A 677 -14.79 28.46 34.42
N GLN A 678 -15.05 29.69 34.89
CA GLN A 678 -14.32 30.82 34.32
C GLN A 678 -12.86 30.83 34.73
N ILE A 679 -12.50 30.20 35.86
CA ILE A 679 -11.09 30.15 36.28
C ILE A 679 -10.43 28.82 35.89
N ILE A 680 -11.19 27.86 35.35
CA ILE A 680 -10.60 26.62 34.82
C ILE A 680 -9.63 26.92 33.68
N ALA A 681 -10.08 27.70 32.69
CA ALA A 681 -9.31 27.94 31.47
C ALA A 681 -8.22 29.01 31.64
N CYS A 682 -7.88 29.39 32.86
CA CYS A 682 -6.80 30.33 33.11
C CYS A 682 -5.77 29.84 34.12
N ASN A 683 -6.04 28.71 34.78
CA ASN A 683 -5.14 28.04 35.73
C ASN A 683 -4.75 28.96 36.89
N GLY A 684 -5.77 29.35 37.66
CA GLY A 684 -5.59 30.18 38.82
C GLY A 684 -5.53 31.68 38.55
N SER A 685 -5.27 32.07 37.31
CA SER A 685 -5.15 33.49 36.95
C SER A 685 -6.52 34.13 36.96
N ILE A 686 -6.89 34.74 38.09
CA ILE A 686 -8.16 35.47 38.16
C ILE A 686 -8.10 36.80 37.44
N GLN A 687 -6.92 37.26 37.04
CA GLN A 687 -6.79 38.59 36.50
C GLN A 687 -7.21 38.69 35.03
N SER A 688 -7.43 37.57 34.35
CA SER A 688 -7.85 37.60 32.96
C SER A 688 -9.35 37.72 32.80
N ILE A 689 -10.13 37.63 33.88
CA ILE A 689 -11.58 37.58 33.77
C ILE A 689 -12.06 39.03 33.77
N PRO A 690 -13.19 39.35 33.13
CA PRO A 690 -13.70 40.73 33.18
C PRO A 690 -14.49 41.08 34.43
N GLU A 691 -14.81 40.11 35.29
CA GLU A 691 -15.52 40.37 36.55
C GLU A 691 -14.45 40.52 37.62
N ILE A 692 -13.95 41.74 37.78
CA ILE A 692 -12.74 42.03 38.55
C ILE A 692 -12.88 43.34 39.31
N PRO A 693 -12.65 43.35 40.62
CA PRO A 693 -12.59 44.62 41.35
C PRO A 693 -11.24 45.29 41.31
N ASP A 694 -10.25 44.67 40.65
CA ASP A 694 -8.87 45.15 40.50
C ASP A 694 -8.14 45.35 41.83
N ASP A 695 -8.63 44.73 42.89
CA ASP A 695 -7.92 44.59 44.14
C ASP A 695 -7.55 43.15 44.40
N LEU A 696 -8.38 42.21 43.94
CA LEU A 696 -8.08 40.80 44.02
C LEU A 696 -6.91 40.42 43.12
N LYS A 697 -6.65 41.22 42.07
CA LYS A 697 -5.46 41.03 41.25
C LYS A 697 -4.18 41.35 42.00
N GLN A 698 -4.27 42.11 43.10
CA GLN A 698 -3.12 42.37 43.95
C GLN A 698 -3.09 41.48 45.18
N LEU A 699 -4.25 41.19 45.77
CA LEU A 699 -4.30 40.35 46.95
C LEU A 699 -4.15 38.87 46.63
N TYR A 700 -4.33 38.46 45.38
CA TYR A 700 -4.38 37.06 45.01
C TYR A 700 -3.54 36.79 43.78
N LYS A 701 -2.30 37.28 43.81
CA LYS A 701 -1.40 37.08 42.69
C LYS A 701 -0.96 35.63 42.62
N THR A 702 -1.13 35.02 41.45
CA THR A 702 -0.56 33.70 41.18
C THR A 702 0.96 33.82 41.18
N VAL A 703 1.65 32.81 41.73
CA VAL A 703 3.10 32.87 41.83
C VAL A 703 3.76 32.78 40.45
N TRP A 704 3.07 32.22 39.46
CA TRP A 704 3.58 32.29 38.10
C TRP A 704 3.47 33.70 37.55
N GLU A 705 2.54 34.51 38.09
CA GLU A 705 2.35 35.89 37.71
C GLU A 705 3.11 36.85 38.63
N ILE A 706 4.03 36.33 39.44
CA ILE A 706 4.83 37.13 40.35
C ILE A 706 6.26 37.13 39.87
N SER A 707 6.86 38.32 39.74
CA SER A 707 8.26 38.42 39.37
C SER A 707 9.12 37.91 40.52
N GLN A 708 10.09 37.05 40.18
CA GLN A 708 10.79 36.27 41.20
C GLN A 708 11.78 37.13 41.99
N LYS A 709 12.27 38.22 41.41
CA LYS A 709 13.30 38.99 42.07
C LYS A 709 12.76 39.80 43.24
N THR A 710 11.47 40.10 43.25
CA THR A 710 10.88 40.72 44.43
C THR A 710 10.84 39.73 45.59
N VAL A 711 10.51 38.48 45.28
CA VAL A 711 10.53 37.41 46.28
C VAL A 711 11.96 37.18 46.77
N LEU A 712 12.95 37.33 45.88
CA LEU A 712 14.34 37.20 46.29
C LEU A 712 14.77 38.34 47.19
N LYS A 713 14.26 39.56 46.94
CA LYS A 713 14.54 40.66 47.86
C LYS A 713 13.89 40.42 49.22
N MET A 714 12.67 39.91 49.21
CA MET A 714 11.98 39.54 50.45
C MET A 714 12.73 38.45 51.18
N ALA A 715 13.37 37.53 50.44
CA ALA A 715 14.21 36.51 51.06
C ALA A 715 15.51 37.10 51.57
N ALA A 716 15.98 38.19 50.98
CA ALA A 716 17.17 38.83 51.50
C ALA A 716 16.87 39.51 52.83
N GLU A 717 15.70 40.11 52.96
CA GLU A 717 15.33 40.75 54.22
C GLU A 717 15.04 39.69 55.30
N ARG A 718 14.17 38.74 54.97
CA ARG A 718 13.73 37.77 55.98
C ARG A 718 14.88 36.85 56.36
N GLY A 719 15.65 36.37 55.37
CA GLY A 719 16.83 35.58 55.65
C GLY A 719 17.96 36.40 56.24
N ALA A 720 17.91 37.72 56.08
CA ALA A 720 18.79 38.58 56.84
C ALA A 720 18.41 38.62 58.31
N PHE A 721 17.17 38.26 58.66
CA PHE A 721 16.87 38.07 60.08
C PHE A 721 16.74 36.60 60.49
N ILE A 722 17.46 35.68 59.84
CA ILE A 722 17.42 34.26 60.19
C ILE A 722 18.85 33.76 60.37
N ASP A 723 19.11 33.07 61.49
CA ASP A 723 20.46 32.59 61.77
C ASP A 723 20.79 31.25 61.11
N GLN A 724 19.92 30.76 60.23
CA GLN A 724 20.26 29.64 59.35
C GLN A 724 19.70 29.94 57.98
N SER A 725 19.64 28.92 57.13
CA SER A 725 19.16 29.12 55.77
C SER A 725 17.64 29.00 55.75
N GLN A 726 17.07 28.96 54.55
CA GLN A 726 15.63 28.80 54.37
C GLN A 726 15.37 28.18 53.01
N SER A 727 14.28 27.44 52.92
CA SER A 727 13.89 26.83 51.66
C SER A 727 13.45 27.91 50.68
N LEU A 728 13.60 27.63 49.39
CA LEU A 728 13.23 28.62 48.38
C LEU A 728 12.80 27.88 47.13
N ASN A 729 11.50 27.64 47.02
CA ASN A 729 10.94 27.00 45.83
C ASN A 729 10.87 28.03 44.72
N ILE A 730 11.69 27.87 43.68
CA ILE A 730 11.70 28.78 42.54
C ILE A 730 10.70 28.31 41.51
N HIS A 731 9.75 29.18 41.16
CA HIS A 731 8.70 28.88 40.18
C HIS A 731 8.96 29.71 38.93
N ILE A 732 9.30 29.05 37.82
CA ILE A 732 9.50 29.72 36.54
C ILE A 732 8.76 28.92 35.48
N ALA A 733 7.92 29.60 34.70
CA ALA A 733 6.98 28.89 33.83
C ALA A 733 7.66 28.23 32.64
N GLU A 734 8.71 28.85 32.11
CA GLU A 734 9.34 28.29 30.93
C GLU A 734 10.85 28.25 31.13
N PRO A 735 11.52 27.28 30.51
CA PRO A 735 12.99 27.25 30.57
C PRO A 735 13.59 28.41 29.79
N ASN A 736 14.27 29.30 30.51
CA ASN A 736 15.01 30.39 29.88
C ASN A 736 16.24 30.70 30.71
N TYR A 737 17.38 30.80 30.04
CA TYR A 737 18.66 30.79 30.74
C TYR A 737 18.97 32.14 31.36
N GLY A 738 18.32 33.20 30.89
CA GLY A 738 18.61 34.53 31.39
C GLY A 738 18.02 34.75 32.76
N LYS A 739 16.77 34.33 32.95
CA LYS A 739 16.14 34.49 34.26
C LYS A 739 16.74 33.52 35.27
N LEU A 740 17.20 32.35 34.82
CA LEU A 740 17.90 31.43 35.70
C LEU A 740 19.26 31.99 36.11
N THR A 741 20.08 32.37 35.12
CA THR A 741 21.45 32.78 35.40
C THR A 741 21.49 34.09 36.16
N SER A 742 20.71 35.07 35.72
CA SER A 742 20.56 36.32 36.45
C SER A 742 19.87 36.13 37.79
N MET A 743 19.07 35.08 37.92
CA MET A 743 18.42 34.81 39.19
C MET A 743 19.41 34.29 40.22
N HIS A 744 20.27 33.34 39.83
CA HIS A 744 21.25 32.81 40.76
C HIS A 744 22.31 33.85 41.09
N PHE A 745 22.74 34.62 40.08
CA PHE A 745 23.69 35.69 40.35
C PHE A 745 23.05 36.78 41.20
N TYR A 746 21.76 37.03 41.01
CA TYR A 746 21.08 38.02 41.85
C TYR A 746 20.97 37.52 43.28
N GLY A 747 20.73 36.23 43.46
CA GLY A 747 20.71 35.67 44.80
C GLY A 747 22.07 35.70 45.47
N TRP A 748 23.13 35.55 44.68
CA TRP A 748 24.46 35.67 45.24
C TRP A 748 24.80 37.11 45.58
N LYS A 749 24.25 38.06 44.81
CA LYS A 749 24.52 39.46 45.08
C LYS A 749 23.73 39.98 46.28
N GLN A 750 22.51 39.48 46.49
CA GLN A 750 21.78 39.86 47.69
C GLN A 750 22.38 39.23 48.94
N GLY A 751 23.11 38.13 48.79
CA GLY A 751 23.79 37.49 49.89
C GLY A 751 23.13 36.23 50.43
N LEU A 752 22.23 35.62 49.68
CA LEU A 752 21.42 34.53 50.20
C LEU A 752 22.23 33.25 50.37
N LYS A 753 21.88 32.49 51.39
CA LYS A 753 22.53 31.22 51.71
C LYS A 753 22.00 30.06 50.89
N THR A 754 20.98 30.27 50.07
CA THR A 754 20.39 29.17 49.31
C THR A 754 19.92 29.71 47.97
N GLY A 755 20.56 29.28 46.89
CA GLY A 755 20.21 29.77 45.59
C GLY A 755 18.88 29.24 45.10
N MET A 756 18.55 28.00 45.44
CA MET A 756 17.38 27.34 44.88
C MET A 756 17.10 26.12 45.74
N TYR A 757 15.86 25.66 45.70
CA TYR A 757 15.50 24.38 46.31
C TYR A 757 14.78 23.51 45.30
N TYR A 758 14.09 24.13 44.34
CA TYR A 758 13.55 23.47 43.16
C TYR A 758 13.36 24.48 42.06
N LEU A 759 13.67 24.08 40.84
CA LEU A 759 13.23 24.80 39.64
C LEU A 759 11.95 24.14 39.16
N ARG A 760 10.82 24.77 39.42
CA ARG A 760 9.52 24.21 39.08
C ARG A 760 8.98 24.90 37.84
N THR A 761 8.62 24.09 36.84
CA THR A 761 8.03 24.58 35.60
C THR A 761 6.66 23.95 35.46
N ARG A 762 5.62 24.79 35.40
CA ARG A 762 4.31 24.20 35.16
C ARG A 762 4.19 23.80 33.69
N PRO A 763 3.55 22.67 33.40
CA PRO A 763 3.35 22.25 32.01
C PRO A 763 2.18 22.96 31.37
N SER B 19 60.35 12.54 9.14
CA SER B 19 60.97 12.24 7.86
C SER B 19 60.46 10.93 7.29
N HIS B 20 61.35 9.94 7.19
CA HIS B 20 61.04 8.66 6.60
C HIS B 20 60.30 7.78 7.61
N MET B 21 60.05 6.53 7.24
CA MET B 21 59.49 5.57 8.18
C MET B 21 60.58 5.14 9.15
N HIS B 22 60.55 5.71 10.34
CA HIS B 22 61.46 5.34 11.41
C HIS B 22 60.68 4.60 12.48
N VAL B 23 61.26 3.53 12.99
CA VAL B 23 60.69 2.82 14.13
C VAL B 23 61.48 3.22 15.36
N ILE B 24 60.80 3.18 16.50
CA ILE B 24 61.39 3.56 17.78
C ILE B 24 61.98 2.29 18.37
N LYS B 25 63.27 2.09 18.18
CA LYS B 25 63.94 0.92 18.73
C LYS B 25 64.01 1.04 20.25
N ARG B 26 63.80 -0.12 20.91
CA ARG B 26 63.58 -0.37 22.34
C ARG B 26 64.52 0.38 23.29
N ASP B 27 65.73 0.69 22.82
CA ASP B 27 66.62 1.59 23.56
C ASP B 27 66.04 2.99 23.67
N GLY B 28 65.10 3.35 22.80
CA GLY B 28 64.52 4.68 22.77
C GLY B 28 64.88 5.46 21.53
N ARG B 29 65.61 4.85 20.61
CA ARG B 29 66.11 5.58 19.46
C ARG B 29 65.18 5.33 18.27
N GLN B 30 65.62 5.72 17.08
CA GLN B 30 64.83 5.48 15.89
C GLN B 30 65.75 5.02 14.77
N GLU B 31 65.20 4.19 13.88
CA GLU B 31 65.95 3.75 12.70
C GLU B 31 65.02 3.66 11.51
N ARG B 32 65.63 3.41 10.36
CA ARG B 32 64.89 3.07 9.15
C ARG B 32 64.32 1.67 9.28
N VAL B 33 63.31 1.38 8.46
CA VAL B 33 62.64 0.09 8.49
C VAL B 33 63.47 -0.87 7.64
N MET B 34 64.21 -1.75 8.30
CA MET B 34 64.97 -2.80 7.62
C MET B 34 64.31 -4.12 7.95
N PHE B 35 63.75 -4.77 6.94
CA PHE B 35 62.82 -5.88 7.16
C PHE B 35 63.51 -7.19 7.49
N ASP B 36 64.78 -7.37 7.09
CA ASP B 36 65.44 -8.63 7.42
C ASP B 36 65.88 -8.73 8.88
N LYS B 37 65.65 -7.70 9.69
CA LYS B 37 65.82 -7.87 11.13
C LYS B 37 64.74 -8.78 11.69
N ILE B 38 63.55 -8.75 11.09
CA ILE B 38 62.44 -9.60 11.54
C ILE B 38 62.76 -11.07 11.30
N THR B 39 62.98 -11.43 10.03
CA THR B 39 63.32 -12.81 9.71
C THR B 39 64.69 -13.18 10.24
N SER B 40 65.56 -12.20 10.48
CA SER B 40 66.80 -12.44 11.21
C SER B 40 66.53 -12.87 12.64
N ARG B 41 65.43 -12.40 13.24
CA ARG B 41 65.17 -12.74 14.63
C ARG B 41 64.32 -14.00 14.78
N ILE B 42 63.32 -14.18 13.90
CA ILE B 42 62.37 -15.29 14.04
C ILE B 42 63.08 -16.63 13.83
N GLN B 43 63.89 -16.72 12.76
CA GLN B 43 64.64 -17.94 12.50
C GLN B 43 65.67 -18.21 13.58
N LYS B 44 66.16 -17.16 14.25
CA LYS B 44 66.94 -17.37 15.47
C LYS B 44 66.08 -17.96 16.58
N LEU B 45 64.79 -17.61 16.63
CA LEU B 45 63.88 -18.17 17.62
C LEU B 45 63.05 -19.34 17.08
N CYS B 46 63.54 -20.05 16.07
CA CYS B 46 62.85 -21.23 15.56
C CYS B 46 63.65 -22.51 15.72
N TYR B 47 64.68 -22.52 16.56
CA TYR B 47 65.54 -23.68 16.64
C TYR B 47 64.86 -24.82 17.38
N GLY B 48 64.86 -25.98 16.75
CA GLY B 48 64.24 -27.16 17.32
C GLY B 48 62.83 -27.45 16.88
N LEU B 49 62.40 -26.95 15.73
CA LEU B 49 61.04 -27.18 15.24
C LEU B 49 61.06 -27.79 13.86
N ASN B 50 59.87 -28.19 13.40
CA ASN B 50 59.68 -28.81 12.09
C ASN B 50 59.79 -27.72 11.03
N MET B 51 60.95 -27.62 10.39
CA MET B 51 61.17 -26.61 9.36
C MET B 51 60.41 -26.89 8.06
N ASP B 52 59.72 -28.03 7.94
CA ASP B 52 58.90 -28.27 6.77
C ASP B 52 57.65 -27.39 6.76
N PHE B 53 57.22 -26.90 7.91
CA PHE B 53 56.07 -26.02 7.97
C PHE B 53 56.32 -24.75 8.75
N VAL B 54 57.43 -24.64 9.47
CA VAL B 54 57.80 -23.39 10.10
C VAL B 54 58.29 -22.43 9.02
N ASP B 55 57.58 -21.32 8.87
CA ASP B 55 57.80 -20.39 7.75
C ASP B 55 57.83 -18.98 8.30
N PRO B 56 59.00 -18.36 8.41
CA PRO B 56 59.08 -16.98 8.90
C PRO B 56 58.50 -15.95 7.95
N ALA B 57 58.40 -16.27 6.67
CA ALA B 57 58.00 -15.27 5.68
C ALA B 57 56.53 -14.90 5.78
N GLN B 58 55.67 -15.86 6.12
CA GLN B 58 54.26 -15.54 6.27
C GLN B 58 54.01 -14.66 7.48
N ILE B 59 54.70 -14.97 8.59
CA ILE B 59 54.61 -14.19 9.81
C ILE B 59 55.12 -12.78 9.56
N THR B 60 56.25 -12.67 8.87
CA THR B 60 56.81 -11.36 8.53
C THR B 60 55.86 -10.59 7.63
N MET B 61 55.21 -11.27 6.69
CA MET B 61 54.29 -10.61 5.77
C MET B 61 53.08 -10.03 6.49
N LYS B 62 52.47 -10.82 7.38
CA LYS B 62 51.31 -10.30 8.10
C LYS B 62 51.70 -9.28 9.16
N VAL B 63 52.94 -9.30 9.66
CA VAL B 63 53.38 -8.23 10.54
C VAL B 63 53.54 -6.92 9.76
N ILE B 64 54.16 -6.99 8.58
CA ILE B 64 54.37 -5.80 7.76
C ILE B 64 53.06 -5.28 7.20
N GLN B 65 52.00 -6.10 7.16
CA GLN B 65 50.66 -5.59 6.89
C GLN B 65 50.21 -4.59 7.96
N GLY B 66 50.68 -4.73 9.19
CA GLY B 66 50.27 -3.82 10.25
C GLY B 66 51.22 -2.69 10.60
N LEU B 67 52.45 -2.72 10.10
CA LEU B 67 53.45 -1.73 10.49
C LEU B 67 53.12 -0.35 9.90
N TYR B 68 53.59 0.69 10.57
CA TYR B 68 53.52 2.05 10.06
C TYR B 68 54.71 2.83 10.64
N SER B 69 54.70 4.14 10.47
CA SER B 69 55.84 4.96 10.86
C SER B 69 55.70 5.43 12.29
N GLY B 70 56.79 5.36 13.04
CA GLY B 70 56.74 5.69 14.44
C GLY B 70 56.03 4.62 15.25
N VAL B 71 56.57 3.41 15.24
CA VAL B 71 56.03 2.28 15.99
C VAL B 71 57.11 1.78 16.92
N THR B 72 56.77 1.59 18.19
CA THR B 72 57.69 0.96 19.13
C THR B 72 57.81 -0.51 18.79
N THR B 73 59.05 -1.03 18.82
CA THR B 73 59.33 -2.37 18.31
C THR B 73 58.73 -3.47 19.16
N VAL B 74 58.38 -3.19 20.42
CA VAL B 74 57.73 -4.19 21.25
C VAL B 74 56.31 -4.49 20.74
N GLU B 75 55.70 -3.53 20.03
CA GLU B 75 54.46 -3.82 19.33
C GLU B 75 54.68 -4.74 18.16
N LEU B 76 55.87 -4.69 17.55
CA LEU B 76 56.16 -5.60 16.46
C LEU B 76 56.40 -7.01 16.97
N ASP B 77 57.03 -7.16 18.16
CA ASP B 77 57.13 -8.51 18.70
C ASP B 77 55.80 -9.02 19.21
N THR B 78 54.97 -8.15 19.77
CA THR B 78 53.64 -8.55 20.24
C THR B 78 52.78 -9.00 19.07
N LEU B 79 52.78 -8.23 17.99
CA LEU B 79 52.02 -8.61 16.80
C LEU B 79 52.64 -9.81 16.10
N ALA B 80 53.93 -10.05 16.29
CA ALA B 80 54.56 -11.23 15.72
C ALA B 80 54.09 -12.49 16.43
N ALA B 81 54.09 -12.47 17.77
CA ALA B 81 53.58 -13.60 18.52
C ALA B 81 52.09 -13.80 18.30
N GLU B 82 51.36 -12.70 18.09
CA GLU B 82 49.94 -12.79 17.80
C GLU B 82 49.68 -13.45 16.45
N THR B 83 50.46 -13.07 15.44
CA THR B 83 50.32 -13.67 14.11
C THR B 83 50.69 -15.14 14.12
N ALA B 84 51.74 -15.49 14.87
CA ALA B 84 52.10 -16.91 15.00
C ALA B 84 51.02 -17.69 15.72
N ALA B 85 50.36 -17.06 16.70
CA ALA B 85 49.25 -17.69 17.39
C ALA B 85 48.07 -17.91 16.46
N THR B 86 47.82 -16.99 15.53
CA THR B 86 46.75 -17.21 14.57
C THR B 86 47.13 -18.23 13.51
N LEU B 87 48.42 -18.38 13.21
CA LEU B 87 48.87 -19.36 12.22
C LEU B 87 49.09 -20.74 12.79
N THR B 88 48.91 -20.92 14.11
CA THR B 88 49.09 -22.22 14.78
C THR B 88 48.22 -23.34 14.21
N THR B 89 47.09 -22.98 13.55
CA THR B 89 46.21 -23.98 12.96
C THR B 89 46.89 -24.79 11.86
N LYS B 90 47.81 -24.18 11.12
CA LYS B 90 48.47 -24.88 10.02
C LYS B 90 49.44 -25.95 10.52
N HIS B 91 50.17 -25.66 11.59
CA HIS B 91 51.03 -26.67 12.15
C HIS B 91 51.17 -26.37 13.63
N PRO B 92 51.13 -27.40 14.50
CA PRO B 92 51.15 -27.18 15.96
C PRO B 92 52.45 -26.61 16.51
N ASP B 93 53.51 -26.48 15.72
CA ASP B 93 54.73 -25.92 16.28
C ASP B 93 54.70 -24.40 16.38
N TYR B 94 53.72 -23.74 15.77
CA TYR B 94 53.64 -22.29 15.90
C TYR B 94 53.14 -21.87 17.28
N ALA B 95 52.57 -22.79 18.05
CA ALA B 95 52.30 -22.48 19.45
C ALA B 95 53.60 -22.39 20.23
N ILE B 96 54.52 -23.33 19.99
CA ILE B 96 55.83 -23.28 20.61
C ILE B 96 56.60 -22.06 20.14
N LEU B 97 56.42 -21.69 18.87
CA LEU B 97 57.04 -20.50 18.33
C LEU B 97 56.50 -19.24 19.00
N ALA B 98 55.17 -19.10 19.07
CA ALA B 98 54.57 -17.89 19.63
C ALA B 98 54.86 -17.75 21.12
N ALA B 99 54.95 -18.88 21.82
CA ALA B 99 55.40 -18.85 23.20
C ALA B 99 56.85 -18.37 23.29
N ARG B 100 57.71 -18.81 22.38
CA ARG B 100 59.09 -18.35 22.42
C ARG B 100 59.20 -16.87 22.03
N ILE B 101 58.29 -16.37 21.21
CA ILE B 101 58.34 -14.96 20.83
C ILE B 101 57.91 -14.08 21.99
N ALA B 102 56.79 -14.42 22.63
CA ALA B 102 56.31 -13.58 23.72
C ALA B 102 57.22 -13.66 24.94
N VAL B 103 57.67 -14.87 25.28
CA VAL B 103 58.53 -15.04 26.44
C VAL B 103 59.92 -14.46 26.19
N SER B 104 60.42 -14.54 24.95
CA SER B 104 61.67 -13.86 24.65
C SER B 104 61.50 -12.35 24.65
N ASN B 105 60.32 -11.86 24.28
CA ASN B 105 60.04 -10.42 24.34
C ASN B 105 60.07 -9.94 25.77
N LEU B 106 59.55 -10.74 26.70
CA LEU B 106 59.59 -10.31 28.09
C LEU B 106 60.99 -10.44 28.68
N HIS B 107 61.69 -11.53 28.38
CA HIS B 107 62.99 -11.77 28.97
C HIS B 107 64.08 -10.88 28.39
N LYS B 108 63.87 -10.29 27.21
CA LYS B 108 64.77 -9.22 26.81
C LYS B 108 64.49 -7.93 27.56
N GLU B 109 63.28 -7.77 28.08
CA GLU B 109 62.88 -6.47 28.61
C GLU B 109 63.38 -6.23 30.03
N THR B 110 62.91 -7.03 30.99
CA THR B 110 63.13 -6.70 32.39
C THR B 110 64.44 -7.29 32.89
N LYS B 111 64.68 -7.14 34.18
CA LYS B 111 66.00 -7.39 34.73
C LYS B 111 66.27 -8.89 34.93
N LYS B 112 67.55 -9.23 34.94
CA LYS B 112 67.95 -10.62 35.10
C LYS B 112 67.97 -11.04 36.56
N VAL B 113 68.37 -10.15 37.45
CA VAL B 113 68.55 -10.48 38.86
C VAL B 113 67.26 -10.20 39.62
N PHE B 114 66.87 -11.18 40.45
CA PHE B 114 65.64 -11.09 41.24
C PHE B 114 65.75 -10.01 42.32
N SER B 115 66.94 -9.86 42.91
CA SER B 115 67.12 -9.00 44.06
C SER B 115 66.94 -7.53 43.71
N ASP B 116 67.42 -7.12 42.55
CA ASP B 116 67.29 -5.72 42.19
C ASP B 116 65.87 -5.39 41.74
N VAL B 117 65.15 -6.40 41.25
CA VAL B 117 63.72 -6.24 41.00
C VAL B 117 62.98 -6.02 42.31
N MET B 118 63.33 -6.78 43.34
CA MET B 118 62.68 -6.61 44.63
C MET B 118 63.02 -5.26 45.26
N GLU B 119 64.26 -4.80 45.07
CA GLU B 119 64.60 -3.46 45.56
C GLU B 119 63.90 -2.37 44.76
N ASP B 120 63.63 -2.61 43.48
CA ASP B 120 62.87 -1.65 42.70
C ASP B 120 61.42 -1.62 43.15
N LEU B 121 60.85 -2.77 43.52
CA LEU B 121 59.47 -2.79 43.95
C LEU B 121 59.30 -2.17 45.33
N TYR B 122 60.22 -2.46 46.26
CA TYR B 122 60.11 -1.85 47.58
C TYR B 122 60.44 -0.37 47.53
N ASN B 123 61.35 0.04 46.66
CA ASN B 123 61.71 1.43 46.50
C ASN B 123 60.83 2.17 45.52
N TYR B 124 59.61 1.68 45.30
CA TYR B 124 58.67 2.36 44.43
C TYR B 124 58.20 3.67 45.06
N ILE B 125 57.96 4.65 44.21
CA ILE B 125 57.42 5.95 44.61
C ILE B 125 56.28 6.29 43.66
N ASN B 126 55.14 6.66 44.24
CA ASN B 126 53.96 7.08 43.48
C ASN B 126 54.31 8.30 42.63
N PRO B 127 54.22 8.21 41.30
CA PRO B 127 54.79 9.26 40.44
C PRO B 127 54.05 10.59 40.41
N HIS B 128 53.01 10.77 41.24
CA HIS B 128 52.52 12.12 41.46
C HIS B 128 52.11 12.37 42.91
N ASN B 129 52.59 11.55 43.85
CA ASN B 129 52.35 11.82 45.27
C ASN B 129 53.58 11.63 46.14
N GLY B 130 54.68 11.11 45.61
CA GLY B 130 55.93 11.06 46.35
C GLY B 130 55.99 10.05 47.47
N LYS B 131 54.97 9.22 47.63
CA LYS B 131 54.89 8.33 48.78
C LYS B 131 55.67 7.05 48.49
N HIS B 132 56.48 6.63 49.47
CA HIS B 132 57.21 5.37 49.41
C HIS B 132 56.20 4.25 49.61
N SER B 133 55.49 3.92 48.52
CA SER B 133 54.34 3.02 48.53
C SER B 133 54.78 1.69 47.95
N PRO B 134 55.22 0.75 48.77
CA PRO B 134 55.92 -0.42 48.23
C PRO B 134 54.98 -1.43 47.62
N MET B 135 55.55 -2.29 46.80
CA MET B 135 54.85 -3.45 46.28
C MET B 135 55.06 -4.68 47.14
N VAL B 136 56.11 -4.69 47.96
CA VAL B 136 56.39 -5.80 48.85
C VAL B 136 56.69 -5.25 50.24
N ALA B 137 56.48 -6.10 51.25
CA ALA B 137 56.76 -5.69 52.62
C ALA B 137 58.26 -5.70 52.88
N LYS B 138 58.66 -5.01 53.94
CA LYS B 138 60.09 -4.86 54.23
C LYS B 138 60.68 -6.16 54.75
N SER B 139 59.89 -7.01 55.38
CA SER B 139 60.42 -8.29 55.85
C SER B 139 60.70 -9.24 54.69
N THR B 140 59.92 -9.12 53.62
CA THR B 140 60.18 -9.89 52.41
C THR B 140 61.51 -9.48 51.80
N LEU B 141 61.76 -8.17 51.71
CA LEU B 141 63.01 -7.66 51.21
C LEU B 141 64.16 -8.01 52.15
N ASP B 142 63.89 -8.13 53.44
CA ASP B 142 64.91 -8.56 54.39
C ASP B 142 65.30 -10.00 54.15
N ILE B 143 64.32 -10.87 53.88
CA ILE B 143 64.61 -12.27 53.61
C ILE B 143 65.34 -12.42 52.29
N VAL B 144 64.99 -11.60 51.30
CA VAL B 144 65.67 -11.66 50.01
C VAL B 144 67.11 -11.16 50.13
N LEU B 145 67.30 -9.97 50.68
CA LEU B 145 68.64 -9.40 50.77
C LEU B 145 69.54 -10.14 51.75
N ALA B 146 68.99 -10.85 52.71
CA ALA B 146 69.83 -11.69 53.55
C ALA B 146 70.19 -13.00 52.87
N ASN B 147 69.51 -13.37 51.79
CA ASN B 147 69.68 -14.69 51.21
C ASN B 147 69.71 -14.65 49.69
N LYS B 148 70.15 -13.54 49.09
CA LYS B 148 70.07 -13.40 47.65
C LYS B 148 71.11 -14.23 46.91
N ASP B 149 72.14 -14.71 47.60
CA ASP B 149 73.25 -15.37 46.93
C ASP B 149 72.90 -16.81 46.56
N ARG B 150 72.29 -17.54 47.50
CA ARG B 150 71.80 -18.87 47.17
C ARG B 150 70.56 -18.81 46.30
N LEU B 151 69.71 -17.83 46.56
CA LEU B 151 68.39 -17.80 45.93
C LEU B 151 68.45 -17.27 44.50
N ASN B 152 69.35 -16.34 44.20
CA ASN B 152 69.57 -15.99 42.80
C ASN B 152 70.23 -17.10 42.02
N SER B 153 70.95 -17.99 42.70
CA SER B 153 71.49 -19.17 42.05
C SER B 153 70.44 -20.25 41.87
N ALA B 154 69.37 -20.24 42.66
CA ALA B 154 68.40 -21.32 42.57
C ALA B 154 67.45 -21.19 41.38
N ILE B 155 67.25 -19.97 40.88
CA ILE B 155 66.25 -19.72 39.86
C ILE B 155 66.71 -20.28 38.52
N ILE B 156 65.80 -20.91 37.78
CA ILE B 156 66.10 -21.46 36.46
C ILE B 156 65.16 -20.82 35.46
N TYR B 157 65.72 -19.99 34.57
CA TYR B 157 64.94 -19.30 33.54
C TYR B 157 64.68 -20.15 32.32
N ASP B 158 65.11 -21.41 32.31
CA ASP B 158 64.81 -22.30 31.21
C ASP B 158 63.37 -22.78 31.21
N ARG B 159 62.65 -22.56 32.31
CA ARG B 159 61.30 -23.08 32.48
C ARG B 159 60.23 -22.11 32.01
N ASP B 160 60.58 -20.87 31.70
CA ASP B 160 59.61 -19.90 31.25
C ASP B 160 59.15 -20.12 29.82
N PHE B 161 59.91 -20.85 29.02
CA PHE B 161 59.50 -21.19 27.67
C PHE B 161 58.63 -22.43 27.62
N SER B 162 58.03 -22.82 28.74
CA SER B 162 57.22 -24.02 28.82
C SER B 162 55.74 -23.72 28.96
N TYR B 163 55.35 -22.46 29.09
CA TYR B 163 53.93 -22.14 29.15
C TYR B 163 53.33 -22.13 27.74
N ASN B 164 52.01 -22.28 27.69
CA ASN B 164 51.31 -21.98 26.46
C ASN B 164 51.27 -20.49 26.22
N TYR B 165 50.94 -20.12 24.99
CA TYR B 165 50.87 -18.70 24.65
C TYR B 165 49.71 -18.02 25.36
N PHE B 166 48.52 -18.60 25.30
CA PHE B 166 47.35 -17.97 25.89
C PHE B 166 47.42 -18.01 27.41
N GLY B 167 48.02 -19.05 27.96
CA GLY B 167 48.29 -19.06 29.38
C GLY B 167 49.30 -18.01 29.79
N PHE B 168 50.24 -17.70 28.90
CA PHE B 168 51.19 -16.65 29.23
C PHE B 168 50.58 -15.27 29.12
N LYS B 169 49.67 -15.06 28.16
CA LYS B 169 49.04 -13.76 28.07
C LYS B 169 48.05 -13.55 29.21
N THR B 170 47.35 -14.61 29.61
CA THR B 170 46.49 -14.52 30.78
C THR B 170 47.31 -14.31 32.05
N LEU B 171 48.47 -14.94 32.13
CA LEU B 171 49.36 -14.73 33.27
C LEU B 171 49.93 -13.32 33.27
N GLU B 172 50.09 -12.72 32.10
CA GLU B 172 50.75 -11.43 32.01
C GLU B 172 49.79 -10.28 32.23
N ARG B 173 48.54 -10.41 31.77
CA ARG B 173 47.65 -9.25 31.78
C ARG B 173 47.19 -8.87 33.18
N SER B 174 47.25 -9.80 34.13
CA SER B 174 46.63 -9.53 35.43
C SER B 174 47.48 -9.94 36.62
N TYR B 175 48.42 -10.86 36.44
CA TYR B 175 49.06 -11.43 37.62
C TYR B 175 50.44 -10.87 37.92
N LEU B 176 51.20 -10.50 36.90
CA LEU B 176 52.53 -9.95 37.14
C LEU B 176 52.42 -8.53 37.66
N LEU B 177 53.24 -8.21 38.66
CA LEU B 177 53.14 -6.92 39.32
C LEU B 177 53.70 -5.83 38.42
N LYS B 178 52.86 -4.86 38.09
CA LYS B 178 53.19 -3.85 37.11
C LYS B 178 53.73 -2.60 37.80
N ILE B 179 54.54 -1.84 37.06
CA ILE B 179 55.02 -0.54 37.52
C ILE B 179 54.62 0.48 36.47
N ASN B 180 53.64 1.32 36.80
CA ASN B 180 53.13 2.41 35.95
C ASN B 180 52.65 1.92 34.59
N GLY B 181 52.08 0.71 34.56
CA GLY B 181 51.59 0.14 33.34
C GLY B 181 52.56 -0.76 32.61
N LYS B 182 53.83 -0.73 32.97
CA LYS B 182 54.84 -1.58 32.33
C LYS B 182 55.13 -2.74 33.27
N VAL B 183 55.00 -3.96 32.74
CA VAL B 183 55.21 -5.15 33.55
C VAL B 183 56.69 -5.29 33.88
N ALA B 184 57.00 -5.42 35.16
CA ALA B 184 58.38 -5.47 35.60
C ALA B 184 58.70 -6.74 36.39
N GLU B 185 58.07 -7.85 36.03
CA GLU B 185 58.37 -9.13 36.65
C GLU B 185 58.41 -10.23 35.61
N ARG B 186 59.50 -10.97 35.58
CA ARG B 186 59.54 -12.23 34.88
C ARG B 186 58.68 -13.24 35.63
N PRO B 187 58.23 -14.31 34.97
CA PRO B 187 57.41 -15.31 35.70
C PRO B 187 58.13 -16.02 36.82
N GLN B 188 59.41 -16.37 36.64
CA GLN B 188 60.16 -16.96 37.74
C GLN B 188 60.40 -15.96 38.87
N HIS B 189 60.37 -14.67 38.57
CA HIS B 189 60.39 -13.68 39.64
C HIS B 189 59.10 -13.73 40.44
N MET B 190 57.98 -14.04 39.80
CA MET B 190 56.73 -14.12 40.54
C MET B 190 56.68 -15.39 41.37
N LEU B 191 57.11 -16.52 40.80
CA LEU B 191 57.01 -17.78 41.53
C LEU B 191 58.03 -17.85 42.66
N MET B 192 59.21 -17.32 42.44
CA MET B 192 60.16 -17.20 43.54
C MET B 192 59.71 -16.17 44.56
N ARG B 193 59.02 -15.12 44.11
CA ARG B 193 58.41 -14.17 45.06
C ARG B 193 57.35 -14.84 45.92
N VAL B 194 56.61 -15.80 45.36
CA VAL B 194 55.64 -16.54 46.15
C VAL B 194 56.33 -17.43 47.17
N SER B 195 57.41 -18.12 46.76
CA SER B 195 58.08 -19.02 47.69
C SER B 195 58.78 -18.28 48.82
N VAL B 196 59.27 -17.07 48.56
CA VAL B 196 59.75 -16.22 49.65
C VAL B 196 58.58 -15.73 50.48
N GLY B 197 57.45 -15.44 49.83
CA GLY B 197 56.30 -14.93 50.54
C GLY B 197 55.62 -15.93 51.46
N ILE B 198 55.86 -17.23 51.25
CA ILE B 198 55.31 -18.23 52.15
C ILE B 198 56.40 -18.74 53.07
N HIS B 199 57.46 -19.33 52.51
CA HIS B 199 58.52 -19.89 53.33
C HIS B 199 59.44 -18.76 53.75
N LYS B 200 59.20 -18.19 54.92
CA LYS B 200 59.84 -16.95 55.31
C LYS B 200 61.29 -17.19 55.77
N GLU B 201 61.45 -17.93 56.86
CA GLU B 201 62.80 -18.09 57.41
C GLU B 201 63.59 -19.16 56.66
N ASP B 202 62.94 -20.25 56.28
CA ASP B 202 63.65 -21.37 55.69
C ASP B 202 63.84 -21.16 54.20
N ILE B 203 64.97 -21.65 53.69
CA ILE B 203 65.31 -21.53 52.29
C ILE B 203 65.22 -22.86 51.56
N ASP B 204 65.52 -23.98 52.23
CA ASP B 204 65.41 -25.30 51.62
C ASP B 204 63.98 -25.62 51.22
N ALA B 205 63.02 -25.19 52.05
CA ALA B 205 61.62 -25.30 51.67
C ALA B 205 61.27 -24.34 50.54
N ALA B 206 61.98 -23.22 50.43
CA ALA B 206 61.72 -22.30 49.34
C ALA B 206 62.29 -22.78 48.01
N ILE B 207 63.31 -23.63 48.06
CA ILE B 207 63.92 -24.15 46.84
C ILE B 207 63.27 -25.46 46.41
N GLU B 208 62.89 -26.31 47.37
CA GLU B 208 62.05 -27.46 47.04
C GLU B 208 60.67 -27.01 46.60
N THR B 209 60.13 -25.99 47.27
CA THR B 209 58.84 -25.43 46.89
C THR B 209 58.92 -24.70 45.56
N TYR B 210 60.05 -24.02 45.32
CA TYR B 210 60.21 -23.33 44.05
C TYR B 210 60.37 -24.31 42.90
N ASN B 211 61.19 -25.35 43.08
CA ASN B 211 61.44 -26.24 41.96
C ASN B 211 60.24 -27.14 41.71
N LEU B 212 59.59 -27.60 42.78
CA LEU B 212 58.35 -28.35 42.64
C LEU B 212 57.22 -27.47 42.14
N LEU B 213 57.33 -26.15 42.33
CA LEU B 213 56.30 -25.23 41.87
C LEU B 213 56.50 -24.87 40.40
N SER B 214 57.70 -24.42 40.04
CA SER B 214 58.02 -23.99 38.70
C SER B 214 58.18 -25.15 37.73
N GLU B 215 58.31 -26.38 38.22
CA GLU B 215 58.14 -27.55 37.36
C GLU B 215 56.68 -27.92 37.17
N ARG B 216 55.76 -27.03 37.53
CA ARG B 216 54.35 -27.06 37.15
C ARG B 216 53.62 -28.27 37.74
N TRP B 217 54.07 -28.77 38.89
CA TRP B 217 53.40 -29.87 39.53
C TRP B 217 52.11 -29.42 40.19
N PHE B 218 52.21 -28.52 41.17
CA PHE B 218 51.04 -27.90 41.77
C PHE B 218 51.19 -26.40 41.66
N THR B 219 50.08 -25.70 41.80
CA THR B 219 50.06 -24.24 41.86
C THR B 219 49.08 -23.80 42.92
N HIS B 220 49.37 -22.67 43.55
CA HIS B 220 48.49 -22.12 44.56
C HIS B 220 47.29 -21.43 43.91
N ALA B 221 46.40 -20.91 44.74
CA ALA B 221 45.23 -20.20 44.26
C ALA B 221 45.60 -18.79 43.85
N SER B 222 44.63 -18.09 43.28
CA SER B 222 44.90 -16.78 42.70
C SER B 222 45.11 -15.64 43.70
N PRO B 223 44.45 -15.55 44.86
CA PRO B 223 44.89 -14.53 45.83
C PRO B 223 46.25 -14.80 46.42
N THR B 224 46.71 -16.05 46.42
CA THR B 224 48.09 -16.30 46.80
C THR B 224 49.05 -15.74 45.77
N LEU B 225 48.72 -15.88 44.48
CA LEU B 225 49.53 -15.27 43.44
C LEU B 225 49.41 -13.75 43.45
N PHE B 226 48.31 -13.21 43.97
CA PHE B 226 48.19 -11.77 44.09
C PHE B 226 49.08 -11.22 45.18
N ASN B 227 48.96 -11.76 46.39
CA ASN B 227 49.45 -11.05 47.56
C ASN B 227 50.42 -11.91 48.36
N ALA B 228 51.34 -12.58 47.70
CA ALA B 228 52.39 -13.31 48.40
C ALA B 228 53.53 -12.36 48.72
N GLY B 229 53.77 -12.12 49.99
CA GLY B 229 54.87 -11.27 50.39
C GLY B 229 54.67 -9.79 50.12
N THR B 230 53.48 -9.38 49.67
CA THR B 230 53.22 -7.97 49.40
C THR B 230 52.92 -7.25 50.71
N ASN B 231 52.44 -6.02 50.62
CA ASN B 231 52.30 -5.23 51.82
C ASN B 231 51.06 -5.62 52.61
N ARG B 232 50.00 -6.06 51.94
CA ARG B 232 48.78 -6.56 52.58
C ARG B 232 48.66 -8.04 52.26
N PRO B 233 49.31 -8.92 53.00
CA PRO B 233 49.24 -10.33 52.64
C PRO B 233 47.91 -10.95 53.00
N GLN B 234 47.06 -11.14 51.99
CA GLN B 234 45.77 -11.78 52.19
C GLN B 234 45.75 -12.96 51.24
N LEU B 235 46.32 -14.07 51.69
CA LEU B 235 46.53 -15.20 50.81
C LEU B 235 45.31 -16.08 50.67
N SER B 236 44.24 -15.80 51.39
CA SER B 236 43.10 -16.69 51.43
C SER B 236 42.13 -16.42 50.29
N SER B 237 41.38 -17.46 49.93
CA SER B 237 40.43 -17.33 48.84
C SER B 237 39.05 -17.87 49.14
N CYS B 238 38.77 -18.33 50.34
CA CYS B 238 37.45 -18.87 50.66
C CYS B 238 36.91 -18.19 51.92
N PHE B 239 35.74 -17.57 51.80
CA PHE B 239 35.12 -16.85 52.90
C PHE B 239 33.64 -17.18 52.98
N LEU B 240 33.22 -17.63 54.15
CA LEU B 240 31.85 -18.03 54.43
C LEU B 240 31.34 -17.17 55.57
N LEU B 241 30.30 -16.39 55.32
CA LEU B 241 29.75 -15.43 56.27
C LEU B 241 28.27 -15.70 56.45
N SER B 242 27.80 -15.62 57.69
CA SER B 242 26.39 -15.65 58.02
C SER B 242 26.03 -14.33 58.70
N MET B 243 24.73 -14.09 58.81
CA MET B 243 24.27 -12.82 59.37
C MET B 243 24.50 -12.76 60.87
N LYS B 244 24.97 -11.61 61.34
CA LYS B 244 25.13 -11.42 62.77
C LYS B 244 23.79 -11.38 63.48
N ASP B 245 22.79 -10.78 62.86
CA ASP B 245 21.53 -10.50 63.52
C ASP B 245 20.47 -10.26 62.46
N ASP B 246 19.22 -10.45 62.84
CA ASP B 246 18.09 -10.06 62.00
C ASP B 246 17.64 -8.66 62.34
N SER B 247 18.57 -7.72 62.35
CA SER B 247 18.29 -6.32 62.60
C SER B 247 19.02 -5.50 61.56
N ILE B 248 18.82 -4.19 61.59
CA ILE B 248 19.56 -3.31 60.70
C ILE B 248 21.04 -3.33 61.05
N GLU B 249 21.36 -3.43 62.34
CA GLU B 249 22.76 -3.45 62.76
C GLU B 249 23.46 -4.72 62.27
N GLY B 250 22.75 -5.85 62.29
CA GLY B 250 23.35 -7.07 61.79
C GLY B 250 23.50 -7.08 60.28
N ILE B 251 22.50 -6.53 59.58
CA ILE B 251 22.54 -6.53 58.12
C ILE B 251 23.64 -5.62 57.61
N TYR B 252 23.74 -4.43 58.18
CA TYR B 252 24.76 -3.53 57.68
C TYR B 252 26.14 -3.79 58.25
N ASP B 253 26.25 -4.47 59.40
CA ASP B 253 27.58 -4.91 59.82
C ASP B 253 28.06 -6.07 58.97
N THR B 254 27.15 -6.95 58.55
CA THR B 254 27.52 -8.00 57.63
C THR B 254 27.88 -7.43 56.27
N LEU B 255 27.18 -6.37 55.86
CA LEU B 255 27.53 -5.65 54.64
C LEU B 255 28.91 -5.02 54.74
N LYS B 256 29.27 -4.52 55.92
CA LYS B 256 30.62 -3.99 56.12
C LYS B 256 31.68 -5.08 55.99
N GLN B 257 31.44 -6.25 56.60
CA GLN B 257 32.43 -7.32 56.53
C GLN B 257 32.57 -7.84 55.10
N CYS B 258 31.46 -7.94 54.36
CA CYS B 258 31.56 -8.33 52.97
C CYS B 258 32.26 -7.28 52.13
N ALA B 259 32.18 -6.01 52.53
CA ALA B 259 32.90 -4.98 51.80
C ALA B 259 34.40 -5.09 52.01
N LEU B 260 34.84 -5.30 53.26
CA LEU B 260 36.28 -5.40 53.51
C LEU B 260 36.87 -6.68 52.93
N ILE B 261 36.15 -7.79 53.05
CA ILE B 261 36.65 -9.04 52.53
C ILE B 261 36.69 -9.02 51.00
N SER B 262 35.67 -8.43 50.38
CA SER B 262 35.73 -8.26 48.93
C SER B 262 36.74 -7.22 48.50
N LYS B 263 37.18 -6.34 49.41
CA LYS B 263 38.33 -5.50 49.08
C LYS B 263 39.59 -6.32 49.01
N SER B 264 39.83 -7.20 49.98
CA SER B 264 41.13 -7.87 50.02
C SER B 264 41.15 -9.15 49.21
N ALA B 265 40.35 -9.21 48.14
CA ALA B 265 40.35 -10.27 47.12
C ALA B 265 40.05 -11.64 47.72
N GLY B 266 38.80 -11.78 48.19
CA GLY B 266 38.27 -13.05 48.63
C GLY B 266 36.99 -13.40 47.91
N GLY B 267 36.49 -14.59 48.21
CA GLY B 267 35.22 -15.03 47.67
C GLY B 267 34.22 -15.26 48.78
N ILE B 268 33.03 -14.67 48.68
CA ILE B 268 32.15 -14.54 49.83
C ILE B 268 30.85 -15.28 49.56
N GLY B 269 30.54 -16.24 50.41
CA GLY B 269 29.24 -16.89 50.41
C GLY B 269 28.49 -16.60 51.68
N VAL B 270 27.24 -16.16 51.56
CA VAL B 270 26.51 -15.59 52.69
C VAL B 270 25.28 -16.43 52.96
N ALA B 271 25.07 -16.80 54.21
CA ALA B 271 23.87 -17.52 54.63
C ALA B 271 22.79 -16.50 55.00
N VAL B 272 21.75 -16.38 54.18
CA VAL B 272 20.78 -15.32 54.40
C VAL B 272 19.47 -16.00 54.80
N SER B 273 19.60 -17.06 55.59
CA SER B 273 18.41 -17.80 56.00
C SER B 273 17.60 -17.04 57.04
N CYS B 274 18.27 -16.30 57.93
CA CYS B 274 17.63 -15.84 59.17
C CYS B 274 17.13 -14.41 59.09
N ILE B 275 16.62 -13.98 57.95
CA ILE B 275 16.02 -12.66 57.80
C ILE B 275 14.52 -12.86 57.65
N ARG B 276 13.73 -12.07 58.39
CA ARG B 276 12.29 -12.22 58.39
C ARG B 276 11.71 -11.78 57.05
N ALA B 277 10.56 -12.35 56.71
CA ALA B 277 10.04 -12.28 55.37
C ALA B 277 9.13 -11.07 55.19
N THR B 278 8.45 -11.01 54.06
CA THR B 278 7.60 -9.88 53.74
C THR B 278 6.33 -9.91 54.59
N GLY B 279 6.07 -8.81 55.29
CA GLY B 279 4.82 -8.64 55.99
C GLY B 279 4.88 -8.89 57.48
N SER B 280 5.99 -9.42 57.98
CA SER B 280 6.11 -9.68 59.42
C SER B 280 6.19 -8.37 60.19
N TYR B 281 5.66 -8.40 61.41
CA TYR B 281 5.55 -7.19 62.20
C TYR B 281 6.91 -6.80 62.76
N ILE B 282 7.16 -5.50 62.82
CA ILE B 282 8.41 -4.96 63.31
C ILE B 282 8.10 -4.23 64.60
N ALA B 283 8.61 -4.74 65.73
CA ALA B 283 8.24 -4.21 67.03
C ALA B 283 8.84 -2.86 67.33
N GLY B 284 9.84 -2.43 66.57
CA GLY B 284 10.47 -1.16 66.85
C GLY B 284 9.71 0.02 66.31
N THR B 285 9.31 -0.05 65.05
CA THR B 285 8.70 1.08 64.36
C THR B 285 7.29 0.78 63.87
N ASN B 286 6.67 -0.30 64.37
CA ASN B 286 5.25 -0.63 64.19
C ASN B 286 4.88 -0.84 62.73
N GLY B 287 5.83 -1.16 61.87
CA GLY B 287 5.58 -1.39 60.48
C GLY B 287 5.74 -2.84 60.09
N ASN B 288 5.84 -3.08 58.79
CA ASN B 288 6.00 -4.42 58.26
C ASN B 288 7.20 -4.43 57.32
N SER B 289 7.95 -5.52 57.34
CA SER B 289 9.13 -5.64 56.50
C SER B 289 8.74 -5.81 55.04
N ASN B 290 9.65 -5.42 54.16
CA ASN B 290 9.47 -5.62 52.73
C ASN B 290 10.13 -6.90 52.25
N GLY B 291 10.80 -7.63 53.13
CA GLY B 291 11.32 -8.93 52.78
C GLY B 291 12.80 -8.95 52.47
N LEU B 292 13.17 -9.75 51.46
CA LEU B 292 14.55 -9.93 51.09
C LEU B 292 14.95 -9.22 49.81
N VAL B 293 13.99 -8.86 48.96
CA VAL B 293 14.29 -8.38 47.61
C VAL B 293 15.04 -7.04 47.59
N PRO B 294 14.65 -5.99 48.35
CA PRO B 294 15.50 -4.80 48.32
C PRO B 294 16.81 -4.98 49.05
N MET B 295 16.86 -5.86 50.05
CA MET B 295 18.10 -6.16 50.75
C MET B 295 19.14 -6.80 49.83
N LEU B 296 18.73 -7.83 49.10
CA LEU B 296 19.60 -8.42 48.11
C LEU B 296 19.85 -7.49 46.94
N ARG B 297 19.02 -6.47 46.74
CA ARG B 297 19.35 -5.45 45.76
C ARG B 297 20.48 -4.54 46.27
N VAL B 298 20.52 -4.29 47.58
CA VAL B 298 21.65 -3.56 48.18
C VAL B 298 22.93 -4.37 48.04
N TYR B 299 22.84 -5.68 48.28
CA TYR B 299 24.00 -6.53 48.02
C TYR B 299 24.35 -6.61 46.55
N ASN B 300 23.40 -6.36 45.65
CA ASN B 300 23.72 -6.30 44.23
C ASN B 300 24.61 -5.10 43.94
N ASN B 301 24.23 -3.91 44.41
CA ASN B 301 25.10 -2.77 44.14
C ASN B 301 26.44 -2.86 44.88
N THR B 302 26.47 -3.52 46.04
CA THR B 302 27.76 -3.70 46.70
C THR B 302 28.63 -4.67 45.91
N ALA B 303 28.02 -5.67 45.28
CA ALA B 303 28.80 -6.56 44.43
C ALA B 303 29.29 -5.85 43.18
N ARG B 304 28.60 -4.80 42.73
CA ARG B 304 29.14 -4.05 41.61
C ARG B 304 30.26 -3.09 42.04
N TYR B 305 30.15 -2.48 43.22
CA TYR B 305 31.06 -1.40 43.57
C TYR B 305 32.45 -1.93 43.91
N VAL B 306 32.56 -2.73 44.96
CA VAL B 306 33.86 -3.21 45.42
C VAL B 306 34.33 -4.30 44.47
N ASP B 307 35.52 -4.12 43.90
CA ASP B 307 36.14 -5.16 43.08
C ASP B 307 37.25 -5.82 43.86
N GLN B 308 37.54 -7.08 43.53
CA GLN B 308 38.54 -7.84 44.26
C GLN B 308 39.93 -7.37 43.86
N GLY B 309 40.67 -6.83 44.82
CA GLY B 309 42.01 -6.36 44.54
C GLY B 309 42.00 -5.10 43.69
N GLY B 310 42.99 -5.01 42.80
CA GLY B 310 43.08 -3.86 41.92
C GLY B 310 42.30 -4.07 40.64
N ASN B 311 40.97 -4.21 40.77
CA ASN B 311 40.04 -4.45 39.66
C ASN B 311 40.40 -5.70 38.87
N LYS B 312 41.00 -6.69 39.52
CA LYS B 312 41.54 -7.83 38.80
C LYS B 312 40.47 -8.85 38.45
N ARG B 313 39.41 -8.92 39.24
CA ARG B 313 38.19 -9.64 38.90
C ARG B 313 37.07 -9.07 39.75
N PRO B 314 35.84 -9.01 39.23
CA PRO B 314 34.76 -8.35 39.97
C PRO B 314 34.36 -9.13 41.21
N GLY B 315 34.01 -8.39 42.26
CA GLY B 315 33.64 -9.01 43.52
C GLY B 315 32.30 -9.67 43.39
N ALA B 316 32.23 -10.97 43.66
CA ALA B 316 31.01 -11.73 43.49
C ALA B 316 30.57 -12.31 44.83
N PHE B 317 29.26 -12.35 45.02
CA PHE B 317 28.65 -12.82 46.26
C PHE B 317 27.76 -14.02 45.96
N ALA B 318 27.81 -15.00 46.84
CA ALA B 318 26.84 -16.08 46.83
C ALA B 318 25.81 -15.83 47.92
N ILE B 319 24.55 -16.09 47.61
CA ILE B 319 23.45 -15.91 48.54
C ILE B 319 22.79 -17.27 48.73
N TYR B 320 22.87 -17.81 49.93
CA TYR B 320 22.29 -19.11 50.19
C TYR B 320 20.99 -18.94 50.96
N LEU B 321 19.96 -19.65 50.50
CA LEU B 321 18.66 -19.60 51.15
C LEU B 321 18.12 -21.02 51.28
N GLU B 322 17.58 -21.34 52.45
CA GLU B 322 16.88 -22.61 52.61
C GLU B 322 15.46 -22.48 52.06
N PRO B 323 14.92 -23.54 51.45
CA PRO B 323 13.68 -23.39 50.68
C PRO B 323 12.43 -23.18 51.50
N TRP B 324 12.47 -23.32 52.81
CA TRP B 324 11.26 -23.10 53.58
C TRP B 324 10.94 -21.63 53.82
N HIS B 325 11.83 -20.71 53.44
CA HIS B 325 11.59 -19.30 53.68
C HIS B 325 10.50 -18.77 52.77
N LEU B 326 9.76 -17.79 53.26
CA LEU B 326 8.54 -17.36 52.59
C LEU B 326 8.82 -16.60 51.30
N ASP B 327 9.94 -15.91 51.21
CA ASP B 327 10.25 -15.10 50.03
C ASP B 327 10.89 -15.90 48.92
N ILE B 328 10.69 -17.22 48.90
CA ILE B 328 11.44 -18.10 48.01
C ILE B 328 11.05 -17.89 46.55
N PHE B 329 9.82 -17.47 46.26
CA PHE B 329 9.43 -17.30 44.88
C PHE B 329 10.03 -16.05 44.25
N GLU B 330 10.00 -14.93 44.97
CA GLU B 330 10.69 -13.74 44.51
C GLU B 330 12.20 -13.90 44.56
N PHE B 331 12.70 -14.80 45.42
CA PHE B 331 14.12 -15.13 45.41
C PHE B 331 14.50 -15.88 44.15
N LEU B 332 13.65 -16.79 43.70
CA LEU B 332 13.97 -17.55 42.51
C LEU B 332 13.76 -16.75 41.24
N ASP B 333 12.83 -15.79 41.26
CA ASP B 333 12.60 -14.94 40.09
C ASP B 333 13.49 -13.70 40.08
N LEU B 334 14.64 -13.76 40.74
CA LEU B 334 15.42 -12.56 41.00
C LEU B 334 16.61 -12.40 40.08
N LYS B 335 17.25 -13.49 39.67
CA LYS B 335 18.33 -13.42 38.69
C LYS B 335 17.76 -13.82 37.34
N LYS B 336 17.12 -12.86 36.68
CA LYS B 336 16.60 -13.09 35.34
C LYS B 336 17.01 -11.95 34.43
N ASN B 337 16.45 -11.91 33.23
CA ASN B 337 16.78 -10.88 32.26
C ASN B 337 15.68 -9.85 32.07
N THR B 338 14.43 -10.28 32.09
CA THR B 338 13.30 -9.39 31.85
C THR B 338 12.73 -8.92 33.18
N GLY B 339 11.58 -8.27 33.11
CA GLY B 339 10.93 -7.76 34.30
C GLY B 339 11.34 -6.35 34.63
N LYS B 340 10.81 -5.85 35.74
CA LYS B 340 11.23 -4.55 36.23
C LYS B 340 12.65 -4.62 36.77
N GLU B 341 13.36 -3.50 36.67
CA GLU B 341 14.76 -3.50 37.09
C GLU B 341 14.87 -3.48 38.61
N GLU B 342 13.92 -2.87 39.31
CA GLU B 342 13.98 -2.78 40.76
C GLU B 342 13.58 -4.08 41.45
N GLN B 343 13.25 -5.13 40.72
CA GLN B 343 12.93 -6.42 41.29
C GLN B 343 13.89 -7.50 40.77
N ARG B 344 15.08 -7.09 40.38
CA ARG B 344 16.10 -8.00 39.88
C ARG B 344 17.44 -7.65 40.51
N ALA B 345 18.19 -8.67 40.89
CA ALA B 345 19.55 -8.50 41.39
C ALA B 345 20.41 -9.54 40.68
N ARG B 346 20.95 -9.18 39.52
CA ARG B 346 21.49 -10.17 38.62
C ARG B 346 23.01 -10.26 38.62
N ASP B 347 23.71 -9.41 39.36
CA ASP B 347 25.15 -9.56 39.52
C ASP B 347 25.52 -10.27 40.79
N LEU B 348 24.69 -11.20 41.24
CA LEU B 348 24.97 -12.05 42.38
C LEU B 348 25.01 -13.50 41.90
N PHE B 349 25.12 -14.43 42.84
CA PHE B 349 25.01 -15.84 42.52
C PHE B 349 24.15 -16.51 43.58
N PHE B 350 23.04 -17.09 43.15
CA PHE B 350 22.01 -17.56 44.05
C PHE B 350 22.10 -19.07 44.25
N ALA B 351 21.76 -19.52 45.45
CA ALA B 351 21.87 -20.95 45.72
C ALA B 351 20.88 -21.39 46.78
N LEU B 352 20.34 -22.58 46.58
CA LEU B 352 19.39 -23.18 47.49
C LEU B 352 20.10 -24.22 48.36
N TRP B 353 19.84 -24.15 49.66
CA TRP B 353 20.45 -25.04 50.64
C TRP B 353 19.34 -25.98 51.11
N ILE B 354 19.13 -27.04 50.34
CA ILE B 354 17.89 -27.83 50.41
C ILE B 354 18.03 -28.97 51.42
N PRO B 355 17.07 -29.14 52.33
CA PRO B 355 17.08 -30.31 53.22
C PRO B 355 16.47 -31.53 52.55
N ASP B 356 16.32 -32.62 53.28
CA ASP B 356 15.71 -33.80 52.69
C ASP B 356 14.19 -33.71 52.58
N LEU B 357 13.56 -32.85 53.37
CA LEU B 357 12.11 -32.81 53.38
C LEU B 357 11.55 -32.24 52.09
N PHE B 358 12.22 -31.26 51.49
CA PHE B 358 11.73 -30.78 50.21
C PHE B 358 11.95 -31.82 49.12
N MET B 359 12.97 -32.67 49.28
CA MET B 359 13.16 -33.78 48.37
C MET B 359 12.02 -34.78 48.49
N LYS B 360 11.62 -35.10 49.72
CA LYS B 360 10.57 -36.09 49.93
C LYS B 360 9.21 -35.56 49.53
N ARG B 361 8.94 -34.28 49.78
CA ARG B 361 7.65 -33.72 49.40
C ARG B 361 7.54 -33.49 47.91
N VAL B 362 8.66 -33.21 47.22
CA VAL B 362 8.59 -33.22 45.76
C VAL B 362 8.45 -34.64 45.24
N GLU B 363 9.02 -35.61 45.98
CA GLU B 363 9.00 -37.00 45.55
C GLU B 363 7.59 -37.57 45.49
N THR B 364 6.78 -37.30 46.52
CA THR B 364 5.45 -37.90 46.60
C THR B 364 4.33 -36.87 46.45
N ASN B 365 4.62 -35.73 45.80
CA ASN B 365 3.62 -34.73 45.36
C ASN B 365 2.84 -34.14 46.53
N GLN B 366 3.43 -34.10 47.72
CA GLN B 366 2.70 -33.62 48.88
C GLN B 366 2.82 -32.10 48.95
N ASP B 367 2.43 -31.52 50.08
CA ASP B 367 2.44 -30.09 50.25
C ASP B 367 3.66 -29.64 51.05
N TRP B 368 3.83 -28.33 51.13
CA TRP B 368 5.04 -27.74 51.67
C TRP B 368 4.67 -26.44 52.37
N SER B 369 5.31 -26.18 53.50
CA SER B 369 4.92 -25.09 54.39
C SER B 369 5.96 -23.98 54.34
N LEU B 370 5.64 -22.91 53.63
CA LEU B 370 6.48 -21.72 53.62
C LEU B 370 6.14 -20.86 54.82
N MET B 371 7.13 -20.64 55.68
CA MET B 371 6.95 -19.92 56.93
C MET B 371 7.93 -18.75 57.00
N CYS B 372 7.90 -18.04 58.13
CA CYS B 372 8.74 -16.89 58.39
C CYS B 372 9.59 -17.13 59.62
N PRO B 373 10.91 -16.90 59.55
CA PRO B 373 11.77 -17.26 60.67
C PRO B 373 11.65 -16.34 61.88
N ASN B 374 10.84 -15.30 61.82
CA ASN B 374 10.47 -14.61 63.05
C ASN B 374 9.38 -15.38 63.77
N GLU B 375 8.43 -15.95 63.02
CA GLU B 375 7.37 -16.73 63.62
C GLU B 375 7.90 -18.06 64.13
N CYS B 376 8.77 -18.72 63.38
CA CYS B 376 9.28 -20.04 63.69
C CYS B 376 10.80 -19.93 63.88
N PRO B 377 11.25 -19.57 65.06
CA PRO B 377 12.65 -19.24 65.25
C PRO B 377 13.53 -20.44 65.51
N GLY B 378 14.79 -20.30 65.13
CA GLY B 378 15.81 -21.30 65.41
C GLY B 378 15.67 -22.55 64.58
N LEU B 379 15.52 -22.39 63.26
CA LEU B 379 15.23 -23.52 62.39
C LEU B 379 16.44 -23.97 61.56
N ASP B 380 17.20 -23.03 60.99
CA ASP B 380 18.30 -23.39 60.10
C ASP B 380 19.48 -24.03 60.83
N GLU B 381 19.53 -23.93 62.14
CA GLU B 381 20.57 -24.55 62.94
C GLU B 381 20.28 -26.01 63.26
N VAL B 382 19.28 -26.59 62.62
CA VAL B 382 18.80 -27.92 62.93
C VAL B 382 18.69 -28.70 61.63
N TRP B 383 19.31 -29.87 61.58
CA TRP B 383 19.37 -30.67 60.36
C TRP B 383 18.84 -32.08 60.60
N GLY B 384 18.45 -32.73 59.52
CA GLY B 384 18.12 -34.14 59.56
C GLY B 384 16.77 -34.49 60.17
N GLU B 385 16.76 -35.55 60.96
CA GLU B 385 15.53 -36.01 61.61
C GLU B 385 15.02 -34.99 62.61
N GLU B 386 15.92 -34.25 63.25
CA GLU B 386 15.50 -33.20 64.17
C GLU B 386 14.82 -32.07 63.42
N PHE B 387 15.31 -31.75 62.21
CA PHE B 387 14.61 -30.81 61.35
C PHE B 387 13.28 -31.35 60.90
N GLU B 388 13.17 -32.68 60.73
CA GLU B 388 11.88 -33.26 60.36
C GLU B 388 10.89 -33.13 61.51
N LYS B 389 11.37 -33.28 62.74
CA LYS B 389 10.49 -33.19 63.91
C LYS B 389 10.09 -31.77 64.19
N LEU B 390 11.03 -30.83 64.11
CA LEU B 390 10.72 -29.43 64.40
C LEU B 390 9.86 -28.84 63.29
N TYR B 391 10.17 -29.20 62.04
CA TYR B 391 9.37 -28.72 60.92
C TYR B 391 7.98 -29.33 60.93
N ALA B 392 7.85 -30.57 61.37
CA ALA B 392 6.52 -31.14 61.50
C ALA B 392 5.75 -30.51 62.65
N SER B 393 6.45 -30.12 63.72
CA SER B 393 5.74 -29.53 64.86
C SER B 393 5.29 -28.12 64.56
N TYR B 394 6.08 -27.34 63.82
CA TYR B 394 5.55 -26.06 63.34
C TYR B 394 4.54 -26.26 62.23
N GLU B 395 4.63 -27.37 61.49
CA GLU B 395 3.65 -27.64 60.45
C GLU B 395 2.31 -28.07 61.04
N LYS B 396 2.32 -28.52 62.29
CA LYS B 396 1.10 -28.94 62.98
C LYS B 396 0.34 -27.75 63.55
N GLN B 397 1.05 -26.79 64.15
CA GLN B 397 0.39 -25.75 64.93
C GLN B 397 -0.33 -24.71 64.08
N GLY B 398 -0.17 -24.74 62.76
CA GLY B 398 -0.78 -23.71 61.95
C GLY B 398 -0.10 -22.37 62.05
N ARG B 399 1.14 -22.33 62.53
CA ARG B 399 1.90 -21.09 62.63
C ARG B 399 2.48 -20.69 61.28
N VAL B 400 2.47 -21.58 60.30
CA VAL B 400 3.00 -21.32 58.97
C VAL B 400 2.17 -20.27 58.27
N ARG B 401 2.68 -19.70 57.18
CA ARG B 401 1.97 -18.62 56.53
C ARG B 401 1.44 -18.98 55.15
N LYS B 402 2.18 -19.78 54.38
CA LYS B 402 1.69 -20.19 53.08
C LYS B 402 1.92 -21.68 52.94
N VAL B 403 1.02 -22.35 52.20
CA VAL B 403 1.15 -23.76 51.88
C VAL B 403 1.15 -23.88 50.36
N VAL B 404 2.24 -24.39 49.82
CA VAL B 404 2.41 -24.54 48.38
C VAL B 404 2.68 -26.00 48.07
N LYS B 405 2.05 -26.51 47.03
CA LYS B 405 2.36 -27.85 46.53
C LYS B 405 3.81 -27.91 46.08
N ALA B 406 4.50 -28.98 46.48
CA ALA B 406 5.96 -29.04 46.38
C ALA B 406 6.43 -29.13 44.93
N GLN B 407 5.67 -29.81 44.07
CA GLN B 407 6.06 -29.91 42.67
C GLN B 407 5.89 -28.60 41.93
N GLN B 408 5.09 -27.67 42.45
CA GLN B 408 5.01 -26.34 41.85
C GLN B 408 6.31 -25.57 42.08
N LEU B 409 6.83 -25.60 43.30
CA LEU B 409 8.10 -24.95 43.59
C LEU B 409 9.25 -25.64 42.90
N TRP B 410 9.17 -26.97 42.75
CA TRP B 410 10.17 -27.69 41.98
C TRP B 410 10.12 -27.29 40.50
N TYR B 411 8.91 -27.05 39.97
CA TYR B 411 8.78 -26.52 38.62
C TYR B 411 9.35 -25.11 38.51
N ALA B 412 9.26 -24.31 39.58
CA ALA B 412 9.86 -22.99 39.55
C ALA B 412 11.39 -23.07 39.57
N ILE B 413 11.93 -24.02 40.33
CA ILE B 413 13.37 -24.25 40.36
C ILE B 413 13.88 -24.66 39.00
N ILE B 414 13.16 -25.56 38.32
CA ILE B 414 13.60 -25.98 37.00
C ILE B 414 13.39 -24.87 35.97
N GLU B 415 12.43 -23.98 36.19
CA GLU B 415 12.34 -22.80 35.32
C GLU B 415 13.55 -21.90 35.50
N SER B 416 14.01 -21.72 36.74
CA SER B 416 15.13 -20.82 36.98
C SER B 416 16.44 -21.42 36.48
N GLN B 417 16.68 -22.71 36.76
CA GLN B 417 17.90 -23.36 36.28
C GLN B 417 17.88 -23.52 34.78
N THR B 418 16.70 -23.73 34.20
CA THR B 418 16.56 -23.79 32.75
C THR B 418 16.87 -22.44 32.13
N GLU B 419 16.44 -21.36 32.77
CA GLU B 419 16.63 -20.04 32.15
C GLU B 419 18.06 -19.54 32.30
N THR B 420 18.60 -19.56 33.52
CA THR B 420 19.90 -18.95 33.75
C THR B 420 20.96 -19.90 34.30
N GLY B 421 20.58 -21.01 34.91
CA GLY B 421 21.52 -21.88 35.58
C GLY B 421 21.63 -21.64 37.07
N THR B 422 21.32 -20.55 37.48
CA THR B 422 21.10 -20.33 38.90
C THR B 422 19.66 -20.70 39.24
N PRO B 423 19.37 -21.20 40.45
CA PRO B 423 20.19 -21.40 41.65
C PRO B 423 21.10 -22.59 41.59
N TYR B 424 22.13 -22.58 42.43
CA TYR B 424 22.85 -23.80 42.70
C TYR B 424 21.99 -24.65 43.61
N MET B 425 22.35 -25.91 43.75
CA MET B 425 21.61 -26.79 44.64
C MET B 425 22.58 -27.55 45.53
N LEU B 426 22.47 -27.34 46.83
CA LEU B 426 23.24 -28.13 47.77
C LEU B 426 22.27 -28.85 48.69
N TYR B 427 22.75 -29.91 49.32
CA TYR B 427 21.89 -30.77 50.12
C TYR B 427 22.28 -30.64 51.58
N LYS B 428 21.35 -30.17 52.39
CA LYS B 428 21.64 -29.71 53.75
C LYS B 428 22.03 -30.87 54.66
N ASP B 429 21.21 -31.91 54.69
CA ASP B 429 21.46 -33.02 55.60
C ASP B 429 22.63 -33.86 55.15
N SER B 430 22.88 -33.90 53.84
CA SER B 430 24.03 -34.64 53.31
C SER B 430 25.34 -33.97 53.72
N CYS B 431 25.38 -32.63 53.71
CA CYS B 431 26.57 -31.92 54.11
C CYS B 431 26.75 -31.93 55.63
N ASN B 432 25.66 -31.73 56.36
CA ASN B 432 25.73 -31.73 57.82
C ASN B 432 26.04 -33.12 58.39
N ARG B 433 25.75 -34.17 57.63
CA ARG B 433 25.98 -35.52 58.13
C ARG B 433 27.39 -36.01 57.87
N LYS B 434 28.00 -35.58 56.78
CA LYS B 434 29.24 -36.18 56.29
C LYS B 434 30.40 -35.22 56.36
N SER B 435 30.53 -34.49 57.46
CA SER B 435 31.61 -33.52 57.63
C SER B 435 32.28 -33.73 58.97
N ASN B 436 33.53 -33.28 59.03
CA ASN B 436 34.34 -33.47 60.24
C ASN B 436 34.06 -32.40 61.29
N GLN B 437 33.26 -31.38 60.95
CA GLN B 437 32.91 -30.33 61.90
C GLN B 437 31.50 -30.51 62.46
N GLN B 438 31.11 -31.76 62.71
CA GLN B 438 29.81 -32.03 63.33
C GLN B 438 29.74 -31.56 64.77
N ASN B 439 30.87 -31.56 65.49
CA ASN B 439 30.85 -31.24 66.91
C ASN B 439 30.57 -29.78 67.19
N LEU B 440 30.68 -28.91 66.19
CA LEU B 440 30.49 -27.49 66.40
C LEU B 440 29.01 -27.11 66.38
N GLY B 441 28.24 -27.70 65.48
CA GLY B 441 26.86 -27.30 65.31
C GLY B 441 26.32 -27.67 63.95
N THR B 442 25.77 -26.69 63.25
CA THR B 442 25.12 -26.92 61.98
C THR B 442 25.79 -26.06 60.91
N ILE B 443 26.25 -26.70 59.84
CA ILE B 443 26.87 -25.97 58.75
C ILE B 443 25.79 -25.25 57.97
N LYS B 444 25.84 -23.92 57.98
CA LYS B 444 24.76 -23.15 57.38
C LYS B 444 24.96 -23.02 55.87
N CYS B 445 26.16 -22.64 55.43
CA CYS B 445 26.38 -22.25 54.05
C CYS B 445 27.71 -22.79 53.56
N SER B 446 28.14 -22.28 52.42
CA SER B 446 29.33 -22.71 51.70
C SER B 446 29.80 -21.53 50.86
N ASN B 447 30.93 -21.69 50.19
CA ASN B 447 31.51 -20.55 49.49
C ASN B 447 30.84 -20.32 48.15
N LEU B 448 31.46 -19.47 47.33
CA LEU B 448 30.89 -19.09 46.04
C LEU B 448 30.92 -20.25 45.06
N CYS B 449 32.02 -20.99 45.00
CA CYS B 449 32.17 -22.05 44.02
C CYS B 449 31.74 -23.41 44.55
N THR B 450 31.11 -23.44 45.73
CA THR B 450 30.44 -24.62 46.31
C THR B 450 31.37 -25.81 46.48
N GLU B 451 32.49 -25.59 47.15
CA GLU B 451 33.36 -26.69 47.49
C GLU B 451 33.85 -26.64 48.93
N ILE B 452 33.65 -25.54 49.63
CA ILE B 452 34.11 -25.40 51.00
C ILE B 452 32.89 -25.47 51.90
N VAL B 453 32.75 -26.55 52.64
CA VAL B 453 31.61 -26.76 53.51
C VAL B 453 32.14 -26.70 54.94
N GLU B 454 32.03 -25.54 55.59
CA GLU B 454 32.59 -25.32 56.92
C GLU B 454 31.57 -24.62 57.81
N TYR B 455 31.86 -24.64 59.10
CA TYR B 455 30.98 -24.05 60.11
C TYR B 455 31.12 -22.54 60.17
N THR B 456 29.99 -21.84 60.11
CA THR B 456 29.91 -20.40 60.27
C THR B 456 29.12 -20.07 61.54
N SER B 457 29.34 -18.88 62.06
CA SER B 457 28.59 -18.45 63.24
C SER B 457 28.52 -16.94 63.25
N LYS B 458 28.00 -16.39 64.35
CA LYS B 458 28.07 -14.96 64.57
C LYS B 458 29.49 -14.54 64.92
N ASP B 459 30.25 -15.43 65.54
CA ASP B 459 31.60 -15.13 66.00
C ASP B 459 32.67 -15.66 65.05
N GLU B 460 32.46 -16.81 64.44
CA GLU B 460 33.46 -17.43 63.58
C GLU B 460 33.05 -17.25 62.13
N VAL B 461 33.86 -16.52 61.38
CA VAL B 461 33.70 -16.36 59.94
C VAL B 461 34.66 -17.32 59.25
N ALA B 462 34.14 -18.19 58.39
CA ALA B 462 34.94 -19.32 57.93
C ALA B 462 35.88 -18.90 56.81
N VAL B 463 37.14 -19.27 56.94
CA VAL B 463 38.20 -18.93 56.00
C VAL B 463 38.87 -20.22 55.57
N CYS B 464 39.05 -20.40 54.27
CA CYS B 464 39.79 -21.57 53.81
C CYS B 464 40.74 -21.20 52.68
N ASN B 465 41.93 -21.81 52.72
CA ASN B 465 42.97 -21.65 51.72
C ASN B 465 42.90 -22.77 50.70
N LEU B 466 43.47 -22.51 49.53
CA LEU B 466 43.36 -23.44 48.42
C LEU B 466 44.73 -23.74 47.83
N ALA B 467 44.82 -24.88 47.16
CA ALA B 467 46.02 -25.29 46.44
C ALA B 467 45.61 -26.33 45.42
N SER B 468 45.83 -26.03 44.15
CA SER B 468 45.39 -26.89 43.06
C SER B 468 46.58 -27.68 42.53
N LEU B 469 46.52 -29.00 42.67
CA LEU B 469 47.50 -29.86 42.03
C LEU B 469 47.08 -30.18 40.61
N ALA B 470 48.02 -30.13 39.69
CA ALA B 470 47.77 -30.68 38.37
C ALA B 470 47.90 -32.19 38.42
N LEU B 471 47.51 -32.83 37.33
CA LEU B 471 47.52 -34.28 37.30
C LEU B 471 48.43 -34.83 36.21
N ASN B 472 48.34 -34.29 35.00
CA ASN B 472 49.00 -34.84 33.83
C ASN B 472 50.52 -34.72 33.86
N MET B 473 51.09 -33.98 34.81
CA MET B 473 52.53 -33.99 34.97
C MET B 473 53.02 -35.27 35.64
N TYR B 474 52.11 -36.01 36.29
CA TYR B 474 52.47 -37.23 37.01
C TYR B 474 52.49 -38.47 36.14
N VAL B 475 51.93 -38.41 34.93
CA VAL B 475 51.81 -39.59 34.08
C VAL B 475 53.18 -39.92 33.50
N THR B 476 53.68 -41.12 33.81
CA THR B 476 54.97 -41.56 33.28
C THR B 476 54.84 -41.97 31.82
N SER B 477 55.98 -42.29 31.21
CA SER B 477 56.02 -42.65 29.80
C SER B 477 55.50 -44.05 29.55
N GLU B 478 55.39 -44.86 30.59
CA GLU B 478 54.91 -46.24 30.49
C GLU B 478 53.40 -46.32 30.34
N HIS B 479 52.71 -45.17 30.42
CA HIS B 479 51.24 -45.05 30.53
C HIS B 479 50.70 -45.80 31.72
N THR B 480 51.50 -45.87 32.78
CA THR B 480 51.08 -46.35 34.09
C THR B 480 51.30 -45.21 35.07
N TYR B 481 50.26 -44.89 35.84
CA TYR B 481 50.25 -43.65 36.59
C TYR B 481 51.15 -43.77 37.82
N ASP B 482 51.76 -42.66 38.19
CA ASP B 482 52.69 -42.61 39.31
C ASP B 482 51.90 -42.26 40.56
N PHE B 483 51.83 -43.19 41.50
CA PHE B 483 51.10 -42.94 42.74
C PHE B 483 51.99 -42.43 43.85
N LYS B 484 53.21 -42.95 43.96
CA LYS B 484 54.09 -42.65 45.09
C LYS B 484 54.62 -41.22 45.04
N LYS B 485 54.67 -40.61 43.86
CA LYS B 485 55.06 -39.21 43.78
C LYS B 485 53.95 -38.29 44.25
N LEU B 486 52.69 -38.67 43.98
CA LEU B 486 51.56 -37.78 44.21
C LEU B 486 51.33 -37.53 45.69
N ALA B 487 51.48 -38.58 46.51
CA ALA B 487 51.38 -38.40 47.96
C ALA B 487 52.52 -37.55 48.50
N GLU B 488 53.69 -37.63 47.88
CA GLU B 488 54.85 -36.89 48.35
C GLU B 488 54.68 -35.40 48.07
N VAL B 489 54.25 -35.05 46.86
CA VAL B 489 53.96 -33.66 46.55
C VAL B 489 52.79 -33.16 47.38
N THR B 490 51.82 -34.04 47.68
CA THR B 490 50.73 -33.68 48.57
C THR B 490 51.23 -33.35 49.97
N LYS B 491 52.26 -34.05 50.44
CA LYS B 491 52.88 -33.70 51.72
C LYS B 491 53.52 -32.32 51.67
N VAL B 492 54.19 -32.00 50.57
CA VAL B 492 54.79 -30.68 50.43
C VAL B 492 53.70 -29.60 50.39
N VAL B 493 52.57 -29.89 49.75
CA VAL B 493 51.46 -28.95 49.66
C VAL B 493 50.85 -28.68 51.03
N VAL B 494 50.64 -29.73 51.82
CA VAL B 494 50.04 -29.56 53.14
C VAL B 494 50.97 -28.78 54.05
N ARG B 495 52.29 -28.99 53.91
CA ARG B 495 53.21 -28.14 54.67
C ARG B 495 53.18 -26.70 54.18
N ASN B 496 52.92 -26.49 52.89
CA ASN B 496 52.83 -25.12 52.37
C ASN B 496 51.61 -24.39 52.92
N LEU B 497 50.43 -25.01 52.83
CA LEU B 497 49.20 -24.35 53.30
C LEU B 497 49.21 -24.15 54.80
N ASN B 498 49.70 -25.14 55.54
CA ASN B 498 49.81 -24.97 56.98
C ASN B 498 50.83 -23.91 57.34
N LYS B 499 51.81 -23.65 56.48
CA LYS B 499 52.59 -22.45 56.68
C LYS B 499 51.87 -21.19 56.21
N ILE B 500 50.86 -21.31 55.34
CA ILE B 500 50.16 -20.11 54.87
C ILE B 500 49.28 -19.55 55.97
N ILE B 501 48.59 -20.43 56.72
CA ILE B 501 47.59 -20.02 57.71
C ILE B 501 48.17 -19.13 58.80
N ASP B 502 49.45 -19.30 59.12
CA ASP B 502 50.07 -18.55 60.20
C ASP B 502 50.76 -17.27 59.73
N ILE B 503 50.67 -16.92 58.45
CA ILE B 503 51.36 -15.74 57.91
C ILE B 503 50.31 -14.73 57.47
N ASN B 504 49.12 -15.24 57.16
CA ASN B 504 48.05 -14.47 56.53
C ASN B 504 47.58 -13.33 57.43
N TYR B 505 47.13 -12.26 56.79
CA TYR B 505 46.56 -11.09 57.46
C TYR B 505 45.07 -11.03 57.14
N TYR B 506 44.27 -11.40 58.12
CA TYR B 506 42.84 -11.53 57.91
C TYR B 506 42.22 -10.14 57.90
N PRO B 507 41.30 -9.84 56.97
CA PRO B 507 40.76 -8.49 56.89
C PRO B 507 39.80 -8.13 58.01
N VAL B 508 39.13 -9.11 58.62
CA VAL B 508 38.20 -8.83 59.70
C VAL B 508 38.68 -9.55 60.95
N PRO B 509 38.34 -9.09 62.16
CA PRO B 509 38.84 -9.79 63.36
C PRO B 509 38.16 -11.11 63.63
N GLU B 510 36.98 -11.37 63.07
CA GLU B 510 36.35 -12.66 63.28
C GLU B 510 36.99 -13.77 62.47
N ALA B 511 37.80 -13.44 61.48
CA ALA B 511 38.38 -14.47 60.63
C ALA B 511 39.52 -15.19 61.32
N CYS B 512 40.29 -14.47 62.14
CA CYS B 512 41.50 -15.03 62.73
C CYS B 512 41.18 -16.07 63.78
N LEU B 513 40.09 -15.86 64.53
CA LEU B 513 39.71 -16.81 65.56
C LEU B 513 39.23 -18.12 64.95
N SER B 514 38.46 -18.06 63.86
CA SER B 514 38.01 -19.28 63.20
C SER B 514 39.17 -20.01 62.55
N ASN B 515 39.95 -19.29 61.74
CA ASN B 515 41.02 -19.92 60.98
C ASN B 515 42.18 -20.36 61.86
N LYS B 516 42.29 -19.89 63.10
CA LYS B 516 43.32 -20.43 63.97
C LYS B 516 42.79 -21.43 65.00
N ARG B 517 41.49 -21.40 65.31
CA ARG B 517 40.95 -22.48 66.12
C ARG B 517 40.82 -23.76 65.32
N HIS B 518 40.12 -23.71 64.19
CA HIS B 518 39.81 -24.95 63.51
C HIS B 518 40.84 -25.33 62.47
N ARG B 519 41.47 -24.33 61.86
CA ARG B 519 42.58 -24.43 60.92
C ARG B 519 42.29 -25.38 59.76
N PRO B 520 41.47 -25.00 58.78
CA PRO B 520 41.27 -25.87 57.62
C PRO B 520 42.19 -25.50 56.46
N ILE B 521 42.35 -26.44 55.55
CA ILE B 521 43.05 -26.22 54.29
C ILE B 521 42.16 -26.70 53.16
N GLY B 522 42.67 -26.57 51.94
CA GLY B 522 41.92 -27.01 50.78
C GLY B 522 42.84 -27.40 49.64
N ILE B 523 42.65 -28.61 49.12
CA ILE B 523 43.45 -29.12 48.02
C ILE B 523 42.50 -29.53 46.91
N GLY B 524 42.75 -29.05 45.70
CA GLY B 524 41.92 -29.42 44.57
C GLY B 524 42.74 -29.65 43.31
N VAL B 525 42.41 -30.69 42.56
CA VAL B 525 43.18 -31.04 41.39
C VAL B 525 42.51 -30.46 40.16
N GLN B 526 43.29 -30.31 39.10
CA GLN B 526 42.84 -29.78 37.84
C GLN B 526 43.33 -30.68 36.71
N GLY B 527 42.55 -30.72 35.63
CA GLY B 527 42.94 -31.50 34.47
C GLY B 527 42.88 -33.00 34.70
N LEU B 528 41.68 -33.53 34.85
CA LEU B 528 41.51 -34.98 34.93
C LEU B 528 41.40 -35.61 33.55
N ALA B 529 40.86 -34.87 32.58
CA ALA B 529 40.76 -35.36 31.22
C ALA B 529 42.12 -35.58 30.60
N ASP B 530 43.10 -34.73 30.93
CA ASP B 530 44.45 -34.95 30.43
C ASP B 530 45.10 -36.15 31.07
N ALA B 531 44.80 -36.42 32.34
CA ALA B 531 45.31 -37.65 32.95
C ALA B 531 44.68 -38.88 32.33
N PHE B 532 43.42 -38.78 31.91
CA PHE B 532 42.79 -39.92 31.25
C PHE B 532 43.34 -40.13 29.84
N ILE B 533 43.59 -39.05 29.11
CA ILE B 533 44.14 -39.19 27.77
C ILE B 533 45.58 -39.69 27.83
N LEU B 534 46.39 -39.13 28.72
CA LEU B 534 47.78 -39.58 28.83
C LEU B 534 47.91 -40.95 29.48
N MET B 535 46.89 -41.39 30.22
CA MET B 535 46.84 -42.78 30.65
C MET B 535 46.12 -43.66 29.64
N ARG B 536 45.57 -43.06 28.58
CA ARG B 536 44.96 -43.75 27.44
C ARG B 536 43.80 -44.66 27.87
N TYR B 537 42.81 -44.05 28.49
CA TYR B 537 41.60 -44.78 28.82
C TYR B 537 40.39 -43.99 28.36
N PRO B 538 39.30 -44.68 28.03
CA PRO B 538 38.04 -43.97 27.80
C PRO B 538 37.52 -43.35 29.08
N PHE B 539 36.70 -42.31 28.94
CA PHE B 539 36.23 -41.60 30.11
C PHE B 539 35.22 -42.43 30.88
N GLU B 540 34.34 -43.15 30.19
CA GLU B 540 33.37 -44.01 30.82
C GLU B 540 33.81 -45.48 30.85
N SER B 541 35.10 -45.74 30.95
CA SER B 541 35.61 -47.09 30.98
C SER B 541 35.57 -47.64 32.40
N ALA B 542 36.17 -48.80 32.61
CA ALA B 542 36.33 -49.34 33.95
C ALA B 542 37.59 -48.83 34.62
N GLU B 543 38.69 -48.68 33.86
CA GLU B 543 39.94 -48.21 34.45
C GLU B 543 39.90 -46.73 34.77
N ALA B 544 38.96 -45.98 34.21
CA ALA B 544 38.77 -44.59 34.63
C ALA B 544 38.14 -44.53 36.01
N GLN B 545 37.06 -45.29 36.21
CA GLN B 545 36.38 -45.29 37.50
C GLN B 545 37.22 -45.96 38.58
N LEU B 546 38.03 -46.95 38.19
CA LEU B 546 39.04 -47.45 39.11
C LEU B 546 40.12 -46.41 39.34
N LEU B 547 40.43 -45.63 38.30
CA LEU B 547 41.62 -44.78 38.32
C LEU B 547 41.43 -43.60 39.24
N ASN B 548 40.33 -42.84 39.09
CA ASN B 548 40.12 -41.66 39.94
C ASN B 548 39.89 -42.04 41.39
N LYS B 549 39.30 -43.22 41.61
CA LYS B 549 39.16 -43.76 42.94
C LYS B 549 40.53 -44.01 43.58
N GLN B 550 41.44 -44.63 42.82
CA GLN B 550 42.79 -44.84 43.33
C GLN B 550 43.54 -43.54 43.54
N ILE B 551 43.31 -42.56 42.65
CA ILE B 551 43.99 -41.27 42.74
C ILE B 551 43.57 -40.55 44.01
N PHE B 552 42.28 -40.47 44.27
CA PHE B 552 41.88 -39.73 45.46
C PHE B 552 42.06 -40.54 46.73
N GLU B 553 42.21 -41.86 46.63
CA GLU B 553 42.74 -42.59 47.79
C GLU B 553 44.19 -42.21 48.06
N THR B 554 44.95 -41.95 46.99
CA THR B 554 46.35 -41.55 47.19
C THR B 554 46.44 -40.14 47.75
N ILE B 555 45.65 -39.22 47.19
CA ILE B 555 45.67 -37.83 47.64
C ILE B 555 45.15 -37.73 49.07
N TYR B 556 44.07 -38.45 49.36
CA TYR B 556 43.48 -38.44 50.69
C TYR B 556 44.41 -39.08 51.71
N TYR B 557 45.07 -40.17 51.32
CA TYR B 557 45.99 -40.86 52.21
C TYR B 557 47.22 -40.02 52.51
N GLY B 558 47.80 -39.42 51.48
CA GLY B 558 48.96 -38.57 51.69
C GLY B 558 48.63 -37.31 52.44
N ALA B 559 47.41 -36.79 52.27
CA ALA B 559 46.99 -35.63 53.02
C ALA B 559 46.87 -35.96 54.50
N LEU B 560 46.25 -37.10 54.82
CA LEU B 560 46.13 -37.51 56.21
C LEU B 560 47.48 -37.84 56.84
N GLU B 561 48.39 -38.42 56.06
CA GLU B 561 49.73 -38.70 56.58
C GLU B 561 50.49 -37.42 56.84
N ALA B 562 50.31 -36.42 55.97
CA ALA B 562 51.00 -35.15 56.14
C ALA B 562 50.49 -34.40 57.35
N SER B 563 49.16 -34.32 57.51
CA SER B 563 48.61 -33.65 58.67
C SER B 563 48.87 -34.41 59.96
N CYS B 564 49.00 -35.74 59.86
CA CYS B 564 49.43 -36.53 61.01
C CYS B 564 50.86 -36.18 61.41
N ASP B 565 51.74 -36.05 60.42
CA ASP B 565 53.13 -35.76 60.73
C ASP B 565 53.30 -34.31 61.17
N LEU B 566 52.35 -33.44 60.84
CA LEU B 566 52.36 -32.11 61.42
C LEU B 566 51.87 -32.11 62.86
N ALA B 567 50.81 -32.89 63.14
CA ALA B 567 50.29 -32.98 64.49
C ALA B 567 51.23 -33.71 65.43
N LYS B 568 52.15 -34.52 64.89
CA LYS B 568 53.19 -35.14 65.70
C LYS B 568 54.20 -34.11 66.17
N GLU B 569 54.25 -32.94 65.53
CA GLU B 569 55.26 -31.93 65.78
C GLU B 569 54.74 -30.67 66.45
N GLN B 570 53.46 -30.35 66.28
CA GLN B 570 52.91 -29.15 66.87
C GLN B 570 51.67 -29.37 67.71
N GLY B 571 51.15 -30.59 67.78
CA GLY B 571 49.91 -30.86 68.47
C GLY B 571 48.72 -30.56 67.58
N PRO B 572 47.62 -31.30 67.78
CA PRO B 572 46.42 -31.09 66.96
C PRO B 572 45.75 -29.76 67.22
N TYR B 573 44.72 -29.44 66.44
CA TYR B 573 44.07 -28.15 66.58
C TYR B 573 43.22 -28.09 67.84
N GLU B 574 42.70 -26.90 68.12
CA GLU B 574 42.15 -26.60 69.45
C GLU B 574 40.85 -27.35 69.72
N THR B 575 40.13 -27.75 68.68
CA THR B 575 38.86 -28.43 68.88
C THR B 575 38.88 -29.84 68.28
N TYR B 576 39.94 -30.60 68.55
CA TYR B 576 40.04 -31.91 67.91
C TYR B 576 39.18 -32.96 68.58
N GLU B 577 39.30 -33.10 69.90
CA GLU B 577 38.67 -34.19 70.63
C GLU B 577 37.16 -33.98 70.67
N GLY B 578 36.45 -34.78 69.89
CA GLY B 578 35.02 -34.60 69.67
C GLY B 578 34.70 -34.85 68.22
N SER B 579 35.68 -34.68 67.35
CA SER B 579 35.51 -34.92 65.94
C SER B 579 35.44 -36.43 65.66
N PRO B 580 34.77 -36.83 64.58
CA PRO B 580 34.69 -38.28 64.26
C PRO B 580 36.02 -38.90 63.86
N VAL B 581 37.02 -38.10 63.47
CA VAL B 581 38.35 -38.63 63.25
C VAL B 581 38.97 -39.08 64.56
N SER B 582 38.72 -38.34 65.64
CA SER B 582 39.10 -38.80 66.97
C SER B 582 38.33 -40.04 67.38
N LYS B 583 37.13 -40.22 66.86
CA LYS B 583 36.36 -41.43 67.03
C LYS B 583 36.71 -42.51 66.01
N GLY B 584 37.71 -42.25 65.17
CA GLY B 584 38.19 -43.24 64.22
C GLY B 584 37.46 -43.28 62.90
N ILE B 585 36.28 -42.69 62.82
CA ILE B 585 35.53 -42.69 61.56
C ILE B 585 36.14 -41.65 60.64
N LEU B 586 36.69 -42.11 59.53
CA LEU B 586 37.18 -41.18 58.52
C LEU B 586 36.04 -40.86 57.56
N GLN B 587 36.35 -40.19 56.45
CA GLN B 587 35.30 -39.73 55.55
C GLN B 587 34.69 -40.88 54.77
N TYR B 588 35.46 -41.93 54.47
CA TYR B 588 34.93 -43.01 53.64
C TYR B 588 33.90 -43.85 54.37
N ASP B 589 34.02 -43.98 55.70
CA ASP B 589 33.01 -44.72 56.45
C ASP B 589 31.72 -43.95 56.59
N MET B 590 31.75 -42.62 56.51
CA MET B 590 30.53 -41.83 56.44
C MET B 590 29.80 -42.05 55.12
N TRP B 591 30.52 -42.49 54.09
CA TRP B 591 29.92 -42.97 52.87
C TRP B 591 29.70 -44.47 52.88
N ASN B 592 30.18 -45.16 53.92
CA ASN B 592 30.10 -46.62 54.09
C ASN B 592 30.72 -47.36 52.91
N VAL B 593 31.85 -46.86 52.42
CA VAL B 593 32.56 -47.46 51.31
C VAL B 593 33.96 -47.79 51.80
N THR B 594 34.24 -49.08 51.93
CA THR B 594 35.58 -49.53 52.27
C THR B 594 36.51 -49.24 51.10
N PRO B 595 37.68 -48.64 51.35
CA PRO B 595 38.59 -48.32 50.25
C PRO B 595 39.27 -49.57 49.71
N THR B 596 40.03 -49.39 48.64
CA THR B 596 40.69 -50.50 47.99
C THR B 596 41.89 -50.96 48.82
N ASP B 597 42.55 -52.02 48.36
CA ASP B 597 43.74 -52.53 48.99
C ASP B 597 45.01 -51.88 48.46
N LEU B 598 44.89 -50.67 47.90
CA LEU B 598 46.03 -49.98 47.31
C LEU B 598 47.00 -49.49 48.38
N TRP B 599 46.50 -49.20 49.59
CA TRP B 599 47.33 -48.62 50.63
C TRP B 599 47.20 -49.38 51.94
N ASP B 600 47.83 -48.88 52.99
CA ASP B 600 47.75 -49.44 54.33
C ASP B 600 47.09 -48.40 55.22
N TRP B 601 45.82 -48.59 55.52
CA TRP B 601 45.05 -47.65 56.31
C TRP B 601 45.13 -47.92 57.81
N LYS B 602 45.55 -49.12 58.19
CA LYS B 602 45.57 -49.49 59.61
C LYS B 602 46.63 -48.71 60.38
N VAL B 603 47.85 -48.64 59.84
CA VAL B 603 48.91 -47.90 60.51
C VAL B 603 48.64 -46.40 60.47
N LEU B 604 47.94 -45.94 59.43
CA LEU B 604 47.51 -44.54 59.38
C LEU B 604 46.55 -44.23 60.51
N LYS B 605 45.54 -45.08 60.69
CA LYS B 605 44.59 -44.85 61.76
C LYS B 605 45.19 -45.08 63.14
N GLU B 606 46.26 -45.87 63.23
CA GLU B 606 46.97 -46.00 64.50
C GLU B 606 47.71 -44.72 64.84
N LYS B 607 48.41 -44.13 63.86
CA LYS B 607 49.16 -42.92 64.14
C LYS B 607 48.24 -41.73 64.33
N ILE B 608 47.09 -41.70 63.65
CA ILE B 608 46.09 -40.68 63.92
C ILE B 608 45.48 -40.89 65.30
N ALA B 609 45.25 -42.15 65.68
CA ALA B 609 44.73 -42.44 67.01
C ALA B 609 45.74 -42.16 68.10
N LYS B 610 47.03 -42.04 67.77
CA LYS B 610 48.05 -41.71 68.76
C LYS B 610 48.57 -40.29 68.64
N TYR B 611 48.29 -39.58 67.56
CA TYR B 611 48.77 -38.21 67.41
C TYR B 611 47.74 -37.22 66.91
N GLY B 612 46.60 -37.64 66.37
CA GLY B 612 45.66 -36.69 65.83
C GLY B 612 46.13 -36.12 64.50
N ILE B 613 45.37 -35.14 64.01
CA ILE B 613 45.69 -34.43 62.78
C ILE B 613 45.72 -32.94 63.06
N ARG B 614 46.40 -32.21 62.18
CA ARG B 614 46.62 -30.79 62.37
C ARG B 614 45.53 -29.93 61.75
N ASN B 615 44.97 -30.37 60.63
CA ASN B 615 43.93 -29.60 59.95
C ASN B 615 42.63 -30.39 59.96
N SER B 616 41.51 -29.69 60.14
CA SER B 616 40.23 -30.36 60.23
C SER B 616 39.80 -30.92 58.90
N LEU B 617 39.60 -30.06 57.91
CA LEU B 617 39.14 -30.46 56.60
C LEU B 617 40.24 -30.27 55.57
N LEU B 618 40.39 -31.22 54.66
CA LEU B 618 41.58 -31.28 53.82
C LEU B 618 41.30 -31.08 52.35
N ILE B 619 40.44 -31.87 51.74
CA ILE B 619 40.37 -31.99 50.28
C ILE B 619 39.19 -31.19 49.78
N ALA B 620 39.39 -30.42 48.70
CA ALA B 620 38.32 -29.61 48.15
C ALA B 620 38.54 -29.34 46.68
N PRO B 621 37.86 -30.05 45.78
CA PRO B 621 37.97 -29.75 44.37
C PRO B 621 37.28 -28.45 43.96
N MET B 622 38.10 -27.45 43.70
CA MET B 622 37.70 -26.13 43.24
C MET B 622 37.56 -26.15 41.73
N PRO B 623 36.93 -25.13 41.12
CA PRO B 623 36.81 -25.18 39.65
C PRO B 623 38.09 -24.87 38.90
N THR B 624 38.90 -23.90 39.38
CA THR B 624 40.13 -23.43 38.73
C THR B 624 39.92 -23.04 37.27
N ALA B 625 39.17 -21.96 37.08
CA ALA B 625 39.09 -21.37 35.76
C ALA B 625 40.42 -20.75 35.35
N SER B 626 40.94 -19.83 36.17
CA SER B 626 42.11 -19.06 35.77
C SER B 626 43.40 -19.87 35.90
N THR B 627 43.47 -20.77 36.87
CA THR B 627 44.69 -21.55 37.07
C THR B 627 44.88 -22.55 35.94
N ALA B 628 43.82 -23.28 35.58
CA ALA B 628 43.88 -24.14 34.42
C ALA B 628 43.99 -23.34 33.13
N GLN B 629 43.54 -22.08 33.14
CA GLN B 629 43.81 -21.23 31.99
C GLN B 629 45.30 -20.93 31.87
N ILE B 630 46.01 -20.83 32.99
CA ILE B 630 47.47 -20.65 32.94
C ILE B 630 48.13 -21.92 32.44
N LEU B 631 47.95 -23.02 33.17
CA LEU B 631 48.78 -24.18 32.92
C LEU B 631 48.33 -25.02 31.72
N GLY B 632 47.23 -24.64 31.06
CA GLY B 632 46.79 -25.33 29.88
C GLY B 632 45.93 -26.56 30.13
N ASN B 633 45.78 -26.98 31.39
CA ASN B 633 44.95 -28.14 31.69
C ASN B 633 43.48 -27.80 31.50
N ASN B 634 42.66 -28.85 31.53
CA ASN B 634 41.23 -28.63 31.48
C ASN B 634 40.74 -28.21 32.85
N GLU B 635 39.54 -27.64 32.88
CA GLU B 635 38.85 -27.33 34.13
C GLU B 635 38.63 -28.64 34.90
N SER B 636 38.61 -28.54 36.24
CA SER B 636 39.16 -29.49 37.23
C SER B 636 38.86 -30.95 36.90
N ILE B 637 37.61 -31.39 36.86
CA ILE B 637 37.31 -32.80 36.73
C ILE B 637 36.42 -33.12 35.53
N GLU B 638 35.82 -32.11 34.90
CA GLU B 638 34.88 -32.37 33.84
C GLU B 638 35.63 -32.80 32.57
N PRO B 639 34.94 -33.45 31.62
CA PRO B 639 35.57 -33.70 30.31
C PRO B 639 35.71 -32.44 29.48
N TYR B 640 36.30 -32.55 28.30
CA TYR B 640 36.38 -31.40 27.40
C TYR B 640 35.00 -31.01 26.91
N THR B 641 34.76 -29.71 26.83
CA THR B 641 33.48 -29.20 26.33
C THR B 641 33.30 -29.56 24.86
N SER B 642 34.36 -29.38 24.07
CA SER B 642 34.40 -29.87 22.71
C SER B 642 35.85 -30.06 22.34
N ASN B 643 36.09 -30.89 21.33
CA ASN B 643 37.46 -31.13 20.88
C ASN B 643 38.02 -29.88 20.19
N ILE B 644 37.17 -29.12 19.53
CA ILE B 644 37.50 -27.79 19.05
C ILE B 644 37.16 -26.79 20.14
N TYR B 645 38.15 -26.01 20.56
CA TYR B 645 37.92 -24.90 21.48
C TYR B 645 38.42 -23.61 20.84
N THR B 646 37.67 -22.54 21.05
CA THR B 646 37.99 -21.27 20.44
C THR B 646 39.09 -20.56 21.21
N ARG B 647 39.65 -19.54 20.58
CA ARG B 647 40.68 -18.71 21.16
C ARG B 647 40.36 -17.25 20.89
N ARG B 648 40.44 -16.46 21.96
CA ARG B 648 40.23 -15.01 21.93
C ARG B 648 41.54 -14.36 21.51
N VAL B 649 41.61 -13.92 20.25
CA VAL B 649 42.74 -13.16 19.73
C VAL B 649 42.18 -11.86 19.18
N LEU B 650 42.92 -10.76 19.40
CA LEU B 650 42.57 -9.48 18.81
C LEU B 650 42.51 -9.59 17.30
N SER B 651 41.34 -9.31 16.74
CA SER B 651 40.93 -9.45 15.35
C SER B 651 40.84 -10.90 14.88
N GLY B 652 41.22 -11.87 15.70
CA GLY B 652 40.95 -13.26 15.35
C GLY B 652 40.46 -14.09 16.51
N GLU B 653 39.22 -14.54 16.45
CA GLU B 653 38.63 -15.37 17.49
C GLU B 653 38.29 -16.69 16.83
N PHE B 654 39.19 -17.67 16.94
CA PHE B 654 39.14 -18.77 15.99
C PHE B 654 39.19 -20.13 16.67
N GLN B 655 39.40 -21.19 15.91
CA GLN B 655 39.18 -22.54 16.39
C GLN B 655 40.50 -23.32 16.42
N ILE B 656 40.85 -23.83 17.61
CA ILE B 656 42.00 -24.71 17.78
C ILE B 656 41.51 -26.03 18.37
N VAL B 657 41.88 -27.14 17.73
CA VAL B 657 41.49 -28.47 18.18
C VAL B 657 42.28 -28.84 19.42
N ASN B 658 41.84 -29.87 20.13
CA ASN B 658 42.53 -30.40 21.29
C ASN B 658 43.88 -30.96 20.86
N PRO B 659 45.00 -30.46 21.39
CA PRO B 659 46.31 -30.86 20.86
C PRO B 659 46.72 -32.28 21.21
N HIS B 660 46.06 -32.94 22.15
CA HIS B 660 46.32 -34.38 22.33
C HIS B 660 45.65 -35.19 21.23
N LEU B 661 44.42 -34.81 20.88
CA LEU B 661 43.74 -35.39 19.73
C LEU B 661 44.54 -35.19 18.46
N LEU B 662 45.05 -33.98 18.27
CA LEU B 662 45.88 -33.68 17.11
C LEU B 662 47.21 -34.43 17.18
N LYS B 663 47.74 -34.63 18.38
CA LYS B 663 48.96 -35.41 18.57
C LYS B 663 48.76 -36.85 18.13
N ASP B 664 47.58 -37.42 18.41
CA ASP B 664 47.32 -38.75 17.89
C ASP B 664 47.00 -38.76 16.40
N LEU B 665 46.38 -37.69 15.89
CA LEU B 665 45.99 -37.70 14.47
C LEU B 665 47.19 -37.53 13.55
N THR B 666 48.20 -36.75 13.94
CA THR B 666 49.37 -36.65 13.09
C THR B 666 50.18 -37.94 13.07
N GLU B 667 50.08 -38.75 14.12
CA GLU B 667 50.78 -40.02 14.13
C GLU B 667 50.00 -41.11 13.41
N ARG B 668 48.67 -41.12 13.55
CA ARG B 668 47.85 -42.14 12.91
C ARG B 668 47.56 -41.85 11.45
N GLY B 669 48.07 -40.75 10.90
CA GLY B 669 47.99 -40.48 9.48
C GLY B 669 46.69 -39.87 8.99
N LEU B 670 45.60 -40.04 9.73
CA LEU B 670 44.30 -39.55 9.28
C LEU B 670 44.18 -38.03 9.31
N TRP B 671 45.12 -37.34 9.97
CA TRP B 671 45.14 -35.90 9.89
C TRP B 671 45.54 -35.44 8.50
N HIS B 672 44.85 -34.42 8.01
CA HIS B 672 45.13 -33.85 6.71
C HIS B 672 44.81 -32.36 6.78
N GLU B 673 44.88 -31.69 5.64
CA GLU B 673 44.81 -30.23 5.61
C GLU B 673 43.39 -29.68 5.69
N GLU B 674 42.37 -30.52 5.80
CA GLU B 674 40.99 -30.05 5.93
C GLU B 674 40.23 -30.75 7.05
N MET B 675 40.92 -31.49 7.91
CA MET B 675 40.26 -32.23 8.99
C MET B 675 39.64 -31.28 10.02
N LYS B 676 40.28 -30.13 10.25
CA LYS B 676 39.70 -29.06 11.05
C LYS B 676 38.34 -28.66 10.50
N ASN B 677 38.27 -28.43 9.18
CA ASN B 677 37.02 -28.08 8.53
C ASN B 677 36.02 -29.23 8.60
N GLN B 678 36.52 -30.48 8.66
CA GLN B 678 35.62 -31.61 8.85
C GLN B 678 35.04 -31.65 10.27
N ILE B 679 35.73 -31.05 11.25
CA ILE B 679 35.20 -31.03 12.62
C ILE B 679 34.51 -29.69 12.94
N ILE B 680 34.55 -28.71 12.04
CA ILE B 680 33.79 -27.47 12.22
C ILE B 680 32.28 -27.76 12.28
N ALA B 681 31.77 -28.49 11.31
CA ALA B 681 30.34 -28.72 11.16
C ALA B 681 29.79 -29.80 12.09
N CYS B 682 30.54 -30.23 13.09
CA CYS B 682 30.06 -31.18 14.08
C CYS B 682 30.25 -30.73 15.52
N ASN B 683 30.94 -29.62 15.74
CA ASN B 683 31.15 -28.98 17.05
C ASN B 683 31.82 -29.94 18.04
N GLY B 684 33.05 -30.34 17.69
CA GLY B 684 33.84 -31.21 18.52
C GLY B 684 33.57 -32.68 18.37
N SER B 685 32.42 -33.06 17.80
CA SER B 685 32.06 -34.46 17.64
C SER B 685 32.89 -35.08 16.54
N ILE B 686 34.00 -35.72 16.92
CA ILE B 686 34.82 -36.43 15.95
C ILE B 686 34.21 -37.74 15.52
N GLN B 687 33.17 -38.21 16.20
CA GLN B 687 32.63 -39.53 15.93
C GLN B 687 31.73 -39.59 14.70
N SER B 688 31.35 -38.45 14.14
CA SER B 688 30.50 -38.44 12.95
C SER B 688 31.29 -38.53 11.67
N ILE B 689 32.62 -38.46 11.72
CA ILE B 689 33.42 -38.38 10.50
C ILE B 689 33.71 -39.82 10.08
N PRO B 690 33.88 -40.11 8.78
CA PRO B 690 34.22 -41.49 8.38
C PRO B 690 35.69 -41.86 8.52
N GLU B 691 36.57 -40.91 8.81
CA GLU B 691 38.00 -41.19 9.01
C GLU B 691 38.19 -41.38 10.51
N ILE B 692 38.00 -42.61 10.96
CA ILE B 692 37.86 -42.93 12.38
C ILE B 692 38.53 -44.27 12.70
N PRO B 693 39.43 -44.31 13.69
CA PRO B 693 39.95 -45.60 14.14
C PRO B 693 39.09 -46.29 15.18
N ASP B 694 37.97 -45.66 15.57
CA ASP B 694 36.99 -46.16 16.56
C ASP B 694 37.59 -46.40 17.94
N ASP B 695 38.75 -45.80 18.22
CA ASP B 695 39.30 -45.71 19.55
C ASP B 695 39.30 -44.28 20.04
N LEU B 696 39.46 -43.33 19.12
CA LEU B 696 39.35 -41.91 19.45
C LEU B 696 37.93 -41.53 19.85
N LYS B 697 36.93 -42.30 19.38
CA LYS B 697 35.56 -42.11 19.82
C LYS B 697 35.36 -42.46 21.29
N GLN B 698 36.27 -43.25 21.87
CA GLN B 698 36.24 -43.55 23.29
C GLN B 698 37.20 -42.69 24.09
N LEU B 699 38.38 -42.41 23.54
CA LEU B 699 39.36 -41.60 24.24
C LEU B 699 39.03 -40.11 24.21
N TYR B 700 38.16 -39.67 23.31
CA TYR B 700 37.92 -38.24 23.08
C TYR B 700 36.42 -37.97 23.01
N LYS B 701 35.69 -38.47 23.99
CA LYS B 701 34.25 -38.25 24.02
C LYS B 701 33.94 -36.80 24.37
N THR B 702 33.13 -36.16 23.53
CA THR B 702 32.59 -34.86 23.85
C THR B 702 31.65 -34.99 25.04
N VAL B 703 31.68 -34.01 25.95
CA VAL B 703 30.86 -34.09 27.17
C VAL B 703 29.38 -33.97 26.85
N TRP B 704 29.03 -33.38 25.72
CA TRP B 704 27.64 -33.42 25.28
C TRP B 704 27.25 -34.81 24.81
N GLU B 705 28.23 -35.62 24.40
CA GLU B 705 28.03 -36.99 23.98
C GLU B 705 28.29 -37.98 25.11
N ILE B 706 28.37 -37.50 26.35
CA ILE B 706 28.60 -38.34 27.52
C ILE B 706 27.33 -38.34 28.36
N SER B 707 26.86 -39.53 28.71
CA SER B 707 25.70 -39.64 29.60
C SER B 707 26.08 -39.18 30.99
N GLN B 708 25.24 -38.32 31.58
CA GLN B 708 25.63 -37.58 32.77
C GLN B 708 25.63 -38.47 34.01
N LYS B 709 24.86 -39.55 34.01
CA LYS B 709 24.74 -40.36 35.21
C LYS B 709 25.99 -41.18 35.48
N THR B 710 26.79 -41.48 34.46
CA THR B 710 28.07 -42.12 34.70
C THR B 710 29.02 -41.15 35.40
N VAL B 711 29.00 -39.89 34.99
CA VAL B 711 29.79 -38.84 35.64
C VAL B 711 29.31 -38.66 37.08
N LEU B 712 27.99 -38.79 37.30
CA LEU B 712 27.47 -38.69 38.66
C LEU B 712 27.90 -39.87 39.52
N LYS B 713 28.01 -41.06 38.94
CA LYS B 713 28.55 -42.19 39.69
C LYS B 713 30.02 -41.98 40.02
N MET B 714 30.77 -41.44 39.06
CA MET B 714 32.17 -41.11 39.29
C MET B 714 32.31 -40.03 40.35
N ALA B 715 31.34 -39.12 40.43
CA ALA B 715 31.32 -38.13 41.49
C ALA B 715 30.94 -38.73 42.82
N ALA B 716 30.17 -39.83 42.80
CA ALA B 716 29.84 -40.50 44.04
C ALA B 716 31.06 -41.21 44.61
N GLU B 717 31.88 -41.80 43.74
CA GLU B 717 33.09 -42.45 44.21
C GLU B 717 34.13 -41.42 44.66
N ARG B 718 34.42 -40.45 43.79
CA ARG B 718 35.48 -39.51 44.09
C ARG B 718 35.10 -38.61 45.26
N GLY B 719 33.86 -38.12 45.27
CA GLY B 719 33.36 -37.35 46.41
C GLY B 719 33.13 -38.20 47.63
N ALA B 720 33.02 -39.52 47.46
CA ALA B 720 33.07 -40.40 48.61
C ALA B 720 34.46 -40.48 49.20
N PHE B 721 35.50 -40.11 48.45
CA PHE B 721 36.81 -39.95 49.07
C PHE B 721 37.23 -38.50 49.27
N ILE B 722 36.29 -37.57 49.47
CA ILE B 722 36.61 -36.16 49.69
C ILE B 722 35.88 -35.68 50.93
N ASP B 723 36.61 -35.03 51.85
CA ASP B 723 36.02 -34.56 53.09
C ASP B 723 35.31 -33.23 52.98
N GLN B 724 35.15 -32.69 51.78
CA GLN B 724 34.27 -31.55 51.55
C GLN B 724 33.52 -31.81 50.24
N SER B 725 32.89 -30.77 49.71
CA SER B 725 32.11 -30.92 48.50
C SER B 725 33.03 -30.78 47.28
N GLN B 726 32.42 -30.71 46.10
CA GLN B 726 33.17 -30.53 44.86
C GLN B 726 32.26 -29.87 43.84
N SER B 727 32.87 -29.10 42.94
CA SER B 727 32.10 -28.46 41.88
C SER B 727 31.60 -29.51 40.89
N LEU B 728 30.49 -29.20 40.23
CA LEU B 728 29.90 -30.15 39.31
C LEU B 728 29.18 -29.38 38.21
N ASN B 729 29.90 -29.11 37.12
CA ASN B 729 29.30 -28.43 35.97
C ASN B 729 28.46 -29.44 35.20
N ILE B 730 27.15 -29.26 35.23
CA ILE B 730 26.23 -30.14 34.51
C ILE B 730 26.02 -29.63 33.10
N HIS B 731 26.32 -30.48 32.12
CA HIS B 731 26.19 -30.13 30.70
C HIS B 731 25.04 -30.94 30.12
N ILE B 732 23.95 -30.26 29.72
CA ILE B 732 22.82 -30.90 29.08
C ILE B 732 22.44 -30.06 27.87
N ALA B 733 22.32 -30.70 26.70
CA ALA B 733 22.22 -29.95 25.45
C ALA B 733 20.87 -29.27 25.28
N GLU B 734 19.81 -29.90 25.77
CA GLU B 734 18.48 -29.32 25.56
C GLU B 734 17.72 -29.31 26.87
N PRO B 735 16.84 -28.33 27.05
CA PRO B 735 15.99 -28.32 28.25
C PRO B 735 14.98 -29.46 28.22
N ASN B 736 15.13 -30.38 29.18
CA ASN B 736 14.17 -31.46 29.34
C ASN B 736 14.06 -31.82 30.82
N TYR B 737 12.83 -31.91 31.31
CA TYR B 737 12.61 -31.94 32.75
C TYR B 737 12.90 -33.31 33.33
N GLY B 738 12.90 -34.34 32.49
CA GLY B 738 13.10 -35.69 33.00
C GLY B 738 14.54 -35.94 33.37
N LYS B 739 15.47 -35.52 32.50
CA LYS B 739 16.89 -35.69 32.80
C LYS B 739 17.33 -34.76 33.93
N LEU B 740 16.70 -33.58 34.04
CA LEU B 740 16.98 -32.70 35.16
C LEU B 740 16.47 -33.28 36.47
N THR B 741 15.19 -33.65 36.50
CA THR B 741 14.55 -34.09 37.74
C THR B 741 15.12 -35.42 38.21
N SER B 742 15.23 -36.37 37.29
CA SER B 742 15.88 -37.64 37.58
C SER B 742 17.36 -37.48 37.87
N MET B 743 17.98 -36.42 37.34
CA MET B 743 19.39 -36.18 37.62
C MET B 743 19.60 -35.68 39.04
N HIS B 744 18.78 -34.75 39.50
CA HIS B 744 18.91 -34.26 40.87
C HIS B 744 18.52 -35.31 41.87
N PHE B 745 17.45 -36.07 41.58
CA PHE B 745 17.07 -37.16 42.46
C PHE B 745 18.11 -38.25 42.46
N TYR B 746 18.75 -38.49 41.31
CA TYR B 746 19.82 -39.48 41.26
C TYR B 746 21.03 -39.03 42.06
N GLY B 747 21.33 -37.73 42.02
CA GLY B 747 22.41 -37.21 42.83
C GLY B 747 22.10 -37.28 44.31
N TRP B 748 20.84 -37.12 44.67
CA TRP B 748 20.46 -37.27 46.07
C TRP B 748 20.50 -38.73 46.50
N LYS B 749 20.23 -39.65 45.57
CA LYS B 749 20.26 -41.06 45.91
C LYS B 749 21.68 -41.60 46.01
N GLN B 750 22.60 -41.09 45.19
CA GLN B 750 24.00 -41.49 45.33
C GLN B 750 24.62 -40.90 46.59
N GLY B 751 24.07 -39.80 47.10
CA GLY B 751 24.53 -39.20 48.33
C GLY B 751 25.37 -37.96 48.18
N LEU B 752 25.35 -37.31 47.01
CA LEU B 752 26.26 -36.22 46.72
C LEU B 752 25.91 -34.96 47.51
N LYS B 753 26.95 -34.22 47.87
CA LYS B 753 26.81 -32.97 48.61
C LYS B 753 26.50 -31.78 47.73
N THR B 754 26.48 -31.95 46.41
CA THR B 754 26.25 -30.82 45.51
C THR B 754 25.47 -31.33 44.31
N GLY B 755 24.23 -30.88 44.17
CA GLY B 755 23.42 -31.33 43.07
C GLY B 755 23.84 -30.77 41.74
N MET B 756 24.33 -29.53 41.72
CA MET B 756 24.61 -28.84 40.48
C MET B 756 25.48 -27.64 40.81
N TYR B 757 26.21 -27.16 39.81
CA TYR B 757 26.92 -25.90 39.95
C TYR B 757 26.57 -24.99 38.78
N TYR B 758 26.24 -25.58 37.63
CA TYR B 758 25.65 -24.87 36.50
C TYR B 758 24.88 -25.85 35.64
N LEU B 759 23.72 -25.42 35.15
CA LEU B 759 23.03 -26.10 34.06
C LEU B 759 23.44 -25.42 32.76
N ARG B 760 24.35 -26.03 32.02
CA ARG B 760 24.88 -25.45 30.80
C ARG B 760 24.21 -26.10 29.59
N THR B 761 23.65 -25.27 28.72
CA THR B 761 23.02 -25.71 27.48
C THR B 761 23.76 -25.06 26.32
N ARG B 762 24.34 -25.89 25.45
CA ARG B 762 24.96 -25.27 24.28
C ARG B 762 23.88 -24.83 23.29
N PRO B 763 24.05 -23.68 22.65
CA PRO B 763 23.07 -23.22 21.65
C PRO B 763 23.28 -23.90 20.31
N SER C 19 56.43 -25.60 -0.95
CA SER C 19 56.92 -25.42 0.40
C SER C 19 56.64 -24.02 0.92
N HIS C 20 57.70 -23.27 1.16
CA HIS C 20 57.61 -21.92 1.72
C HIS C 20 57.22 -20.92 0.63
N MET C 21 57.22 -19.64 0.99
CA MET C 21 57.03 -18.59 -0.01
C MET C 21 58.31 -18.44 -0.81
N HIS C 22 58.32 -19.01 -2.01
CA HIS C 22 59.42 -18.87 -2.93
C HIS C 22 58.98 -17.97 -4.09
N VAL C 23 59.85 -17.08 -4.50
CA VAL C 23 59.62 -16.29 -5.69
C VAL C 23 60.47 -16.86 -6.81
N ILE C 24 59.98 -16.70 -8.03
CA ILE C 24 60.63 -17.22 -9.21
C ILE C 24 61.56 -16.12 -9.71
N LYS C 25 62.83 -16.22 -9.35
CA LYS C 25 63.81 -15.23 -9.78
C LYS C 25 64.07 -15.39 -11.28
N ARG C 26 64.21 -14.22 -11.94
CA ARG C 26 64.26 -13.95 -13.38
C ARG C 26 65.12 -14.91 -14.19
N ASP C 27 66.16 -15.48 -13.57
CA ASP C 27 66.92 -16.55 -14.20
C ASP C 27 66.07 -17.80 -14.40
N GLY C 28 64.96 -17.92 -13.67
CA GLY C 28 64.10 -19.09 -13.75
C GLY C 28 64.10 -19.90 -12.49
N ARG C 29 64.81 -19.47 -11.47
CA ARG C 29 64.97 -20.27 -10.27
C ARG C 29 63.96 -19.80 -9.22
N GLN C 30 64.13 -20.26 -7.98
CA GLN C 30 63.26 -19.83 -6.90
C GLN C 30 64.10 -19.57 -5.66
N GLU C 31 63.63 -18.63 -4.84
CA GLU C 31 64.29 -18.34 -3.57
C GLU C 31 63.24 -18.02 -2.52
N ARG C 32 63.73 -17.90 -1.28
CA ARG C 32 62.93 -17.38 -0.19
C ARG C 32 62.70 -15.89 -0.38
N VAL C 33 61.68 -15.37 0.30
CA VAL C 33 61.33 -13.97 0.20
C VAL C 33 62.23 -13.20 1.18
N MET C 34 63.23 -12.51 0.64
CA MET C 34 64.09 -11.65 1.43
C MET C 34 63.80 -10.22 1.02
N PHE C 35 63.26 -9.43 1.96
CA PHE C 35 62.65 -8.16 1.63
C PHE C 35 63.66 -7.04 1.42
N ASP C 36 64.86 -7.14 1.99
CA ASP C 36 65.83 -6.07 1.78
C ASP C 36 66.47 -6.09 0.40
N LYS C 37 66.13 -7.06 -0.46
CA LYS C 37 66.53 -6.95 -1.84
C LYS C 37 65.77 -5.84 -2.55
N ILE C 38 64.53 -5.59 -2.12
CA ILE C 38 63.72 -4.52 -2.71
C ILE C 38 64.32 -3.17 -2.40
N THR C 39 64.43 -2.84 -1.12
CA THR C 39 65.01 -1.56 -0.72
C THR C 39 66.51 -1.51 -1.05
N SER C 40 67.16 -2.67 -1.17
CA SER C 40 68.50 -2.72 -1.72
C SER C 40 68.54 -2.27 -3.18
N ARG C 41 67.47 -2.50 -3.93
CA ARG C 41 67.47 -2.12 -5.33
C ARG C 41 66.95 -0.70 -5.58
N ILE C 42 65.91 -0.29 -4.86
CA ILE C 42 65.27 1.00 -5.11
C ILE C 42 66.21 2.14 -4.78
N GLN C 43 66.86 2.08 -3.61
CA GLN C 43 67.82 3.11 -3.22
C GLN C 43 69.04 3.12 -4.14
N LYS C 44 69.36 1.98 -4.76
CA LYS C 44 70.33 1.99 -5.85
C LYS C 44 69.79 2.74 -7.06
N LEU C 45 68.47 2.68 -7.29
CA LEU C 45 67.86 3.42 -8.40
C LEU C 45 67.25 4.74 -7.97
N CYS C 46 67.73 5.34 -6.88
CA CYS C 46 67.26 6.65 -6.46
C CYS C 46 68.33 7.72 -6.48
N TYR C 47 69.44 7.47 -7.17
CA TYR C 47 70.56 8.42 -7.11
C TYR C 47 70.25 9.67 -7.91
N GLY C 48 70.42 10.82 -7.28
CA GLY C 48 70.17 12.10 -7.91
C GLY C 48 68.80 12.70 -7.67
N LEU C 49 68.12 12.33 -6.59
CA LEU C 49 66.80 12.86 -6.30
C LEU C 49 66.75 13.48 -4.91
N ASN C 50 65.64 14.14 -4.63
CA ASN C 50 65.41 14.80 -3.34
C ASN C 50 65.13 13.75 -2.28
N MET C 51 66.14 13.39 -1.50
CA MET C 51 65.97 12.37 -0.45
C MET C 51 65.13 12.84 0.72
N ASP C 52 64.70 14.11 0.76
CA ASP C 52 63.79 14.54 1.81
C ASP C 52 62.39 13.97 1.64
N PHE C 53 62.03 13.55 0.44
CA PHE C 53 60.73 12.97 0.19
C PHE C 53 60.79 11.65 -0.56
N VAL C 54 61.95 11.29 -1.13
CA VAL C 54 62.11 9.97 -1.72
C VAL C 54 62.22 8.95 -0.60
N ASP C 55 61.26 8.02 -0.56
CA ASP C 55 61.11 7.09 0.56
C ASP C 55 60.91 5.71 0.00
N PRO C 56 61.92 4.83 0.05
CA PRO C 56 61.75 3.47 -0.45
C PRO C 56 60.84 2.60 0.40
N ALA C 57 60.62 2.95 1.66
CA ALA C 57 59.89 2.08 2.56
C ALA C 57 58.40 2.05 2.26
N GLN C 58 57.83 3.18 1.81
CA GLN C 58 56.41 3.18 1.47
C GLN C 58 56.14 2.35 0.22
N ILE C 59 57.03 2.49 -0.77
CA ILE C 59 56.94 1.72 -2.01
C ILE C 59 57.09 0.24 -1.72
N THR C 60 58.06 -0.11 -0.87
CA THR C 60 58.25 -1.50 -0.48
C THR C 60 57.04 -2.03 0.26
N MET C 61 56.44 -1.20 1.12
CA MET C 61 55.27 -1.63 1.90
C MET C 61 54.08 -1.94 1.01
N LYS C 62 53.79 -1.04 0.05
CA LYS C 62 52.65 -1.30 -0.83
C LYS C 62 52.95 -2.41 -1.84
N VAL C 63 54.22 -2.67 -2.17
CA VAL C 63 54.53 -3.84 -3.00
C VAL C 63 54.29 -5.12 -2.21
N ILE C 64 54.73 -5.18 -0.96
CA ILE C 64 54.55 -6.38 -0.13
C ILE C 64 53.08 -6.58 0.23
N GLN C 65 52.26 -5.53 0.13
CA GLN C 65 50.82 -5.74 0.20
C GLN C 65 50.30 -6.62 -0.93
N GLY C 66 50.96 -6.62 -2.08
CA GLY C 66 50.51 -7.42 -3.20
C GLY C 66 51.21 -8.75 -3.43
N LEU C 67 52.34 -8.99 -2.77
CA LEU C 67 53.14 -10.18 -3.03
C LEU C 67 52.43 -11.42 -2.51
N TYR C 68 52.75 -12.56 -3.13
CA TYR C 68 52.31 -13.87 -2.66
C TYR C 68 53.36 -14.90 -3.06
N SER C 69 53.04 -16.18 -2.92
CA SER C 69 54.01 -17.23 -3.16
C SER C 69 53.96 -17.68 -4.61
N GLY C 70 55.13 -17.87 -5.20
CA GLY C 70 55.21 -18.21 -6.60
C GLY C 70 54.87 -17.02 -7.48
N VAL C 71 55.66 -15.95 -7.38
CA VAL C 71 55.49 -14.75 -8.19
C VAL C 71 56.78 -14.52 -8.95
N THR C 72 56.68 -14.27 -10.24
CA THR C 72 57.83 -13.88 -11.04
C THR C 72 58.23 -12.46 -10.66
N THR C 73 59.54 -12.24 -10.51
CA THR C 73 60.04 -10.99 -9.95
C THR C 73 59.82 -9.79 -10.86
N VAL C 74 59.60 -10.01 -12.15
CA VAL C 74 59.31 -8.89 -13.05
C VAL C 74 57.94 -8.30 -12.74
N GLU C 75 57.03 -9.08 -12.14
CA GLU C 75 55.80 -8.52 -11.62
C GLU C 75 56.07 -7.63 -10.42
N LEU C 76 57.12 -7.95 -9.65
CA LEU C 76 57.45 -7.10 -8.51
C LEU C 76 58.06 -5.79 -8.97
N ASP C 77 58.86 -5.81 -10.04
CA ASP C 77 59.34 -4.53 -10.54
C ASP C 77 58.24 -3.73 -11.23
N THR C 78 57.32 -4.41 -11.92
CA THR C 78 56.20 -3.73 -12.55
C THR C 78 55.30 -3.08 -11.51
N LEU C 79 54.98 -3.80 -10.45
CA LEU C 79 54.17 -3.25 -9.37
C LEU C 79 54.93 -2.22 -8.57
N ALA C 80 56.27 -2.28 -8.58
CA ALA C 80 57.06 -1.24 -7.91
C ALA C 80 56.98 0.07 -8.67
N ALA C 81 57.16 0.02 -9.99
CA ALA C 81 57.03 1.24 -10.79
C ALA C 81 55.60 1.76 -10.77
N GLU C 82 54.62 0.86 -10.68
CA GLU C 82 53.23 1.27 -10.59
C GLU C 82 52.94 1.99 -9.28
N THR C 83 53.47 1.46 -8.17
CA THR C 83 53.28 2.10 -6.87
C THR C 83 53.97 3.45 -6.81
N ALA C 84 55.17 3.55 -7.39
CA ALA C 84 55.85 4.84 -7.46
C ALA C 84 55.07 5.84 -8.31
N ALA C 85 54.44 5.35 -9.39
CA ALA C 85 53.60 6.20 -10.21
C ALA C 85 52.38 6.70 -9.45
N THR C 86 51.81 5.87 -8.57
CA THR C 86 50.70 6.35 -7.76
C THR C 86 51.14 7.28 -6.65
N LEU C 87 52.38 7.13 -6.17
CA LEU C 87 52.89 8.00 -5.11
C LEU C 87 53.49 9.29 -5.63
N THR C 88 53.54 9.49 -6.96
CA THR C 88 54.09 10.69 -7.57
C THR C 88 53.41 11.98 -7.11
N THR C 89 52.17 11.91 -6.63
CA THR C 89 51.46 13.09 -6.15
C THR C 89 52.14 13.74 -4.95
N LYS C 90 52.79 12.95 -4.09
CA LYS C 90 53.43 13.51 -2.91
C LYS C 90 54.67 14.32 -3.25
N HIS C 91 55.46 13.86 -4.22
CA HIS C 91 56.59 14.65 -4.64
C HIS C 91 56.86 14.31 -6.10
N PRO C 92 57.18 15.30 -6.94
CA PRO C 92 57.35 15.05 -8.38
C PRO C 92 58.55 14.21 -8.75
N ASP C 93 59.44 13.85 -7.83
CA ASP C 93 60.57 13.02 -8.21
C ASP C 93 60.22 11.55 -8.34
N TYR C 94 59.04 11.13 -7.88
CA TYR C 94 58.65 9.74 -8.05
C TYR C 94 58.27 9.41 -9.49
N ALA C 95 58.03 10.42 -10.32
CA ALA C 95 57.89 10.15 -11.75
C ALA C 95 59.24 9.77 -12.35
N ILE C 96 60.30 10.48 -11.95
CA ILE C 96 61.64 10.14 -12.40
C ILE C 96 62.04 8.78 -11.84
N LEU C 97 61.61 8.49 -10.61
CA LEU C 97 61.87 7.19 -10.01
C LEU C 97 61.17 6.07 -10.77
N ALA C 98 59.86 6.23 -11.02
CA ALA C 98 59.09 5.18 -11.68
C ALA C 98 59.54 4.96 -13.11
N ALA C 99 59.97 6.02 -13.78
CA ALA C 99 60.60 5.87 -15.09
C ALA C 99 61.90 5.07 -14.98
N ARG C 100 62.70 5.34 -13.95
CA ARG C 100 63.94 4.57 -13.80
C ARG C 100 63.67 3.11 -13.44
N ILE C 101 62.56 2.83 -12.76
CA ILE C 101 62.24 1.47 -12.39
C ILE C 101 61.79 0.68 -13.61
N ALA C 102 60.88 1.25 -14.40
CA ALA C 102 60.38 0.52 -15.56
C ALA C 102 61.44 0.37 -16.64
N VAL C 103 62.19 1.45 -16.89
CA VAL C 103 63.22 1.41 -17.92
C VAL C 103 64.40 0.54 -17.48
N SER C 104 64.72 0.52 -16.19
CA SER C 104 65.74 -0.41 -15.72
C SER C 104 65.25 -1.85 -15.78
N ASN C 105 63.94 -2.07 -15.57
CA ASN C 105 63.36 -3.39 -15.69
C ASN C 105 63.48 -3.91 -17.13
N LEU C 106 63.28 -3.02 -18.10
CA LEU C 106 63.41 -3.48 -19.47
C LEU C 106 64.88 -3.66 -19.86
N HIS C 107 65.76 -2.75 -19.45
CA HIS C 107 67.15 -2.83 -19.85
C HIS C 107 67.92 -3.92 -19.14
N LYS C 108 67.42 -4.42 -18.02
CA LYS C 108 68.00 -5.66 -17.50
C LYS C 108 67.54 -6.86 -18.31
N GLU C 109 66.41 -6.76 -19.00
CA GLU C 109 65.81 -7.96 -19.60
C GLU C 109 66.44 -8.32 -20.93
N THR C 110 66.29 -7.46 -21.93
CA THR C 110 66.62 -7.84 -23.29
C THR C 110 68.09 -7.56 -23.60
N LYS C 111 68.46 -7.79 -24.85
CA LYS C 111 69.88 -7.84 -25.20
C LYS C 111 70.49 -6.46 -25.35
N LYS C 112 71.81 -6.40 -25.18
CA LYS C 112 72.53 -5.13 -25.25
C LYS C 112 72.84 -4.76 -26.69
N VAL C 113 73.15 -5.74 -27.53
CA VAL C 113 73.60 -5.48 -28.89
C VAL C 113 72.40 -5.47 -29.83
N PHE C 114 72.34 -4.45 -30.69
CA PHE C 114 71.25 -4.28 -31.65
C PHE C 114 71.27 -5.36 -32.72
N SER C 115 72.47 -5.79 -33.13
CA SER C 115 72.61 -6.68 -34.27
C SER C 115 72.06 -8.07 -33.97
N ASP C 116 72.26 -8.56 -32.75
CA ASP C 116 71.78 -9.89 -32.44
C ASP C 116 70.28 -9.89 -32.19
N VAL C 117 69.73 -8.74 -31.79
CA VAL C 117 68.28 -8.57 -31.74
C VAL C 117 67.70 -8.64 -33.15
N MET C 118 68.36 -7.98 -34.11
CA MET C 118 67.86 -8.03 -35.48
C MET C 118 67.98 -9.43 -36.08
N GLU C 119 69.05 -10.16 -35.72
CA GLU C 119 69.15 -11.55 -36.18
C GLU C 119 68.11 -12.44 -35.51
N ASP C 120 67.74 -12.12 -34.27
CA ASP C 120 66.68 -12.88 -33.62
C ASP C 120 65.33 -12.60 -34.27
N LEU C 121 65.10 -11.35 -34.69
CA LEU C 121 63.82 -11.03 -35.32
C LEU C 121 63.72 -11.63 -36.71
N TYR C 122 64.79 -11.56 -37.50
CA TYR C 122 64.73 -12.16 -38.83
C TYR C 122 64.72 -13.67 -38.76
N ASN C 123 65.39 -14.25 -37.77
CA ASN C 123 65.40 -15.69 -37.60
C ASN C 123 64.25 -16.19 -36.75
N TYR C 124 63.14 -15.45 -36.70
CA TYR C 124 61.97 -15.88 -35.98
C TYR C 124 61.32 -17.06 -36.68
N ILE C 125 60.73 -17.95 -35.89
CA ILE C 125 60.00 -19.10 -36.38
C ILE C 125 58.69 -19.17 -35.61
N ASN C 126 57.57 -19.28 -36.34
CA ASN C 126 56.24 -19.42 -35.76
C ASN C 126 56.19 -20.67 -34.89
N PRO C 127 55.94 -20.54 -33.58
CA PRO C 127 56.14 -21.67 -32.68
C PRO C 127 55.12 -22.81 -32.77
N HIS C 128 54.20 -22.77 -33.73
CA HIS C 128 53.45 -23.98 -34.04
C HIS C 128 53.20 -24.15 -35.53
N ASN C 129 53.97 -23.47 -36.38
CA ASN C 129 53.88 -23.70 -37.82
C ASN C 129 55.23 -23.81 -38.51
N GLY C 130 56.33 -23.55 -37.83
CA GLY C 130 57.65 -23.78 -38.39
C GLY C 130 58.10 -22.84 -39.47
N LYS C 131 57.32 -21.80 -39.77
CA LYS C 131 57.60 -20.92 -40.90
C LYS C 131 58.59 -19.85 -40.48
N HIS C 132 59.61 -19.65 -41.33
CA HIS C 132 60.58 -18.57 -41.14
C HIS C 132 59.87 -17.27 -41.48
N SER C 133 59.12 -16.76 -40.50
CA SER C 133 58.21 -15.63 -40.64
C SER C 133 58.85 -14.42 -39.99
N PRO C 134 59.60 -13.61 -40.72
CA PRO C 134 60.46 -12.62 -40.08
C PRO C 134 59.69 -11.41 -39.59
N MET C 135 60.33 -10.69 -38.68
CA MET C 135 59.84 -9.40 -38.25
C MET C 135 60.43 -8.26 -39.05
N VAL C 136 61.56 -8.49 -39.72
CA VAL C 136 62.22 -7.49 -40.55
C VAL C 136 62.57 -8.11 -41.89
N ALA C 137 62.69 -7.27 -42.90
CA ALA C 137 63.06 -7.74 -44.22
C ALA C 137 64.54 -8.07 -44.28
N LYS C 138 64.92 -8.85 -45.28
CA LYS C 138 66.30 -9.32 -45.37
C LYS C 138 67.25 -8.20 -45.79
N SER C 139 66.75 -7.20 -46.51
CA SER C 139 67.62 -6.08 -46.88
C SER C 139 67.93 -5.20 -45.68
N THR C 140 67.01 -5.12 -44.72
CA THR C 140 67.27 -4.41 -43.48
C THR C 140 68.38 -5.10 -42.69
N LEU C 141 68.30 -6.43 -42.60
CA LEU C 141 69.34 -7.19 -41.93
C LEU C 141 70.65 -7.13 -42.70
N ASP C 142 70.59 -6.96 -44.02
CA ASP C 142 71.81 -6.79 -44.81
C ASP C 142 72.48 -5.46 -44.48
N ILE C 143 71.68 -4.40 -44.35
CA ILE C 143 72.23 -3.10 -44.02
C ILE C 143 72.80 -3.09 -42.60
N VAL C 144 72.13 -3.80 -41.69
CA VAL C 144 72.62 -3.87 -40.31
C VAL C 144 73.92 -4.67 -40.24
N LEU C 145 73.92 -5.89 -40.79
CA LEU C 145 75.09 -6.74 -40.69
C LEU C 145 76.26 -6.24 -41.52
N ALA C 146 76.02 -5.44 -42.54
CA ALA C 146 77.13 -4.82 -43.25
C ALA C 146 77.69 -3.61 -42.50
N ASN C 147 76.95 -3.09 -41.52
CA ASN C 147 77.34 -1.83 -40.90
C ASN C 147 77.14 -1.85 -39.40
N LYS C 148 77.24 -3.02 -38.77
CA LYS C 148 76.94 -3.12 -37.34
C LYS C 148 78.03 -2.52 -36.46
N ASP C 149 79.22 -2.30 -36.99
CA ASP C 149 80.34 -1.89 -36.16
C ASP C 149 80.27 -0.41 -35.83
N ARG C 150 79.98 0.43 -36.81
CA ARG C 150 79.75 1.85 -36.55
C ARG C 150 78.42 2.07 -35.85
N LEU C 151 77.41 1.30 -36.24
CA LEU C 151 76.05 1.58 -35.80
C LEU C 151 75.79 1.08 -34.39
N ASN C 152 76.42 -0.03 -33.98
CA ASN C 152 76.36 -0.41 -32.57
C ASN C 152 77.13 0.56 -31.70
N SER C 153 78.12 1.25 -32.25
CA SER C 153 78.81 2.29 -31.51
C SER C 153 78.02 3.58 -31.46
N ALA C 154 77.09 3.79 -32.39
CA ALA C 154 76.38 5.07 -32.42
C ALA C 154 75.27 5.16 -31.39
N ILE C 155 74.73 4.03 -30.93
CA ILE C 155 73.56 4.03 -30.06
C ILE C 155 73.95 4.49 -28.66
N ILE C 156 73.12 5.33 -28.05
CA ILE C 156 73.35 5.82 -26.70
C ILE C 156 72.16 5.41 -25.84
N TYR C 157 72.38 4.49 -24.90
CA TYR C 157 71.33 4.02 -24.00
C TYR C 157 71.10 4.91 -22.80
N ASP C 158 71.80 6.05 -22.72
CA ASP C 158 71.56 7.00 -21.65
C ASP C 158 70.28 7.79 -21.85
N ARG C 159 69.69 7.73 -23.04
CA ARG C 159 68.53 8.52 -23.40
C ARG C 159 67.21 7.82 -23.09
N ASP C 160 67.23 6.55 -22.75
CA ASP C 160 66.01 5.83 -22.46
C ASP C 160 65.42 6.16 -21.10
N PHE C 161 66.21 6.72 -20.19
CA PHE C 161 65.69 7.16 -18.90
C PHE C 161 65.13 8.58 -18.96
N SER C 162 64.79 9.06 -20.14
CA SER C 162 64.28 10.41 -20.33
C SER C 162 62.81 10.46 -20.67
N TYR C 163 62.17 9.30 -20.86
CA TYR C 163 60.74 9.30 -21.12
C TYR C 163 59.96 9.46 -19.82
N ASN C 164 58.72 9.89 -19.95
CA ASN C 164 57.80 9.79 -18.84
C ASN C 164 57.41 8.34 -18.63
N TYR C 165 56.82 8.06 -17.46
CA TYR C 165 56.39 6.71 -17.16
C TYR C 165 55.23 6.29 -18.04
N PHE C 166 54.20 7.13 -18.13
CA PHE C 166 53.02 6.76 -18.88
C PHE C 166 53.29 6.76 -20.37
N GLY C 167 54.19 7.63 -20.82
CA GLY C 167 54.64 7.56 -22.19
C GLY C 167 55.44 6.30 -22.46
N PHE C 168 56.17 5.80 -21.47
CA PHE C 168 56.88 4.57 -21.67
C PHE C 168 55.96 3.36 -21.66
N LYS C 169 54.91 3.38 -20.86
CA LYS C 169 54.00 2.25 -20.86
C LYS C 169 53.16 2.23 -22.13
N THR C 170 52.78 3.43 -22.62
CA THR C 170 52.09 3.51 -23.89
C THR C 170 52.99 3.10 -25.04
N LEU C 171 54.28 3.46 -24.95
CA LEU C 171 55.25 3.03 -25.96
C LEU C 171 55.49 1.54 -25.90
N GLU C 172 55.35 0.94 -24.73
CA GLU C 172 55.68 -0.47 -24.57
C GLU C 172 54.52 -1.38 -24.93
N ARG C 173 53.28 -0.97 -24.66
CA ARG C 173 52.17 -1.90 -24.80
C ARG C 173 51.83 -2.19 -26.25
N SER C 174 52.23 -1.31 -27.18
CA SER C 174 51.75 -1.46 -28.55
C SER C 174 52.83 -1.27 -29.60
N TYR C 175 53.92 -0.58 -29.28
CA TYR C 175 54.83 -0.18 -30.36
C TYR C 175 56.07 -1.04 -30.47
N LEU C 176 56.59 -1.56 -29.37
CA LEU C 176 57.78 -2.39 -29.42
C LEU C 176 57.43 -3.77 -29.98
N LEU C 177 58.29 -4.27 -30.86
CA LEU C 177 58.00 -5.52 -31.54
C LEU C 177 58.17 -6.70 -30.60
N LYS C 178 57.09 -7.45 -30.39
CA LYS C 178 57.05 -8.50 -29.40
C LYS C 178 57.40 -9.84 -30.01
N ILE C 179 57.90 -10.75 -29.19
CA ILE C 179 58.14 -12.13 -29.60
C ILE C 179 57.39 -13.02 -28.62
N ASN C 180 56.29 -13.62 -29.10
CA ASN C 180 55.44 -14.56 -28.35
C ASN C 180 54.90 -13.94 -27.07
N GLY C 181 54.61 -12.65 -27.09
CA GLY C 181 54.09 -11.95 -25.94
C GLY C 181 55.13 -11.29 -25.07
N LYS C 182 56.40 -11.60 -25.25
CA LYS C 182 57.47 -10.99 -24.47
C LYS C 182 58.15 -9.94 -25.33
N VAL C 183 58.23 -8.71 -24.82
CA VAL C 183 58.79 -7.61 -25.57
C VAL C 183 60.30 -7.81 -25.69
N ALA C 184 60.81 -7.77 -26.91
CA ALA C 184 62.22 -8.04 -27.15
C ALA C 184 62.91 -6.89 -27.87
N GLU C 185 62.50 -5.66 -27.58
CA GLU C 185 63.17 -4.49 -28.14
C GLU C 185 63.30 -3.41 -27.09
N ARG C 186 64.52 -2.92 -26.90
CA ARG C 186 64.73 -1.69 -26.18
C ARG C 186 64.24 -0.53 -27.03
N PRO C 187 63.95 0.62 -26.42
CA PRO C 187 63.49 1.76 -27.24
C PRO C 187 64.50 2.28 -28.24
N GLN C 188 65.78 2.33 -27.88
CA GLN C 188 66.78 2.72 -28.86
C GLN C 188 66.95 1.68 -29.96
N HIS C 189 66.60 0.43 -29.68
CA HIS C 189 66.54 -0.56 -30.76
C HIS C 189 65.42 -0.23 -31.73
N MET C 190 64.32 0.32 -31.24
CA MET C 190 63.24 0.67 -32.14
C MET C 190 63.58 1.91 -32.95
N LEU C 191 64.17 2.93 -32.31
CA LEU C 191 64.45 4.17 -33.03
C LEU C 191 65.60 4.00 -34.01
N MET C 192 66.61 3.21 -33.63
CA MET C 192 67.65 2.88 -34.59
C MET C 192 67.12 1.95 -35.69
N ARG C 193 66.16 1.08 -35.36
CA ARG C 193 65.50 0.28 -36.38
C ARG C 193 64.73 1.15 -37.37
N VAL C 194 64.16 2.26 -36.90
CA VAL C 194 63.50 3.18 -37.81
C VAL C 194 64.51 3.88 -38.71
N SER C 195 65.64 4.33 -38.14
CA SER C 195 66.62 5.04 -38.96
C SER C 195 67.28 4.14 -39.99
N VAL C 196 67.45 2.85 -39.68
CA VAL C 196 67.88 1.91 -40.71
C VAL C 196 66.76 1.66 -41.71
N GLY C 197 65.52 1.65 -41.23
CA GLY C 197 64.38 1.41 -42.09
C GLY C 197 64.08 2.51 -43.08
N ILE C 198 64.57 3.72 -42.82
CA ILE C 198 64.39 4.81 -43.78
C ILE C 198 65.69 5.05 -44.53
N HIS C 199 66.75 5.40 -43.82
CA HIS C 199 68.02 5.69 -44.48
C HIS C 199 68.71 4.38 -44.77
N LYS C 200 68.52 3.86 -45.99
CA LYS C 200 68.92 2.50 -46.29
C LYS C 200 70.42 2.41 -46.55
N GLU C 201 70.90 3.08 -47.60
CA GLU C 201 72.31 2.92 -47.95
C GLU C 201 73.20 3.80 -47.08
N ASP C 202 72.77 5.01 -46.77
CA ASP C 202 73.63 5.96 -46.08
C ASP C 202 73.56 5.73 -44.58
N ILE C 203 74.69 5.97 -43.91
CA ILE C 203 74.80 5.79 -42.47
C ILE C 203 74.90 7.13 -41.74
N ASP C 204 75.54 8.14 -42.35
CA ASP C 204 75.64 9.46 -41.73
C ASP C 204 74.27 10.09 -41.54
N ALA C 205 73.37 9.87 -42.49
CA ALA C 205 71.99 10.30 -42.31
C ALA C 205 71.28 9.46 -41.26
N ALA C 206 71.70 8.21 -41.07
CA ALA C 206 71.09 7.40 -40.03
C ALA C 206 71.57 7.76 -38.64
N ILE C 207 72.75 8.35 -38.53
CA ILE C 207 73.28 8.75 -37.24
C ILE C 207 72.88 10.18 -36.88
N GLU C 208 72.83 11.07 -37.87
CA GLU C 208 72.25 12.38 -37.64
C GLU C 208 70.75 12.26 -37.40
N THR C 209 70.09 11.38 -38.16
CA THR C 209 68.68 11.13 -37.98
C THR C 209 68.40 10.41 -36.66
N TYR C 210 69.31 9.51 -36.27
CA TYR C 210 69.13 8.82 -34.99
C TYR C 210 69.34 9.76 -33.82
N ASN C 211 70.39 10.59 -33.87
CA ASN C 211 70.68 11.43 -32.71
C ASN C 211 69.69 12.58 -32.62
N LEU C 212 69.32 13.15 -33.77
CA LEU C 212 68.27 14.15 -33.78
C LEU C 212 66.91 13.55 -33.46
N LEU C 213 66.74 12.24 -33.66
CA LEU C 213 65.49 11.57 -33.35
C LEU C 213 65.39 11.22 -31.88
N SER C 214 66.40 10.52 -31.36
CA SER C 214 66.42 10.04 -29.99
C SER C 214 66.71 11.15 -29.00
N GLU C 215 67.18 12.32 -29.45
CA GLU C 215 67.15 13.50 -28.60
C GLU C 215 65.78 14.20 -28.61
N ARG C 216 64.76 13.52 -29.11
CA ARG C 216 63.35 13.88 -28.93
C ARG C 216 63.00 15.20 -29.59
N TRP C 217 63.70 15.57 -30.65
CA TRP C 217 63.39 16.79 -31.37
C TRP C 217 62.14 16.63 -32.21
N PHE C 218 62.17 15.71 -33.17
CA PHE C 218 60.99 15.35 -33.94
C PHE C 218 60.78 13.86 -33.84
N THR C 219 59.57 13.42 -34.15
CA THR C 219 59.23 12.02 -34.22
C THR C 219 58.34 11.78 -35.42
N HIS C 220 58.46 10.60 -36.02
CA HIS C 220 57.62 10.25 -37.15
C HIS C 220 56.23 9.85 -36.68
N ALA C 221 55.36 9.54 -37.64
CA ALA C 221 54.01 9.12 -37.33
C ALA C 221 53.99 7.66 -36.90
N SER C 222 52.82 7.20 -36.48
CA SER C 222 52.70 5.87 -35.89
C SER C 222 52.80 4.69 -36.86
N PRO C 223 52.30 4.74 -38.11
CA PRO C 223 52.63 3.64 -39.02
C PRO C 223 54.09 3.58 -39.41
N THR C 224 54.81 4.69 -39.33
CA THR C 224 56.26 4.63 -39.51
C THR C 224 56.91 3.87 -38.36
N LEU C 225 56.45 4.12 -37.13
CA LEU C 225 56.94 3.36 -35.99
C LEU C 225 56.49 1.91 -36.04
N PHE C 226 55.39 1.61 -36.73
CA PHE C 226 54.96 0.24 -36.88
C PHE C 226 55.85 -0.52 -37.85
N ASN C 227 56.02 0.02 -39.05
CA ASN C 227 56.50 -0.80 -40.15
C ASN C 227 57.73 -0.19 -40.80
N ALA C 228 58.68 0.25 -40.00
CA ALA C 228 59.94 0.72 -40.55
C ALA C 228 60.88 -0.46 -40.70
N GLY C 229 61.25 -0.77 -41.94
CA GLY C 229 62.16 -1.85 -42.20
C GLY C 229 61.61 -3.24 -41.99
N THR C 230 60.32 -3.37 -41.71
CA THR C 230 59.71 -4.68 -41.49
C THR C 230 59.43 -5.33 -42.84
N ASN C 231 58.68 -6.41 -42.84
CA ASN C 231 58.55 -7.19 -44.06
C ASN C 231 57.54 -6.55 -45.01
N ARG C 232 56.52 -5.87 -44.49
CA ARG C 232 55.56 -5.12 -45.28
C ARG C 232 55.72 -3.64 -44.96
N PRO C 233 56.64 -2.94 -45.60
CA PRO C 233 56.85 -1.53 -45.22
C PRO C 233 55.75 -0.64 -45.75
N GLN C 234 54.83 -0.26 -44.88
CA GLN C 234 53.75 0.64 -45.24
C GLN C 234 53.87 1.82 -44.29
N LEU C 235 54.73 2.77 -44.63
CA LEU C 235 55.07 3.84 -43.71
C LEU C 235 54.05 4.97 -43.73
N SER C 236 53.05 4.92 -44.60
CA SER C 236 52.16 6.05 -44.78
C SER C 236 51.01 6.02 -43.79
N SER C 237 50.47 7.20 -43.53
CA SER C 237 49.38 7.31 -42.58
C SER C 237 48.21 8.13 -43.05
N CYS C 238 48.21 8.63 -44.28
CA CYS C 238 47.10 9.43 -44.77
C CYS C 238 46.60 8.88 -46.10
N PHE C 239 45.31 8.54 -46.16
CA PHE C 239 44.71 7.96 -47.35
C PHE C 239 43.36 8.61 -47.62
N LEU C 240 43.22 9.12 -48.83
CA LEU C 240 42.01 9.80 -49.29
C LEU C 240 41.51 9.07 -50.52
N LEU C 241 40.29 8.53 -50.41
CA LEU C 241 39.67 7.72 -51.45
C LEU C 241 38.33 8.29 -51.82
N SER C 242 38.04 8.30 -53.12
CA SER C 242 36.73 8.63 -53.63
C SER C 242 36.17 7.43 -54.38
N MET C 243 34.88 7.47 -54.68
CA MET C 243 34.23 6.34 -55.32
C MET C 243 34.65 6.20 -56.77
N LYS C 244 34.91 4.97 -57.19
CA LYS C 244 35.22 4.72 -58.59
C LYS C 244 34.02 4.97 -59.47
N ASP C 245 32.83 4.62 -59.00
CA ASP C 245 31.65 4.61 -59.85
C ASP C 245 30.42 4.62 -58.94
N ASP C 246 29.31 5.09 -59.49
CA ASP C 246 28.02 4.98 -58.82
C ASP C 246 27.31 3.70 -59.24
N SER C 247 28.01 2.59 -59.13
CA SER C 247 27.47 1.28 -59.45
C SER C 247 27.84 0.34 -58.32
N ILE C 248 27.36 -0.91 -58.41
CA ILE C 248 27.75 -1.90 -57.43
C ILE C 248 29.23 -2.24 -57.57
N GLU C 249 29.75 -2.22 -58.80
CA GLU C 249 31.16 -2.51 -59.02
C GLU C 249 32.05 -1.42 -58.42
N GLY C 250 31.63 -0.17 -58.52
CA GLY C 250 32.41 0.90 -57.92
C GLY C 250 32.33 0.90 -56.41
N ILE C 251 31.16 0.59 -55.86
CA ILE C 251 30.99 0.62 -54.42
C ILE C 251 31.77 -0.52 -53.78
N TYR C 252 31.69 -1.71 -54.33
CA TYR C 252 32.40 -2.80 -53.71
C TYR C 252 33.87 -2.86 -54.09
N ASP C 253 34.28 -2.25 -55.19
CA ASP C 253 35.72 -2.12 -55.42
C ASP C 253 36.32 -1.08 -54.49
N THR C 254 35.58 -0.01 -54.20
CA THR C 254 36.05 0.95 -53.21
C THR C 254 36.08 0.33 -51.82
N LEU C 255 35.11 -0.55 -51.53
CA LEU C 255 35.13 -1.30 -50.29
C LEU C 255 36.33 -2.22 -50.20
N LYS C 256 36.74 -2.81 -51.32
CA LYS C 256 37.94 -3.63 -51.35
C LYS C 256 39.18 -2.81 -51.06
N GLN C 257 39.29 -1.62 -51.68
CA GLN C 257 40.48 -0.80 -51.44
C GLN C 257 40.54 -0.30 -50.02
N CYS C 258 39.39 0.05 -49.43
CA CYS C 258 39.37 0.44 -48.03
C CYS C 258 39.71 -0.73 -47.12
N ALA C 259 39.40 -1.95 -47.54
CA ALA C 259 39.76 -3.11 -46.74
C ALA C 259 41.27 -3.33 -46.74
N LEU C 260 41.92 -3.25 -47.91
CA LEU C 260 43.36 -3.47 -47.96
C LEU C 260 44.14 -2.36 -47.28
N ILE C 261 43.70 -1.12 -47.49
CA ILE C 261 44.40 0.00 -46.87
C ILE C 261 44.21 -0.01 -45.36
N SER C 262 43.01 -0.33 -44.90
CA SER C 262 42.82 -0.48 -43.46
C SER C 262 43.51 -1.72 -42.91
N LYS C 263 43.87 -2.69 -43.75
CA LYS C 263 44.74 -3.76 -43.29
C LYS C 263 46.15 -3.24 -43.02
N SER C 264 46.69 -2.46 -43.94
CA SER C 264 48.10 -2.10 -43.80
C SER C 264 48.30 -0.83 -42.96
N ALA C 265 47.38 -0.58 -42.02
CA ALA C 265 47.48 0.47 -40.99
C ALA C 265 47.58 1.86 -41.62
N GLY C 266 46.48 2.27 -42.24
CA GLY C 266 46.31 3.61 -42.73
C GLY C 266 45.04 4.25 -42.19
N GLY C 267 44.87 5.52 -42.53
CA GLY C 267 43.66 6.24 -42.18
C GLY C 267 42.91 6.66 -43.41
N ILE C 268 41.62 6.37 -43.49
CA ILE C 268 40.90 6.41 -44.74
C ILE C 268 39.76 7.42 -44.65
N GLY C 269 39.80 8.43 -45.52
CA GLY C 269 38.70 9.35 -45.69
C GLY C 269 38.08 9.20 -47.06
N VAL C 270 36.77 9.05 -47.13
CA VAL C 270 36.08 8.63 -48.34
C VAL C 270 35.13 9.74 -48.77
N ALA C 271 35.18 10.12 -50.04
CA ALA C 271 34.24 11.08 -50.61
C ALA C 271 33.02 10.32 -51.14
N VAL C 272 31.87 10.46 -50.47
CA VAL C 272 30.73 9.63 -50.83
C VAL C 272 29.69 10.58 -51.41
N SER C 273 30.15 11.58 -52.16
CA SER C 273 29.22 12.55 -52.72
C SER C 273 28.42 11.97 -53.87
N CYS C 274 29.02 11.09 -54.67
CA CYS C 274 28.48 10.76 -55.99
C CYS C 274 27.66 9.48 -56.01
N ILE C 275 26.91 9.19 -54.96
CA ILE C 275 26.02 8.04 -54.90
C ILE C 275 24.59 8.57 -54.97
N ARG C 276 23.77 7.97 -55.82
CA ARG C 276 22.41 8.43 -56.01
C ARG C 276 21.56 8.16 -54.78
N ALA C 277 20.54 8.97 -54.60
CA ALA C 277 19.83 9.04 -53.33
C ALA C 277 18.66 8.07 -53.30
N THR C 278 17.83 8.19 -52.28
CA THR C 278 16.71 7.27 -52.10
C THR C 278 15.61 7.57 -53.11
N GLY C 279 15.21 6.55 -53.85
CA GLY C 279 14.07 6.64 -54.73
C GLY C 279 14.40 6.86 -56.19
N SER C 280 15.65 7.12 -56.53
CA SER C 280 16.01 7.32 -57.92
C SER C 280 15.90 6.02 -58.71
N TYR C 281 15.57 6.14 -59.98
CA TYR C 281 15.31 4.97 -60.80
C TYR C 281 16.61 4.28 -61.17
N ILE C 282 16.57 2.96 -61.21
CA ILE C 282 17.73 2.14 -61.54
C ILE C 282 17.44 1.47 -62.88
N ALA C 283 18.20 1.85 -63.91
CA ALA C 283 17.90 1.40 -65.26
C ALA C 283 18.23 -0.07 -65.49
N GLY C 284 19.00 -0.70 -64.61
CA GLY C 284 19.37 -2.08 -64.82
C GLY C 284 18.29 -3.06 -64.40
N THR C 285 17.74 -2.87 -63.20
CA THR C 285 16.81 -3.83 -62.63
C THR C 285 15.44 -3.22 -62.34
N ASN C 286 15.16 -2.04 -62.90
CA ASN C 286 13.84 -1.39 -62.91
C ASN C 286 13.31 -1.08 -61.52
N GLY C 287 14.19 -0.96 -60.52
CA GLY C 287 13.81 -0.66 -59.18
C GLY C 287 14.23 0.72 -58.75
N ASN C 288 14.20 0.95 -57.46
CA ASN C 288 14.58 2.23 -56.88
C ASN C 288 15.60 1.99 -55.78
N SER C 289 16.57 2.89 -55.68
CA SER C 289 17.63 2.76 -54.68
C SER C 289 17.09 3.03 -53.29
N ASN C 290 17.76 2.46 -52.30
CA ASN C 290 17.43 2.73 -50.90
C ASN C 290 18.29 3.84 -50.32
N GLY C 291 19.22 4.39 -51.09
CA GLY C 291 19.96 5.55 -50.66
C GLY C 291 21.34 5.24 -50.14
N LEU C 292 21.74 5.94 -49.07
CA LEU C 292 23.07 5.82 -48.50
C LEU C 292 23.11 5.06 -47.20
N VAL C 293 22.00 4.93 -46.50
CA VAL C 293 21.98 4.42 -45.13
C VAL C 293 22.40 2.95 -45.02
N PRO C 294 21.90 2.01 -45.84
CA PRO C 294 22.45 0.65 -45.72
C PRO C 294 23.86 0.52 -46.25
N MET C 295 24.24 1.36 -47.22
CA MET C 295 25.60 1.35 -47.74
C MET C 295 26.61 1.76 -46.67
N LEU C 296 26.35 2.87 -45.99
CA LEU C 296 27.18 3.28 -44.88
C LEU C 296 27.06 2.32 -43.70
N ARG C 297 25.99 1.53 -43.63
CA ARG C 297 25.97 0.47 -42.64
C ARG C 297 26.91 -0.68 -43.00
N VAL C 298 27.08 -0.95 -44.30
CA VAL C 298 28.09 -1.92 -44.74
C VAL C 298 29.48 -1.41 -44.41
N TYR C 299 29.72 -0.12 -44.64
CA TYR C 299 30.99 0.45 -44.21
C TYR C 299 31.15 0.48 -42.70
N ASN C 300 30.05 0.45 -41.95
CA ASN C 300 30.15 0.35 -40.50
C ASN C 300 30.70 -1.01 -40.10
N ASN C 301 30.14 -2.09 -40.64
CA ASN C 301 30.69 -3.39 -40.27
C ASN C 301 32.09 -3.61 -40.82
N THR C 302 32.43 -3.00 -41.96
CA THR C 302 33.81 -3.12 -42.43
C THR C 302 34.75 -2.36 -41.51
N ALA C 303 34.31 -1.23 -40.96
CA ALA C 303 35.13 -0.53 -39.99
C ALA C 303 35.28 -1.32 -38.69
N ARG C 304 34.32 -2.17 -38.36
CA ARG C 304 34.51 -3.01 -37.18
C ARG C 304 35.43 -4.20 -37.46
N TYR C 305 35.35 -4.79 -38.66
CA TYR C 305 36.05 -6.05 -38.89
C TYR C 305 37.55 -5.85 -39.03
N VAL C 306 37.98 -5.11 -40.05
CA VAL C 306 39.41 -4.94 -40.31
C VAL C 306 39.97 -3.97 -39.29
N ASP C 307 41.00 -4.39 -38.56
CA ASP C 307 41.71 -3.51 -37.65
C ASP C 307 43.05 -3.12 -38.26
N GLN C 308 43.55 -1.96 -37.88
CA GLN C 308 44.80 -1.46 -38.44
C GLN C 308 45.97 -2.21 -37.86
N GLY C 309 46.71 -2.92 -38.72
CA GLY C 309 47.86 -3.67 -38.27
C GLY C 309 47.45 -4.88 -37.44
N GLY C 310 48.25 -5.18 -36.43
CA GLY C 310 47.96 -6.30 -35.55
C GLY C 310 47.08 -5.91 -34.40
N ASN C 311 45.86 -5.48 -34.71
CA ASN C 311 44.85 -5.01 -33.74
C ASN C 311 45.37 -3.86 -32.88
N LYS C 312 46.26 -3.04 -33.43
CA LYS C 312 46.94 -2.04 -32.64
C LYS C 312 46.08 -0.80 -32.41
N ARG C 313 45.18 -0.52 -33.34
CA ARG C 313 44.11 0.47 -33.16
C ARG C 313 43.02 0.15 -34.18
N PRO C 314 41.75 0.38 -33.83
CA PRO C 314 40.67 -0.04 -34.72
C PRO C 314 40.63 0.79 -35.98
N GLY C 315 40.27 0.13 -37.08
CA GLY C 315 40.22 0.79 -38.38
C GLY C 315 39.05 1.74 -38.43
N ALA C 316 39.33 3.02 -38.68
CA ALA C 316 38.30 4.04 -38.67
C ALA C 316 38.18 4.67 -40.05
N PHE C 317 36.95 4.99 -40.42
CA PHE C 317 36.65 5.57 -41.72
C PHE C 317 36.01 6.94 -41.54
N ALA C 318 36.40 7.88 -42.39
CA ALA C 318 35.70 9.14 -42.49
C ALA C 318 34.81 9.11 -43.72
N ILE C 319 33.60 9.65 -43.58
CA ILE C 319 32.63 9.71 -44.66
C ILE C 319 32.33 11.17 -44.92
N TYR C 320 32.68 11.67 -46.09
CA TYR C 320 32.45 13.06 -46.41
C TYR C 320 31.27 13.18 -47.35
N LEU C 321 30.37 14.10 -47.03
CA LEU C 321 29.19 14.34 -47.85
C LEU C 321 29.00 15.83 -48.05
N GLU C 322 28.71 16.25 -49.26
CA GLU C 322 28.35 17.63 -49.49
C GLU C 322 26.88 17.83 -49.15
N PRO C 323 26.50 18.99 -48.60
CA PRO C 323 25.16 19.14 -48.01
C PRO C 323 24.02 19.21 -49.01
N TRP C 324 24.28 19.30 -50.31
CA TRP C 324 23.17 19.34 -51.23
C TRP C 324 22.57 17.98 -51.54
N HIS C 325 23.17 16.90 -51.05
CA HIS C 325 22.66 15.58 -51.35
C HIS C 325 21.36 15.31 -50.59
N LEU C 326 20.49 14.52 -51.21
CA LEU C 326 19.12 14.37 -50.72
C LEU C 326 19.05 13.60 -49.41
N ASP C 327 19.96 12.66 -49.18
CA ASP C 327 19.92 11.84 -47.99
C ASP C 327 20.56 12.50 -46.77
N ILE C 328 20.66 13.83 -46.76
CA ILE C 328 21.46 14.53 -45.77
C ILE C 328 20.83 14.42 -44.38
N PHE C 329 19.51 14.30 -44.28
CA PHE C 329 18.90 14.25 -42.95
C PHE C 329 19.12 12.91 -42.28
N GLU C 330 18.93 11.80 -43.00
CA GLU C 330 19.27 10.50 -42.47
C GLU C 330 20.78 10.32 -42.32
N PHE C 331 21.57 11.07 -43.08
CA PHE C 331 23.01 11.07 -42.87
C PHE C 331 23.38 11.75 -41.56
N LEU C 332 22.70 12.83 -41.22
CA LEU C 332 23.02 13.52 -39.98
C LEU C 332 22.44 12.81 -38.76
N ASP C 333 21.35 12.07 -38.93
CA ASP C 333 20.78 11.32 -37.81
C ASP C 333 21.35 9.91 -37.70
N LEU C 334 22.56 9.69 -38.20
CA LEU C 334 23.09 8.35 -38.36
C LEU C 334 24.08 7.94 -37.28
N LYS C 335 24.89 8.88 -36.77
CA LYS C 335 25.78 8.59 -35.65
C LYS C 335 25.12 9.13 -34.39
N LYS C 336 24.20 8.34 -33.85
CA LYS C 336 23.56 8.70 -32.59
C LYS C 336 23.58 7.50 -31.64
N ASN C 337 22.86 7.62 -30.53
CA ASN C 337 22.82 6.56 -29.54
C ASN C 337 21.50 5.81 -29.52
N THR C 338 20.39 6.50 -29.70
CA THR C 338 19.08 5.89 -29.64
C THR C 338 18.60 5.53 -31.04
N GLY C 339 17.33 5.16 -31.14
CA GLY C 339 16.75 4.79 -32.42
C GLY C 339 16.89 3.31 -32.71
N LYS C 340 16.43 2.93 -33.89
CA LYS C 340 16.59 1.56 -34.33
C LYS C 340 18.06 1.30 -34.68
N GLU C 341 18.48 0.06 -34.49
CA GLU C 341 19.88 -0.27 -34.71
C GLU C 341 20.20 -0.33 -36.21
N GLU C 342 19.24 -0.72 -37.03
CA GLU C 342 19.48 -0.84 -38.46
C GLU C 342 19.48 0.50 -39.19
N GLN C 343 19.30 1.60 -38.49
CA GLN C 343 19.36 2.92 -39.08
C GLN C 343 20.45 3.76 -38.42
N ARG C 344 21.46 3.10 -37.87
CA ARG C 344 22.57 3.78 -37.23
C ARG C 344 23.87 3.13 -37.66
N ALA C 345 24.88 3.95 -37.92
CA ALA C 345 26.23 3.47 -38.24
C ALA C 345 27.18 4.31 -37.40
N ARG C 346 27.46 3.85 -36.18
CA ARG C 346 28.09 4.71 -35.19
C ARG C 346 29.57 4.47 -34.98
N ASP C 347 30.16 3.47 -35.64
CA ASP C 347 31.60 3.28 -35.57
C ASP C 347 32.30 3.88 -36.78
N LEU C 348 31.76 4.96 -37.34
CA LEU C 348 32.38 5.70 -38.41
C LEU C 348 32.67 7.12 -37.91
N PHE C 349 33.11 7.98 -38.81
CA PHE C 349 33.29 9.39 -38.48
C PHE C 349 32.74 10.22 -39.64
N PHE C 350 31.75 11.05 -39.37
CA PHE C 350 30.98 11.71 -40.40
C PHE C 350 31.44 13.15 -40.55
N ALA C 351 31.38 13.65 -41.78
CA ALA C 351 31.82 15.01 -42.00
C ALA C 351 31.13 15.64 -43.19
N LEU C 352 30.85 16.94 -43.05
CA LEU C 352 30.19 17.72 -44.07
C LEU C 352 31.22 18.55 -44.82
N TRP C 353 31.14 18.53 -46.14
CA TRP C 353 32.05 19.24 -47.01
C TRP C 353 31.26 20.39 -47.62
N ILE C 354 31.19 21.50 -46.87
CA ILE C 354 30.18 22.54 -47.11
C ILE C 354 30.71 23.60 -48.07
N PRO C 355 29.95 23.96 -49.10
CA PRO C 355 30.34 25.09 -49.96
C PRO C 355 29.93 26.42 -49.36
N ASP C 356 30.13 27.51 -50.10
CA ASP C 356 29.73 28.81 -49.58
C ASP C 356 28.23 29.06 -49.68
N LEU C 357 27.54 28.35 -50.57
CA LEU C 357 26.12 28.63 -50.77
C LEU C 357 25.28 28.22 -49.59
N PHE C 358 25.62 27.12 -48.91
CA PHE C 358 24.87 26.78 -47.71
C PHE C 358 25.16 27.76 -46.59
N MET C 359 26.35 28.36 -46.59
CA MET C 359 26.66 29.42 -45.64
C MET C 359 25.81 30.66 -45.91
N LYS C 360 25.66 31.03 -47.18
CA LYS C 360 24.90 32.23 -47.51
C LYS C 360 23.40 32.03 -47.32
N ARG C 361 22.89 30.83 -47.63
CA ARG C 361 21.48 30.57 -47.44
C ARG C 361 21.11 30.40 -45.98
N VAL C 362 22.03 29.89 -45.14
CA VAL C 362 21.76 29.94 -43.71
C VAL C 362 21.87 31.36 -43.19
N GLU C 363 22.75 32.17 -43.83
CA GLU C 363 22.98 33.54 -43.38
C GLU C 363 21.73 34.41 -43.52
N THR C 364 21.03 34.31 -44.65
CA THR C 364 19.89 35.18 -44.90
C THR C 364 18.57 34.42 -44.92
N ASN C 365 18.50 33.27 -44.26
CA ASN C 365 17.25 32.53 -43.97
C ASN C 365 16.52 32.12 -45.26
N GLN C 366 17.25 31.91 -46.35
CA GLN C 366 16.60 31.58 -47.60
C GLN C 366 16.39 30.07 -47.69
N ASP C 367 16.04 29.58 -48.87
CA ASP C 367 15.75 28.18 -49.06
C ASP C 367 16.94 27.45 -49.68
N TRP C 368 16.82 26.13 -49.76
CA TRP C 368 17.93 25.29 -50.13
C TRP C 368 17.38 24.09 -50.89
N SER C 369 18.10 23.68 -51.94
CA SER C 369 17.60 22.69 -52.89
C SER C 369 18.36 21.38 -52.72
N LEU C 370 17.72 20.41 -52.07
CA LEU C 370 18.26 19.07 -51.95
C LEU C 370 17.90 18.29 -53.21
N MET C 371 18.92 17.84 -53.93
CA MET C 371 18.77 17.15 -55.20
C MET C 371 19.46 15.79 -55.15
N CYS C 372 19.43 15.10 -56.28
CA CYS C 372 20.02 13.78 -56.44
C CYS C 372 21.07 13.80 -57.54
N PRO C 373 22.27 13.29 -57.29
CA PRO C 373 23.35 13.42 -58.28
C PRO C 373 23.19 12.54 -59.50
N ASN C 374 22.16 11.70 -59.56
CA ASN C 374 21.82 11.09 -60.84
C ASN C 374 21.04 12.07 -61.70
N GLU C 375 20.15 12.85 -61.08
CA GLU C 375 19.39 13.85 -61.81
C GLU C 375 20.26 15.01 -62.23
N CYS C 376 21.14 15.46 -61.34
CA CYS C 376 21.98 16.65 -61.57
C CYS C 376 23.44 16.20 -61.55
N PRO C 377 23.96 15.72 -62.67
CA PRO C 377 25.27 15.08 -62.65
C PRO C 377 26.42 16.06 -62.77
N GLY C 378 27.56 15.65 -62.22
CA GLY C 378 28.79 16.38 -62.34
C GLY C 378 28.82 17.65 -61.52
N LEU C 379 28.47 17.55 -60.24
CA LEU C 379 28.32 18.73 -59.40
C LEU C 379 29.47 18.92 -58.41
N ASP C 380 29.91 17.84 -57.76
CA ASP C 380 30.93 17.96 -56.71
C ASP C 380 32.31 18.30 -57.25
N GLU C 381 32.53 18.17 -58.56
CA GLU C 381 33.78 18.53 -59.19
C GLU C 381 33.86 20.01 -59.52
N VAL C 382 32.94 20.81 -59.02
CA VAL C 382 32.81 22.21 -59.38
C VAL C 382 32.70 23.02 -58.09
N TRP C 383 33.55 24.02 -57.93
CA TRP C 383 33.62 24.80 -56.71
C TRP C 383 33.46 26.29 -57.00
N GLY C 384 33.07 27.04 -55.97
CA GLY C 384 33.08 28.49 -56.04
C GLY C 384 31.94 29.11 -56.82
N GLU C 385 32.28 30.15 -57.60
CA GLU C 385 31.29 30.86 -58.40
C GLU C 385 30.70 29.96 -59.47
N GLU C 386 31.50 29.03 -59.99
CA GLU C 386 30.98 28.08 -60.97
C GLU C 386 29.98 27.13 -60.35
N PHE C 387 30.21 26.74 -59.09
CA PHE C 387 29.21 25.99 -58.35
C PHE C 387 27.97 26.83 -58.08
N GLU C 388 28.13 28.13 -57.90
CA GLU C 388 26.98 29.00 -57.72
C GLU C 388 26.15 29.07 -58.99
N LYS C 389 26.81 29.09 -60.14
CA LYS C 389 26.12 29.19 -61.41
C LYS C 389 25.44 27.88 -61.77
N LEU C 390 26.13 26.76 -61.58
CA LEU C 390 25.56 25.47 -61.92
C LEU C 390 24.45 25.09 -60.95
N TYR C 391 24.64 25.40 -59.68
CA TYR C 391 23.62 25.13 -58.68
C TYR C 391 22.41 26.03 -58.87
N ALA C 392 22.63 27.27 -59.31
CA ALA C 392 21.49 28.11 -59.61
C ALA C 392 20.76 27.65 -60.87
N SER C 393 21.49 27.11 -61.85
CA SER C 393 20.85 26.67 -63.08
C SER C 393 20.04 25.39 -62.85
N TYR C 394 20.54 24.46 -62.03
CA TYR C 394 19.68 23.35 -61.64
C TYR C 394 18.59 23.79 -60.68
N GLU C 395 18.81 24.86 -59.93
CA GLU C 395 17.79 25.36 -59.01
C GLU C 395 16.68 26.06 -59.78
N LYS C 396 16.96 26.49 -61.02
CA LYS C 396 15.97 27.15 -61.87
C LYS C 396 15.06 26.15 -62.56
N GLN C 397 15.59 25.04 -63.06
CA GLN C 397 14.85 24.17 -63.94
C GLN C 397 13.80 23.33 -63.22
N GLY C 398 13.77 23.34 -61.89
CA GLY C 398 12.85 22.49 -61.18
C GLY C 398 13.21 21.02 -61.21
N ARG C 399 14.48 20.71 -61.52
CA ARG C 399 14.94 19.33 -61.52
C ARG C 399 15.23 18.82 -60.11
N VAL C 400 15.28 19.72 -59.13
CA VAL C 400 15.55 19.36 -57.74
C VAL C 400 14.41 18.54 -57.18
N ARG C 401 14.63 17.89 -56.04
CA ARG C 401 13.61 17.00 -55.50
C ARG C 401 13.00 17.50 -54.22
N LYS C 402 13.78 18.12 -53.34
CA LYS C 402 13.22 18.66 -52.12
C LYS C 402 13.75 20.07 -51.91
N VAL C 403 12.94 20.91 -51.30
CA VAL C 403 13.32 22.27 -50.93
C VAL C 403 13.14 22.42 -49.44
N VAL C 404 14.23 22.68 -48.74
CA VAL C 404 14.23 22.80 -47.29
C VAL C 404 14.77 24.17 -46.93
N LYS C 405 14.14 24.84 -45.97
CA LYS C 405 14.67 26.08 -45.41
C LYS C 405 16.02 25.82 -44.77
N ALA C 406 16.98 26.70 -45.06
CA ALA C 406 18.38 26.43 -44.75
C ALA C 406 18.65 26.44 -43.25
N GLN C 407 17.95 27.29 -42.50
CA GLN C 407 18.15 27.33 -41.05
C GLN C 407 17.60 26.10 -40.35
N GLN C 408 16.69 25.36 -41.01
CA GLN C 408 16.24 24.10 -40.43
C GLN C 408 17.34 23.05 -40.49
N LEU C 409 18.03 22.95 -41.64
CA LEU C 409 19.14 22.01 -41.76
C LEU C 409 20.31 22.46 -40.89
N TRP C 410 20.50 23.76 -40.74
CA TRP C 410 21.53 24.25 -39.82
C TRP C 410 21.19 23.90 -38.38
N TYR C 411 19.90 23.94 -38.03
CA TYR C 411 19.47 23.48 -36.71
C TYR C 411 19.68 21.98 -36.54
N ALA C 412 19.57 21.21 -37.62
CA ALA C 412 19.85 19.78 -37.53
C ALA C 412 21.35 19.52 -37.34
N ILE C 413 22.18 20.32 -38.01
CA ILE C 413 23.63 20.21 -37.83
C ILE C 413 24.02 20.53 -36.40
N ILE C 414 23.44 21.58 -35.82
CA ILE C 414 23.77 21.91 -34.44
C ILE C 414 23.17 20.90 -33.47
N GLU C 415 22.08 20.23 -33.85
CA GLU C 415 21.61 19.12 -33.01
C GLU C 415 22.60 17.96 -33.03
N SER C 416 23.18 17.66 -34.20
CA SER C 416 24.10 16.54 -34.28
C SER C 416 25.43 16.85 -33.61
N GLN C 417 25.98 18.03 -33.83
CA GLN C 417 27.23 18.41 -33.18
C GLN C 417 27.04 18.59 -31.69
N THR C 418 25.87 19.06 -31.28
CA THR C 418 25.55 19.17 -29.86
C THR C 418 25.46 17.81 -29.22
N GLU C 419 24.89 16.83 -29.92
CA GLU C 419 24.69 15.53 -29.31
C GLU C 419 25.98 14.72 -29.27
N THR C 420 26.68 14.58 -30.40
CA THR C 420 27.84 13.70 -30.46
C THR C 420 29.14 14.38 -30.85
N GLY C 421 29.11 15.53 -31.49
CA GLY C 421 30.30 16.16 -32.01
C GLY C 421 30.56 15.88 -33.47
N THR C 422 30.07 14.88 -33.94
CA THR C 422 30.01 14.70 -35.37
C THR C 422 28.75 15.37 -35.91
N PRO C 423 28.75 15.91 -37.14
CA PRO C 423 29.76 15.89 -38.20
C PRO C 423 30.89 16.86 -38.00
N TYR C 424 31.99 16.60 -38.69
CA TYR C 424 33.00 17.61 -38.84
C TYR C 424 32.49 18.63 -39.85
N MET C 425 33.13 19.78 -39.92
CA MET C 425 32.74 20.79 -40.89
C MET C 425 33.96 21.30 -41.62
N LEU C 426 33.99 21.10 -42.93
CA LEU C 426 35.04 21.68 -43.74
C LEU C 426 34.40 22.58 -44.78
N TYR C 427 35.19 23.50 -45.33
CA TYR C 427 34.65 24.51 -46.22
C TYR C 427 35.21 24.27 -47.61
N LYS C 428 34.31 24.01 -48.55
CA LYS C 428 34.67 23.48 -49.86
C LYS C 428 35.43 24.50 -50.69
N ASP C 429 34.89 25.70 -50.82
CA ASP C 429 35.49 26.71 -51.68
C ASP C 429 36.76 27.28 -51.04
N SER C 430 36.83 27.29 -49.71
CA SER C 430 38.02 27.74 -49.02
C SER C 430 39.19 26.80 -49.26
N CYS C 431 38.93 25.49 -49.26
CA CYS C 431 39.99 24.52 -49.50
C CYS C 431 40.36 24.46 -50.97
N ASN C 432 39.37 24.51 -51.86
CA ASN C 432 39.65 24.48 -53.29
C ASN C 432 40.33 25.74 -53.79
N ARG C 433 40.18 26.85 -53.07
CA ARG C 433 40.77 28.10 -53.51
C ARG C 433 42.20 28.27 -53.04
N LYS C 434 42.55 27.73 -51.89
CA LYS C 434 43.80 28.05 -51.23
C LYS C 434 44.72 26.85 -51.14
N SER C 435 44.85 26.09 -52.23
CA SER C 435 45.68 24.91 -52.25
C SER C 435 46.57 24.93 -53.48
N ASN C 436 47.68 24.22 -53.40
CA ASN C 436 48.67 24.21 -54.47
C ASN C 436 48.31 23.20 -55.56
N GLN C 437 47.27 22.40 -55.36
CA GLN C 437 46.83 21.44 -56.36
C GLN C 437 45.59 21.91 -57.10
N GLN C 438 45.52 23.22 -57.39
CA GLN C 438 44.42 23.76 -58.17
C GLN C 438 44.44 23.29 -59.62
N ASN C 439 45.63 23.03 -60.17
CA ASN C 439 45.73 22.70 -61.59
C ASN C 439 45.17 21.33 -61.93
N LEU C 440 44.95 20.48 -60.94
CA LEU C 440 44.47 19.13 -61.20
C LEU C 440 42.97 19.09 -61.38
N GLY C 441 42.23 19.86 -60.59
CA GLY C 441 40.79 19.77 -60.62
C GLY C 441 40.16 20.28 -59.34
N THR C 442 39.31 19.46 -58.74
CA THR C 442 38.56 19.85 -57.56
C THR C 442 38.86 18.88 -56.44
N ILE C 443 39.31 19.41 -55.30
CA ILE C 443 39.59 18.58 -54.14
C ILE C 443 38.27 18.13 -53.53
N LYS C 444 38.03 16.83 -53.56
CA LYS C 444 36.74 16.33 -53.12
C LYS C 444 36.69 16.18 -51.60
N CYS C 445 37.69 15.55 -51.01
CA CYS C 445 37.62 15.15 -49.61
C CYS C 445 38.97 15.38 -48.95
N SER C 446 39.11 14.81 -47.75
CA SER C 446 40.25 14.97 -46.87
C SER C 446 40.33 13.74 -45.99
N ASN C 447 41.36 13.64 -45.16
CA ASN C 447 41.57 12.42 -44.41
C ASN C 447 40.69 12.37 -43.17
N LEU C 448 40.98 11.41 -42.30
CA LEU C 448 40.17 11.20 -41.10
C LEU C 448 40.32 12.34 -40.10
N CYS C 449 41.55 12.80 -39.89
CA CYS C 449 41.78 13.82 -38.88
C CYS C 449 41.74 15.23 -39.44
N THR C 450 41.31 15.39 -40.70
CA THR C 450 41.00 16.67 -41.35
C THR C 450 42.20 17.62 -41.37
N GLU C 451 43.32 17.14 -41.88
CA GLU C 451 44.46 18.02 -42.09
C GLU C 451 45.11 17.84 -43.44
N ILE C 452 44.76 16.81 -44.18
CA ILE C 452 45.36 16.55 -45.47
C ILE C 452 44.33 16.86 -46.53
N VAL C 453 44.54 17.94 -47.26
CA VAL C 453 43.60 18.38 -48.29
C VAL C 453 44.31 18.18 -49.63
N GLU C 454 44.03 17.07 -50.29
CA GLU C 454 44.70 16.71 -51.54
C GLU C 454 43.69 16.23 -52.58
N TYR C 455 44.16 16.17 -53.83
CA TYR C 455 43.32 15.77 -54.95
C TYR C 455 43.13 14.27 -55.01
N THR C 456 41.87 13.84 -55.12
CA THR C 456 41.50 12.45 -55.32
C THR C 456 40.84 12.29 -56.67
N SER C 457 40.85 11.06 -57.19
CA SER C 457 40.20 10.80 -58.46
C SER C 457 39.78 9.33 -58.51
N LYS C 458 39.32 8.91 -59.67
CA LYS C 458 39.10 7.48 -59.91
C LYS C 458 40.42 6.76 -60.06
N ASP C 459 41.45 7.45 -60.55
CA ASP C 459 42.74 6.85 -60.83
C ASP C 459 43.75 7.14 -59.73
N GLU C 460 43.73 8.33 -59.14
CA GLU C 460 44.71 8.72 -58.14
C GLU C 460 44.07 8.65 -56.76
N VAL C 461 44.60 7.77 -55.91
CA VAL C 461 44.20 7.68 -54.51
C VAL C 461 45.24 8.41 -53.69
N ALA C 462 44.82 9.39 -52.90
CA ALA C 462 45.78 10.31 -52.31
C ALA C 462 46.43 9.72 -51.08
N VAL C 463 47.76 9.79 -51.03
CA VAL C 463 48.56 9.24 -49.95
C VAL C 463 49.45 10.35 -49.41
N CYS C 464 49.48 10.52 -48.09
CA CYS C 464 50.39 11.49 -47.52
C CYS C 464 51.07 10.94 -46.29
N ASN C 465 52.36 11.26 -46.14
CA ASN C 465 53.19 10.90 -45.01
C ASN C 465 53.23 12.02 -43.99
N LEU C 466 53.55 11.67 -42.75
CA LEU C 466 53.50 12.62 -41.66
C LEU C 466 54.80 12.61 -40.88
N ALA C 467 55.05 13.71 -40.19
CA ALA C 467 56.19 13.85 -39.31
C ALA C 467 55.90 14.98 -38.33
N SER C 468 55.87 14.66 -37.05
CA SER C 468 55.49 15.61 -36.02
C SER C 468 56.74 16.12 -35.32
N LEU C 469 56.99 17.41 -35.43
CA LEU C 469 58.04 18.06 -34.67
C LEU C 469 57.51 18.49 -33.31
N ALA C 470 58.28 18.24 -32.27
CA ALA C 470 57.98 18.84 -30.99
C ALA C 470 58.45 20.29 -31.00
N LEU C 471 58.06 21.03 -29.97
CA LEU C 471 58.40 22.44 -29.90
C LEU C 471 59.24 22.79 -28.70
N ASN C 472 58.86 22.29 -27.51
CA ASN C 472 59.47 22.71 -26.26
C ASN C 472 60.90 22.25 -26.08
N MET C 473 61.42 21.39 -26.96
CA MET C 473 62.84 21.08 -26.92
C MET C 473 63.68 22.21 -27.50
N TYR C 474 63.07 23.11 -28.25
CA TYR C 474 63.78 24.21 -28.89
C TYR C 474 63.96 25.43 -28.00
N VAL C 475 63.23 25.52 -26.89
CA VAL C 475 63.27 26.70 -26.05
C VAL C 475 64.59 26.73 -25.28
N THR C 476 65.37 27.78 -25.50
CA THR C 476 66.64 27.93 -24.79
C THR C 476 66.40 28.38 -23.35
N SER C 477 67.50 28.45 -22.59
CA SER C 477 67.42 28.82 -21.18
C SER C 477 67.20 30.31 -20.98
N GLU C 478 67.42 31.11 -22.01
CA GLU C 478 67.25 32.55 -21.96
C GLU C 478 65.78 32.97 -22.03
N HIS C 479 64.87 32.01 -22.22
CA HIS C 479 63.44 32.21 -22.52
C HIS C 479 63.25 33.05 -23.77
N THR C 480 64.19 32.92 -24.72
CA THR C 480 64.08 33.46 -26.06
C THR C 480 64.16 32.28 -27.01
N TYR C 481 63.20 32.19 -27.93
CA TYR C 481 63.02 30.97 -28.69
C TYR C 481 64.09 30.87 -29.78
N ASP C 482 64.48 29.64 -30.08
CA ASP C 482 65.52 29.36 -31.06
C ASP C 482 64.85 29.19 -32.41
N PHE C 483 65.12 30.10 -33.34
CA PHE C 483 64.53 29.99 -34.67
C PHE C 483 65.43 29.26 -35.65
N LYS C 484 66.74 29.51 -35.58
CA LYS C 484 67.67 28.99 -36.58
C LYS C 484 67.86 27.49 -36.49
N LYS C 485 67.61 26.90 -35.33
CA LYS C 485 67.66 25.45 -35.20
C LYS C 485 66.46 24.80 -35.84
N LEU C 486 65.29 25.45 -35.74
CA LEU C 486 64.03 24.83 -36.13
C LEU C 486 63.96 24.62 -37.64
N ALA C 487 64.45 25.59 -38.41
CA ALA C 487 64.51 25.42 -39.86
C ALA C 487 65.49 24.33 -40.25
N GLU C 488 66.56 24.15 -39.47
CA GLU C 488 67.58 23.16 -39.79
C GLU C 488 67.05 21.75 -39.58
N VAL C 489 66.38 21.53 -38.44
CA VAL C 489 65.75 20.25 -38.18
C VAL C 489 64.62 20.00 -39.18
N THR C 490 63.93 21.06 -39.59
CA THR C 490 62.92 20.95 -40.64
C THR C 490 63.51 20.50 -41.96
N LYS C 491 64.74 20.94 -42.27
CA LYS C 491 65.44 20.44 -43.45
C LYS C 491 65.74 18.95 -43.34
N VAL C 492 66.17 18.50 -42.15
CA VAL C 492 66.42 17.08 -41.96
C VAL C 492 65.13 16.27 -42.08
N VAL C 493 64.01 16.84 -41.62
CA VAL C 493 62.73 16.15 -41.68
C VAL C 493 62.26 16.00 -43.12
N VAL C 494 62.39 17.07 -43.92
CA VAL C 494 61.97 17.02 -45.32
C VAL C 494 62.82 16.03 -46.10
N ARG C 495 64.12 15.95 -45.78
CA ARG C 495 64.92 14.90 -46.42
C ARG C 495 64.50 13.51 -45.95
N ASN C 496 64.03 13.38 -44.71
CA ASN C 496 63.55 12.08 -44.23
C ASN C 496 62.30 11.62 -44.96
N LEU C 497 61.28 12.49 -45.03
CA LEU C 497 60.01 12.11 -45.66
C LEU C 497 60.19 11.89 -47.16
N ASN C 498 60.99 12.74 -47.81
CA ASN C 498 61.25 12.52 -49.22
C ASN C 498 62.06 11.26 -49.45
N LYS C 499 62.82 10.80 -48.46
CA LYS C 499 63.33 9.45 -48.58
C LYS C 499 62.30 8.39 -48.23
N ILE C 500 61.22 8.76 -47.51
CA ILE C 500 60.22 7.75 -47.16
C ILE C 500 59.38 7.37 -48.37
N ILE C 501 59.04 8.37 -49.20
CA ILE C 501 58.10 8.19 -50.32
C ILE C 501 58.62 7.17 -51.34
N ASP C 502 59.94 7.05 -51.48
CA ASP C 502 60.51 6.16 -52.47
C ASP C 502 60.84 4.76 -51.93
N ILE C 503 60.50 4.46 -50.68
CA ILE C 503 60.82 3.16 -50.07
C ILE C 503 59.52 2.43 -49.79
N ASN C 504 58.44 3.20 -49.64
CA ASN C 504 57.16 2.69 -49.18
C ASN C 504 56.57 1.67 -50.16
N TYR C 505 55.81 0.73 -49.60
CA TYR C 505 55.09 -0.28 -50.36
C TYR C 505 53.60 -0.01 -50.25
N TYR C 506 53.04 0.52 -51.32
CA TYR C 506 51.66 0.97 -51.32
C TYR C 506 50.75 -0.25 -51.41
N PRO C 507 49.68 -0.32 -50.62
CA PRO C 507 48.84 -1.53 -50.64
C PRO C 507 47.99 -1.67 -51.88
N VAL C 508 47.64 -0.59 -52.56
CA VAL C 508 46.82 -0.66 -53.77
C VAL C 508 47.63 -0.09 -54.93
N PRO C 509 47.37 -0.49 -56.17
CA PRO C 509 48.17 0.06 -57.29
C PRO C 509 47.84 1.51 -57.63
N GLU C 510 46.69 2.03 -57.23
CA GLU C 510 46.39 3.42 -57.51
C GLU C 510 47.15 4.38 -56.61
N ALA C 511 47.71 3.89 -55.51
CA ALA C 511 48.39 4.77 -54.58
C ALA C 511 49.75 5.22 -55.10
N CYS C 512 50.45 4.33 -55.81
CA CYS C 512 51.82 4.60 -56.21
C CYS C 512 51.88 5.66 -57.29
N LEU C 513 50.89 5.69 -58.18
CA LEU C 513 50.88 6.69 -59.24
C LEU C 513 50.63 8.08 -58.68
N SER C 514 49.71 8.20 -57.72
CA SER C 514 49.47 9.50 -57.11
C SER C 514 50.66 9.96 -56.28
N ASN C 515 51.13 9.11 -55.39
CA ASN C 515 52.20 9.50 -54.48
C ASN C 515 53.54 9.66 -55.18
N LYS C 516 53.71 9.15 -56.40
CA LYS C 516 54.94 9.43 -57.12
C LYS C 516 54.80 10.50 -58.19
N ARG C 517 53.59 10.76 -58.68
CA ARG C 517 53.42 11.93 -59.54
C ARG C 517 53.47 13.21 -58.74
N HIS C 518 52.63 13.34 -57.73
CA HIS C 518 52.50 14.64 -57.07
C HIS C 518 53.44 14.79 -55.90
N ARG C 519 53.74 13.68 -55.21
CA ARG C 519 54.70 13.54 -54.13
C ARG C 519 54.47 14.56 -53.01
N PRO C 520 53.46 14.39 -52.16
CA PRO C 520 53.31 15.29 -51.03
C PRO C 520 53.95 14.75 -49.76
N ILE C 521 54.19 15.64 -48.82
CA ILE C 521 54.64 15.29 -47.48
C ILE C 521 53.73 15.98 -46.47
N GLY C 522 54.03 15.77 -45.20
CA GLY C 522 53.24 16.38 -44.14
C GLY C 522 54.06 16.56 -42.88
N ILE C 523 54.07 17.79 -42.37
CA ILE C 523 54.80 18.14 -41.17
C ILE C 523 53.82 18.77 -40.20
N GLY C 524 53.78 18.26 -38.97
CA GLY C 524 52.92 18.83 -37.96
C GLY C 524 53.58 18.89 -36.60
N VAL C 525 53.38 19.98 -35.88
CA VAL C 525 54.04 20.18 -34.61
C VAL C 525 53.10 19.78 -33.49
N GLN C 526 53.69 19.47 -32.34
CA GLN C 526 52.94 19.08 -31.15
C GLN C 526 53.46 19.86 -29.96
N GLY C 527 52.57 20.09 -29.00
CA GLY C 527 52.96 20.80 -27.79
C GLY C 527 53.28 22.27 -28.00
N LEU C 528 52.25 23.05 -28.32
CA LEU C 528 52.42 24.50 -28.40
C LEU C 528 52.27 25.15 -27.03
N ALA C 529 51.43 24.56 -26.15
CA ALA C 529 51.26 25.10 -24.81
C ALA C 529 52.54 25.01 -23.99
N ASP C 530 53.35 23.97 -24.21
CA ASP C 530 54.62 23.88 -23.52
C ASP C 530 55.62 24.90 -24.05
N ALA C 531 55.56 25.21 -25.34
CA ALA C 531 56.41 26.27 -25.86
C ALA C 531 55.99 27.63 -25.31
N PHE C 532 54.68 27.83 -25.08
CA PHE C 532 54.25 29.08 -24.49
C PHE C 532 54.63 29.19 -23.01
N ILE C 533 54.52 28.09 -22.27
CA ILE C 533 54.90 28.13 -20.87
C ILE C 533 56.41 28.30 -20.72
N LEU C 534 57.19 27.55 -21.50
CA LEU C 534 58.64 27.68 -21.41
C LEU C 534 59.17 28.98 -22.02
N MET C 535 58.39 29.62 -22.88
CA MET C 535 58.70 30.98 -23.29
C MET C 535 58.08 32.01 -22.37
N ARG C 536 57.26 31.58 -21.41
CA ARG C 536 56.66 32.40 -20.35
C ARG C 536 55.82 33.53 -20.94
N TYR C 537 54.79 33.15 -21.70
CA TYR C 537 53.84 34.12 -22.19
C TYR C 537 52.43 33.64 -21.90
N PRO C 538 51.49 34.55 -21.71
CA PRO C 538 50.08 34.14 -21.67
C PRO C 538 49.63 33.64 -23.03
N PHE C 539 48.58 32.81 -23.01
CA PHE C 539 48.14 32.20 -24.25
C PHE C 539 47.45 33.22 -25.15
N GLU C 540 46.67 34.12 -24.57
CA GLU C 540 46.01 35.19 -25.32
C GLU C 540 46.76 36.51 -25.26
N SER C 541 48.08 36.47 -25.17
CA SER C 541 48.89 37.68 -25.11
C SER C 541 49.15 38.20 -26.52
N ALA C 542 50.02 39.19 -26.62
CA ALA C 542 50.49 39.66 -27.92
C ALA C 542 51.68 38.87 -28.41
N GLU C 543 52.59 38.49 -27.51
CA GLU C 543 53.78 37.74 -27.94
C GLU C 543 53.46 36.31 -28.29
N ALA C 544 52.30 35.80 -27.86
CA ALA C 544 51.88 34.48 -28.32
C ALA C 544 51.45 34.53 -29.78
N GLN C 545 50.60 35.51 -30.12
CA GLN C 545 50.13 35.65 -31.49
C GLN C 545 51.24 36.10 -32.43
N LEU C 546 52.18 36.89 -31.93
CA LEU C 546 53.40 37.13 -32.68
C LEU C 546 54.24 35.87 -32.77
N LEU C 547 54.22 35.06 -31.72
CA LEU C 547 55.17 33.97 -31.58
C LEU C 547 54.86 32.84 -32.54
N ASN C 548 53.61 32.35 -32.56
CA ASN C 548 53.27 31.23 -33.44
C ASN C 548 53.33 31.63 -34.91
N LYS C 549 53.04 32.90 -35.18
CA LYS C 549 53.22 33.44 -36.52
C LYS C 549 54.67 33.37 -36.95
N GLN C 550 55.59 33.79 -36.06
CA GLN C 550 57.02 33.69 -36.38
C GLN C 550 57.48 32.24 -36.50
N ILE C 551 56.92 31.35 -35.67
CA ILE C 551 57.29 29.95 -35.68
C ILE C 551 56.91 29.32 -37.01
N PHE C 552 55.67 29.51 -37.45
CA PHE C 552 55.29 28.86 -38.69
C PHE C 552 55.83 29.59 -39.91
N GLU C 553 56.26 30.86 -39.78
CA GLU C 553 57.08 31.43 -40.84
C GLU C 553 58.43 30.73 -40.90
N THR C 554 58.97 30.33 -39.75
CA THR C 554 60.25 29.63 -39.75
C THR C 554 60.11 28.22 -40.32
N ILE C 555 59.06 27.50 -39.90
CA ILE C 555 58.82 26.13 -40.36
C ILE C 555 58.50 26.13 -41.84
N TYR C 556 57.66 27.07 -42.27
CA TYR C 556 57.27 27.17 -43.67
C TYR C 556 58.46 27.57 -44.54
N TYR C 557 59.29 28.49 -44.05
CA TYR C 557 60.45 28.95 -44.78
C TYR C 557 61.49 27.84 -44.93
N GLY C 558 61.77 27.14 -43.83
CA GLY C 558 62.74 26.06 -43.90
C GLY C 558 62.25 24.88 -44.71
N ALA C 559 60.93 24.66 -44.71
CA ALA C 559 60.36 23.62 -45.54
C ALA C 559 60.52 23.93 -47.01
N LEU C 560 60.23 25.18 -47.40
CA LEU C 560 60.39 25.58 -48.79
C LEU C 560 61.85 25.60 -49.21
N GLU C 561 62.76 25.97 -48.30
CA GLU C 561 64.18 25.94 -48.63
C GLU C 561 64.67 24.51 -48.79
N ALA C 562 64.14 23.59 -47.98
CA ALA C 562 64.55 22.20 -48.06
C ALA C 562 64.06 21.56 -49.35
N SER C 563 62.79 21.78 -49.70
CA SER C 563 62.26 21.22 -50.94
C SER C 563 62.87 21.88 -52.16
N CYS C 564 63.27 23.15 -52.03
CA CYS C 564 64.02 23.81 -53.09
C CYS C 564 65.38 23.16 -53.29
N ASP C 565 66.06 22.85 -52.19
CA ASP C 565 67.38 22.24 -52.30
C ASP C 565 67.29 20.78 -52.74
N LEU C 566 66.13 20.15 -52.57
CA LEU C 566 65.91 18.84 -53.15
C LEU C 566 65.64 18.93 -54.65
N ALA C 567 64.85 19.91 -55.06
CA ALA C 567 64.55 20.10 -56.47
C ALA C 567 65.75 20.59 -57.26
N LYS C 568 66.73 21.18 -56.58
CA LYS C 568 67.99 21.54 -57.23
C LYS C 568 68.81 20.30 -57.57
N GLU C 569 68.49 19.16 -56.95
CA GLU C 569 69.29 17.96 -57.08
C GLU C 569 68.59 16.83 -57.82
N GLN C 570 67.26 16.80 -57.84
CA GLN C 570 66.54 15.74 -58.53
C GLN C 570 65.52 16.23 -59.52
N GLY C 571 65.30 17.54 -59.64
CA GLY C 571 64.26 18.06 -60.49
C GLY C 571 62.92 18.05 -59.79
N PRO C 572 62.05 19.00 -60.13
CA PRO C 572 60.73 19.08 -59.48
C PRO C 572 59.82 17.92 -59.84
N TYR C 573 58.65 17.86 -59.23
CA TYR C 573 57.76 16.74 -59.47
C TYR C 573 57.11 16.86 -60.85
N GLU C 574 56.36 15.81 -61.21
CA GLU C 574 55.97 15.62 -62.60
C GLU C 574 54.91 16.63 -63.04
N THR C 575 54.15 17.19 -62.11
CA THR C 575 53.11 18.14 -62.47
C THR C 575 53.36 19.52 -61.86
N TYR C 576 54.59 20.03 -61.96
CA TYR C 576 54.89 21.29 -61.29
C TYR C 576 54.39 22.49 -62.07
N GLU C 577 54.73 22.57 -63.35
CA GLU C 577 54.46 23.78 -64.14
C GLU C 577 52.96 23.91 -64.39
N GLY C 578 52.34 24.85 -63.71
CA GLY C 578 50.90 25.00 -63.69
C GLY C 578 50.43 25.35 -62.29
N SER C 579 51.23 24.96 -61.31
CA SER C 579 50.91 25.26 -59.93
C SER C 579 51.14 26.75 -59.64
N PRO C 580 50.44 27.32 -58.66
CA PRO C 580 50.65 28.74 -58.33
C PRO C 580 52.01 29.06 -57.74
N VAL C 581 52.73 28.07 -57.23
CA VAL C 581 54.11 28.29 -56.81
C VAL C 581 54.99 28.57 -58.02
N SER C 582 54.73 27.88 -59.14
CA SER C 582 55.39 28.23 -60.39
C SER C 582 54.98 29.61 -60.88
N LYS C 583 53.78 30.05 -60.53
CA LYS C 583 53.34 31.41 -60.80
C LYS C 583 53.78 32.39 -59.72
N GLY C 584 54.57 31.94 -58.74
CA GLY C 584 55.12 32.81 -57.73
C GLY C 584 54.24 33.02 -56.53
N ILE C 585 52.96 32.71 -56.61
CA ILE C 585 52.06 32.91 -55.48
C ILE C 585 52.29 31.77 -54.50
N LEU C 586 52.78 32.11 -53.31
CA LEU C 586 52.90 31.12 -52.25
C LEU C 586 51.58 31.07 -51.47
N GLN C 587 51.59 30.37 -50.33
CA GLN C 587 50.36 30.17 -49.59
C GLN C 587 49.90 31.44 -48.88
N TYR C 588 50.84 32.30 -48.47
CA TYR C 588 50.45 33.48 -47.71
C TYR C 588 49.75 34.52 -48.57
N ASP C 589 50.07 34.59 -49.85
CA ASP C 589 49.38 35.53 -50.73
C ASP C 589 47.97 35.06 -51.06
N MET C 590 47.70 33.75 -51.00
CA MET C 590 46.33 33.27 -51.11
C MET C 590 45.50 33.66 -49.90
N TRP C 591 46.15 33.95 -48.78
CA TRP C 591 45.51 34.57 -47.64
C TRP C 591 45.63 36.08 -47.66
N ASN C 592 46.39 36.62 -48.61
CA ASN C 592 46.66 38.07 -48.77
C ASN C 592 47.26 38.67 -47.50
N VAL C 593 48.17 37.93 -46.86
CA VAL C 593 48.84 38.38 -45.66
C VAL C 593 50.33 38.39 -45.95
N THR C 594 50.90 39.59 -46.02
CA THR C 594 52.34 39.72 -46.16
C THR C 594 53.02 39.24 -44.88
N PRO C 595 54.05 38.39 -44.97
CA PRO C 595 54.70 37.90 -43.76
C PRO C 595 55.56 38.98 -43.12
N THR C 596 56.10 38.64 -41.95
CA THR C 596 56.90 39.59 -41.20
C THR C 596 58.27 39.75 -41.85
N ASP C 597 59.08 40.65 -41.27
CA ASP C 597 60.44 40.87 -41.74
C ASP C 597 61.44 39.96 -41.04
N LEU C 598 60.98 38.82 -40.53
CA LEU C 598 61.84 37.90 -39.80
C LEU C 598 62.82 37.19 -40.73
N TRP C 599 62.43 37.00 -41.99
CA TRP C 599 63.26 36.24 -42.92
C TRP C 599 63.47 36.99 -44.23
N ASP C 600 64.12 36.33 -45.18
CA ASP C 600 64.37 36.88 -46.52
C ASP C 600 63.61 35.99 -47.51
N TRP C 601 62.46 36.47 -47.98
CA TRP C 601 61.62 35.69 -48.88
C TRP C 601 61.97 35.92 -50.34
N LYS C 602 62.69 36.99 -50.64
CA LYS C 602 63.00 37.33 -52.04
C LYS C 602 63.95 36.32 -52.66
N VAL C 603 65.03 35.99 -51.97
CA VAL C 603 66.00 35.02 -52.50
C VAL C 603 65.39 33.62 -52.52
N LEU C 604 64.47 33.34 -51.59
CA LEU C 604 63.74 32.08 -51.62
C LEU C 604 62.89 31.97 -52.87
N LYS C 605 62.13 33.03 -53.18
CA LYS C 605 61.31 33.00 -54.38
C LYS C 605 62.14 33.06 -55.65
N GLU C 606 63.35 33.58 -55.58
CA GLU C 606 64.24 33.54 -56.74
C GLU C 606 64.72 32.11 -57.00
N LYS C 607 65.12 31.40 -55.94
CA LYS C 607 65.62 30.05 -56.13
C LYS C 607 64.49 29.09 -56.47
N ILE C 608 63.29 29.33 -55.95
CA ILE C 608 62.13 28.55 -56.37
C ILE C 608 61.79 28.87 -57.82
N ALA C 609 61.90 30.14 -58.21
CA ALA C 609 61.64 30.52 -59.59
C ALA C 609 62.71 30.01 -60.54
N LYS C 610 63.88 29.61 -60.03
CA LYS C 610 64.92 29.05 -60.87
C LYS C 610 65.09 27.53 -60.72
N TYR C 611 64.51 26.93 -59.68
CA TYR C 611 64.65 25.50 -59.49
C TYR C 611 63.36 24.76 -59.15
N GLY C 612 62.29 25.44 -58.77
CA GLY C 612 61.09 24.73 -58.38
C GLY C 612 61.23 24.09 -57.00
N ILE C 613 60.21 23.30 -56.65
CA ILE C 613 60.18 22.57 -55.40
C ILE C 613 59.93 21.11 -55.69
N ARG C 614 60.29 20.27 -54.73
CA ARG C 614 60.23 18.82 -54.91
C ARG C 614 58.89 18.24 -54.46
N ASN C 615 58.29 18.80 -53.43
CA ASN C 615 57.03 18.30 -52.91
C ASN C 615 55.96 19.35 -53.08
N SER C 616 54.74 18.92 -53.42
CA SER C 616 53.67 19.86 -53.69
C SER C 616 53.19 20.53 -52.42
N LEU C 617 52.67 19.74 -51.48
CA LEU C 617 52.12 20.26 -50.24
C LEU C 617 53.01 19.85 -49.08
N LEU C 618 53.23 20.76 -48.14
CA LEU C 618 54.28 20.56 -47.15
C LEU C 618 53.76 20.45 -45.72
N ILE C 619 53.03 21.42 -45.22
CA ILE C 619 52.79 21.58 -43.79
C ILE C 619 51.39 21.07 -43.47
N ALA C 620 51.27 20.30 -42.39
CA ALA C 620 49.97 19.75 -42.01
C ALA C 620 49.92 19.46 -40.51
N PRO C 621 49.30 20.33 -39.72
CA PRO C 621 49.14 20.02 -38.30
C PRO C 621 48.13 18.93 -38.01
N MET C 622 48.67 17.77 -37.66
CA MET C 622 47.92 16.58 -37.28
C MET C 622 47.57 16.65 -35.80
N PRO C 623 46.66 15.82 -35.30
CA PRO C 623 46.35 15.91 -33.85
C PRO C 623 47.42 15.33 -32.95
N THR C 624 48.04 14.21 -33.32
CA THR C 624 49.05 13.48 -32.52
C THR C 624 48.55 13.17 -31.10
N ALA C 625 47.56 12.29 -31.04
CA ALA C 625 47.16 11.75 -29.75
C ALA C 625 48.26 10.86 -29.16
N SER C 626 48.66 9.84 -29.92
CA SER C 626 49.57 8.83 -29.38
C SER C 626 51.00 9.33 -29.31
N THR C 627 51.41 10.17 -30.26
CA THR C 627 52.78 10.66 -30.27
C THR C 627 53.04 11.61 -29.11
N ALA C 628 52.13 12.56 -28.89
CA ALA C 628 52.22 13.40 -27.71
C ALA C 628 51.96 12.63 -26.43
N GLN C 629 51.25 11.50 -26.52
CA GLN C 629 51.17 10.62 -25.37
C GLN C 629 52.52 10.00 -25.05
N ILE C 630 53.35 9.73 -26.06
CA ILE C 630 54.69 9.24 -25.81
C ILE C 630 55.55 10.33 -25.21
N LEU C 631 55.72 11.43 -25.93
CA LEU C 631 56.75 12.39 -25.54
C LEU C 631 56.33 13.32 -24.42
N GLY C 632 55.10 13.21 -23.92
CA GLY C 632 54.65 14.00 -22.80
C GLY C 632 54.14 15.38 -23.15
N ASN C 633 54.26 15.81 -24.40
CA ASN C 633 53.77 17.11 -24.81
C ASN C 633 52.25 17.12 -24.83
N ASN C 634 51.69 18.32 -24.95
CA ASN C 634 50.25 18.42 -25.10
C ASN C 634 49.88 18.11 -26.54
N GLU C 635 48.59 17.81 -26.75
CA GLU C 635 48.04 17.65 -28.08
C GLU C 635 48.21 18.95 -28.85
N SER C 636 48.37 18.83 -30.18
CA SER C 636 49.25 19.63 -31.07
C SER C 636 49.24 21.12 -30.76
N ILE C 637 48.12 21.83 -30.90
CA ILE C 637 48.13 23.28 -30.78
C ILE C 637 47.17 23.80 -29.73
N GLU C 638 46.28 22.97 -29.20
CA GLU C 638 45.29 23.45 -28.26
C GLU C 638 45.94 23.72 -26.90
N PRO C 639 45.28 24.53 -26.04
CA PRO C 639 45.75 24.65 -24.65
C PRO C 639 45.50 23.39 -23.83
N TYR C 640 45.93 23.40 -22.57
CA TYR C 640 45.62 22.28 -21.69
C TYR C 640 44.14 22.22 -21.40
N THR C 641 43.60 20.99 -21.39
CA THR C 641 42.20 20.79 -21.07
C THR C 641 41.90 21.20 -19.64
N SER C 642 42.76 20.81 -18.71
CA SER C 642 42.72 21.30 -17.36
C SER C 642 44.13 21.17 -16.78
N ASN C 643 44.39 21.95 -15.73
CA ASN C 643 45.70 21.86 -15.10
C ASN C 643 45.88 20.54 -14.37
N ILE C 644 44.78 20.00 -13.82
CA ILE C 644 44.74 18.64 -13.32
C ILE C 644 44.35 17.72 -14.48
N TYR C 645 45.19 16.74 -14.76
CA TYR C 645 44.85 15.69 -15.71
C TYR C 645 44.95 14.33 -15.04
N THR C 646 44.02 13.45 -15.38
CA THR C 646 43.96 12.15 -14.74
C THR C 646 44.97 11.21 -15.36
N ARG C 647 45.19 10.10 -14.66
CA ARG C 647 46.08 9.04 -15.12
C ARG C 647 45.41 7.70 -14.92
N ARG C 648 45.46 6.89 -15.97
CA ARG C 648 44.94 5.53 -15.99
C ARG C 648 46.00 4.61 -15.40
N VAL C 649 45.78 4.18 -14.17
CA VAL C 649 46.63 3.20 -13.49
C VAL C 649 45.73 2.06 -13.04
N LEU C 650 46.23 0.82 -13.17
CA LEU C 650 45.52 -0.33 -12.67
C LEU C 650 45.29 -0.19 -11.17
N SER C 651 44.01 -0.20 -10.79
CA SER C 651 43.45 0.06 -9.46
C SER C 651 43.62 1.50 -8.99
N GLY C 652 44.32 2.35 -9.73
CA GLY C 652 44.32 3.77 -9.40
C GLY C 652 44.20 4.67 -10.61
N GLU C 653 43.09 5.39 -10.72
CA GLU C 653 42.84 6.31 -11.82
C GLU C 653 42.73 7.68 -11.18
N PHE C 654 43.83 8.43 -11.17
CA PHE C 654 43.89 9.53 -10.21
C PHE C 654 44.33 10.83 -10.85
N GLN C 655 44.67 11.84 -10.05
CA GLN C 655 44.84 13.19 -10.54
C GLN C 655 46.28 13.66 -10.38
N ILE C 656 46.89 14.06 -11.49
CA ILE C 656 48.22 14.66 -11.49
C ILE C 656 48.13 16.04 -12.12
N VAL C 657 48.64 17.05 -11.42
CA VAL C 657 48.62 18.42 -11.90
C VAL C 657 49.65 18.59 -13.02
N ASN C 658 49.54 19.69 -13.75
CA ASN C 658 50.49 20.03 -14.81
C ASN C 658 51.85 20.29 -14.19
N PRO C 659 52.90 19.53 -14.57
CA PRO C 659 54.18 19.64 -13.86
C PRO C 659 54.95 20.92 -14.12
N HIS C 660 54.58 21.71 -15.12
CA HIS C 660 55.17 23.04 -15.26
C HIS C 660 54.57 24.01 -14.25
N LEU C 661 53.24 23.91 -14.07
CA LEU C 661 52.55 24.66 -13.02
C LEU C 661 53.10 24.29 -11.66
N LEU C 662 53.30 23.00 -11.41
CA LEU C 662 53.88 22.55 -10.16
C LEU C 662 55.34 22.97 -10.02
N LYS C 663 56.05 23.04 -11.15
CA LYS C 663 57.43 23.52 -11.15
C LYS C 663 57.50 24.98 -10.72
N ASP C 664 56.54 25.79 -11.14
CA ASP C 664 56.50 27.16 -10.66
C ASP C 664 55.99 27.25 -9.23
N LEU C 665 55.08 26.36 -8.81
CA LEU C 665 54.52 26.48 -7.47
C LEU C 665 55.50 26.07 -6.39
N THR C 666 56.35 25.08 -6.65
CA THR C 666 57.35 24.72 -5.64
C THR C 666 58.42 25.80 -5.49
N GLU C 667 58.64 26.60 -6.53
CA GLU C 667 59.60 27.68 -6.43
C GLU C 667 58.99 28.94 -5.81
N ARG C 668 57.73 29.23 -6.12
CA ARG C 668 57.08 30.42 -5.59
C ARG C 668 56.53 30.23 -4.19
N GLY C 669 56.71 29.05 -3.59
CA GLY C 669 56.37 28.83 -2.20
C GLY C 669 54.91 28.53 -1.91
N LEU C 670 54.00 28.93 -2.79
CA LEU C 670 52.57 28.75 -2.54
C LEU C 670 52.13 27.29 -2.60
N TRP C 671 52.96 26.40 -3.13
CA TRP C 671 52.65 24.98 -3.08
C TRP C 671 52.75 24.47 -1.65
N HIS C 672 51.78 23.66 -1.27
CA HIS C 672 51.75 23.05 0.04
C HIS C 672 51.13 21.66 -0.09
N GLU C 673 50.88 21.02 1.03
CA GLU C 673 50.48 19.62 1.03
C GLU C 673 49.00 19.39 0.76
N GLU C 674 48.22 20.44 0.51
CA GLU C 674 46.81 20.27 0.18
C GLU C 674 46.37 21.11 -1.03
N MET C 675 47.33 21.67 -1.77
CA MET C 675 47.01 22.52 -2.91
C MET C 675 46.34 21.72 -4.03
N LYS C 676 46.72 20.45 -4.18
CA LYS C 676 46.03 19.52 -5.09
C LYS C 676 44.56 19.44 -4.73
N ASN C 677 44.26 19.26 -3.44
CA ASN C 677 42.88 19.21 -2.98
C ASN C 677 42.20 20.55 -3.17
N GLN C 678 42.96 21.64 -3.14
CA GLN C 678 42.36 22.95 -3.43
C GLN C 678 42.02 23.09 -4.91
N ILE C 679 42.69 22.35 -5.80
CA ILE C 679 42.36 22.42 -7.24
C ILE C 679 41.44 21.26 -7.68
N ILE C 680 41.13 20.31 -6.78
CA ILE C 680 40.14 19.27 -7.08
C ILE C 680 38.76 19.88 -7.35
N ALA C 681 38.30 20.73 -6.44
CA ALA C 681 36.94 21.27 -6.49
C ALA C 681 36.78 22.43 -7.47
N CYS C 682 37.74 22.66 -8.36
CA CYS C 682 37.63 23.69 -9.39
C CYS C 682 37.92 23.18 -10.79
N ASN C 683 38.36 21.93 -10.93
CA ASN C 683 38.61 21.25 -12.21
C ASN C 683 39.60 22.02 -13.08
N GLY C 684 40.82 22.14 -12.57
CA GLY C 684 41.90 22.80 -13.27
C GLY C 684 41.95 24.30 -13.13
N SER C 685 40.86 24.93 -12.72
CA SER C 685 40.78 26.38 -12.60
C SER C 685 41.58 26.82 -11.37
N ILE C 686 42.84 27.18 -11.58
CA ILE C 686 43.66 27.71 -10.50
C ILE C 686 43.31 29.14 -10.14
N GLN C 687 42.50 29.81 -10.95
CA GLN C 687 42.24 31.22 -10.74
C GLN C 687 41.21 31.49 -9.64
N SER C 688 40.50 30.47 -9.16
CA SER C 688 39.52 30.67 -8.11
C SER C 688 40.12 30.61 -6.72
N ILE C 689 41.40 30.25 -6.59
CA ILE C 689 41.99 30.01 -5.27
C ILE C 689 42.52 31.36 -4.80
N PRO C 690 42.58 31.62 -3.48
CA PRO C 690 43.15 32.90 -3.01
C PRO C 690 44.67 32.93 -2.94
N GLU C 691 45.36 31.80 -3.12
CA GLU C 691 46.82 31.76 -3.12
C GLU C 691 47.26 31.87 -4.57
N ILE C 692 47.41 33.11 -5.03
CA ILE C 692 47.54 33.44 -6.44
C ILE C 692 48.53 34.58 -6.65
N PRO C 693 49.54 34.40 -7.50
CA PRO C 693 50.40 35.54 -7.87
C PRO C 693 49.86 36.38 -9.00
N ASP C 694 48.69 36.01 -9.55
CA ASP C 694 48.00 36.70 -10.65
C ASP C 694 48.83 36.78 -11.93
N ASP C 695 49.85 35.93 -12.05
CA ASP C 695 50.54 35.70 -13.31
C ASP C 695 50.29 34.29 -13.82
N LEU C 696 50.10 33.35 -12.90
CA LEU C 696 49.73 31.99 -13.25
C LEU C 696 48.33 31.93 -13.85
N LYS C 697 47.48 32.90 -13.52
CA LYS C 697 46.17 33.03 -14.14
C LYS C 697 46.26 33.39 -15.62
N GLN C 698 47.40 33.94 -16.06
CA GLN C 698 47.63 34.21 -17.47
C GLN C 698 48.48 33.15 -18.13
N LEU C 699 49.48 32.61 -17.44
CA LEU C 699 50.34 31.59 -18.00
C LEU C 699 49.68 30.22 -18.04
N TYR C 700 48.62 30.00 -17.28
CA TYR C 700 48.04 28.68 -17.11
C TYR C 700 46.53 28.73 -17.24
N LYS C 701 46.07 29.37 -18.30
CA LYS C 701 44.63 29.48 -18.55
C LYS C 701 44.06 28.13 -18.95
N THR C 702 43.02 27.71 -18.24
CA THR C 702 42.25 26.54 -18.66
C THR C 702 41.54 26.86 -19.97
N VAL C 703 41.47 25.88 -20.88
CA VAL C 703 40.88 26.12 -22.19
C VAL C 703 39.37 26.35 -22.09
N TRP C 704 38.74 25.87 -21.02
CA TRP C 704 37.35 26.23 -20.78
C TRP C 704 37.23 27.68 -20.35
N GLU C 705 38.28 28.25 -19.79
CA GLU C 705 38.35 29.64 -19.38
C GLU C 705 38.97 30.53 -20.45
N ILE C 706 39.11 30.02 -21.68
CA ILE C 706 39.68 30.76 -22.79
C ILE C 706 38.57 31.04 -23.80
N SER C 707 38.44 32.30 -24.20
CA SER C 707 37.47 32.65 -25.23
C SER C 707 37.93 32.08 -26.57
N GLN C 708 37.00 31.44 -27.28
CA GLN C 708 37.37 30.61 -28.42
C GLN C 708 37.75 31.45 -29.63
N LYS C 709 37.24 32.67 -29.72
CA LYS C 709 37.48 33.48 -30.91
C LYS C 709 38.90 33.98 -31.00
N THR C 710 39.59 34.11 -29.87
CA THR C 710 41.01 34.45 -29.92
C THR C 710 41.81 33.29 -30.49
N VAL C 711 41.44 32.07 -30.10
CA VAL C 711 42.06 30.87 -30.66
C VAL C 711 41.76 30.76 -32.14
N LEU C 712 40.56 31.19 -32.55
CA LEU C 712 40.22 31.18 -33.98
C LEU C 712 41.01 32.21 -34.76
N LYS C 713 41.31 33.37 -34.14
CA LYS C 713 42.18 34.33 -34.79
C LYS C 713 43.59 33.79 -34.92
N MET C 714 44.07 33.12 -33.86
CA MET C 714 45.37 32.48 -33.91
C MET C 714 45.42 31.38 -34.96
N ALA C 715 44.30 30.70 -35.18
CA ALA C 715 44.21 29.72 -36.25
C ALA C 715 44.15 30.39 -37.62
N ALA C 716 43.65 31.61 -37.68
CA ALA C 716 43.66 32.33 -38.95
C ALA C 716 45.06 32.74 -39.33
N GLU C 717 45.86 33.14 -38.35
CA GLU C 717 47.25 33.50 -38.63
C GLU C 717 48.08 32.27 -38.95
N ARG C 718 48.02 31.26 -38.06
CA ARG C 718 48.89 30.11 -38.22
C ARG C 718 48.48 29.29 -39.45
N GLY C 719 47.17 29.09 -39.65
CA GLY C 719 46.68 28.43 -40.85
C GLY C 719 46.81 29.30 -42.08
N ALA C 720 46.97 30.60 -41.90
CA ALA C 720 47.39 31.44 -43.02
C ALA C 720 48.83 31.19 -43.41
N PHE C 721 49.65 30.61 -42.53
CA PHE C 721 50.95 30.15 -42.97
C PHE C 721 51.07 28.64 -43.13
N ILE C 722 49.97 27.95 -43.47
CA ILE C 722 50.00 26.49 -43.67
C ILE C 722 49.37 26.17 -45.00
N ASP C 723 50.05 25.36 -45.82
CA ASP C 723 49.56 25.01 -47.14
C ASP C 723 48.55 23.86 -47.15
N GLN C 724 48.11 23.41 -45.99
CA GLN C 724 46.97 22.49 -45.90
C GLN C 724 46.12 22.93 -44.71
N SER C 725 45.22 22.07 -44.29
CA SER C 725 44.34 22.40 -43.19
C SER C 725 45.01 22.09 -41.86
N GLN C 726 44.25 22.17 -40.77
CA GLN C 726 44.75 21.85 -39.44
C GLN C 726 43.59 21.43 -38.57
N SER C 727 43.88 20.56 -37.61
CA SER C 727 42.85 20.12 -36.67
C SER C 727 42.46 21.27 -35.75
N LEU C 728 41.23 21.22 -35.26
CA LEU C 728 40.75 22.31 -34.40
C LEU C 728 39.73 21.72 -33.43
N ASN C 729 40.21 21.32 -32.26
CA ASN C 729 39.32 20.81 -31.21
C ASN C 729 38.62 22.00 -30.56
N ILE C 730 37.32 22.12 -30.76
CA ILE C 730 36.54 23.20 -30.17
C ILE C 730 36.03 22.75 -28.81
N HIS C 731 36.36 23.53 -27.77
CA HIS C 731 35.97 23.26 -26.40
C HIS C 731 34.95 24.31 -25.98
N ILE C 732 33.70 23.88 -25.73
CA ILE C 732 32.66 24.78 -25.25
C ILE C 732 31.94 24.07 -24.12
N ALA C 733 31.80 24.73 -22.97
CA ALA C 733 31.37 24.05 -21.75
C ALA C 733 29.90 23.69 -21.79
N GLU C 734 29.07 24.52 -22.41
CA GLU C 734 27.64 24.26 -22.39
C GLU C 734 27.08 24.39 -23.80
N PRO C 735 26.03 23.64 -24.12
CA PRO C 735 25.38 23.80 -25.42
C PRO C 735 24.66 25.15 -25.51
N ASN C 736 25.13 25.98 -26.42
CA ASN C 736 24.48 27.26 -26.70
C ASN C 736 24.66 27.59 -28.17
N TYR C 737 23.55 27.95 -28.83
CA TYR C 737 23.55 28.01 -30.29
C TYR C 737 24.21 29.26 -30.80
N GLY C 738 24.34 30.29 -29.95
CA GLY C 738 24.90 31.55 -30.41
C GLY C 738 26.41 31.47 -30.57
N LYS C 739 27.07 30.86 -29.60
CA LYS C 739 28.52 30.71 -29.70
C LYS C 739 28.90 29.69 -30.75
N LEU C 740 28.05 28.68 -30.97
CA LEU C 740 28.28 27.73 -32.06
C LEU C 740 28.09 28.40 -33.42
N THR C 741 26.94 29.03 -33.62
CA THR C 741 26.60 29.58 -34.93
C THR C 741 27.52 30.74 -35.29
N SER C 742 27.70 31.67 -34.35
CA SER C 742 28.66 32.76 -34.53
C SER C 742 30.08 32.26 -34.61
N MET C 743 30.37 31.10 -34.02
CA MET C 743 31.72 30.54 -34.10
C MET C 743 32.01 29.99 -35.48
N HIS C 744 31.06 29.25 -36.08
CA HIS C 744 31.28 28.72 -37.42
C HIS C 744 31.27 29.83 -38.45
N PHE C 745 30.36 30.80 -38.30
CA PHE C 745 30.36 31.93 -39.21
C PHE C 745 31.62 32.78 -39.04
N TYR C 746 32.13 32.88 -37.81
CA TYR C 746 33.37 33.61 -37.60
C TYR C 746 34.54 32.89 -38.23
N GLY C 747 34.54 31.55 -38.17
CA GLY C 747 35.58 30.80 -38.82
C GLY C 747 35.50 30.91 -40.33
N TRP C 748 34.29 31.02 -40.87
CA TRP C 748 34.17 31.23 -42.31
C TRP C 748 34.59 32.64 -42.71
N LYS C 749 34.40 33.61 -41.81
CA LYS C 749 34.80 34.98 -42.13
C LYS C 749 36.30 35.18 -42.01
N GLN C 750 36.96 34.50 -41.08
CA GLN C 750 38.41 34.57 -41.03
C GLN C 750 39.06 33.83 -42.19
N GLY C 751 38.35 32.88 -42.79
CA GLY C 751 38.84 32.18 -43.95
C GLY C 751 39.35 30.77 -43.70
N LEU C 752 39.02 30.17 -42.56
CA LEU C 752 39.61 28.91 -42.16
C LEU C 752 39.11 27.74 -43.00
N LYS C 753 39.99 26.78 -43.24
CA LYS C 753 39.68 25.59 -44.01
C LYS C 753 39.00 24.51 -43.20
N THR C 754 38.83 24.70 -41.90
CA THR C 754 38.23 23.67 -41.05
C THR C 754 37.44 24.35 -39.96
N GLY C 755 36.12 24.19 -40.00
CA GLY C 755 35.27 24.83 -39.02
C GLY C 755 35.38 24.21 -37.65
N MET C 756 35.57 22.90 -37.58
CA MET C 756 35.51 22.19 -36.31
C MET C 756 36.13 20.82 -36.55
N TYR C 757 36.59 20.19 -35.46
CA TYR C 757 37.02 18.81 -35.51
C TYR C 757 36.31 18.02 -34.42
N TYR C 758 35.96 18.69 -33.32
CA TYR C 758 35.07 18.14 -32.30
C TYR C 758 34.43 19.29 -31.55
N LEU C 759 33.16 19.14 -31.22
CA LEU C 759 32.49 19.97 -30.23
C LEU C 759 32.55 19.23 -28.89
N ARG C 760 33.45 19.65 -28.02
CA ARG C 760 33.67 18.98 -26.75
C ARG C 760 33.02 19.78 -25.63
N THR C 761 32.16 19.11 -24.86
CA THR C 761 31.48 19.69 -23.72
C THR C 761 31.89 18.92 -22.47
N ARG C 762 32.51 19.61 -21.52
CA ARG C 762 32.81 18.89 -20.29
C ARG C 762 31.53 18.73 -19.46
N PRO C 763 31.35 17.56 -18.82
CA PRO C 763 30.17 17.36 -17.97
C PRO C 763 30.33 18.00 -16.60
N SER D 19 -18.74 19.00 -56.41
CA SER D 19 -20.19 18.98 -56.31
C SER D 19 -20.70 17.72 -55.64
N HIS D 20 -21.41 16.89 -56.40
CA HIS D 20 -22.03 15.68 -55.89
C HIS D 20 -20.98 14.57 -55.77
N MET D 21 -21.44 13.37 -55.42
CA MET D 21 -20.56 12.21 -55.44
C MET D 21 -20.34 11.79 -56.89
N HIS D 22 -19.19 12.15 -57.43
CA HIS D 22 -18.79 11.74 -58.77
C HIS D 22 -17.65 10.74 -58.65
N VAL D 23 -17.71 9.69 -59.45
CA VAL D 23 -16.60 8.76 -59.54
C VAL D 23 -15.86 9.05 -60.83
N ILE D 24 -14.57 8.75 -60.81
CA ILE D 24 -13.69 9.00 -61.94
C ILE D 24 -13.70 7.74 -62.79
N LYS D 25 -14.53 7.75 -63.83
CA LYS D 25 -14.62 6.61 -64.72
C LYS D 25 -13.34 6.49 -65.54
N ARG D 26 -12.90 5.24 -65.72
CA ARG D 26 -11.63 4.73 -66.26
C ARG D 26 -11.12 5.44 -67.51
N ASP D 27 -12.04 5.98 -68.32
CA ASP D 27 -11.65 6.85 -69.42
C ASP D 27 -11.00 8.14 -68.92
N GLY D 28 -11.22 8.50 -67.66
CA GLY D 28 -10.70 9.73 -67.09
C GLY D 28 -11.77 10.73 -66.75
N ARG D 29 -13.03 10.38 -66.96
CA ARG D 29 -14.11 11.33 -66.78
C ARG D 29 -14.72 11.16 -65.41
N GLN D 30 -15.87 11.79 -65.17
CA GLN D 30 -16.56 11.63 -63.91
C GLN D 30 -18.05 11.47 -64.17
N GLU D 31 -18.71 10.73 -63.28
CA GLU D 31 -20.16 10.59 -63.36
C GLU D 31 -20.76 10.55 -61.95
N ARG D 32 -22.08 10.58 -61.92
CA ARG D 32 -22.82 10.33 -60.70
C ARG D 32 -22.72 8.86 -60.33
N VAL D 33 -22.99 8.58 -59.05
CA VAL D 33 -22.91 7.22 -58.54
C VAL D 33 -24.22 6.52 -58.87
N MET D 34 -24.20 5.65 -59.87
CA MET D 34 -25.35 4.84 -60.23
C MET D 34 -25.02 3.39 -59.87
N PHE D 35 -25.74 2.84 -58.90
CA PHE D 35 -25.33 1.61 -58.26
C PHE D 35 -25.64 0.36 -59.07
N ASP D 36 -26.63 0.41 -59.97
CA ASP D 36 -26.92 -0.79 -60.77
C ASP D 36 -25.91 -1.05 -61.87
N LYS D 37 -24.89 -0.20 -62.03
CA LYS D 37 -23.79 -0.56 -62.90
C LYS D 37 -22.97 -1.69 -62.28
N ILE D 38 -22.89 -1.73 -60.95
CA ILE D 38 -22.15 -2.77 -60.25
C ILE D 38 -22.81 -4.13 -60.46
N THR D 39 -24.06 -4.26 -60.03
CA THR D 39 -24.78 -5.51 -60.22
C THR D 39 -25.07 -5.78 -61.69
N SER D 40 -25.09 -4.73 -62.52
CA SER D 40 -25.11 -4.93 -63.96
C SER D 40 -23.84 -5.60 -64.46
N ARG D 41 -22.70 -5.38 -63.80
CA ARG D 41 -21.46 -5.97 -64.26
C ARG D 41 -21.18 -7.34 -63.64
N ILE D 42 -21.48 -7.50 -62.35
CA ILE D 42 -21.13 -8.75 -61.65
C ILE D 42 -21.92 -9.92 -62.20
N GLN D 43 -23.24 -9.74 -62.37
CA GLN D 43 -24.07 -10.80 -62.94
C GLN D 43 -23.70 -11.10 -64.39
N LYS D 44 -23.15 -10.11 -65.10
CA LYS D 44 -22.53 -10.39 -66.39
C LYS D 44 -21.29 -11.26 -66.22
N LEU D 45 -20.55 -11.10 -65.12
CA LEU D 45 -19.38 -11.92 -64.85
C LEU D 45 -19.68 -13.09 -63.91
N CYS D 46 -20.92 -13.56 -63.85
CA CYS D 46 -21.26 -14.73 -63.04
C CYS D 46 -21.77 -15.90 -63.87
N TYR D 47 -21.54 -15.90 -65.17
CA TYR D 47 -22.13 -16.93 -66.01
C TYR D 47 -21.39 -18.26 -65.82
N GLY D 48 -22.16 -19.31 -65.55
CA GLY D 48 -21.62 -20.63 -65.34
C GLY D 48 -21.37 -21.02 -63.91
N LEU D 49 -22.05 -20.42 -62.95
CA LEU D 49 -21.85 -20.74 -61.55
C LEU D 49 -23.18 -21.12 -60.89
N ASN D 50 -23.07 -21.60 -59.65
CA ASN D 50 -24.22 -22.02 -58.85
C ASN D 50 -24.97 -20.78 -58.38
N MET D 51 -26.05 -20.42 -59.07
CA MET D 51 -26.83 -19.25 -58.70
C MET D 51 -27.62 -19.42 -57.41
N ASP D 52 -27.62 -20.61 -56.80
CA ASP D 52 -28.27 -20.78 -55.50
C ASP D 52 -27.51 -20.07 -54.39
N PHE D 53 -26.22 -19.83 -54.57
CA PHE D 53 -25.43 -19.13 -53.57
C PHE D 53 -24.64 -17.97 -54.13
N VAL D 54 -24.53 -17.85 -55.45
CA VAL D 54 -23.92 -16.66 -56.04
C VAL D 54 -24.89 -15.49 -55.89
N ASP D 55 -24.45 -14.47 -55.15
CA ASP D 55 -25.32 -13.36 -54.75
C ASP D 55 -24.59 -12.06 -54.99
N PRO D 56 -24.94 -11.32 -56.05
CA PRO D 56 -24.27 -10.03 -56.31
C PRO D 56 -24.60 -8.95 -55.30
N ALA D 57 -25.71 -9.08 -54.57
CA ALA D 57 -26.16 -7.99 -53.71
C ALA D 57 -25.29 -7.84 -52.46
N GLN D 58 -24.78 -8.95 -51.92
CA GLN D 58 -23.91 -8.85 -50.75
C GLN D 58 -22.58 -8.20 -51.11
N ILE D 59 -22.04 -8.59 -52.27
CA ILE D 59 -20.79 -8.03 -52.76
C ILE D 59 -20.95 -6.55 -53.04
N THR D 60 -22.08 -6.18 -53.66
CA THR D 60 -22.36 -4.78 -53.93
C THR D 60 -22.52 -4.00 -52.64
N MET D 61 -23.15 -4.61 -51.64
CA MET D 61 -23.36 -3.94 -50.35
C MET D 61 -22.04 -3.65 -49.64
N LYS D 62 -21.15 -4.64 -49.58
CA LYS D 62 -19.89 -4.39 -48.91
C LYS D 62 -18.96 -3.50 -49.74
N VAL D 63 -19.13 -3.45 -51.06
CA VAL D 63 -18.38 -2.46 -51.85
C VAL D 63 -18.86 -1.05 -51.54
N ILE D 64 -20.17 -0.85 -51.50
CA ILE D 64 -20.73 0.48 -51.23
C ILE D 64 -20.47 0.90 -49.79
N GLN D 65 -20.17 -0.05 -48.89
CA GLN D 65 -19.65 0.32 -47.57
C GLN D 65 -18.32 1.07 -47.67
N GLY D 66 -17.53 0.81 -48.70
CA GLY D 66 -16.24 1.48 -48.83
C GLY D 66 -16.17 2.66 -49.79
N LEU D 67 -17.19 2.87 -50.61
CA LEU D 67 -17.14 3.91 -51.64
C LEU D 67 -17.22 5.29 -51.00
N TYR D 68 -16.65 6.28 -51.71
CA TYR D 68 -16.79 7.69 -51.34
C TYR D 68 -16.71 8.51 -52.62
N SER D 69 -16.58 9.83 -52.48
CA SER D 69 -16.64 10.71 -53.63
C SER D 69 -15.25 10.93 -54.20
N GLY D 70 -15.15 10.88 -55.53
CA GLY D 70 -13.86 10.98 -56.17
C GLY D 70 -13.04 9.72 -56.00
N VAL D 71 -13.56 8.60 -56.50
CA VAL D 71 -12.88 7.32 -56.45
C VAL D 71 -12.71 6.82 -57.87
N THR D 72 -11.50 6.40 -58.21
CA THR D 72 -11.27 5.75 -59.50
C THR D 72 -11.92 4.38 -59.50
N THR D 73 -12.59 4.03 -60.60
CA THR D 73 -13.43 2.84 -60.65
C THR D 73 -12.63 1.54 -60.58
N VAL D 74 -11.34 1.58 -60.90
CA VAL D 74 -10.52 0.38 -60.78
C VAL D 74 -10.33 -0.01 -59.32
N GLU D 75 -10.44 0.95 -58.40
CA GLU D 75 -10.49 0.62 -56.99
C GLU D 75 -11.79 -0.08 -56.64
N LEU D 76 -12.87 0.23 -57.36
CA LEU D 76 -14.13 -0.45 -57.11
C LEU D 76 -14.09 -1.89 -57.61
N ASP D 77 -13.42 -2.13 -58.75
CA ASP D 77 -13.27 -3.52 -59.16
C ASP D 77 -12.30 -4.28 -58.29
N THR D 78 -11.24 -3.62 -57.81
CA THR D 78 -10.29 -4.27 -56.90
C THR D 78 -10.95 -4.65 -55.59
N LEU D 79 -11.73 -3.72 -55.02
CA LEU D 79 -12.45 -4.00 -53.79
C LEU D 79 -13.59 -4.99 -54.02
N ALA D 80 -14.10 -5.08 -55.25
CA ALA D 80 -15.13 -6.06 -55.56
C ALA D 80 -14.55 -7.47 -55.56
N ALA D 81 -13.40 -7.65 -56.22
CA ALA D 81 -12.74 -8.95 -56.20
C ALA D 81 -12.25 -9.30 -54.80
N GLU D 82 -11.86 -8.30 -54.02
CA GLU D 82 -11.44 -8.52 -52.65
C GLU D 82 -12.60 -8.99 -51.77
N THR D 83 -13.77 -8.36 -51.93
CA THR D 83 -14.95 -8.76 -51.17
C THR D 83 -15.41 -10.15 -51.56
N ALA D 84 -15.36 -10.48 -52.85
CA ALA D 84 -15.70 -11.84 -53.29
C ALA D 84 -14.72 -12.86 -52.73
N ALA D 85 -13.44 -12.48 -52.63
CA ALA D 85 -12.44 -13.35 -52.03
C ALA D 85 -12.72 -13.58 -50.55
N THR D 86 -13.19 -12.57 -49.84
CA THR D 86 -13.55 -12.78 -48.44
C THR D 86 -14.85 -13.57 -48.28
N LEU D 87 -15.76 -13.49 -49.26
CA LEU D 87 -17.01 -14.23 -49.19
C LEU D 87 -16.90 -15.64 -49.72
N THR D 88 -15.73 -16.05 -50.23
CA THR D 88 -15.51 -17.39 -50.77
C THR D 88 -15.80 -18.51 -49.76
N THR D 89 -15.75 -18.22 -48.46
CA THR D 89 -16.03 -19.22 -47.44
C THR D 89 -17.46 -19.75 -47.50
N LYS D 90 -18.41 -18.91 -47.91
CA LYS D 90 -19.81 -19.33 -47.96
C LYS D 90 -20.05 -20.34 -49.09
N HIS D 91 -19.44 -20.12 -50.25
CA HIS D 91 -19.58 -21.09 -51.32
C HIS D 91 -18.31 -21.02 -52.16
N PRO D 92 -17.77 -22.16 -52.60
CA PRO D 92 -16.49 -22.16 -53.32
C PRO D 92 -16.53 -21.52 -54.70
N ASP D 93 -17.69 -21.13 -55.23
CA ASP D 93 -17.69 -20.50 -56.55
C ASP D 93 -17.28 -19.04 -56.50
N TYR D 94 -17.20 -18.43 -55.32
CA TYR D 94 -16.75 -17.05 -55.27
C TYR D 94 -15.25 -16.90 -55.51
N ALA D 95 -14.50 -18.00 -55.43
CA ALA D 95 -13.12 -17.96 -55.87
C ALA D 95 -13.05 -17.81 -57.39
N ILE D 96 -13.90 -18.57 -58.10
CA ILE D 96 -13.99 -18.45 -59.54
C ILE D 96 -14.51 -17.08 -59.93
N LEU D 97 -15.45 -16.56 -59.13
CA LEU D 97 -15.96 -15.21 -59.36
C LEU D 97 -14.86 -14.16 -59.17
N ALA D 98 -14.15 -14.21 -58.05
CA ALA D 98 -13.13 -13.19 -57.76
C ALA D 98 -11.98 -13.25 -58.74
N ALA D 99 -11.64 -14.46 -59.22
CA ALA D 99 -10.68 -14.58 -60.30
C ALA D 99 -11.19 -13.93 -61.57
N ARG D 100 -12.48 -14.11 -61.89
CA ARG D 100 -13.02 -13.47 -63.09
C ARG D 100 -13.10 -11.96 -62.94
N ILE D 101 -13.27 -11.46 -61.71
CA ILE D 101 -13.33 -10.01 -61.51
C ILE D 101 -11.96 -9.38 -61.69
N ALA D 102 -10.94 -9.97 -61.05
CA ALA D 102 -9.61 -9.38 -61.15
C ALA D 102 -9.02 -9.53 -62.55
N VAL D 103 -9.20 -10.71 -63.15
CA VAL D 103 -8.65 -10.94 -64.48
C VAL D 103 -9.42 -10.15 -65.53
N SER D 104 -10.73 -9.97 -65.35
CA SER D 104 -11.45 -9.09 -66.26
C SER D 104 -11.07 -7.63 -66.06
N ASN D 105 -10.73 -7.25 -64.84
CA ASN D 105 -10.25 -5.89 -64.57
C ASN D 105 -8.94 -5.64 -65.29
N LEU D 106 -8.05 -6.62 -65.33
CA LEU D 106 -6.81 -6.42 -66.04
C LEU D 106 -7.00 -6.46 -67.54
N HIS D 107 -7.82 -7.39 -68.04
CA HIS D 107 -7.98 -7.54 -69.48
C HIS D 107 -8.82 -6.43 -70.10
N LYS D 108 -9.61 -5.71 -69.31
CA LYS D 108 -10.17 -4.48 -69.85
C LYS D 108 -9.14 -3.38 -69.93
N GLU D 109 -8.08 -3.46 -69.13
CA GLU D 109 -7.17 -2.31 -69.00
C GLU D 109 -6.15 -2.23 -70.14
N THR D 110 -5.27 -3.22 -70.24
CA THR D 110 -4.11 -3.10 -71.10
C THR D 110 -4.43 -3.58 -72.51
N LYS D 111 -3.41 -3.61 -73.36
CA LYS D 111 -3.64 -3.76 -74.78
C LYS D 111 -3.89 -5.22 -75.17
N LYS D 112 -4.57 -5.38 -76.30
CA LYS D 112 -4.91 -6.72 -76.78
C LYS D 112 -3.76 -7.36 -77.54
N VAL D 113 -3.00 -6.56 -78.30
CA VAL D 113 -1.97 -7.08 -79.17
C VAL D 113 -0.63 -7.10 -78.42
N PHE D 114 0.07 -8.24 -78.51
CA PHE D 114 1.35 -8.44 -77.84
C PHE D 114 2.44 -7.55 -78.44
N SER D 115 2.39 -7.33 -79.75
CA SER D 115 3.46 -6.64 -80.46
C SER D 115 3.56 -5.17 -80.08
N ASP D 116 2.41 -4.52 -79.89
CA ASP D 116 2.45 -3.11 -79.55
C ASP D 116 2.81 -2.91 -78.09
N VAL D 117 2.54 -3.91 -77.24
CA VAL D 117 3.05 -3.91 -75.87
C VAL D 117 4.57 -3.99 -75.88
N MET D 118 5.12 -4.86 -76.73
CA MET D 118 6.57 -4.98 -76.80
C MET D 118 7.21 -3.71 -77.35
N GLU D 119 6.55 -3.05 -78.32
CA GLU D 119 7.07 -1.78 -78.81
C GLU D 119 6.95 -0.68 -77.76
N ASP D 120 5.93 -0.76 -76.90
CA ASP D 120 5.83 0.20 -75.81
C ASP D 120 6.92 -0.03 -74.78
N LEU D 121 7.27 -1.29 -74.52
CA LEU D 121 8.30 -1.56 -73.53
C LEU D 121 9.69 -1.19 -74.05
N TYR D 122 9.98 -1.50 -75.32
CA TYR D 122 11.29 -1.11 -75.86
C TYR D 122 11.38 0.39 -76.07
N ASN D 123 10.27 1.04 -76.40
CA ASN D 123 10.26 2.48 -76.59
C ASN D 123 9.98 3.23 -75.31
N TYR D 124 10.29 2.63 -74.15
CA TYR D 124 10.14 3.30 -72.88
C TYR D 124 11.16 4.42 -72.74
N ILE D 125 10.75 5.49 -72.06
CA ILE D 125 11.61 6.63 -71.76
C ILE D 125 11.42 6.96 -70.28
N ASN D 126 12.54 7.08 -69.56
CA ASN D 126 12.53 7.45 -68.15
C ASN D 126 11.89 8.81 -67.98
N PRO D 127 10.78 8.93 -67.25
CA PRO D 127 9.99 10.17 -67.28
C PRO D 127 10.58 11.38 -66.57
N HIS D 128 11.83 11.28 -66.08
CA HIS D 128 12.53 12.51 -65.70
C HIS D 128 14.00 12.47 -66.06
N ASN D 129 14.41 11.58 -66.98
CA ASN D 129 15.79 11.59 -67.46
C ASN D 129 15.90 11.44 -68.96
N GLY D 130 14.82 11.15 -69.68
CA GLY D 130 14.84 11.16 -71.13
C GLY D 130 15.56 10.00 -71.78
N LYS D 131 16.03 9.03 -71.01
CA LYS D 131 16.86 7.97 -71.55
C LYS D 131 15.99 6.86 -72.13
N HIS D 132 16.34 6.42 -73.33
CA HIS D 132 15.68 5.28 -73.97
C HIS D 132 16.12 4.03 -73.25
N SER D 133 15.47 3.77 -72.10
CA SER D 133 15.84 2.74 -71.14
C SER D 133 14.87 1.58 -71.29
N PRO D 134 15.16 0.59 -72.11
CA PRO D 134 14.14 -0.37 -72.49
C PRO D 134 13.86 -1.39 -71.41
N MET D 135 12.71 -2.03 -71.54
CA MET D 135 12.38 -3.17 -70.71
C MET D 135 12.76 -4.49 -71.37
N VAL D 136 12.95 -4.49 -72.69
CA VAL D 136 13.36 -5.68 -73.43
C VAL D 136 14.51 -5.32 -74.35
N ALA D 137 15.31 -6.33 -74.70
CA ALA D 137 16.42 -6.11 -75.60
C ALA D 137 15.91 -5.97 -77.04
N LYS D 138 16.77 -5.39 -77.89
CA LYS D 138 16.36 -5.11 -79.25
C LYS D 138 16.26 -6.38 -80.09
N SER D 139 17.01 -7.42 -79.75
CA SER D 139 16.89 -8.67 -80.48
C SER D 139 15.57 -9.37 -80.19
N THR D 140 15.06 -9.20 -78.97
CA THR D 140 13.74 -9.73 -78.63
C THR D 140 12.67 -9.07 -79.46
N LEU D 141 12.74 -7.74 -79.58
CA LEU D 141 11.82 -6.99 -80.40
C LEU D 141 11.99 -7.32 -81.88
N ASP D 142 13.20 -7.67 -82.29
CA ASP D 142 13.43 -8.11 -83.66
C ASP D 142 12.74 -9.44 -83.94
N ILE D 143 12.83 -10.37 -82.99
CA ILE D 143 12.17 -11.66 -83.14
C ILE D 143 10.65 -11.51 -83.13
N VAL D 144 10.15 -10.59 -82.31
CA VAL D 144 8.71 -10.35 -82.25
C VAL D 144 8.22 -9.70 -83.54
N LEU D 145 8.84 -8.60 -83.95
CA LEU D 145 8.38 -7.88 -85.13
C LEU D 145 8.63 -8.63 -86.42
N ALA D 146 9.59 -9.56 -86.45
CA ALA D 146 9.72 -10.40 -87.63
C ALA D 146 8.69 -11.52 -87.65
N ASN D 147 8.04 -11.80 -86.53
CA ASN D 147 7.19 -12.98 -86.44
C ASN D 147 5.89 -12.70 -85.71
N LYS D 148 5.39 -11.47 -85.76
CA LYS D 148 4.22 -11.11 -84.97
C LYS D 148 2.93 -11.67 -85.53
N ASP D 149 2.93 -12.12 -86.79
CA ASP D 149 1.70 -12.50 -87.44
C ASP D 149 1.26 -13.90 -87.00
N ARG D 150 2.19 -14.85 -86.97
CA ARG D 150 1.89 -16.17 -86.44
C ARG D 150 1.75 -16.13 -84.92
N LEU D 151 2.58 -15.32 -84.27
CA LEU D 151 2.68 -15.38 -82.82
C LEU D 151 1.54 -14.64 -82.13
N ASN D 152 1.03 -13.56 -82.74
CA ASN D 152 -0.19 -12.95 -82.22
C ASN D 152 -1.40 -13.84 -82.45
N SER D 153 -1.35 -14.72 -83.45
CA SER D 153 -2.40 -15.70 -83.63
C SER D 153 -2.27 -16.86 -82.67
N ALA D 154 -1.08 -17.12 -82.13
CA ALA D 154 -0.90 -18.30 -81.29
C ALA D 154 -1.43 -18.11 -79.87
N ILE D 155 -1.51 -16.86 -79.41
CA ILE D 155 -1.85 -16.59 -78.01
C ILE D 155 -3.33 -16.86 -77.77
N ILE D 156 -3.65 -17.49 -76.64
CA ILE D 156 -5.03 -17.79 -76.27
C ILE D 156 -5.31 -17.12 -74.93
N TYR D 157 -6.17 -16.10 -74.93
CA TYR D 157 -6.53 -15.36 -73.72
C TYR D 157 -7.63 -16.04 -72.93
N ASP D 158 -8.08 -17.22 -73.34
CA ASP D 158 -9.08 -17.96 -72.57
C ASP D 158 -8.46 -18.62 -71.34
N ARG D 159 -7.14 -18.67 -71.25
CA ARG D 159 -6.45 -19.39 -70.19
C ARG D 159 -6.14 -18.51 -68.99
N ASP D 160 -6.33 -17.19 -69.10
CA ASP D 160 -6.04 -16.31 -67.98
C ASP D 160 -7.09 -16.36 -66.88
N PHE D 161 -8.29 -16.85 -67.18
CA PHE D 161 -9.31 -17.03 -66.16
C PHE D 161 -9.18 -18.35 -65.43
N SER D 162 -8.01 -18.98 -65.48
CA SER D 162 -7.79 -20.27 -64.86
C SER D 162 -6.91 -20.21 -63.64
N TYR D 163 -6.36 -19.04 -63.31
CA TYR D 163 -5.56 -18.92 -62.11
C TYR D 163 -6.47 -18.78 -60.89
N ASN D 164 -5.91 -19.09 -59.72
CA ASN D 164 -6.57 -18.71 -58.49
C ASN D 164 -6.44 -17.20 -58.29
N TYR D 165 -7.25 -16.68 -57.37
CA TYR D 165 -7.23 -15.25 -57.08
C TYR D 165 -5.93 -14.85 -56.41
N PHE D 166 -5.53 -15.57 -55.37
CA PHE D 166 -4.34 -15.19 -54.63
C PHE D 166 -3.09 -15.47 -55.43
N GLY D 167 -3.11 -16.50 -56.28
CA GLY D 167 -2.03 -16.69 -57.21
C GLY D 167 -1.95 -15.60 -58.26
N PHE D 168 -3.10 -15.03 -58.62
CA PHE D 168 -3.08 -13.92 -59.57
C PHE D 168 -2.59 -12.64 -58.92
N LYS D 169 -2.92 -12.41 -57.65
CA LYS D 169 -2.44 -11.19 -57.01
C LYS D 169 -0.95 -11.30 -56.71
N THR D 170 -0.49 -12.49 -56.35
CA THR D 170 0.95 -12.70 -56.18
C THR D 170 1.68 -12.58 -57.50
N LEU D 171 1.06 -13.06 -58.58
CA LEU D 171 1.65 -12.91 -59.91
C LEU D 171 1.65 -11.47 -60.36
N GLU D 172 0.70 -10.67 -59.89
CA GLU D 172 0.57 -9.31 -60.36
C GLU D 172 1.45 -8.34 -59.59
N ARG D 173 1.63 -8.56 -58.28
CA ARG D 173 2.29 -7.55 -57.48
C ARG D 173 3.79 -7.46 -57.76
N SER D 174 4.39 -8.51 -58.33
CA SER D 174 5.84 -8.53 -58.42
C SER D 174 6.37 -9.00 -59.77
N TYR D 175 5.58 -9.76 -60.53
CA TYR D 175 6.17 -10.41 -61.69
C TYR D 175 5.87 -9.72 -63.01
N LEU D 176 4.71 -9.09 -63.15
CA LEU D 176 4.38 -8.42 -64.40
C LEU D 176 5.18 -7.12 -64.51
N LEU D 177 5.69 -6.86 -65.71
CA LEU D 177 6.56 -5.72 -65.90
C LEU D 177 5.74 -4.43 -65.90
N LYS D 178 6.07 -3.54 -64.97
CA LYS D 178 5.27 -2.35 -64.73
C LYS D 178 5.84 -1.17 -65.50
N ILE D 179 4.98 -0.20 -65.80
CA ILE D 179 5.40 1.06 -66.39
C ILE D 179 4.90 2.18 -65.49
N ASN D 180 5.83 2.81 -64.77
CA ASN D 180 5.57 3.94 -63.87
C ASN D 180 4.55 3.61 -62.80
N GLY D 181 4.55 2.36 -62.33
CA GLY D 181 3.63 1.92 -61.31
C GLY D 181 2.35 1.29 -61.82
N LYS D 182 2.05 1.43 -63.11
CA LYS D 182 0.86 0.83 -63.69
C LYS D 182 1.28 -0.41 -64.46
N VAL D 183 0.65 -1.55 -64.14
CA VAL D 183 1.00 -2.81 -64.76
C VAL D 183 0.54 -2.80 -66.21
N ALA D 184 1.46 -3.10 -67.12
CA ALA D 184 1.16 -3.03 -68.54
C ALA D 184 1.43 -4.34 -69.25
N GLU D 185 1.20 -5.46 -68.57
CA GLU D 185 1.32 -6.77 -69.19
C GLU D 185 0.19 -7.68 -68.75
N ARG D 186 -0.50 -8.25 -69.71
CA ARG D 186 -1.37 -9.37 -69.44
C ARG D 186 -0.52 -10.59 -69.12
N PRO D 187 -1.08 -11.60 -68.43
CA PRO D 187 -0.27 -12.79 -68.12
C PRO D 187 0.20 -13.57 -69.34
N GLN D 188 -0.64 -13.71 -70.37
CA GLN D 188 -0.18 -14.36 -71.58
C GLN D 188 0.88 -13.54 -72.32
N HIS D 189 0.89 -12.22 -72.09
CA HIS D 189 1.99 -11.42 -72.60
C HIS D 189 3.28 -11.76 -71.89
N MET D 190 3.21 -12.11 -70.60
CA MET D 190 4.43 -12.48 -69.90
C MET D 190 4.90 -13.86 -70.31
N LEU D 191 3.99 -14.81 -70.44
CA LEU D 191 4.41 -16.17 -70.76
C LEU D 191 4.87 -16.29 -72.21
N MET D 192 4.21 -15.57 -73.11
CA MET D 192 4.72 -15.51 -74.48
C MET D 192 6.02 -14.72 -74.55
N ARG D 193 6.18 -13.71 -73.69
CA ARG D 193 7.47 -13.01 -73.61
C ARG D 193 8.58 -13.93 -73.13
N VAL D 194 8.26 -14.89 -72.26
CA VAL D 194 9.25 -15.86 -71.83
C VAL D 194 9.61 -16.80 -72.98
N SER D 195 8.61 -17.27 -73.72
CA SER D 195 8.90 -18.21 -74.81
C SER D 195 9.67 -17.56 -75.95
N VAL D 196 9.45 -16.28 -76.19
CA VAL D 196 10.33 -15.56 -77.13
C VAL D 196 11.70 -15.36 -76.51
N GLY D 197 11.75 -15.12 -75.20
CA GLY D 197 13.01 -14.88 -74.52
C GLY D 197 13.91 -16.10 -74.43
N ILE D 198 13.36 -17.30 -74.57
CA ILE D 198 14.19 -18.50 -74.60
C ILE D 198 14.35 -18.99 -76.03
N HIS D 199 13.25 -19.35 -76.67
CA HIS D 199 13.33 -19.88 -78.03
C HIS D 199 13.46 -18.72 -78.99
N LYS D 200 14.70 -18.39 -79.34
CA LYS D 200 14.97 -17.14 -80.05
C LYS D 200 14.63 -17.26 -81.53
N GLU D 201 15.32 -18.13 -82.25
CA GLU D 201 15.12 -18.20 -83.69
C GLU D 201 13.88 -19.02 -84.04
N ASP D 202 13.64 -20.11 -83.33
CA ASP D 202 12.58 -21.02 -83.70
C ASP D 202 11.25 -20.55 -83.12
N ILE D 203 10.18 -20.81 -83.86
CA ILE D 203 8.84 -20.43 -83.46
C ILE D 203 7.99 -21.62 -83.06
N ASP D 204 8.19 -22.79 -83.70
CA ASP D 204 7.46 -24.00 -83.35
C ASP D 204 7.74 -24.43 -81.93
N ALA D 205 8.99 -24.27 -81.49
CA ALA D 205 9.32 -24.51 -80.10
C ALA D 205 8.73 -23.44 -79.19
N ALA D 206 8.51 -22.23 -79.71
CA ALA D 206 7.89 -21.19 -78.90
C ALA D 206 6.39 -21.39 -78.76
N ILE D 207 5.77 -22.09 -79.70
CA ILE D 207 4.33 -22.32 -79.64
C ILE D 207 4.02 -23.63 -78.91
N GLU D 208 4.85 -24.66 -79.10
CA GLU D 208 4.73 -25.84 -78.26
C GLU D 208 5.12 -25.52 -76.82
N THR D 209 6.15 -24.69 -76.64
CA THR D 209 6.56 -24.26 -75.31
C THR D 209 5.53 -23.33 -74.71
N TYR D 210 4.93 -22.48 -75.52
CA TYR D 210 3.90 -21.58 -75.01
C TYR D 210 2.64 -22.34 -74.61
N ASN D 211 2.19 -23.26 -75.44
CA ASN D 211 0.94 -23.95 -75.14
C ASN D 211 1.12 -24.95 -74.02
N LEU D 212 2.26 -25.64 -74.00
CA LEU D 212 2.58 -26.51 -72.89
C LEU D 212 2.88 -25.72 -71.62
N LEU D 213 3.26 -24.45 -71.76
CA LEU D 213 3.53 -23.61 -70.61
C LEU D 213 2.25 -23.01 -70.03
N SER D 214 1.46 -22.36 -70.88
CA SER D 214 0.24 -21.68 -70.46
C SER D 214 -0.89 -22.64 -70.18
N GLU D 215 -0.77 -23.91 -70.58
CA GLU D 215 -1.65 -24.93 -70.05
C GLU D 215 -1.19 -25.47 -68.70
N ARG D 216 -0.26 -24.76 -68.04
CA ARG D 216 0.08 -24.94 -66.64
C ARG D 216 0.69 -26.30 -66.35
N TRP D 217 1.35 -26.90 -67.33
CA TRP D 217 2.00 -28.19 -67.10
C TRP D 217 3.27 -28.01 -66.30
N PHE D 218 4.24 -27.27 -66.83
CA PHE D 218 5.44 -26.91 -66.10
C PHE D 218 5.58 -25.40 -66.12
N THR D 219 6.38 -24.90 -65.19
CA THR D 219 6.73 -23.48 -65.15
C THR D 219 8.20 -23.34 -64.82
N HIS D 220 8.82 -22.29 -65.35
CA HIS D 220 10.22 -22.02 -65.05
C HIS D 220 10.37 -21.41 -63.67
N ALA D 221 11.62 -21.15 -63.29
CA ALA D 221 11.91 -20.54 -62.01
C ALA D 221 11.67 -19.04 -62.07
N SER D 222 11.79 -18.40 -60.92
CA SER D 222 11.44 -16.99 -60.81
C SER D 222 12.41 -15.99 -61.45
N PRO D 223 13.73 -16.18 -61.46
CA PRO D 223 14.56 -15.28 -62.28
C PRO D 223 14.35 -15.44 -63.76
N THR D 224 13.88 -16.61 -64.22
CA THR D 224 13.49 -16.74 -65.61
C THR D 224 12.25 -15.89 -65.90
N LEU D 225 11.29 -15.88 -64.98
CA LEU D 225 10.13 -15.01 -65.14
C LEU D 225 10.50 -13.54 -64.98
N PHE D 226 11.58 -13.25 -64.27
CA PHE D 226 12.03 -11.86 -64.17
C PHE D 226 12.66 -11.38 -65.47
N ASN D 227 13.63 -12.12 -65.98
CA ASN D 227 14.53 -11.53 -66.97
C ASN D 227 14.58 -12.37 -68.23
N ALA D 228 13.43 -12.79 -68.73
CA ALA D 228 13.40 -13.48 -70.01
C ALA D 228 13.30 -12.45 -71.12
N GLY D 229 14.33 -12.39 -71.95
CA GLY D 229 14.30 -11.47 -73.07
C GLY D 229 14.47 -10.01 -72.71
N THR D 230 14.73 -9.69 -71.45
CA THR D 230 14.91 -8.31 -71.03
C THR D 230 16.32 -7.86 -71.39
N ASN D 231 16.73 -6.70 -70.88
CA ASN D 231 17.98 -6.12 -71.33
C ASN D 231 19.17 -6.79 -70.67
N ARG D 232 19.02 -7.25 -69.42
CA ARG D 232 20.05 -8.01 -68.71
C ARG D 232 19.53 -9.42 -68.50
N PRO D 233 19.68 -10.31 -69.47
CA PRO D 233 19.11 -11.65 -69.29
C PRO D 233 19.94 -12.49 -68.33
N GLN D 234 19.45 -12.63 -67.11
CA GLN D 234 20.12 -13.45 -66.10
C GLN D 234 19.08 -14.47 -65.66
N LEU D 235 18.96 -15.55 -66.42
CA LEU D 235 17.88 -16.49 -66.21
C LEU D 235 18.17 -17.48 -65.10
N SER D 236 19.36 -17.46 -64.53
CA SER D 236 19.76 -18.50 -63.60
C SER D 236 19.30 -18.20 -62.18
N SER D 237 19.17 -19.25 -61.39
CA SER D 237 18.69 -19.08 -60.02
C SER D 237 19.52 -19.83 -58.99
N CYS D 238 20.59 -20.52 -59.37
CA CYS D 238 21.39 -21.26 -58.40
C CYS D 238 22.85 -20.86 -58.54
N PHE D 239 23.44 -20.40 -57.44
CA PHE D 239 24.82 -19.95 -57.42
C PHE D 239 25.54 -20.48 -56.18
N LEU D 240 26.65 -21.16 -56.42
CA LEU D 240 27.46 -21.76 -55.39
C LEU D 240 28.86 -21.18 -55.49
N LEU D 241 29.30 -20.50 -54.43
CA LEU D 241 30.57 -19.79 -54.39
C LEU D 241 31.38 -20.27 -53.21
N SER D 242 32.68 -20.45 -53.42
CA SER D 242 33.63 -20.72 -52.36
C SER D 242 34.65 -19.58 -52.33
N MET D 243 35.43 -19.53 -51.25
CA MET D 243 36.38 -18.44 -51.07
C MET D 243 37.55 -18.59 -52.02
N LYS D 244 37.96 -17.47 -52.61
CA LYS D 244 39.14 -17.49 -53.47
C LYS D 244 40.41 -17.75 -52.66
N ASP D 245 40.47 -17.19 -51.45
CA ASP D 245 41.70 -17.18 -50.68
C ASP D 245 41.36 -16.91 -49.23
N ASP D 246 42.24 -17.33 -48.34
CA ASP D 246 42.13 -16.97 -46.93
C ASP D 246 42.94 -15.70 -46.65
N SER D 247 42.67 -14.67 -47.43
CA SER D 247 43.31 -13.37 -47.26
C SER D 247 42.24 -12.32 -47.34
N ILE D 248 42.62 -11.06 -47.14
CA ILE D 248 41.68 -9.97 -47.30
C ILE D 248 41.27 -9.84 -48.76
N GLU D 249 42.20 -10.10 -49.68
CA GLU D 249 41.87 -10.00 -51.10
C GLU D 249 40.87 -11.07 -51.51
N GLY D 250 40.99 -12.28 -50.96
CA GLY D 250 40.03 -13.33 -51.27
C GLY D 250 38.68 -13.07 -50.64
N ILE D 251 38.66 -12.55 -49.42
CA ILE D 251 37.41 -12.32 -48.71
C ILE D 251 36.63 -11.20 -49.38
N TYR D 252 37.30 -10.11 -49.72
CA TYR D 252 36.56 -9.02 -50.31
C TYR D 252 36.33 -9.19 -51.80
N ASP D 253 37.12 -10.01 -52.49
CA ASP D 253 36.76 -10.33 -53.86
C ASP D 253 35.56 -11.27 -53.91
N THR D 254 35.47 -12.19 -52.95
CA THR D 254 34.29 -13.03 -52.85
C THR D 254 33.07 -12.21 -52.45
N LEU D 255 33.28 -11.20 -51.61
CA LEU D 255 32.21 -10.26 -51.28
C LEU D 255 31.75 -9.48 -52.51
N LYS D 256 32.69 -9.13 -53.39
CA LYS D 256 32.32 -8.45 -54.62
C LYS D 256 31.49 -9.36 -55.53
N GLN D 257 31.89 -10.62 -55.66
CA GLN D 257 31.13 -11.53 -56.52
C GLN D 257 29.75 -11.80 -55.96
N CYS D 258 29.62 -11.93 -54.64
CA CYS D 258 28.31 -12.09 -54.04
C CYS D 258 27.46 -10.83 -54.19
N ALA D 259 28.10 -9.66 -54.27
CA ALA D 259 27.34 -8.45 -54.50
C ALA D 259 26.77 -8.39 -55.91
N LEU D 260 27.58 -8.73 -56.91
CA LEU D 260 27.09 -8.68 -58.29
C LEU D 260 26.05 -9.76 -58.57
N ILE D 261 26.28 -10.95 -58.04
CA ILE D 261 25.33 -12.04 -58.26
C ILE D 261 24.03 -11.77 -57.53
N SER D 262 24.10 -11.23 -56.32
CA SER D 262 22.87 -10.84 -55.65
C SER D 262 22.23 -9.62 -56.26
N LYS D 263 22.96 -8.84 -57.07
CA LYS D 263 22.30 -7.81 -57.87
C LYS D 263 21.46 -8.43 -58.96
N SER D 264 22.01 -9.41 -59.69
CA SER D 264 21.29 -9.90 -60.85
C SER D 264 20.31 -11.03 -60.52
N ALA D 265 19.79 -11.04 -59.29
CA ALA D 265 18.71 -11.90 -58.82
C ALA D 265 19.09 -13.39 -58.92
N GLY D 266 20.04 -13.76 -58.07
CA GLY D 266 20.43 -15.13 -57.89
C GLY D 266 20.36 -15.54 -56.43
N GLY D 267 20.62 -16.82 -56.18
CA GLY D 267 20.68 -17.33 -54.83
C GLY D 267 22.06 -17.86 -54.53
N ILE D 268 22.66 -17.43 -53.43
CA ILE D 268 24.10 -17.60 -53.23
C ILE D 268 24.34 -18.44 -51.99
N GLY D 269 25.03 -19.57 -52.19
CA GLY D 269 25.51 -20.38 -51.08
C GLY D 269 27.02 -20.38 -51.06
N VAL D 270 27.62 -20.10 -49.90
CA VAL D 270 29.04 -19.80 -49.80
C VAL D 270 29.68 -20.85 -48.90
N ALA D 271 30.79 -21.43 -49.36
CA ALA D 271 31.58 -22.36 -48.55
C ALA D 271 32.61 -21.56 -47.77
N VAL D 272 32.44 -21.46 -46.45
CA VAL D 272 33.30 -20.58 -45.67
C VAL D 272 34.14 -21.48 -44.78
N SER D 273 34.54 -22.63 -45.32
CA SER D 273 35.32 -23.57 -44.52
C SER D 273 36.74 -23.10 -44.31
N CYS D 274 37.33 -22.43 -45.29
CA CYS D 274 38.79 -22.25 -45.35
C CYS D 274 39.25 -20.90 -44.82
N ILE D 275 38.60 -20.37 -43.79
CA ILE D 275 39.03 -19.14 -43.14
C ILE D 275 39.59 -19.50 -41.77
N ARG D 276 40.75 -18.96 -41.44
CA ARG D 276 41.42 -19.29 -40.18
C ARG D 276 40.64 -18.73 -39.01
N ALA D 277 40.80 -19.39 -37.86
CA ALA D 277 39.91 -19.18 -36.74
C ALA D 277 40.44 -18.09 -35.82
N THR D 278 39.82 -17.94 -34.66
CA THR D 278 40.18 -16.89 -33.72
C THR D 278 41.50 -17.22 -33.05
N GLY D 279 42.44 -16.29 -33.12
CA GLY D 279 43.68 -16.39 -32.39
C GLY D 279 44.87 -16.87 -33.19
N SER D 280 44.66 -17.32 -34.43
CA SER D 280 45.78 -17.78 -35.24
C SER D 280 46.67 -16.62 -35.64
N TYR D 281 47.94 -16.90 -35.80
CA TYR D 281 48.92 -15.85 -36.05
C TYR D 281 48.83 -15.39 -37.50
N ILE D 282 49.02 -14.09 -37.69
CA ILE D 282 48.94 -13.46 -39.00
C ILE D 282 50.34 -12.99 -39.34
N ALA D 283 50.96 -13.61 -40.36
CA ALA D 283 52.35 -13.33 -40.67
C ALA D 283 52.59 -11.97 -41.29
N GLY D 284 51.54 -11.31 -41.77
CA GLY D 284 51.74 -10.03 -42.41
C GLY D 284 51.88 -8.89 -41.42
N THR D 285 50.97 -8.82 -40.45
CA THR D 285 50.92 -7.68 -39.54
C THR D 285 51.12 -8.08 -38.09
N ASN D 286 51.63 -9.29 -37.84
CA ASN D 286 52.08 -9.78 -36.54
C ASN D 286 50.98 -9.81 -35.48
N GLY D 287 49.72 -9.87 -35.90
CA GLY D 287 48.61 -9.91 -35.00
C GLY D 287 47.90 -11.25 -35.00
N ASN D 288 46.71 -11.26 -34.45
CA ASN D 288 45.90 -12.46 -34.39
C ASN D 288 44.52 -12.17 -34.94
N SER D 289 43.96 -13.15 -35.64
CA SER D 289 42.65 -12.97 -36.26
C SER D 289 41.56 -12.97 -35.21
N ASN D 290 40.45 -12.32 -35.54
CA ASN D 290 39.27 -12.33 -34.68
C ASN D 290 38.29 -13.41 -35.06
N GLY D 291 38.58 -14.18 -36.11
CA GLY D 291 37.76 -15.33 -36.43
C GLY D 291 36.78 -15.10 -37.56
N LEU D 292 35.59 -15.68 -37.42
CA LEU D 292 34.56 -15.61 -38.43
C LEU D 292 33.42 -14.66 -38.11
N VAL D 293 33.23 -14.31 -36.85
CA VAL D 293 32.03 -13.59 -36.41
C VAL D 293 31.93 -12.17 -36.99
N PRO D 294 32.97 -11.31 -37.00
CA PRO D 294 32.78 -10.03 -37.68
C PRO D 294 32.73 -10.15 -39.19
N MET D 295 33.38 -11.16 -39.75
CA MET D 295 33.33 -11.39 -41.20
C MET D 295 31.91 -11.74 -41.65
N LEU D 296 31.29 -12.69 -40.98
CA LEU D 296 29.89 -13.00 -41.26
C LEU D 296 28.96 -11.87 -40.87
N ARG D 297 29.40 -10.95 -40.00
CA ARG D 297 28.60 -9.75 -39.77
C ARG D 297 28.69 -8.79 -40.97
N VAL D 298 29.83 -8.76 -41.65
CA VAL D 298 29.95 -7.98 -42.88
C VAL D 298 29.05 -8.59 -43.96
N TYR D 299 29.03 -9.92 -44.05
CA TYR D 299 28.09 -10.55 -44.96
C TYR D 299 26.64 -10.36 -44.54
N ASN D 300 26.39 -10.10 -43.25
CA ASN D 300 25.03 -9.78 -42.83
C ASN D 300 24.59 -8.44 -43.41
N ASN D 301 25.42 -7.40 -43.26
CA ASN D 301 25.00 -6.12 -43.85
C ASN D 301 24.98 -6.15 -45.37
N THR D 302 25.82 -6.97 -46.00
CA THR D 302 25.72 -7.08 -47.45
C THR D 302 24.43 -7.79 -47.86
N ALA D 303 23.99 -8.75 -47.05
CA ALA D 303 22.71 -9.38 -47.34
C ALA D 303 21.54 -8.43 -47.11
N ARG D 304 21.71 -7.42 -46.25
CA ARG D 304 20.64 -6.44 -46.13
C ARG D 304 20.66 -5.43 -47.27
N TYR D 305 21.84 -5.03 -47.74
CA TYR D 305 21.91 -3.91 -48.67
C TYR D 305 21.44 -4.29 -50.07
N VAL D 306 22.12 -5.22 -50.71
CA VAL D 306 21.78 -5.58 -52.08
C VAL D 306 20.53 -6.45 -52.06
N ASP D 307 19.51 -6.03 -52.80
CA ASP D 307 18.31 -6.82 -52.96
C ASP D 307 18.30 -7.45 -54.36
N GLN D 308 17.63 -8.60 -54.48
CA GLN D 308 17.62 -9.32 -55.74
C GLN D 308 16.70 -8.61 -56.72
N GLY D 309 17.27 -8.13 -57.82
CA GLY D 309 16.48 -7.46 -58.83
C GLY D 309 16.01 -6.10 -58.36
N GLY D 310 14.81 -5.73 -58.77
CA GLY D 310 14.24 -4.46 -58.35
C GLY D 310 13.48 -4.56 -57.05
N ASN D 311 14.20 -4.90 -55.98
CA ASN D 311 13.66 -5.09 -54.63
C ASN D 311 12.55 -6.14 -54.59
N LYS D 312 12.62 -7.13 -55.48
CA LYS D 312 11.52 -8.06 -55.63
C LYS D 312 11.53 -9.14 -54.56
N ARG D 313 12.70 -9.47 -54.03
CA ARG D 313 12.85 -10.29 -52.84
C ARG D 313 14.23 -10.02 -52.27
N PRO D 314 14.39 -10.05 -50.94
CA PRO D 314 15.68 -9.65 -50.35
C PRO D 314 16.77 -10.66 -50.65
N GLY D 315 17.98 -10.15 -50.84
CA GLY D 315 19.11 -11.00 -51.17
C GLY D 315 19.51 -11.80 -49.96
N ALA D 316 19.51 -13.12 -50.09
CA ALA D 316 19.80 -14.01 -48.99
C ALA D 316 21.04 -14.84 -49.29
N PHE D 317 21.83 -15.08 -48.24
CA PHE D 317 23.08 -15.81 -48.35
C PHE D 317 23.01 -17.06 -47.48
N ALA D 318 23.53 -18.16 -48.00
CA ALA D 318 23.78 -19.34 -47.19
C ALA D 318 25.26 -19.40 -46.83
N ILE D 319 25.54 -19.77 -45.60
CA ILE D 319 26.90 -19.89 -45.10
C ILE D 319 27.11 -21.33 -44.68
N TYR D 320 27.99 -22.04 -45.36
CA TYR D 320 28.23 -23.43 -45.04
C TYR D 320 29.54 -23.56 -44.28
N LEU D 321 29.51 -24.32 -43.19
CA LEU D 321 30.70 -24.55 -42.39
C LEU D 321 30.78 -26.02 -42.04
N GLU D 322 31.97 -26.60 -42.16
CA GLU D 322 32.19 -27.94 -41.68
C GLU D 322 32.43 -27.92 -40.17
N PRO D 323 31.96 -28.94 -39.44
CA PRO D 323 31.92 -28.83 -37.97
C PRO D 323 33.26 -28.93 -37.30
N TRP D 324 34.34 -29.25 -37.99
CA TRP D 324 35.62 -29.32 -37.31
C TRP D 324 36.28 -27.96 -37.10
N HIS D 325 35.71 -26.90 -37.64
CA HIS D 325 36.32 -25.58 -37.51
C HIS D 325 36.16 -25.07 -36.09
N LEU D 326 37.14 -24.28 -35.65
CA LEU D 326 37.24 -23.91 -34.24
C LEU D 326 36.16 -22.93 -33.82
N ASP D 327 35.69 -22.09 -34.72
CA ASP D 327 34.70 -21.08 -34.38
C ASP D 327 33.27 -21.61 -34.40
N ILE D 328 33.08 -22.92 -34.27
CA ILE D 328 31.79 -23.54 -34.51
C ILE D 328 30.77 -23.15 -33.44
N PHE D 329 31.21 -22.86 -32.22
CA PHE D 329 30.23 -22.54 -31.18
C PHE D 329 29.67 -21.13 -31.34
N GLU D 330 30.52 -20.15 -31.62
CA GLU D 330 30.04 -18.82 -31.95
C GLU D 330 29.33 -18.79 -33.29
N PHE D 331 29.64 -19.74 -34.19
CA PHE D 331 28.88 -19.87 -35.42
C PHE D 331 27.47 -20.36 -35.16
N LEU D 332 27.31 -21.29 -34.23
CA LEU D 332 25.99 -21.82 -33.95
C LEU D 332 25.17 -20.86 -33.10
N ASP D 333 25.82 -20.04 -32.27
CA ASP D 333 25.11 -19.06 -31.46
C ASP D 333 24.93 -17.73 -32.17
N LEU D 334 24.93 -17.73 -33.50
CA LEU D 334 25.01 -16.49 -34.27
C LEU D 334 23.68 -16.04 -34.83
N LYS D 335 22.80 -16.96 -35.23
CA LYS D 335 21.45 -16.59 -35.67
C LYS D 335 20.50 -16.85 -34.51
N LYS D 336 20.44 -15.89 -33.60
CA LYS D 336 19.50 -15.97 -32.50
C LYS D 336 18.75 -14.66 -32.35
N ASN D 337 18.02 -14.51 -31.26
CA ASN D 337 17.23 -13.31 -31.03
C ASN D 337 17.81 -12.43 -29.94
N THR D 338 18.34 -13.01 -28.89
CA THR D 338 18.85 -12.25 -27.76
C THR D 338 20.36 -12.07 -27.90
N GLY D 339 20.98 -11.57 -26.85
CA GLY D 339 22.42 -11.34 -26.85
C GLY D 339 22.78 -9.96 -27.32
N LYS D 340 24.08 -9.72 -27.40
CA LYS D 340 24.56 -8.47 -27.95
C LYS D 340 24.34 -8.43 -29.45
N GLU D 341 24.12 -7.23 -29.98
CA GLU D 341 23.81 -7.11 -31.39
C GLU D 341 25.05 -7.31 -32.25
N GLU D 342 26.23 -6.95 -31.74
CA GLU D 342 27.46 -7.08 -32.51
C GLU D 342 27.98 -8.51 -32.57
N GLN D 343 27.30 -9.47 -31.96
CA GLN D 343 27.68 -10.87 -32.02
C GLN D 343 26.56 -11.70 -32.63
N ARG D 344 25.74 -11.08 -33.45
CA ARG D 344 24.64 -11.77 -34.12
C ARG D 344 24.60 -11.35 -35.58
N ALA D 345 24.36 -12.30 -36.46
CA ALA D 345 24.17 -12.04 -37.89
C ALA D 345 22.95 -12.83 -38.32
N ARG D 346 21.77 -12.22 -38.19
CA ARG D 346 20.53 -12.98 -38.25
C ARG D 346 19.79 -12.87 -39.57
N ASP D 347 20.25 -12.06 -40.52
CA ASP D 347 19.66 -12.04 -41.84
C ASP D 347 20.42 -12.89 -42.83
N LEU D 348 21.03 -13.97 -42.36
CA LEU D 348 21.70 -14.95 -43.21
C LEU D 348 20.98 -16.28 -43.05
N PHE D 349 21.54 -17.33 -43.65
CA PHE D 349 21.03 -18.67 -43.46
C PHE D 349 22.21 -19.60 -43.26
N PHE D 350 22.27 -20.26 -42.11
CA PHE D 350 23.44 -20.99 -41.68
C PHE D 350 23.26 -22.48 -41.92
N ALA D 351 24.36 -23.16 -42.24
CA ALA D 351 24.25 -24.58 -42.51
C ALA D 351 25.54 -25.31 -42.21
N LEU D 352 25.38 -26.52 -41.69
CA LEU D 352 26.50 -27.39 -41.34
C LEU D 352 26.69 -28.43 -42.42
N TRP D 353 27.94 -28.60 -42.84
CA TRP D 353 28.31 -29.55 -43.88
C TRP D 353 29.04 -30.68 -43.19
N ILE D 354 28.28 -31.65 -42.67
CA ILE D 354 28.78 -32.58 -41.67
C ILE D 354 29.35 -33.84 -42.33
N PRO D 355 30.55 -34.27 -41.96
CA PRO D 355 31.06 -35.55 -42.46
C PRO D 355 30.55 -36.72 -41.63
N ASP D 356 31.02 -37.93 -41.92
CA ASP D 356 30.57 -39.08 -41.13
C ASP D 356 31.23 -39.17 -39.77
N LEU D 357 32.38 -38.54 -39.58
CA LEU D 357 33.09 -38.69 -38.32
C LEU D 357 32.37 -38.00 -37.17
N PHE D 358 31.74 -36.86 -37.41
CA PHE D 358 30.97 -36.25 -36.34
C PHE D 358 29.74 -37.07 -36.03
N MET D 359 29.21 -37.80 -37.02
CA MET D 359 28.11 -38.72 -36.77
C MET D 359 28.56 -39.87 -35.89
N LYS D 360 29.75 -40.42 -36.16
CA LYS D 360 30.22 -41.58 -35.40
C LYS D 360 30.65 -41.17 -33.99
N ARG D 361 31.25 -39.99 -33.85
CA ARG D 361 31.66 -39.54 -32.51
C ARG D 361 30.48 -39.10 -31.67
N VAL D 362 29.41 -38.58 -32.28
CA VAL D 362 28.20 -38.36 -31.50
C VAL D 362 27.54 -39.69 -31.17
N GLU D 363 27.69 -40.68 -32.07
CA GLU D 363 27.05 -41.98 -31.90
C GLU D 363 27.58 -42.71 -30.66
N THR D 364 28.89 -42.72 -30.45
CA THR D 364 29.48 -43.48 -29.37
C THR D 364 30.10 -42.60 -28.29
N ASN D 365 29.63 -41.36 -28.17
CA ASN D 365 29.94 -40.44 -27.05
C ASN D 365 31.44 -40.16 -26.93
N GLN D 366 32.17 -40.21 -28.03
CA GLN D 366 33.60 -40.02 -27.96
C GLN D 366 33.93 -38.53 -28.05
N ASP D 367 35.19 -38.20 -28.25
CA ASP D 367 35.62 -36.81 -28.29
C ASP D 367 35.79 -36.34 -29.72
N TRP D 368 36.05 -35.05 -29.86
CA TRP D 368 36.05 -34.39 -31.15
C TRP D 368 37.08 -33.28 -31.13
N SER D 369 37.80 -33.11 -32.24
CA SER D 369 38.96 -32.24 -32.30
C SER D 369 38.64 -31.02 -33.14
N LEU D 370 38.40 -29.90 -32.47
CA LEU D 370 38.23 -28.61 -33.14
C LEU D 370 39.59 -28.01 -33.41
N MET D 371 39.89 -27.79 -34.69
CA MET D 371 41.19 -27.31 -35.13
C MET D 371 41.01 -26.05 -35.96
N CYS D 372 42.14 -25.53 -36.47
CA CYS D 372 42.18 -24.33 -37.29
C CYS D 372 42.77 -24.65 -38.64
N PRO D 373 42.14 -24.24 -39.74
CA PRO D 373 42.61 -24.65 -41.07
C PRO D 373 43.87 -23.95 -41.53
N ASN D 374 44.42 -23.03 -40.75
CA ASN D 374 45.79 -22.60 -41.01
C ASN D 374 46.78 -23.61 -40.46
N GLU D 375 46.47 -24.17 -39.29
CA GLU D 375 47.34 -25.18 -38.69
C GLU D 375 47.27 -26.49 -39.47
N CYS D 376 46.06 -26.89 -39.87
CA CYS D 376 45.82 -28.17 -40.51
C CYS D 376 45.27 -27.89 -41.91
N PRO D 377 46.14 -27.67 -42.88
CA PRO D 377 45.69 -27.17 -44.19
C PRO D 377 45.24 -28.30 -45.11
N GLY D 378 44.34 -27.93 -46.01
CA GLY D 378 43.89 -28.81 -47.08
C GLY D 378 42.99 -29.92 -46.58
N LEU D 379 41.98 -29.58 -45.80
CA LEU D 379 41.14 -30.59 -45.16
C LEU D 379 39.77 -30.74 -45.81
N ASP D 380 39.11 -29.63 -46.15
CA ASP D 380 37.75 -29.71 -46.68
C ASP D 380 37.66 -30.28 -48.08
N GLU D 381 38.79 -30.37 -48.78
CA GLU D 381 38.83 -30.97 -50.10
C GLU D 381 38.96 -32.49 -50.06
N VAL D 382 38.78 -33.09 -48.90
CA VAL D 382 39.02 -34.51 -48.68
C VAL D 382 37.79 -35.08 -47.97
N TRP D 383 37.21 -36.13 -48.53
CA TRP D 383 35.99 -36.72 -48.00
C TRP D 383 36.16 -38.20 -47.72
N GLY D 384 35.29 -38.72 -46.86
CA GLY D 384 35.21 -40.15 -46.66
C GLY D 384 36.29 -40.77 -45.80
N GLU D 385 36.77 -41.95 -46.23
CA GLU D 385 37.81 -42.65 -45.51
C GLU D 385 39.12 -41.88 -45.51
N GLU D 386 39.39 -41.13 -46.59
CA GLU D 386 40.58 -40.30 -46.65
C GLU D 386 40.50 -39.17 -45.64
N PHE D 387 39.31 -38.61 -45.45
CA PHE D 387 39.10 -37.64 -44.39
C PHE D 387 39.24 -38.29 -43.01
N GLU D 388 38.87 -39.56 -42.89
CA GLU D 388 39.07 -40.24 -41.62
C GLU D 388 40.55 -40.43 -41.33
N LYS D 389 41.34 -40.71 -42.36
CA LYS D 389 42.77 -40.92 -42.17
C LYS D 389 43.50 -39.62 -41.91
N LEU D 390 43.17 -38.56 -42.65
CA LEU D 390 43.84 -37.29 -42.47
C LEU D 390 43.42 -36.64 -41.16
N TYR D 391 42.14 -36.76 -40.81
CA TYR D 391 41.66 -36.22 -39.54
C TYR D 391 42.22 -37.01 -38.37
N ALA D 392 42.41 -38.31 -38.52
CA ALA D 392 43.04 -39.06 -37.45
C ALA D 392 44.53 -38.73 -37.34
N SER D 393 45.18 -38.43 -38.45
CA SER D 393 46.61 -38.11 -38.40
C SER D 393 46.86 -36.75 -37.79
N TYR D 394 46.00 -35.75 -38.09
CA TYR D 394 46.10 -34.51 -37.34
C TYR D 394 45.59 -34.66 -35.91
N GLU D 395 44.71 -35.61 -35.67
CA GLU D 395 44.22 -35.86 -34.31
C GLU D 395 45.29 -36.54 -33.46
N LYS D 396 46.27 -37.18 -34.10
CA LYS D 396 47.36 -37.85 -33.41
C LYS D 396 48.46 -36.88 -32.99
N GLN D 397 48.81 -35.94 -33.86
CA GLN D 397 50.00 -35.13 -33.65
C GLN D 397 49.84 -34.07 -32.56
N GLY D 398 48.64 -33.88 -32.04
CA GLY D 398 48.43 -32.83 -31.06
C GLY D 398 48.47 -31.43 -31.65
N ARG D 399 48.29 -31.31 -32.96
CA ARG D 399 48.25 -30.02 -33.62
C ARG D 399 46.90 -29.33 -33.45
N VAL D 400 45.88 -30.05 -32.98
CA VAL D 400 44.54 -29.52 -32.77
C VAL D 400 44.56 -28.48 -31.65
N ARG D 401 43.50 -27.70 -31.54
CA ARG D 401 43.51 -26.64 -30.56
C ARG D 401 42.51 -26.85 -29.44
N LYS D 402 41.35 -27.40 -29.71
CA LYS D 402 40.38 -27.68 -28.66
C LYS D 402 39.85 -29.08 -28.84
N VAL D 403 39.52 -29.73 -27.73
CA VAL D 403 38.90 -31.05 -27.73
C VAL D 403 37.59 -30.93 -26.98
N VAL D 404 36.48 -31.20 -27.67
CA VAL D 404 35.15 -31.09 -27.11
C VAL D 404 34.47 -32.44 -27.25
N LYS D 405 33.77 -32.87 -26.20
CA LYS D 405 32.93 -34.06 -26.28
C LYS D 405 31.83 -33.85 -27.31
N ALA D 406 31.64 -34.87 -28.16
CA ALA D 406 30.83 -34.71 -29.36
C ALA D 406 29.35 -34.51 -29.05
N GLN D 407 28.85 -35.15 -28.00
CA GLN D 407 27.45 -34.98 -27.65
C GLN D 407 27.16 -33.60 -27.07
N GLN D 408 28.18 -32.88 -26.61
CA GLN D 408 27.96 -31.50 -26.20
C GLN D 408 27.69 -30.60 -27.40
N LEU D 409 28.48 -30.76 -28.46
CA LEU D 409 28.25 -30.00 -29.68
C LEU D 409 26.95 -30.42 -30.35
N TRP D 410 26.61 -31.70 -30.26
CA TRP D 410 25.32 -32.15 -30.76
C TRP D 410 24.17 -31.54 -29.98
N TYR D 411 24.35 -31.38 -28.67
CA TYR D 411 23.36 -30.67 -27.87
C TYR D 411 23.27 -29.19 -28.24
N ALA D 412 24.39 -28.59 -28.66
CA ALA D 412 24.34 -27.21 -29.12
C ALA D 412 23.61 -27.10 -30.45
N ILE D 413 23.81 -28.07 -31.34
CA ILE D 413 23.10 -28.10 -32.62
C ILE D 413 21.60 -28.24 -32.39
N ILE D 414 21.19 -29.11 -31.46
CA ILE D 414 19.76 -29.25 -31.21
C ILE D 414 19.21 -28.03 -30.47
N GLU D 415 20.05 -27.32 -29.72
CA GLU D 415 19.58 -26.05 -29.16
C GLU D 415 19.34 -25.03 -30.25
N SER D 416 20.21 -24.98 -31.27
CA SER D 416 20.04 -24.00 -32.33
C SER D 416 18.87 -24.33 -33.24
N GLN D 417 18.74 -25.60 -33.64
CA GLN D 417 17.61 -26.01 -34.47
C GLN D 417 16.30 -25.92 -33.72
N THR D 418 16.34 -26.19 -32.41
CA THR D 418 15.16 -26.05 -31.58
C THR D 418 14.75 -24.59 -31.47
N GLU D 419 15.72 -23.68 -31.38
CA GLU D 419 15.37 -22.28 -31.20
C GLU D 419 14.91 -21.62 -32.49
N THR D 420 15.68 -21.76 -33.57
CA THR D 420 15.38 -21.02 -34.79
C THR D 420 15.15 -21.90 -36.02
N GLY D 421 15.63 -23.12 -36.04
CA GLY D 421 15.57 -23.96 -37.21
C GLY D 421 16.84 -23.94 -38.03
N THR D 422 17.56 -22.99 -37.93
CA THR D 422 18.92 -23.02 -38.44
C THR D 422 19.84 -23.63 -37.37
N PRO D 423 20.90 -24.35 -37.74
CA PRO D 423 21.48 -24.61 -39.06
C PRO D 423 20.76 -25.65 -39.86
N TYR D 424 20.99 -25.63 -41.16
CA TYR D 424 20.61 -26.76 -41.98
C TYR D 424 21.64 -27.86 -41.72
N MET D 425 21.34 -29.08 -42.15
CA MET D 425 22.27 -30.18 -41.98
C MET D 425 22.41 -30.93 -43.29
N LEU D 426 23.62 -30.94 -43.82
CA LEU D 426 23.89 -31.76 -45.00
C LEU D 426 25.00 -32.73 -44.64
N TYR D 427 25.10 -33.81 -45.42
CA TYR D 427 26.01 -34.88 -45.10
C TYR D 427 27.09 -34.93 -46.16
N LYS D 428 28.34 -34.72 -45.73
CA LYS D 428 29.44 -34.45 -46.64
C LYS D 428 29.81 -35.67 -47.48
N ASP D 429 30.01 -36.81 -46.82
CA ASP D 429 30.45 -38.00 -47.53
C ASP D 429 29.32 -38.60 -48.36
N SER D 430 28.08 -38.40 -47.93
CA SER D 430 26.93 -38.88 -48.69
C SER D 430 26.78 -38.12 -50.00
N CYS D 431 27.02 -36.81 -49.97
CA CYS D 431 26.94 -36.01 -51.19
C CYS D 431 28.14 -36.23 -52.09
N ASN D 432 29.34 -36.30 -51.51
CA ASN D 432 30.54 -36.53 -52.30
C ASN D 432 30.60 -37.93 -52.89
N ARG D 433 29.88 -38.88 -52.31
CA ARG D 433 29.93 -40.24 -52.81
C ARG D 433 28.92 -40.50 -53.92
N LYS D 434 27.78 -39.82 -53.90
CA LYS D 434 26.66 -40.18 -54.74
C LYS D 434 26.34 -39.08 -55.75
N SER D 435 27.37 -38.53 -56.38
CA SER D 435 27.19 -37.46 -57.36
C SER D 435 27.97 -37.78 -58.62
N ASN D 436 27.52 -37.20 -59.73
CA ASN D 436 28.12 -37.46 -61.02
C ASN D 436 29.36 -36.61 -61.26
N GLN D 437 29.66 -35.67 -60.37
CA GLN D 437 30.86 -34.83 -60.49
C GLN D 437 31.97 -35.28 -59.56
N GLN D 438 32.12 -36.59 -59.39
CA GLN D 438 33.22 -37.13 -58.58
C GLN D 438 34.58 -36.91 -59.22
N ASN D 439 34.65 -36.86 -60.55
CA ASN D 439 35.93 -36.78 -61.23
C ASN D 439 36.61 -35.43 -61.07
N LEU D 440 35.87 -34.41 -60.64
CA LEU D 440 36.44 -33.08 -60.52
C LEU D 440 37.20 -32.89 -59.21
N GLY D 441 36.68 -33.44 -58.13
CA GLY D 441 37.28 -33.20 -56.84
C GLY D 441 36.30 -33.42 -55.71
N THR D 442 36.18 -32.43 -54.84
CA THR D 442 35.35 -32.54 -53.65
C THR D 442 34.29 -31.44 -53.67
N ILE D 443 33.04 -31.84 -53.56
CA ILE D 443 31.95 -30.87 -53.53
C ILE D 443 31.95 -30.19 -52.17
N LYS D 444 32.20 -28.89 -52.17
CA LYS D 444 32.36 -28.18 -50.91
C LYS D 444 31.00 -27.79 -50.33
N CYS D 445 30.13 -27.19 -51.13
CA CYS D 445 28.93 -26.56 -50.62
C CYS D 445 27.76 -26.84 -51.55
N SER D 446 26.68 -26.11 -51.33
CA SER D 446 25.40 -26.26 -52.03
C SER D 446 24.69 -24.91 -51.97
N ASN D 447 23.55 -24.81 -52.62
CA ASN D 447 22.91 -23.51 -52.74
C ASN D 447 22.12 -23.17 -51.47
N LEU D 448 21.30 -22.12 -51.57
CA LEU D 448 20.56 -21.63 -50.42
C LEU D 448 19.47 -22.61 -50.01
N CYS D 449 18.74 -23.16 -50.96
CA CYS D 449 17.62 -24.03 -50.64
C CYS D 449 18.00 -25.50 -50.58
N THR D 450 19.31 -25.81 -50.63
CA THR D 450 19.89 -27.14 -50.38
C THR D 450 19.35 -28.20 -51.32
N GLU D 451 19.42 -27.94 -52.61
CA GLU D 451 19.08 -28.96 -53.58
C GLU D 451 20.08 -29.07 -54.71
N ILE D 452 21.00 -28.14 -54.85
CA ILE D 452 21.97 -28.15 -55.92
C ILE D 452 23.31 -28.52 -55.32
N VAL D 453 23.79 -29.71 -55.60
CA VAL D 453 25.04 -30.21 -55.06
C VAL D 453 26.02 -30.29 -56.22
N GLU D 454 26.85 -29.28 -56.40
CA GLU D 454 27.76 -29.19 -57.54
C GLU D 454 29.15 -28.78 -57.09
N TYR D 455 30.12 -28.97 -57.98
CA TYR D 455 31.52 -28.66 -57.70
C TYR D 455 31.80 -27.17 -57.79
N THR D 456 32.44 -26.63 -56.75
CA THR D 456 32.91 -25.26 -56.71
C THR D 456 34.42 -25.24 -56.64
N SER D 457 35.02 -24.12 -57.04
CA SER D 457 36.46 -23.99 -56.97
C SER D 457 36.81 -22.51 -56.85
N LYS D 458 38.11 -22.22 -56.93
CA LYS D 458 38.54 -20.85 -57.05
C LYS D 458 38.25 -20.30 -58.43
N ASP D 459 38.24 -21.18 -59.44
CA ASP D 459 38.04 -20.77 -60.82
C ASP D 459 36.61 -20.99 -61.29
N GLU D 460 35.96 -22.07 -60.85
CA GLU D 460 34.62 -22.40 -61.31
C GLU D 460 33.61 -22.05 -60.23
N VAL D 461 32.73 -21.10 -60.53
CA VAL D 461 31.61 -20.75 -59.67
C VAL D 461 30.37 -21.45 -60.20
N ALA D 462 29.72 -22.24 -59.35
CA ALA D 462 28.71 -23.17 -59.86
C ALA D 462 27.38 -22.46 -60.10
N VAL D 463 26.81 -22.67 -61.27
CA VAL D 463 25.56 -22.04 -61.70
C VAL D 463 24.61 -23.15 -62.12
N CYS D 464 23.38 -23.11 -61.65
CA CYS D 464 22.40 -24.08 -62.10
C CYS D 464 21.07 -23.42 -62.35
N ASN D 465 20.40 -23.86 -63.42
CA ASN D 465 19.07 -23.41 -63.82
C ASN D 465 18.01 -24.37 -63.30
N LEU D 466 16.79 -23.85 -63.19
CA LEU D 466 15.71 -24.60 -62.58
C LEU D 466 14.49 -24.62 -63.48
N ALA D 467 13.66 -25.62 -63.27
CA ALA D 467 12.37 -25.74 -63.96
C ALA D 467 11.49 -26.66 -63.15
N SER D 468 10.35 -26.14 -62.69
CA SER D 468 9.46 -26.87 -61.80
C SER D 468 8.29 -27.40 -62.61
N LEU D 469 8.16 -28.73 -62.67
CA LEU D 469 6.97 -29.34 -63.24
C LEU D 469 5.91 -29.49 -62.17
N ALA D 470 4.67 -29.16 -62.54
CA ALA D 470 3.56 -29.52 -61.68
C ALA D 470 3.23 -31.00 -61.87
N LEU D 471 2.36 -31.52 -61.01
CA LEU D 471 2.04 -32.93 -61.07
C LEU D 471 0.56 -33.18 -61.33
N ASN D 472 -0.32 -32.46 -60.64
CA ASN D 472 -1.75 -32.72 -60.64
C ASN D 472 -2.43 -32.42 -61.97
N MET D 473 -1.74 -31.78 -62.91
CA MET D 473 -2.30 -31.61 -64.25
C MET D 473 -2.21 -32.91 -65.04
N TYR D 474 -1.37 -33.86 -64.62
CA TYR D 474 -1.19 -35.11 -65.33
C TYR D 474 -2.19 -36.19 -64.95
N VAL D 475 -2.93 -36.01 -63.86
CA VAL D 475 -3.85 -37.05 -63.39
C VAL D 475 -5.06 -37.10 -64.31
N THR D 476 -5.28 -38.26 -64.92
CA THR D 476 -6.43 -38.42 -65.80
C THR D 476 -7.71 -38.63 -64.97
N SER D 477 -8.83 -38.69 -65.68
CA SER D 477 -10.13 -38.82 -65.03
C SER D 477 -10.37 -40.22 -64.50
N GLU D 478 -9.61 -41.19 -64.95
CA GLU D 478 -9.74 -42.58 -64.54
C GLU D 478 -9.15 -42.84 -63.15
N HIS D 479 -8.52 -41.82 -62.55
CA HIS D 479 -7.69 -41.90 -61.33
C HIS D 479 -6.56 -42.92 -61.48
N THR D 480 -6.06 -43.05 -62.71
CA THR D 480 -4.83 -43.77 -63.02
C THR D 480 -3.88 -42.77 -63.64
N TYR D 481 -2.66 -42.72 -63.13
CA TYR D 481 -1.76 -41.63 -63.44
C TYR D 481 -1.17 -41.82 -64.84
N ASP D 482 -0.92 -40.70 -65.51
CA ASP D 482 -0.41 -40.70 -66.87
C ASP D 482 1.11 -40.66 -66.79
N PHE D 483 1.76 -41.73 -67.23
CA PHE D 483 3.22 -41.78 -67.20
C PHE D 483 3.84 -41.32 -68.52
N LYS D 484 3.24 -41.70 -69.65
CA LYS D 484 3.84 -41.46 -70.95
C LYS D 484 3.83 -39.98 -71.34
N LYS D 485 2.93 -39.19 -70.77
CA LYS D 485 2.95 -37.76 -71.02
C LYS D 485 4.08 -37.09 -70.25
N LEU D 486 4.37 -37.58 -69.04
CA LEU D 486 5.28 -36.90 -68.14
C LEU D 486 6.71 -36.92 -68.66
N ALA D 487 7.13 -38.04 -69.25
CA ALA D 487 8.45 -38.12 -69.87
C ALA D 487 8.53 -37.22 -71.10
N GLU D 488 7.42 -37.04 -71.81
CA GLU D 488 7.41 -36.23 -73.02
C GLU D 488 7.57 -34.75 -72.68
N VAL D 489 6.81 -34.28 -71.68
CA VAL D 489 6.96 -32.91 -71.21
C VAL D 489 8.34 -32.70 -70.61
N THR D 490 8.88 -33.74 -69.95
CA THR D 490 10.24 -33.67 -69.43
C THR D 490 11.26 -33.50 -70.55
N LYS D 491 11.02 -34.12 -71.71
CA LYS D 491 11.88 -33.90 -72.87
C LYS D 491 11.82 -32.46 -73.34
N VAL D 492 10.61 -31.88 -73.37
CA VAL D 492 10.47 -30.48 -73.76
C VAL D 492 11.18 -29.55 -72.76
N VAL D 493 11.12 -29.91 -71.48
CA VAL D 493 11.76 -29.11 -70.43
C VAL D 493 13.27 -29.14 -70.56
N VAL D 494 13.84 -30.33 -70.81
CA VAL D 494 15.29 -30.45 -70.95
C VAL D 494 15.78 -29.70 -72.19
N ARG D 495 14.99 -29.71 -73.26
CA ARG D 495 15.36 -28.88 -74.40
C ARG D 495 15.24 -27.39 -74.08
N ASN D 496 14.31 -27.01 -73.21
CA ASN D 496 14.19 -25.61 -72.81
C ASN D 496 15.39 -25.14 -72.00
N LEU D 497 15.77 -25.89 -70.95
CA LEU D 497 16.88 -25.47 -70.11
C LEU D 497 18.20 -25.52 -70.85
N ASN D 498 18.39 -26.54 -71.68
CA ASN D 498 19.61 -26.58 -72.49
C ASN D 498 19.64 -25.46 -73.52
N LYS D 499 18.48 -24.95 -73.92
CA LYS D 499 18.53 -23.70 -74.65
C LYS D 499 18.72 -22.49 -73.75
N ILE D 500 18.44 -22.61 -72.45
CA ILE D 500 18.61 -21.45 -71.56
C ILE D 500 20.09 -21.18 -71.31
N ILE D 501 20.88 -22.25 -71.14
CA ILE D 501 22.28 -22.14 -70.73
C ILE D 501 23.12 -21.36 -71.75
N ASP D 502 22.74 -21.41 -73.02
CA ASP D 502 23.53 -20.76 -74.06
C ASP D 502 23.05 -19.35 -74.39
N ILE D 503 22.06 -18.82 -73.66
CA ILE D 503 21.52 -17.49 -73.94
C ILE D 503 21.84 -16.57 -72.77
N ASN D 504 22.05 -17.17 -71.60
CA ASN D 504 22.18 -16.46 -70.34
C ASN D 504 23.41 -15.55 -70.33
N TYR D 505 23.30 -14.46 -69.58
CA TYR D 505 24.37 -13.49 -69.38
C TYR D 505 24.82 -13.59 -67.93
N TYR D 506 25.97 -14.21 -67.74
CA TYR D 506 26.46 -14.49 -66.40
C TYR D 506 27.02 -13.21 -65.80
N PRO D 507 26.73 -12.91 -64.53
CA PRO D 507 27.20 -11.63 -63.98
C PRO D 507 28.68 -11.59 -63.68
N VAL D 508 29.32 -12.72 -63.45
CA VAL D 508 30.76 -12.74 -63.15
C VAL D 508 31.45 -13.58 -64.23
N PRO D 509 32.73 -13.36 -64.52
CA PRO D 509 33.38 -14.16 -65.58
C PRO D 509 33.68 -15.60 -65.18
N GLU D 510 33.70 -15.92 -63.88
CA GLU D 510 33.93 -17.30 -63.49
C GLU D 510 32.71 -18.18 -63.68
N ALA D 511 31.54 -17.58 -63.87
CA ALA D 511 30.33 -18.38 -64.00
C ALA D 511 30.22 -19.05 -65.35
N CYS D 512 30.69 -18.37 -66.41
CA CYS D 512 30.51 -18.84 -67.77
C CYS D 512 31.35 -20.08 -68.06
N LEU D 513 32.55 -20.13 -67.47
CA LEU D 513 33.43 -21.27 -67.69
C LEU D 513 32.87 -22.52 -67.02
N SER D 514 32.33 -22.39 -65.81
CA SER D 514 31.73 -23.55 -65.14
C SER D 514 30.47 -24.00 -65.85
N ASN D 515 29.55 -23.06 -66.10
CA ASN D 515 28.27 -23.42 -66.67
C ASN D 515 28.36 -23.84 -68.13
N LYS D 516 29.47 -23.56 -68.81
CA LYS D 516 29.61 -24.08 -70.16
C LYS D 516 30.54 -25.29 -70.25
N ARG D 517 31.43 -25.49 -69.29
CA ARG D 517 32.17 -26.75 -69.26
C ARG D 517 31.29 -27.89 -68.80
N HIS D 518 30.68 -27.76 -67.62
CA HIS D 518 29.99 -28.91 -67.07
C HIS D 518 28.53 -28.97 -67.45
N ARG D 519 27.90 -27.82 -67.66
CA ARG D 519 26.55 -27.62 -68.16
C ARG D 519 25.51 -28.41 -67.36
N PRO D 520 25.15 -28.00 -66.15
CA PRO D 520 24.08 -28.69 -65.44
C PRO D 520 22.73 -28.03 -65.65
N ILE D 521 21.68 -28.78 -65.37
CA ILE D 521 20.31 -28.27 -65.34
C ILE D 521 19.67 -28.69 -64.02
N GLY D 522 18.42 -28.31 -63.85
CA GLY D 522 17.69 -28.66 -62.65
C GLY D 522 16.20 -28.74 -62.90
N ILE D 523 15.61 -29.85 -62.51
CA ILE D 523 14.18 -30.09 -62.67
C ILE D 523 13.61 -30.44 -61.31
N GLY D 524 12.55 -29.74 -60.91
CA GLY D 524 11.91 -30.04 -59.66
C GLY D 524 10.41 -29.97 -59.74
N VAL D 525 9.72 -30.90 -59.12
CA VAL D 525 8.27 -30.97 -59.21
C VAL D 525 7.66 -30.29 -58.00
N GLN D 526 6.41 -29.87 -58.15
CA GLN D 526 5.65 -29.22 -57.10
C GLN D 526 4.28 -29.87 -57.00
N GLY D 527 3.72 -29.84 -55.79
CA GLY D 527 2.40 -30.38 -55.59
C GLY D 527 2.31 -31.89 -55.71
N LEU D 528 2.92 -32.60 -54.77
CA LEU D 528 2.76 -34.04 -54.71
C LEU D 528 1.51 -34.45 -53.95
N ALA D 529 1.10 -33.64 -52.96
CA ALA D 529 -0.12 -33.93 -52.22
C ALA D 529 -1.35 -33.87 -53.11
N ASP D 530 -1.36 -32.96 -54.08
CA ASP D 530 -2.48 -32.92 -55.02
C ASP D 530 -2.49 -34.11 -55.95
N ALA D 531 -1.32 -34.61 -56.33
CA ALA D 531 -1.29 -35.83 -57.12
C ALA D 531 -1.76 -37.03 -56.30
N PHE D 532 -1.49 -37.04 -55.00
CA PHE D 532 -1.99 -38.13 -54.18
C PHE D 532 -3.49 -38.04 -53.96
N ILE D 533 -4.02 -36.83 -53.77
CA ILE D 533 -5.45 -36.69 -53.58
C ILE D 533 -6.20 -37.00 -54.87
N LEU D 534 -5.72 -36.48 -56.00
CA LEU D 534 -6.38 -36.76 -57.27
C LEU D 534 -6.15 -38.18 -57.77
N MET D 535 -5.12 -38.87 -57.27
CA MET D 535 -5.02 -40.30 -57.48
C MET D 535 -5.72 -41.10 -56.41
N ARG D 536 -6.22 -40.42 -55.38
CA ARG D 536 -7.05 -41.00 -54.30
C ARG D 536 -6.31 -42.11 -53.55
N TYR D 537 -5.17 -41.74 -52.97
CA TYR D 537 -4.45 -42.66 -52.12
C TYR D 537 -4.11 -41.98 -50.81
N PRO D 538 -4.01 -42.74 -49.72
CA PRO D 538 -3.46 -42.18 -48.49
C PRO D 538 -1.99 -41.85 -48.66
N PHE D 539 -1.51 -40.92 -47.83
CA PHE D 539 -0.13 -40.45 -47.98
C PHE D 539 0.84 -41.53 -47.53
N GLU D 540 0.52 -42.24 -46.45
CA GLU D 540 1.37 -43.32 -45.96
C GLU D 540 0.88 -44.70 -46.40
N SER D 541 0.29 -44.79 -47.58
CA SER D 541 -0.21 -46.06 -48.09
C SER D 541 0.92 -46.82 -48.77
N ALA D 542 0.57 -47.91 -49.45
CA ALA D 542 1.53 -48.63 -50.27
C ALA D 542 1.60 -48.06 -51.69
N GLU D 543 0.45 -47.65 -52.25
CA GLU D 543 0.46 -47.12 -53.60
C GLU D 543 1.04 -45.73 -53.68
N ALA D 544 1.17 -45.03 -52.55
CA ALA D 544 1.89 -43.76 -52.54
C ALA D 544 3.39 -44.00 -52.68
N GLN D 545 3.93 -44.92 -51.88
CA GLN D 545 5.35 -45.21 -51.93
C GLN D 545 5.73 -45.92 -53.22
N LEU D 546 4.82 -46.72 -53.76
CA LEU D 546 5.02 -47.22 -55.12
C LEU D 546 4.89 -46.09 -56.13
N LEU D 547 4.02 -45.13 -55.85
CA LEU D 547 3.64 -44.15 -56.86
C LEU D 547 4.76 -43.15 -57.11
N ASN D 548 5.31 -42.54 -56.06
CA ASN D 548 6.36 -41.54 -56.25
C ASN D 548 7.64 -42.17 -56.78
N LYS D 549 7.87 -43.43 -56.42
CA LYS D 549 8.97 -44.20 -56.99
C LYS D 549 8.80 -44.35 -58.50
N GLN D 550 7.59 -44.71 -58.93
CA GLN D 550 7.34 -44.83 -60.37
C GLN D 550 7.41 -43.49 -61.07
N ILE D 551 6.96 -42.42 -60.40
CA ILE D 551 6.98 -41.09 -60.98
C ILE D 551 8.40 -40.63 -61.23
N PHE D 552 9.26 -40.76 -60.22
CA PHE D 552 10.62 -40.27 -60.45
C PHE D 552 11.45 -41.25 -61.27
N GLU D 553 11.03 -42.50 -61.40
CA GLU D 553 11.62 -43.33 -62.46
C GLU D 553 11.23 -42.80 -63.83
N THR D 554 10.01 -42.28 -63.96
CA THR D 554 9.57 -41.74 -65.25
C THR D 554 10.29 -40.43 -65.55
N ILE D 555 10.39 -39.55 -64.56
CA ILE D 555 11.04 -38.25 -64.74
C ILE D 555 12.53 -38.45 -64.99
N TYR D 556 13.15 -39.35 -64.24
CA TYR D 556 14.57 -39.62 -64.39
C TYR D 556 14.87 -40.28 -65.72
N TYR D 557 13.99 -41.20 -66.14
CA TYR D 557 14.17 -41.91 -67.41
C TYR D 557 14.01 -40.96 -68.59
N GLY D 558 12.97 -40.12 -68.56
CA GLY D 558 12.76 -39.18 -69.64
C GLY D 558 13.81 -38.10 -69.68
N ALA D 559 14.35 -37.74 -68.52
CA ALA D 559 15.44 -36.77 -68.48
C ALA D 559 16.69 -37.35 -69.12
N LEU D 560 17.04 -38.59 -68.79
CA LEU D 560 18.20 -39.22 -69.40
C LEU D 560 18.01 -39.47 -70.88
N GLU D 561 16.80 -39.79 -71.32
CA GLU D 561 16.55 -39.98 -72.74
C GLU D 561 16.65 -38.66 -73.49
N ALA D 562 16.20 -37.56 -72.85
CA ALA D 562 16.26 -36.26 -73.49
C ALA D 562 17.70 -35.77 -73.62
N SER D 563 18.49 -35.90 -72.54
CA SER D 563 19.89 -35.49 -72.61
C SER D 563 20.70 -36.41 -73.52
N CYS D 564 20.29 -37.68 -73.63
CA CYS D 564 20.90 -38.57 -74.60
C CYS D 564 20.63 -38.11 -76.02
N ASP D 565 19.38 -37.71 -76.29
CA ASP D 565 19.04 -37.28 -77.64
C ASP D 565 19.62 -35.91 -77.95
N LEU D 566 19.98 -35.13 -76.94
CA LEU D 566 20.74 -33.91 -77.18
C LEU D 566 22.20 -34.22 -77.46
N ALA D 567 22.78 -35.15 -76.73
CA ALA D 567 24.18 -35.52 -76.95
C ALA D 567 24.37 -36.27 -78.25
N LYS D 568 23.31 -36.86 -78.81
CA LYS D 568 23.37 -37.44 -80.15
C LYS D 568 23.49 -36.38 -81.21
N GLU D 569 23.17 -35.13 -80.89
CA GLU D 569 23.09 -34.05 -81.86
C GLU D 569 24.16 -32.99 -81.69
N GLN D 570 24.70 -32.81 -80.48
CA GLN D 570 25.72 -31.80 -80.26
C GLN D 570 26.98 -32.32 -79.60
N GLY D 571 27.04 -33.59 -79.24
CA GLY D 571 28.18 -34.13 -78.52
C GLY D 571 28.06 -33.85 -77.03
N PRO D 572 28.61 -34.75 -76.21
CA PRO D 572 28.52 -34.57 -74.75
C PRO D 572 29.32 -33.40 -74.24
N TYR D 573 29.23 -33.10 -72.95
CA TYR D 573 29.92 -31.94 -72.41
C TYR D 573 31.41 -32.21 -72.31
N GLU D 574 32.15 -31.15 -71.94
CA GLU D 574 33.59 -31.13 -72.12
C GLU D 574 34.31 -32.08 -71.15
N THR D 575 33.69 -32.40 -70.02
CA THR D 575 34.33 -33.27 -69.05
C THR D 575 33.53 -34.55 -68.83
N TYR D 576 33.09 -35.21 -69.89
CA TYR D 576 32.23 -36.37 -69.72
C TYR D 576 33.02 -37.62 -69.35
N GLU D 577 34.05 -37.94 -70.12
CA GLU D 577 34.76 -39.22 -69.97
C GLU D 577 35.56 -39.22 -68.68
N GLY D 578 35.07 -39.97 -67.70
CA GLY D 578 35.61 -39.94 -66.35
C GLY D 578 34.47 -40.01 -65.35
N SER D 579 33.29 -39.57 -65.78
CA SER D 579 32.13 -39.61 -64.92
C SER D 579 31.62 -41.05 -64.79
N PRO D 580 30.93 -41.37 -63.68
CA PRO D 580 30.41 -42.74 -63.51
C PRO D 580 29.31 -43.12 -64.49
N VAL D 581 28.66 -42.14 -65.13
CA VAL D 581 27.71 -42.45 -66.20
C VAL D 581 28.45 -43.01 -67.40
N SER D 582 29.65 -42.48 -67.69
CA SER D 582 30.50 -43.10 -68.70
C SER D 582 30.97 -44.48 -68.28
N LYS D 583 31.07 -44.72 -66.99
CA LYS D 583 31.34 -46.04 -66.46
C LYS D 583 30.09 -46.89 -66.30
N GLY D 584 28.93 -46.38 -66.73
CA GLY D 584 27.70 -47.13 -66.72
C GLY D 584 26.92 -47.06 -65.42
N ILE D 585 27.53 -46.62 -64.34
CA ILE D 585 26.82 -46.53 -63.06
C ILE D 585 25.95 -45.29 -63.10
N LEU D 586 24.64 -45.48 -63.04
CA LEU D 586 23.72 -44.35 -62.92
C LEU D 586 23.53 -44.04 -61.45
N GLN D 587 22.56 -43.18 -61.14
CA GLN D 587 22.38 -42.73 -59.77
C GLN D 587 21.79 -43.81 -58.89
N TYR D 588 20.95 -44.69 -59.44
CA TYR D 588 20.28 -45.69 -58.62
C TYR D 588 21.24 -46.76 -58.12
N ASP D 589 22.29 -47.08 -58.89
CA ASP D 589 23.27 -48.05 -58.42
C ASP D 589 24.17 -47.49 -57.34
N MET D 590 24.34 -46.17 -57.28
CA MET D 590 25.03 -45.56 -56.15
C MET D 590 24.21 -45.66 -54.88
N TRP D 591 22.90 -45.83 -55.00
CA TRP D 591 22.04 -46.19 -53.89
C TRP D 591 21.85 -47.69 -53.76
N ASN D 592 22.38 -48.46 -54.72
CA ASN D 592 22.26 -49.93 -54.79
C ASN D 592 20.81 -50.39 -54.77
N VAL D 593 19.96 -49.67 -55.48
CA VAL D 593 18.54 -49.99 -55.58
C VAL D 593 18.23 -50.21 -57.04
N THR D 594 17.93 -51.45 -57.39
CA THR D 594 17.49 -51.78 -58.73
C THR D 594 16.10 -51.19 -58.97
N PRO D 595 15.87 -50.48 -60.07
CA PRO D 595 14.56 -49.87 -60.31
C PRO D 595 13.53 -50.92 -60.67
N THR D 596 12.28 -50.47 -60.79
CA THR D 596 11.18 -51.38 -61.09
C THR D 596 11.23 -51.80 -62.56
N ASP D 597 10.30 -52.67 -62.93
CA ASP D 597 10.16 -53.11 -64.31
C ASP D 597 9.22 -52.22 -65.11
N LEU D 598 9.06 -50.97 -64.68
CA LEU D 598 8.14 -50.05 -65.36
C LEU D 598 8.69 -49.60 -66.71
N TRP D 599 10.02 -49.58 -66.86
CA TRP D 599 10.62 -49.07 -68.08
C TRP D 599 11.65 -50.04 -68.64
N ASP D 600 12.35 -49.61 -69.70
CA ASP D 600 13.42 -50.39 -70.32
C ASP D 600 14.70 -49.60 -70.15
N TRP D 601 15.53 -50.01 -69.19
CA TRP D 601 16.76 -49.30 -68.89
C TRP D 601 17.94 -49.79 -69.71
N LYS D 602 17.83 -50.97 -70.32
CA LYS D 602 18.95 -51.55 -71.05
C LYS D 602 19.26 -50.77 -72.32
N VAL D 603 18.22 -50.46 -73.11
CA VAL D 603 18.43 -49.70 -74.34
C VAL D 603 18.83 -48.26 -74.02
N LEU D 604 18.38 -47.74 -72.89
CA LEU D 604 18.82 -46.42 -72.43
C LEU D 604 20.31 -46.42 -72.14
N LYS D 605 20.78 -47.42 -71.40
CA LYS D 605 22.20 -47.48 -71.09
C LYS D 605 23.03 -47.84 -72.30
N GLU D 606 22.44 -48.48 -73.31
CA GLU D 606 23.16 -48.71 -74.57
C GLU D 606 23.35 -47.41 -75.34
N LYS D 607 22.30 -46.60 -75.43
CA LYS D 607 22.42 -45.35 -76.17
C LYS D 607 23.27 -44.33 -75.42
N ILE D 608 23.24 -44.36 -74.09
CA ILE D 608 24.15 -43.54 -73.31
C ILE D 608 25.58 -44.03 -73.49
N ALA D 609 25.76 -45.35 -73.51
CA ALA D 609 27.09 -45.91 -73.74
C ALA D 609 27.60 -45.67 -75.15
N LYS D 610 26.72 -45.34 -76.10
CA LYS D 610 27.13 -45.03 -77.45
C LYS D 610 27.08 -43.55 -77.80
N TYR D 611 26.42 -42.73 -76.98
CA TYR D 611 26.34 -41.30 -77.27
C TYR D 611 26.61 -40.39 -76.09
N GLY D 612 26.61 -40.88 -74.87
CA GLY D 612 26.79 -39.98 -73.74
C GLY D 612 25.54 -39.15 -73.46
N ILE D 613 25.71 -38.21 -72.52
CA ILE D 613 24.64 -37.29 -72.16
C ILE D 613 25.16 -35.88 -72.27
N ARG D 614 24.23 -34.94 -72.39
CA ARG D 614 24.57 -33.54 -72.62
C ARG D 614 24.74 -32.75 -71.34
N ASN D 615 23.96 -33.07 -70.31
CA ASN D 615 24.04 -32.36 -69.05
C ASN D 615 24.50 -33.30 -67.96
N SER D 616 25.34 -32.78 -67.05
CA SER D 616 25.90 -33.63 -66.01
C SER D 616 24.85 -34.04 -64.99
N LEU D 617 24.28 -33.06 -64.31
CA LEU D 617 23.31 -33.31 -63.25
C LEU D 617 21.94 -32.81 -63.71
N LEU D 618 20.90 -33.58 -63.41
CA LEU D 618 19.61 -33.36 -64.03
C LEU D 618 18.51 -32.95 -63.04
N ILE D 619 18.25 -33.76 -62.03
CA ILE D 619 17.02 -33.65 -61.25
C ILE D 619 17.32 -32.95 -59.94
N ALA D 620 16.46 -32.01 -59.54
CA ALA D 620 16.67 -31.26 -58.32
C ALA D 620 15.35 -30.75 -57.76
N PRO D 621 14.78 -31.40 -56.76
CA PRO D 621 13.57 -30.85 -56.13
C PRO D 621 13.82 -29.62 -55.28
N MET D 622 13.40 -28.49 -55.83
CA MET D 622 13.47 -27.18 -55.20
C MET D 622 12.25 -26.98 -54.33
N PRO D 623 12.23 -25.97 -53.44
CA PRO D 623 11.03 -25.80 -52.61
C PRO D 623 9.83 -25.21 -53.34
N THR D 624 10.05 -24.23 -54.22
CA THR D 624 8.99 -23.51 -54.97
C THR D 624 7.93 -22.93 -54.04
N ALA D 625 8.35 -21.94 -53.26
CA ALA D 625 7.38 -21.16 -52.50
C ALA D 625 6.51 -20.31 -53.43
N SER D 626 7.14 -19.48 -54.25
CA SER D 626 6.40 -18.51 -55.05
C SER D 626 5.73 -19.14 -56.24
N THR D 627 6.34 -20.16 -56.83
CA THR D 627 5.77 -20.81 -58.01
C THR D 627 4.51 -21.59 -57.65
N ALA D 628 4.57 -22.38 -56.59
CA ALA D 628 3.37 -23.03 -56.10
C ALA D 628 2.38 -22.03 -55.52
N GLN D 629 2.86 -20.87 -55.08
CA GLN D 629 1.92 -19.81 -54.72
C GLN D 629 1.16 -19.31 -55.93
N ILE D 630 1.80 -19.29 -57.11
CA ILE D 630 1.09 -18.92 -58.33
C ILE D 630 0.09 -19.99 -58.72
N LEU D 631 0.57 -21.20 -58.95
CA LEU D 631 -0.28 -22.20 -59.59
C LEU D 631 -1.24 -22.88 -58.63
N GLY D 632 -1.21 -22.56 -57.35
CA GLY D 632 -2.14 -23.11 -56.40
C GLY D 632 -1.76 -24.46 -55.83
N ASN D 633 -0.71 -25.09 -56.34
CA ASN D 633 -0.27 -26.37 -55.82
C ASN D 633 0.34 -26.21 -54.43
N ASN D 634 0.54 -27.35 -53.78
CA ASN D 634 1.23 -27.32 -52.51
C ASN D 634 2.73 -27.19 -52.74
N GLU D 635 3.45 -26.80 -51.69
CA GLU D 635 4.90 -26.78 -51.72
C GLU D 635 5.41 -28.21 -51.95
N SER D 636 6.57 -28.32 -52.60
CA SER D 636 6.97 -29.33 -53.61
C SER D 636 6.52 -30.74 -53.24
N ILE D 637 7.02 -31.34 -52.15
CA ILE D 637 6.76 -32.74 -51.87
C ILE D 637 6.11 -32.98 -50.52
N GLU D 638 6.06 -31.98 -49.66
CA GLU D 638 5.54 -32.20 -48.32
C GLU D 638 4.02 -32.32 -48.35
N PRO D 639 3.41 -32.90 -47.30
CA PRO D 639 1.94 -32.84 -47.20
C PRO D 639 1.42 -31.46 -46.87
N TYR D 640 0.10 -31.32 -46.79
CA TYR D 640 -0.47 -30.05 -46.38
C TYR D 640 -0.15 -29.77 -44.92
N THR D 641 0.16 -28.50 -44.62
CA THR D 641 0.45 -28.10 -43.25
C THR D 641 -0.79 -28.25 -42.38
N SER D 642 -1.92 -27.80 -42.89
CA SER D 642 -3.21 -28.07 -42.27
C SER D 642 -4.27 -28.01 -43.35
N ASN D 643 -5.41 -28.63 -43.09
CA ASN D 643 -6.50 -28.61 -44.05
C ASN D 643 -7.10 -27.21 -44.16
N ILE D 644 -7.11 -26.47 -43.06
CA ILE D 644 -7.41 -25.05 -43.06
C ILE D 644 -6.11 -24.29 -43.27
N TYR D 645 -6.08 -23.46 -44.31
CA TYR D 645 -4.96 -22.55 -44.52
C TYR D 645 -5.47 -21.12 -44.60
N THR D 646 -4.72 -20.21 -44.00
CA THR D 646 -5.15 -18.82 -43.92
C THR D 646 -4.88 -18.10 -45.23
N ARG D 647 -5.48 -16.93 -45.37
CA ARG D 647 -5.30 -16.08 -46.52
C ARG D 647 -5.09 -14.65 -46.05
N ARG D 648 -4.06 -14.03 -46.61
CA ARG D 648 -3.69 -12.63 -46.38
C ARG D 648 -4.56 -11.75 -47.28
N VAL D 649 -5.56 -11.12 -46.69
CA VAL D 649 -6.41 -10.15 -47.38
C VAL D 649 -6.35 -8.86 -46.58
N LEU D 650 -6.29 -7.72 -47.28
CA LEU D 650 -6.36 -6.41 -46.63
C LEU D 650 -7.66 -6.29 -45.84
N SER D 651 -7.51 -6.09 -44.54
CA SER D 651 -8.53 -6.06 -43.48
C SER D 651 -9.18 -7.43 -43.24
N GLY D 652 -8.86 -8.46 -44.00
CA GLY D 652 -9.30 -9.80 -43.65
C GLY D 652 -8.24 -10.86 -43.84
N GLU D 653 -7.79 -11.46 -42.75
CA GLU D 653 -6.78 -12.50 -42.79
C GLU D 653 -7.46 -13.74 -42.21
N PHE D 654 -7.98 -14.59 -43.09
CA PHE D 654 -9.00 -15.52 -42.62
C PHE D 654 -8.71 -16.95 -43.05
N GLN D 655 -9.68 -17.85 -42.88
CA GLN D 655 -9.43 -19.28 -43.00
C GLN D 655 -10.19 -19.87 -44.18
N ILE D 656 -9.45 -20.51 -45.09
CA ILE D 656 -10.05 -21.24 -46.21
C ILE D 656 -9.56 -22.69 -46.13
N VAL D 657 -10.51 -23.63 -46.17
CA VAL D 657 -10.21 -25.05 -46.11
C VAL D 657 -9.61 -25.50 -47.43
N ASN D 658 -9.00 -26.69 -47.42
CA ASN D 658 -8.43 -27.28 -48.63
C ASN D 658 -9.57 -27.60 -49.61
N PRO D 659 -9.56 -27.03 -50.82
CA PRO D 659 -10.72 -27.17 -51.72
C PRO D 659 -10.90 -28.57 -52.31
N HIS D 660 -9.92 -29.45 -52.21
CA HIS D 660 -10.17 -30.84 -52.57
C HIS D 660 -10.96 -31.56 -51.49
N LEU D 661 -10.59 -31.30 -50.23
CA LEU D 661 -11.35 -31.77 -49.09
C LEU D 661 -12.79 -31.27 -49.15
N LEU D 662 -12.95 -29.98 -49.45
CA LEU D 662 -14.28 -29.40 -49.58
C LEU D 662 -15.01 -29.96 -50.79
N LYS D 663 -14.28 -30.29 -51.85
CA LYS D 663 -14.86 -30.91 -53.04
C LYS D 663 -15.43 -32.29 -52.70
N ASP D 664 -14.74 -33.05 -51.85
CA ASP D 664 -15.32 -34.31 -51.41
C ASP D 664 -16.44 -34.11 -50.39
N LEU D 665 -16.38 -33.07 -49.55
CA LEU D 665 -17.39 -32.92 -48.52
C LEU D 665 -18.73 -32.44 -49.09
N THR D 666 -18.71 -31.62 -50.13
CA THR D 666 -19.99 -31.21 -50.72
C THR D 666 -20.65 -32.37 -51.46
N GLU D 667 -19.88 -33.35 -51.93
CA GLU D 667 -20.46 -34.50 -52.59
C GLU D 667 -20.92 -35.55 -51.59
N ARG D 668 -20.16 -35.76 -50.51
CA ARG D 668 -20.52 -36.77 -49.53
C ARG D 668 -21.57 -36.30 -48.53
N GLY D 669 -22.06 -35.07 -48.66
CA GLY D 669 -23.17 -34.59 -47.87
C GLY D 669 -22.84 -34.10 -46.48
N LEU D 670 -21.72 -34.52 -45.90
CA LEU D 670 -21.38 -34.14 -44.54
C LEU D 670 -20.99 -32.68 -44.39
N TRP D 671 -20.75 -31.97 -45.50
CA TRP D 671 -20.53 -30.54 -45.43
C TRP D 671 -21.82 -29.83 -45.07
N HIS D 672 -21.70 -28.85 -44.18
CA HIS D 672 -22.83 -28.05 -43.76
C HIS D 672 -22.32 -26.65 -43.48
N GLU D 673 -23.19 -25.80 -42.93
CA GLU D 673 -22.89 -24.38 -42.80
C GLU D 673 -22.03 -24.04 -41.59
N GLU D 674 -21.60 -25.02 -40.79
CA GLU D 674 -20.74 -24.76 -39.65
C GLU D 674 -19.56 -25.71 -39.57
N MET D 675 -19.30 -26.49 -40.62
CA MET D 675 -18.22 -27.46 -40.62
C MET D 675 -16.85 -26.79 -40.55
N LYS D 676 -16.74 -25.60 -41.17
CA LYS D 676 -15.54 -24.77 -41.03
C LYS D 676 -15.28 -24.46 -39.56
N ASN D 677 -16.32 -24.04 -38.84
CA ASN D 677 -16.21 -23.77 -37.42
C ASN D 677 -15.90 -25.04 -36.64
N GLN D 678 -16.34 -26.19 -37.15
CA GLN D 678 -15.97 -27.44 -36.51
C GLN D 678 -14.50 -27.78 -36.71
N ILE D 679 -13.87 -27.27 -37.77
CA ILE D 679 -12.44 -27.53 -37.99
C ILE D 679 -11.57 -26.36 -37.50
N ILE D 680 -12.16 -25.25 -37.05
CA ILE D 680 -11.38 -24.17 -36.43
C ILE D 680 -10.67 -24.65 -35.18
N ALA D 681 -11.41 -25.29 -34.26
CA ALA D 681 -10.88 -25.68 -32.96
C ALA D 681 -10.04 -26.96 -32.98
N CYS D 682 -9.63 -27.43 -34.16
CA CYS D 682 -8.76 -28.58 -34.26
C CYS D 682 -7.53 -28.34 -35.12
N ASN D 683 -7.45 -27.19 -35.80
CA ASN D 683 -6.30 -26.75 -36.60
C ASN D 683 -5.97 -27.76 -37.71
N GLY D 684 -6.93 -27.92 -38.62
CA GLY D 684 -6.78 -28.80 -39.76
C GLY D 684 -7.08 -30.26 -39.50
N SER D 685 -7.09 -30.69 -38.24
CA SER D 685 -7.33 -32.09 -37.89
C SER D 685 -8.80 -32.40 -38.10
N ILE D 686 -9.14 -32.94 -39.27
CA ILE D 686 -10.50 -33.38 -39.52
C ILE D 686 -10.85 -34.69 -38.83
N GLN D 687 -9.86 -35.38 -38.29
CA GLN D 687 -10.09 -36.70 -37.74
C GLN D 687 -10.72 -36.68 -36.35
N SER D 688 -10.78 -35.53 -35.68
CA SER D 688 -11.38 -35.45 -34.37
C SER D 688 -12.89 -35.24 -34.42
N ILE D 689 -13.46 -35.00 -35.59
CA ILE D 689 -14.87 -34.63 -35.67
C ILE D 689 -15.66 -35.93 -35.77
N PRO D 690 -16.90 -35.99 -35.29
CA PRO D 690 -17.69 -37.23 -35.43
C PRO D 690 -18.35 -37.42 -36.79
N GLU D 691 -18.34 -36.42 -37.66
CA GLU D 691 -18.91 -36.53 -39.00
C GLU D 691 -17.77 -36.93 -39.92
N ILE D 692 -17.53 -38.24 -40.03
CA ILE D 692 -16.32 -38.80 -40.63
C ILE D 692 -16.63 -40.05 -41.42
N PRO D 693 -16.23 -40.13 -42.69
CA PRO D 693 -16.36 -41.40 -43.42
C PRO D 693 -15.19 -42.35 -43.21
N ASP D 694 -14.19 -41.94 -42.42
CA ASP D 694 -12.99 -42.71 -42.07
C ASP D 694 -12.15 -43.08 -43.29
N ASP D 695 -12.34 -42.39 -44.41
CA ASP D 695 -11.45 -42.43 -45.56
C ASP D 695 -10.74 -41.11 -45.74
N LEU D 696 -11.41 -40.01 -45.37
CA LEU D 696 -10.80 -38.69 -45.39
C LEU D 696 -9.71 -38.58 -44.34
N LYS D 697 -9.78 -39.38 -43.28
CA LYS D 697 -8.70 -39.45 -42.31
C LYS D 697 -7.43 -40.05 -42.88
N GLN D 698 -7.52 -40.79 -43.98
CA GLN D 698 -6.35 -41.31 -44.67
C GLN D 698 -5.96 -40.46 -45.87
N LEU D 699 -6.94 -39.95 -46.61
CA LEU D 699 -6.65 -39.13 -47.78
C LEU D 699 -6.22 -37.71 -47.42
N TYR D 700 -6.48 -37.25 -46.20
CA TYR D 700 -6.27 -35.86 -45.82
C TYR D 700 -5.57 -35.78 -44.48
N LYS D 701 -4.48 -36.51 -44.35
CA LYS D 701 -3.72 -36.50 -43.11
C LYS D 701 -2.97 -35.18 -42.96
N THR D 702 -3.17 -34.53 -41.82
CA THR D 702 -2.37 -33.37 -41.47
C THR D 702 -0.93 -33.81 -41.24
N VAL D 703 0.04 -32.99 -41.69
CA VAL D 703 1.44 -33.36 -41.59
C VAL D 703 1.91 -33.40 -40.14
N TRP D 704 1.23 -32.69 -39.24
CA TRP D 704 1.52 -32.84 -37.82
C TRP D 704 1.03 -34.19 -37.31
N GLU D 705 0.04 -34.78 -37.98
CA GLU D 705 -0.50 -36.09 -37.66
C GLU D 705 0.15 -37.20 -38.47
N ILE D 706 1.26 -36.91 -39.15
CA ILE D 706 1.98 -37.88 -39.95
C ILE D 706 3.30 -38.18 -39.28
N SER D 707 3.60 -39.46 -39.09
CA SER D 707 4.88 -39.86 -38.54
C SER D 707 5.98 -39.57 -39.54
N GLN D 708 7.06 -38.94 -39.06
CA GLN D 708 8.04 -38.36 -39.97
C GLN D 708 8.92 -39.41 -40.63
N LYS D 709 9.08 -40.58 -39.99
CA LYS D 709 9.99 -41.57 -40.51
C LYS D 709 9.46 -42.24 -41.77
N THR D 710 8.14 -42.27 -41.95
CA THR D 710 7.60 -42.76 -43.22
C THR D 710 7.93 -41.81 -44.35
N VAL D 711 7.84 -40.51 -44.08
CA VAL D 711 8.23 -39.49 -45.04
C VAL D 711 9.73 -39.58 -45.33
N LEU D 712 10.52 -39.93 -44.32
CA LEU D 712 11.96 -40.11 -44.53
C LEU D 712 12.25 -41.33 -45.39
N LYS D 713 11.47 -42.40 -45.23
CA LYS D 713 11.62 -43.56 -46.11
C LYS D 713 11.23 -43.20 -47.55
N MET D 714 10.15 -42.43 -47.69
CA MET D 714 9.74 -41.95 -49.02
C MET D 714 10.81 -41.05 -49.62
N ALA D 715 11.51 -40.29 -48.79
CA ALA D 715 12.63 -39.48 -49.26
C ALA D 715 13.83 -40.35 -49.61
N ALA D 716 13.96 -41.51 -48.98
CA ALA D 716 15.05 -42.41 -49.34
C ALA D 716 14.80 -43.02 -50.71
N GLU D 717 13.54 -43.36 -51.00
CA GLU D 717 13.23 -43.91 -52.31
C GLU D 717 13.32 -42.85 -53.40
N ARG D 718 12.64 -41.71 -53.17
CA ARG D 718 12.57 -40.70 -54.22
C ARG D 718 13.94 -40.05 -54.43
N GLY D 719 14.65 -39.73 -53.35
CA GLY D 719 16.00 -39.23 -53.44
C GLY D 719 16.99 -40.28 -53.88
N ALA D 720 16.62 -41.56 -53.75
CA ALA D 720 17.41 -42.61 -54.40
C ALA D 720 17.23 -42.58 -55.91
N PHE D 721 16.16 -41.97 -56.42
CA PHE D 721 16.09 -41.73 -57.86
C PHE D 721 16.35 -40.28 -58.27
N ILE D 722 17.16 -39.54 -57.51
CA ILE D 722 17.48 -38.14 -57.84
C ILE D 722 18.99 -37.96 -57.82
N ASP D 723 19.55 -37.37 -58.87
CA ASP D 723 20.99 -37.19 -58.98
C ASP D 723 21.51 -35.96 -58.25
N GLN D 724 20.68 -35.26 -57.49
CA GLN D 724 21.11 -34.23 -56.57
C GLN D 724 20.32 -34.38 -55.28
N SER D 725 20.37 -33.37 -54.44
CA SER D 725 19.68 -33.43 -53.16
C SER D 725 18.24 -32.98 -53.34
N GLN D 726 17.53 -32.80 -52.23
CA GLN D 726 16.16 -32.34 -52.25
C GLN D 726 15.85 -31.66 -50.93
N SER D 727 14.94 -30.68 -50.97
CA SER D 727 14.53 -29.99 -49.77
C SER D 727 13.73 -30.92 -48.88
N LEU D 728 13.75 -30.66 -47.58
CA LEU D 728 13.05 -31.53 -46.64
C LEU D 728 12.63 -30.69 -45.44
N ASN D 729 11.41 -30.17 -45.50
CA ASN D 729 10.85 -29.41 -44.39
C ASN D 729 10.39 -30.38 -43.32
N ILE D 730 11.08 -30.39 -42.18
CA ILE D 730 10.74 -31.26 -41.07
C ILE D 730 9.74 -30.56 -40.17
N HIS D 731 8.58 -31.20 -39.97
CA HIS D 731 7.50 -30.67 -39.14
C HIS D 731 7.40 -31.51 -37.88
N ILE D 732 7.72 -30.92 -36.72
CA ILE D 732 7.59 -31.61 -35.44
C ILE D 732 6.90 -30.65 -34.47
N ALA D 733 5.84 -31.11 -33.81
CA ALA D 733 4.96 -30.19 -33.08
C ALA D 733 5.61 -29.68 -31.80
N GLU D 734 6.42 -30.51 -31.14
CA GLU D 734 6.98 -30.09 -29.88
C GLU D 734 8.47 -30.38 -29.87
N PRO D 735 9.25 -29.57 -29.15
CA PRO D 735 10.68 -29.86 -29.00
C PRO D 735 10.90 -31.11 -28.17
N ASN D 736 11.47 -32.13 -28.80
CA ASN D 736 11.86 -33.34 -28.10
C ASN D 736 13.10 -33.93 -28.76
N TYR D 737 14.09 -34.27 -27.93
CA TYR D 737 15.42 -34.55 -28.45
C TYR D 737 15.50 -35.94 -29.05
N GLY D 738 14.58 -36.83 -28.68
CA GLY D 738 14.65 -38.20 -29.15
C GLY D 738 14.21 -38.31 -30.60
N LYS D 739 13.12 -37.64 -30.95
CA LYS D 739 12.65 -37.66 -32.33
C LYS D 739 13.59 -36.87 -33.24
N LEU D 740 14.22 -35.82 -32.71
CA LEU D 740 15.22 -35.09 -33.48
C LEU D 740 16.46 -35.94 -33.70
N THR D 741 17.04 -36.47 -32.63
CA THR D 741 18.31 -37.17 -32.72
C THR D 741 18.17 -38.47 -33.49
N SER D 742 17.14 -39.25 -33.16
CA SER D 742 16.82 -40.45 -33.92
C SER D 742 16.38 -40.13 -35.33
N MET D 743 15.85 -38.94 -35.57
CA MET D 743 15.46 -38.56 -36.91
C MET D 743 16.67 -38.28 -37.79
N HIS D 744 17.65 -37.53 -37.26
CA HIS D 744 18.84 -37.25 -38.05
C HIS D 744 19.69 -38.49 -38.25
N PHE D 745 19.80 -39.32 -37.20
CA PHE D 745 20.51 -40.57 -37.35
C PHE D 745 19.78 -41.51 -38.30
N TYR D 746 18.45 -41.48 -38.29
CA TYR D 746 17.70 -42.31 -39.22
C TYR D 746 17.89 -41.82 -40.65
N GLY D 747 17.97 -40.51 -40.84
CA GLY D 747 18.25 -39.99 -42.17
C GLY D 747 19.64 -40.32 -42.64
N TRP D 748 20.60 -40.39 -41.72
CA TRP D 748 21.94 -40.81 -42.10
C TRP D 748 21.99 -42.30 -42.40
N LYS D 749 21.14 -43.08 -41.73
CA LYS D 749 21.14 -44.52 -41.98
C LYS D 749 20.42 -44.87 -43.29
N GLN D 750 19.38 -44.12 -43.65
CA GLN D 750 18.76 -44.35 -44.95
C GLN D 750 19.65 -43.89 -46.10
N GLY D 751 20.58 -42.97 -45.83
CA GLY D 751 21.52 -42.51 -46.82
C GLY D 751 21.23 -41.16 -47.42
N LEU D 752 20.38 -40.35 -46.80
CA LEU D 752 19.92 -39.10 -47.40
C LEU D 752 21.01 -38.04 -47.44
N LYS D 753 20.97 -37.24 -48.49
CA LYS D 753 21.91 -36.16 -48.70
C LYS D 753 21.56 -34.89 -47.95
N THR D 754 20.41 -34.85 -47.28
CA THR D 754 19.97 -33.64 -46.59
C THR D 754 19.23 -34.05 -45.34
N GLY D 755 19.79 -33.75 -44.18
CA GLY D 755 19.15 -34.13 -42.94
C GLY D 755 17.92 -33.31 -42.62
N MET D 756 17.92 -32.04 -42.98
CA MET D 756 16.86 -31.13 -42.58
C MET D 756 16.97 -29.89 -43.46
N TYR D 757 15.87 -29.17 -43.58
CA TYR D 757 15.89 -27.86 -44.21
C TYR D 757 15.24 -26.84 -43.29
N TYR D 758 14.30 -27.27 -42.46
CA TYR D 758 13.77 -26.48 -41.35
C TYR D 758 13.22 -27.42 -40.30
N LEU D 759 13.44 -27.07 -39.03
CA LEU D 759 12.70 -27.66 -37.92
C LEU D 759 11.54 -26.73 -37.61
N ARG D 760 10.34 -27.10 -38.03
CA ARG D 760 9.16 -26.27 -37.88
C ARG D 760 8.31 -26.80 -36.73
N THR D 761 8.01 -25.93 -35.77
CA THR D 761 7.18 -26.24 -34.63
C THR D 761 5.95 -25.33 -34.67
N ARG D 762 4.76 -25.92 -34.77
CA ARG D 762 3.60 -25.06 -34.69
C ARG D 762 3.35 -24.63 -33.25
N PRO D 763 2.95 -23.36 -33.03
CA PRO D 763 2.67 -22.90 -31.67
C PRO D 763 1.28 -23.32 -31.21
N SER E 19 -33.31 -17.15 -49.75
CA SER E 19 -32.35 -17.12 -50.84
C SER E 19 -31.49 -15.86 -50.80
N HIS E 20 -31.65 -15.01 -51.81
CA HIS E 20 -30.85 -13.81 -51.94
C HIS E 20 -31.39 -12.71 -51.02
N MET E 21 -30.82 -11.51 -51.13
CA MET E 21 -31.36 -10.35 -50.41
C MET E 21 -32.62 -9.90 -51.11
N HIS E 22 -33.76 -10.28 -50.55
CA HIS E 22 -35.06 -9.84 -51.04
C HIS E 22 -35.65 -8.85 -50.04
N VAL E 23 -36.23 -7.79 -50.54
CA VAL E 23 -36.98 -6.87 -49.71
C VAL E 23 -38.45 -7.13 -49.91
N ILE E 24 -39.23 -6.85 -48.87
CA ILE E 24 -40.66 -7.08 -48.87
C ILE E 24 -41.31 -5.79 -49.37
N LYS E 25 -41.63 -5.77 -50.66
CA LYS E 25 -42.27 -4.60 -51.24
C LYS E 25 -43.70 -4.49 -50.72
N ARG E 26 -44.09 -3.23 -50.46
CA ARG E 26 -45.28 -2.73 -49.77
C ARG E 26 -46.59 -3.41 -50.15
N ASP E 27 -46.68 -3.92 -51.39
CA ASP E 27 -47.80 -4.78 -51.78
C ASP E 27 -47.81 -6.08 -50.99
N GLY E 28 -46.68 -6.47 -50.40
CA GLY E 28 -46.57 -7.71 -49.68
C GLY E 28 -45.66 -8.71 -50.35
N ARG E 29 -45.04 -8.34 -51.45
CA ARG E 29 -44.27 -9.28 -52.22
C ARG E 29 -42.79 -9.14 -51.86
N GLN E 30 -41.92 -9.75 -52.65
CA GLN E 30 -40.49 -9.62 -52.42
C GLN E 30 -39.78 -9.43 -53.75
N GLU E 31 -38.67 -8.71 -53.71
CA GLU E 31 -37.84 -8.54 -54.90
C GLU E 31 -36.37 -8.53 -54.52
N ARG E 32 -35.54 -8.55 -55.54
CA ARG E 32 -34.11 -8.31 -55.37
C ARG E 32 -33.86 -6.85 -55.02
N VAL E 33 -32.68 -6.60 -54.45
CA VAL E 33 -32.31 -5.26 -54.04
C VAL E 33 -31.76 -4.53 -55.27
N MET E 34 -32.56 -3.64 -55.83
CA MET E 34 -32.12 -2.81 -56.94
C MET E 34 -32.04 -1.38 -56.42
N PHE E 35 -30.82 -0.84 -56.39
CA PHE E 35 -30.54 0.38 -55.64
C PHE E 35 -30.98 1.65 -56.35
N ASP E 36 -31.09 1.64 -57.68
CA ASP E 36 -31.52 2.85 -58.35
C ASP E 36 -33.01 3.13 -58.23
N LYS E 37 -33.77 2.27 -57.54
CA LYS E 37 -35.13 2.64 -57.19
C LYS E 37 -35.12 3.74 -56.14
N ILE E 38 -34.12 3.74 -55.26
CA ILE E 38 -34.01 4.76 -54.22
C ILE E 38 -33.76 6.13 -54.83
N THR E 39 -32.65 6.26 -55.55
CA THR E 39 -32.34 7.53 -56.20
C THR E 39 -33.32 7.84 -57.33
N SER E 40 -33.98 6.82 -57.88
CA SER E 40 -35.10 7.04 -58.77
C SER E 40 -36.27 7.72 -58.06
N ARG E 41 -36.44 7.45 -56.75
CA ARG E 41 -37.56 8.05 -56.04
C ARG E 41 -37.22 9.40 -55.41
N ILE E 42 -36.02 9.54 -54.84
CA ILE E 42 -35.67 10.74 -54.11
C ILE E 42 -35.61 11.95 -55.03
N GLN E 43 -34.94 11.80 -56.19
CA GLN E 43 -34.86 12.88 -57.17
C GLN E 43 -36.23 13.20 -57.75
N LYS E 44 -37.14 12.23 -57.78
CA LYS E 44 -38.54 12.54 -58.07
C LYS E 44 -39.16 13.39 -56.95
N LEU E 45 -38.73 13.19 -55.71
CA LEU E 45 -39.23 13.98 -54.60
C LEU E 45 -38.30 15.13 -54.22
N CYS E 46 -37.48 15.61 -55.15
CA CYS E 46 -36.62 16.76 -54.90
C CYS E 46 -36.95 17.97 -55.77
N TYR E 47 -38.12 17.99 -56.40
CA TYR E 47 -38.40 19.06 -57.35
C TYR E 47 -38.69 20.37 -56.61
N GLY E 48 -38.00 21.42 -57.03
CA GLY E 48 -38.15 22.73 -56.44
C GLY E 48 -37.16 23.08 -55.35
N LEU E 49 -35.99 22.47 -55.32
CA LEU E 49 -35.00 22.75 -54.30
C LEU E 49 -33.67 23.13 -54.93
N ASN E 50 -32.75 23.58 -54.08
CA ASN E 50 -31.41 23.99 -54.49
C ASN E 50 -30.59 22.76 -54.82
N MET E 51 -30.48 22.42 -56.11
CA MET E 51 -29.72 21.25 -56.54
C MET E 51 -28.22 21.40 -56.37
N ASP E 52 -27.72 22.58 -55.97
CA ASP E 52 -26.29 22.72 -55.68
C ASP E 52 -25.88 21.98 -54.41
N PHE E 53 -26.82 21.71 -53.52
CA PHE E 53 -26.53 20.98 -52.29
C PHE E 53 -27.47 19.83 -52.04
N VAL E 54 -28.57 19.73 -52.77
CA VAL E 54 -29.42 18.56 -52.67
C VAL E 54 -28.73 17.39 -53.37
N ASP E 55 -28.42 16.35 -52.61
CA ASP E 55 -27.59 15.24 -53.08
C ASP E 55 -28.25 13.94 -52.68
N PRO E 56 -28.88 13.23 -53.62
CA PRO E 56 -29.50 11.94 -53.29
C PRO E 56 -28.52 10.84 -52.96
N ALA E 57 -27.26 10.96 -53.39
CA ALA E 57 -26.32 9.86 -53.24
C ALA E 57 -25.86 9.67 -51.81
N GLN E 58 -25.73 10.76 -51.04
CA GLN E 58 -25.34 10.61 -49.64
C GLN E 58 -26.45 9.96 -48.83
N ILE E 59 -27.70 10.37 -49.09
CA ILE E 59 -28.86 9.80 -48.42
C ILE E 59 -28.99 8.34 -48.76
N THR E 60 -28.81 7.99 -50.04
CA THR E 60 -28.86 6.60 -50.47
C THR E 60 -27.75 5.79 -49.83
N MET E 61 -26.56 6.38 -49.69
CA MET E 61 -25.42 5.69 -49.09
C MET E 61 -25.67 5.36 -47.63
N LYS E 62 -26.16 6.33 -46.86
CA LYS E 62 -26.41 6.05 -45.45
C LYS E 62 -27.64 5.18 -45.25
N VAL E 63 -28.58 5.16 -46.20
CA VAL E 63 -29.67 4.19 -46.10
C VAL E 63 -29.15 2.77 -46.34
N ILE E 64 -28.32 2.58 -47.36
CA ILE E 64 -27.78 1.26 -47.67
C ILE E 64 -26.80 0.80 -46.59
N GLN E 65 -26.26 1.71 -45.78
CA GLN E 65 -25.55 1.31 -44.58
C GLN E 65 -26.45 0.54 -43.60
N GLY E 66 -27.74 0.82 -43.60
CA GLY E 66 -28.64 0.14 -42.68
C GLY E 66 -29.45 -1.03 -43.24
N LEU E 67 -29.47 -1.20 -44.56
CA LEU E 67 -30.33 -2.21 -45.17
C LEU E 67 -29.80 -3.61 -44.88
N TYR E 68 -30.71 -4.58 -44.88
CA TYR E 68 -30.37 -6.00 -44.80
C TYR E 68 -31.43 -6.79 -45.55
N SER E 69 -31.42 -8.11 -45.40
CA SER E 69 -32.31 -8.96 -46.17
C SER E 69 -33.62 -9.19 -45.43
N GLY E 70 -34.72 -9.11 -46.15
CA GLY E 70 -36.01 -9.21 -45.53
C GLY E 70 -36.37 -7.96 -44.74
N VAL E 71 -36.43 -6.83 -45.43
CA VAL E 71 -36.79 -5.55 -44.83
C VAL E 71 -38.01 -5.02 -45.56
N THR E 72 -39.02 -4.60 -44.79
CA THR E 72 -40.18 -3.94 -45.38
C THR E 72 -39.76 -2.55 -45.85
N THR E 73 -40.22 -2.16 -47.05
CA THR E 73 -39.73 -0.96 -47.70
C THR E 73 -40.14 0.33 -47.01
N VAL E 74 -41.18 0.28 -46.17
CA VAL E 74 -41.58 1.46 -45.43
C VAL E 74 -40.53 1.82 -44.37
N GLU E 75 -39.75 0.83 -43.92
CA GLU E 75 -38.59 1.12 -43.09
C GLU E 75 -37.52 1.83 -43.89
N LEU E 76 -37.44 1.56 -45.19
CA LEU E 76 -36.45 2.25 -46.01
C LEU E 76 -36.86 3.69 -46.25
N ASP E 77 -38.17 3.95 -46.41
CA ASP E 77 -38.57 5.36 -46.51
C ASP E 77 -38.46 6.08 -45.19
N THR E 78 -38.74 5.40 -44.07
CA THR E 78 -38.60 6.00 -42.75
C THR E 78 -37.15 6.36 -42.47
N LEU E 79 -36.24 5.43 -42.75
CA LEU E 79 -34.82 5.70 -42.56
C LEU E 79 -34.29 6.69 -43.58
N ALA E 80 -34.95 6.82 -44.73
CA ALA E 80 -34.55 7.83 -45.71
C ALA E 80 -34.89 9.23 -45.21
N ALA E 81 -36.11 9.41 -44.70
CA ALA E 81 -36.48 10.70 -44.12
C ALA E 81 -35.68 11.01 -42.88
N GLU E 82 -35.30 9.98 -42.12
CA GLU E 82 -34.47 10.17 -40.94
C GLU E 82 -33.07 10.63 -41.32
N THR E 83 -32.49 10.02 -42.36
CA THR E 83 -31.16 10.41 -42.81
C THR E 83 -31.16 11.82 -43.38
N ALA E 84 -32.22 12.18 -44.12
CA ALA E 84 -32.33 13.55 -44.61
C ALA E 84 -32.49 14.54 -43.47
N ALA E 85 -33.19 14.14 -42.41
CA ALA E 85 -33.31 14.99 -41.23
C ALA E 85 -31.98 15.19 -40.54
N THR E 86 -31.13 14.16 -40.51
CA THR E 86 -29.81 14.34 -39.94
C THR E 86 -28.87 15.14 -40.84
N LEU E 87 -29.10 15.10 -42.15
CA LEU E 87 -28.27 15.86 -43.08
C LEU E 87 -28.73 17.28 -43.29
N THR E 88 -29.84 17.68 -42.66
CA THR E 88 -30.40 19.03 -42.77
C THR E 88 -29.41 20.13 -42.36
N THR E 89 -28.41 19.81 -41.53
CA THR E 89 -27.42 20.79 -41.10
C THR E 89 -26.60 21.34 -42.26
N LYS E 90 -26.34 20.51 -43.29
CA LYS E 90 -25.52 20.97 -44.41
C LYS E 90 -26.25 22.00 -45.27
N HIS E 91 -27.54 21.80 -45.50
CA HIS E 91 -28.30 22.80 -46.22
C HIS E 91 -29.73 22.73 -45.75
N PRO E 92 -30.39 23.88 -45.56
CA PRO E 92 -31.75 23.88 -44.99
C PRO E 92 -32.84 23.28 -45.88
N ASP E 93 -32.55 22.92 -47.13
CA ASP E 93 -33.58 22.33 -47.95
C ASP E 93 -33.83 20.86 -47.64
N TYR E 94 -32.95 20.21 -46.87
CA TYR E 94 -33.20 18.81 -46.52
C TYR E 94 -34.31 18.67 -45.49
N ALA E 95 -34.69 19.75 -44.82
CA ALA E 95 -35.90 19.69 -44.00
C ALA E 95 -37.13 19.60 -44.88
N ILE E 96 -37.17 20.39 -45.96
CA ILE E 96 -38.26 20.30 -46.91
C ILE E 96 -38.25 18.95 -47.60
N LEU E 97 -37.06 18.42 -47.86
CA LEU E 97 -36.94 17.08 -48.44
C LEU E 97 -37.48 16.01 -47.49
N ALA E 98 -37.03 16.02 -46.23
CA ALA E 98 -37.43 14.98 -45.28
C ALA E 98 -38.91 15.05 -44.97
N ALA E 99 -39.48 16.27 -44.97
CA ALA E 99 -40.91 16.40 -44.86
C ALA E 99 -41.62 15.79 -46.06
N ARG E 100 -41.08 16.00 -47.27
CA ARG E 100 -41.71 15.40 -48.45
C ARG E 100 -41.57 13.88 -48.46
N ILE E 101 -40.50 13.35 -47.85
CA ILE E 101 -40.32 11.91 -47.82
C ILE E 101 -41.29 11.26 -46.85
N ALA E 102 -41.42 11.82 -45.65
CA ALA E 102 -42.31 11.21 -44.67
C ALA E 102 -43.78 11.40 -45.06
N VAL E 103 -44.13 12.59 -45.53
CA VAL E 103 -45.51 12.85 -45.90
C VAL E 103 -45.89 12.10 -47.18
N SER E 104 -44.94 11.92 -48.11
CA SER E 104 -45.23 11.08 -49.27
C SER E 104 -45.33 9.61 -48.87
N ASN E 105 -44.57 9.19 -47.86
CA ASN E 105 -44.66 7.82 -47.36
C ASN E 105 -46.04 7.57 -46.76
N LEU E 106 -46.60 8.55 -46.06
CA LEU E 106 -47.93 8.34 -45.51
C LEU E 106 -49.00 8.43 -46.59
N HIS E 107 -48.88 9.38 -47.52
CA HIS E 107 -49.92 9.56 -48.53
C HIS E 107 -49.91 8.48 -49.59
N LYS E 108 -48.81 7.75 -49.76
CA LYS E 108 -48.91 6.55 -50.56
C LYS E 108 -49.61 5.43 -49.82
N GLU E 109 -49.64 5.47 -48.49
CA GLU E 109 -50.09 4.32 -47.73
C GLU E 109 -51.62 4.25 -47.61
N THR E 110 -52.22 5.24 -46.95
CA THR E 110 -53.62 5.12 -46.57
C THR E 110 -54.54 5.63 -47.67
N LYS E 111 -55.83 5.67 -47.39
CA LYS E 111 -56.81 5.86 -48.43
C LYS E 111 -56.95 7.33 -48.83
N LYS E 112 -57.42 7.54 -50.05
CA LYS E 112 -57.58 8.89 -50.58
C LYS E 112 -58.88 9.53 -50.10
N VAL E 113 -59.95 8.75 -50.01
CA VAL E 113 -61.27 9.27 -49.70
C VAL E 113 -61.49 9.27 -48.19
N PHE E 114 -61.98 10.39 -47.67
CA PHE E 114 -62.24 10.55 -46.24
C PHE E 114 -63.37 9.66 -45.76
N SER E 115 -64.39 9.48 -46.61
CA SER E 115 -65.62 8.80 -46.20
C SER E 115 -65.38 7.31 -45.94
N ASP E 116 -64.55 6.67 -46.75
CA ASP E 116 -64.31 5.25 -46.55
C ASP E 116 -63.38 5.01 -45.37
N VAL E 117 -62.54 5.99 -45.05
CA VAL E 117 -61.77 5.95 -43.81
C VAL E 117 -62.69 6.01 -42.60
N MET E 118 -63.70 6.89 -42.66
CA MET E 118 -64.64 6.99 -41.55
C MET E 118 -65.48 5.73 -41.42
N GLU E 119 -65.85 5.12 -42.55
CA GLU E 119 -66.58 3.85 -42.47
C GLU E 119 -65.68 2.72 -41.96
N ASP E 120 -64.39 2.79 -42.23
CA ASP E 120 -63.46 1.80 -41.68
C ASP E 120 -63.32 1.99 -40.17
N LEU E 121 -63.31 3.24 -39.71
CA LEU E 121 -63.16 3.48 -38.27
C LEU E 121 -64.42 3.10 -37.51
N TYR E 122 -65.59 3.43 -38.05
CA TYR E 122 -66.82 3.04 -37.35
C TYR E 122 -67.06 1.55 -37.45
N ASN E 123 -66.66 0.92 -38.55
CA ASN E 123 -66.82 -0.51 -38.71
C ASN E 123 -65.64 -1.30 -38.16
N TYR E 124 -64.91 -0.73 -37.21
CA TYR E 124 -63.82 -1.44 -36.56
C TYR E 124 -64.35 -2.57 -35.70
N ILE E 125 -63.58 -3.65 -35.64
CA ILE E 125 -63.87 -4.80 -34.80
C ILE E 125 -62.59 -5.17 -34.06
N ASN E 126 -62.71 -5.32 -32.74
CA ASN E 126 -61.59 -5.73 -31.88
C ASN E 126 -61.08 -7.09 -32.33
N PRO E 127 -59.82 -7.20 -32.76
CA PRO E 127 -59.38 -8.44 -33.44
C PRO E 127 -59.19 -9.67 -32.56
N HIS E 128 -59.57 -9.61 -31.28
CA HIS E 128 -59.71 -10.86 -30.53
C HIS E 128 -60.90 -10.82 -29.57
N ASN E 129 -61.86 -9.92 -29.79
CA ASN E 129 -63.08 -9.94 -29.00
C ASN E 129 -64.35 -9.75 -29.83
N GLY E 130 -64.25 -9.44 -31.11
CA GLY E 130 -65.40 -9.39 -31.98
C GLY E 130 -66.35 -8.24 -31.77
N LYS E 131 -66.01 -7.28 -30.91
CA LYS E 131 -66.93 -6.22 -30.55
C LYS E 131 -66.84 -5.09 -31.56
N HIS E 132 -68.01 -4.62 -32.01
CA HIS E 132 -68.10 -3.46 -32.90
C HIS E 132 -67.78 -2.23 -32.06
N SER E 133 -66.48 -1.99 -31.88
CA SER E 133 -65.93 -0.99 -30.97
C SER E 133 -65.44 0.18 -31.80
N PRO E 134 -66.25 1.19 -32.03
CA PRO E 134 -65.92 2.17 -33.06
C PRO E 134 -64.88 3.17 -32.59
N MET E 135 -64.26 3.83 -33.56
CA MET E 135 -63.40 4.96 -33.28
C MET E 135 -64.14 6.28 -33.36
N VAL E 136 -65.29 6.31 -34.01
CA VAL E 136 -66.11 7.51 -34.10
C VAL E 136 -67.55 7.16 -33.77
N ALA E 137 -68.31 8.16 -33.33
CA ALA E 137 -69.71 7.95 -33.01
C ALA E 137 -70.53 7.86 -34.28
N LYS E 138 -71.73 7.29 -34.14
CA LYS E 138 -72.57 7.05 -35.31
C LYS E 138 -73.15 8.35 -35.87
N SER E 139 -73.32 9.37 -35.04
CA SER E 139 -73.83 10.64 -35.55
C SER E 139 -72.77 11.36 -36.39
N THR E 140 -71.49 11.15 -36.05
CA THR E 140 -70.42 11.69 -36.88
C THR E 140 -70.43 11.06 -38.25
N LEU E 141 -70.58 9.74 -38.29
CA LEU E 141 -70.67 9.03 -39.56
C LEU E 141 -71.94 9.39 -40.31
N ASP E 142 -73.01 9.75 -39.59
CA ASP E 142 -74.23 10.20 -40.24
C ASP E 142 -74.01 11.55 -40.92
N ILE E 143 -73.29 12.45 -40.25
CA ILE E 143 -73.00 13.76 -40.83
C ILE E 143 -72.07 13.62 -42.03
N VAL E 144 -71.12 12.69 -41.94
CA VAL E 144 -70.20 12.48 -43.05
C VAL E 144 -70.92 11.88 -44.25
N LEU E 145 -71.64 10.77 -44.03
CA LEU E 145 -72.30 10.08 -45.14
C LEU E 145 -73.47 10.86 -45.72
N ALA E 146 -74.06 11.77 -44.95
CA ALA E 146 -75.06 12.65 -45.53
C ALA E 146 -74.45 13.78 -46.34
N ASN E 147 -73.15 14.04 -46.16
CA ASN E 147 -72.56 15.24 -46.75
C ASN E 147 -71.18 14.96 -47.34
N LYS E 148 -70.93 13.72 -47.80
CA LYS E 148 -69.59 13.37 -48.25
C LYS E 148 -69.24 13.96 -49.59
N ASP E 149 -70.23 14.43 -50.35
CA ASP E 149 -69.98 14.86 -51.72
C ASP E 149 -69.35 16.25 -51.76
N ARG E 150 -69.89 17.19 -50.97
CA ARG E 150 -69.26 18.49 -50.85
C ARG E 150 -67.98 18.42 -50.04
N LEU E 151 -67.98 17.59 -49.01
CA LEU E 151 -66.90 17.59 -48.03
C LEU E 151 -65.67 16.85 -48.54
N ASN E 152 -65.85 15.79 -49.34
CA ASN E 152 -64.69 15.20 -50.01
C ASN E 152 -64.13 16.11 -51.08
N SER E 153 -64.94 17.01 -51.62
CA SER E 153 -64.43 18.00 -52.54
C SER E 153 -63.73 19.15 -51.83
N ALA E 154 -64.03 19.38 -50.54
CA ALA E 154 -63.47 20.53 -49.85
C ALA E 154 -62.02 20.31 -49.41
N ILE E 155 -61.61 19.05 -49.23
CA ILE E 155 -60.31 18.75 -48.65
C ILE E 155 -59.21 19.04 -49.67
N ILE E 156 -58.11 19.64 -49.21
CA ILE E 156 -56.97 19.94 -50.06
C ILE E 156 -55.75 19.25 -49.49
N TYR E 157 -55.24 18.24 -50.19
CA TYR E 157 -54.07 17.48 -49.76
C TYR E 157 -52.76 18.15 -50.12
N ASP E 158 -52.79 19.34 -50.70
CA ASP E 158 -51.57 20.07 -50.99
C ASP E 158 -50.96 20.69 -49.75
N ARG E 159 -51.70 20.73 -48.64
CA ARG E 159 -51.28 21.41 -47.43
C ARG E 159 -50.52 20.49 -46.47
N ASP E 160 -50.50 19.19 -46.73
CA ASP E 160 -49.81 18.27 -45.84
C ASP E 160 -48.30 18.30 -46.00
N PHE E 161 -47.80 18.83 -47.11
CA PHE E 161 -46.36 18.98 -47.30
C PHE E 161 -45.85 20.28 -46.71
N SER E 162 -46.60 20.90 -45.80
CA SER E 162 -46.23 22.18 -45.21
C SER E 162 -45.80 22.06 -43.77
N TYR E 163 -45.90 20.88 -43.17
CA TYR E 163 -45.43 20.72 -41.80
C TYR E 163 -43.91 20.56 -41.77
N ASN E 164 -43.33 20.82 -40.61
CA ASN E 164 -41.96 20.42 -40.39
C ASN E 164 -41.89 18.91 -40.20
N TYR E 165 -40.67 18.39 -40.30
CA TYR E 165 -40.48 16.95 -40.14
C TYR E 165 -40.75 16.50 -38.71
N PHE E 166 -40.15 17.20 -37.75
CA PHE E 166 -40.30 16.79 -36.36
C PHE E 166 -41.71 17.06 -35.85
N GLY E 167 -42.35 18.11 -36.36
CA GLY E 167 -43.75 18.32 -36.08
C GLY E 167 -44.63 17.25 -36.68
N PHE E 168 -44.23 16.70 -37.83
CA PHE E 168 -45.01 15.62 -38.41
C PHE E 168 -44.80 14.32 -37.68
N LYS E 169 -43.59 14.06 -37.16
CA LYS E 169 -43.39 12.83 -36.42
C LYS E 169 -44.07 12.90 -35.06
N THR E 170 -44.06 14.08 -34.44
CA THR E 170 -44.79 14.26 -33.19
C THR E 170 -46.30 14.17 -33.42
N LEU E 171 -46.77 14.68 -34.56
CA LEU E 171 -48.18 14.56 -34.91
C LEU E 171 -48.55 13.12 -35.22
N GLU E 172 -47.61 12.34 -35.71
CA GLU E 172 -47.92 10.99 -36.14
C GLU E 172 -47.85 9.99 -35.00
N ARG E 173 -46.94 10.17 -34.05
CA ARG E 173 -46.71 9.13 -33.06
C ARG E 173 -47.85 9.02 -32.05
N SER E 174 -48.65 10.08 -31.89
CA SER E 174 -49.61 10.08 -30.80
C SER E 174 -50.99 10.57 -31.20
N TYR E 175 -51.11 11.36 -32.27
CA TYR E 175 -52.38 12.04 -32.49
C TYR E 175 -53.24 11.39 -33.55
N LEU E 176 -52.66 10.78 -34.58
CA LEU E 176 -53.45 10.15 -35.61
C LEU E 176 -54.04 8.84 -35.10
N LEU E 177 -55.30 8.60 -35.43
CA LEU E 177 -56.01 7.45 -34.88
C LEU E 177 -55.52 6.18 -35.56
N LYS E 178 -54.99 5.26 -34.76
CA LYS E 178 -54.33 4.08 -35.27
C LYS E 178 -55.30 2.91 -35.32
N ILE E 179 -55.02 1.95 -36.21
CA ILE E 179 -55.77 0.71 -36.28
C ILE E 179 -54.76 -0.42 -36.15
N ASN E 180 -54.77 -1.09 -35.00
CA ASN E 180 -53.91 -2.24 -34.68
C ASN E 180 -52.42 -1.92 -34.83
N GLY E 181 -52.04 -0.69 -34.51
CA GLY E 181 -50.67 -0.26 -34.60
C GLY E 181 -50.29 0.40 -35.90
N LYS E 182 -51.12 0.30 -36.93
CA LYS E 182 -50.84 0.94 -38.22
C LYS E 182 -51.69 2.19 -38.32
N VAL E 183 -51.04 3.32 -38.58
CA VAL E 183 -51.73 4.60 -38.66
C VAL E 183 -52.60 4.63 -39.90
N ALA E 184 -53.89 4.93 -39.73
CA ALA E 184 -54.82 4.90 -40.84
C ALA E 184 -55.53 6.24 -41.03
N GLU E 185 -54.84 7.34 -40.76
CA GLU E 185 -55.39 8.66 -41.01
C GLU E 185 -54.33 9.57 -41.60
N ARG E 186 -54.66 10.18 -42.73
CA ARG E 186 -53.91 11.30 -43.23
C ARG E 186 -54.16 12.52 -42.32
N PRO E 187 -53.26 13.50 -42.32
CA PRO E 187 -53.50 14.68 -41.45
C PRO E 187 -54.74 15.48 -41.81
N GLN E 188 -55.04 15.66 -43.09
CA GLN E 188 -56.28 16.33 -43.45
C GLN E 188 -57.50 15.52 -43.09
N HIS E 189 -57.36 14.19 -42.98
CA HIS E 189 -58.44 13.39 -42.44
C HIS E 189 -58.67 13.70 -40.97
N MET E 190 -57.60 14.02 -40.24
CA MET E 190 -57.77 14.34 -38.84
C MET E 190 -58.38 15.73 -38.67
N LEU E 191 -57.91 16.70 -39.45
CA LEU E 191 -58.41 18.06 -39.27
C LEU E 191 -59.83 18.21 -39.80
N MET E 192 -60.15 17.53 -40.89
CA MET E 192 -61.54 17.49 -41.32
C MET E 192 -62.41 16.69 -40.36
N ARG E 193 -61.84 15.65 -39.74
CA ARG E 193 -62.56 14.92 -38.68
C ARG E 193 -62.86 15.82 -37.49
N VAL E 194 -61.96 16.76 -37.18
CA VAL E 194 -62.22 17.72 -36.11
C VAL E 194 -63.33 18.67 -36.50
N SER E 195 -63.30 19.19 -37.73
CA SER E 195 -64.32 20.14 -38.15
C SER E 195 -65.72 19.51 -38.24
N VAL E 196 -65.79 18.23 -38.60
CA VAL E 196 -67.07 17.53 -38.50
C VAL E 196 -67.42 17.29 -37.04
N GLY E 197 -66.42 17.02 -36.21
CA GLY E 197 -66.66 16.75 -34.80
C GLY E 197 -67.12 17.95 -34.01
N ILE E 198 -66.89 19.17 -34.50
CA ILE E 198 -67.39 20.35 -33.82
C ILE E 198 -68.62 20.88 -34.55
N HIS E 199 -68.46 21.26 -35.81
CA HIS E 199 -69.57 21.83 -36.57
C HIS E 199 -70.42 20.69 -37.08
N LYS E 200 -71.46 20.34 -36.32
CA LYS E 200 -72.20 19.12 -36.58
C LYS E 200 -73.17 19.27 -37.75
N GLU E 201 -74.15 20.16 -37.61
CA GLU E 201 -75.16 20.27 -38.66
C GLU E 201 -74.67 21.12 -39.83
N ASP E 202 -73.95 22.19 -39.54
CA ASP E 202 -73.58 23.13 -40.60
C ASP E 202 -72.31 22.66 -41.30
N ILE E 203 -72.25 22.95 -42.60
CA ILE E 203 -71.11 22.58 -43.42
C ILE E 203 -70.26 23.78 -43.82
N ASP E 204 -70.88 24.95 -44.01
CA ASP E 204 -70.14 26.17 -44.35
C ASP E 204 -69.17 26.56 -43.24
N ALA E 205 -69.60 26.36 -41.99
CA ALA E 205 -68.69 26.56 -40.87
C ALA E 205 -67.63 25.48 -40.81
N ALA E 206 -67.92 24.29 -41.34
CA ALA E 206 -66.91 23.24 -41.36
C ALA E 206 -65.89 23.45 -42.46
N ILE E 207 -66.23 24.18 -43.51
CA ILE E 207 -65.31 24.44 -44.60
C ILE E 207 -64.53 25.73 -44.38
N GLU E 208 -65.17 26.75 -43.80
CA GLU E 208 -64.41 27.91 -43.34
C GLU E 208 -63.51 27.55 -42.16
N THR E 209 -64.02 26.71 -41.27
CA THR E 209 -63.23 26.24 -40.14
C THR E 209 -62.13 25.30 -40.60
N TYR E 210 -62.41 24.47 -41.61
CA TYR E 210 -61.39 23.58 -42.14
C TYR E 210 -60.30 24.35 -42.86
N ASN E 211 -60.66 25.30 -43.70
CA ASN E 211 -59.66 25.98 -44.50
C ASN E 211 -58.86 26.96 -43.63
N LEU E 212 -59.55 27.64 -42.71
CA LEU E 212 -58.85 28.47 -41.75
C LEU E 212 -58.04 27.64 -40.77
N LEU E 213 -58.39 26.38 -40.58
CA LEU E 213 -57.66 25.50 -39.68
C LEU E 213 -56.43 24.91 -40.35
N SER E 214 -56.63 24.28 -41.52
CA SER E 214 -55.56 23.61 -42.24
C SER E 214 -54.63 24.58 -42.94
N GLU E 215 -55.00 25.86 -43.06
CA GLU E 215 -54.03 26.88 -43.40
C GLU E 215 -53.24 27.37 -42.20
N ARG E 216 -53.29 26.64 -41.08
CA ARG E 216 -52.39 26.77 -39.94
C ARG E 216 -52.51 28.12 -39.25
N TRP E 217 -53.69 28.74 -39.31
CA TRP E 217 -53.89 30.00 -38.62
C TRP E 217 -54.04 29.80 -37.13
N PHE E 218 -55.06 29.05 -36.72
CA PHE E 218 -55.22 28.65 -35.32
C PHE E 218 -55.34 27.15 -35.27
N THR E 219 -55.10 26.60 -34.08
CA THR E 219 -55.30 25.18 -33.82
C THR E 219 -55.93 25.01 -32.45
N HIS E 220 -56.75 23.97 -32.31
CA HIS E 220 -57.37 23.69 -31.04
C HIS E 220 -56.39 23.03 -30.08
N ALA E 221 -56.85 22.74 -28.87
CA ALA E 221 -56.02 22.09 -27.87
C ALA E 221 -55.94 20.60 -28.14
N SER E 222 -55.12 19.93 -27.36
CA SER E 222 -54.83 18.52 -27.61
C SER E 222 -55.94 17.53 -27.26
N PRO E 223 -56.75 17.70 -26.20
CA PRO E 223 -57.91 16.81 -26.08
C PRO E 223 -58.96 17.02 -27.16
N THR E 224 -59.01 18.20 -27.77
CA THR E 224 -59.88 18.36 -28.94
C THR E 224 -59.37 17.54 -30.11
N LEU E 225 -58.04 17.53 -30.31
CA LEU E 225 -57.47 16.67 -31.34
C LEU E 225 -57.60 15.19 -30.99
N PHE E 226 -57.70 14.86 -29.70
CA PHE E 226 -57.91 13.48 -29.33
C PHE E 226 -59.33 13.01 -29.64
N ASN E 227 -60.32 13.75 -29.16
CA ASN E 227 -61.65 13.18 -29.08
C ASN E 227 -62.67 14.06 -29.78
N ALA E 228 -62.35 14.51 -30.98
CA ALA E 228 -63.34 15.23 -31.78
C ALA E 228 -64.17 14.23 -32.56
N GLY E 229 -65.46 14.17 -32.26
CA GLY E 229 -66.34 13.27 -32.98
C GLY E 229 -66.18 11.82 -32.67
N THR E 230 -65.34 11.46 -31.70
CA THR E 230 -65.14 10.06 -31.35
C THR E 230 -66.29 9.60 -30.47
N ASN E 231 -66.14 8.41 -29.86
CA ASN E 231 -67.28 7.84 -29.16
C ASN E 231 -67.47 8.47 -27.79
N ARG E 232 -66.40 8.90 -27.14
CA ARG E 232 -66.45 9.63 -25.87
C ARG E 232 -65.96 11.04 -26.12
N PRO E 233 -66.79 11.96 -26.56
CA PRO E 233 -66.29 13.30 -26.86
C PRO E 233 -66.02 14.11 -25.60
N GLN E 234 -64.76 14.22 -25.24
CA GLN E 234 -64.37 15.00 -24.08
C GLN E 234 -63.36 16.02 -24.60
N LEU E 235 -63.89 17.12 -25.13
CA LEU E 235 -63.04 18.08 -25.83
C LEU E 235 -62.34 19.03 -24.89
N SER E 236 -62.61 18.98 -23.61
CA SER E 236 -62.11 19.99 -22.69
C SER E 236 -60.71 19.65 -22.19
N SER E 237 -59.98 20.69 -21.79
CA SER E 237 -58.61 20.49 -21.33
C SER E 237 -58.29 21.21 -20.04
N CYS E 238 -59.24 21.88 -19.40
CA CYS E 238 -58.95 22.58 -18.16
C CYS E 238 -59.96 22.18 -17.09
N PHE E 239 -59.45 21.67 -15.97
CA PHE E 239 -60.30 21.20 -14.87
C PHE E 239 -59.75 21.70 -13.54
N LEU E 240 -60.61 22.37 -12.79
CA LEU E 240 -60.27 22.93 -11.49
C LEU E 240 -61.22 22.33 -10.47
N LEU E 241 -60.66 21.63 -9.49
CA LEU E 241 -61.41 20.89 -8.48
C LEU E 241 -60.96 21.33 -7.09
N SER E 242 -61.93 21.50 -6.20
CA SER E 242 -61.67 21.72 -4.80
C SER E 242 -62.28 20.57 -4.00
N MET E 243 -61.90 20.49 -2.72
CA MET E 243 -62.36 19.39 -1.90
C MET E 243 -63.83 19.54 -1.55
N LYS E 244 -64.56 18.43 -1.61
CA LYS E 244 -65.96 18.45 -1.19
C LYS E 244 -66.08 18.67 0.31
N ASP E 245 -65.18 18.08 1.08
CA ASP E 245 -65.32 18.03 2.53
C ASP E 245 -63.96 17.74 3.13
N ASP E 246 -63.79 18.12 4.38
CA ASP E 246 -62.62 17.73 5.16
C ASP E 246 -62.90 16.44 5.93
N SER E 247 -63.37 15.43 5.21
CA SER E 247 -63.65 14.12 5.78
C SER E 247 -63.06 13.08 4.86
N ILE E 248 -63.16 11.82 5.26
CA ILE E 248 -62.73 10.74 4.38
C ILE E 248 -63.62 10.65 3.16
N GLU E 249 -64.91 10.93 3.33
CA GLU E 249 -65.85 10.87 2.21
C GLU E 249 -65.54 11.96 1.19
N GLY E 250 -65.17 13.16 1.66
CA GLY E 250 -64.81 14.22 0.74
C GLY E 250 -63.49 13.97 0.04
N ILE E 251 -62.52 13.42 0.76
CA ILE E 251 -61.20 13.19 0.20
C ILE E 251 -61.26 12.10 -0.86
N TYR E 252 -61.95 11.01 -0.56
CA TYR E 252 -61.98 9.94 -1.53
C TYR E 252 -63.02 10.15 -2.62
N ASP E 253 -64.04 10.98 -2.39
CA ASP E 253 -64.89 11.34 -3.52
C ASP E 253 -64.18 12.29 -4.46
N THR E 254 -63.36 13.19 -3.92
CA THR E 254 -62.55 14.04 -4.78
C THR E 254 -61.51 13.22 -5.53
N LEU E 255 -60.98 12.19 -4.87
CA LEU E 255 -60.07 11.27 -5.54
C LEU E 255 -60.77 10.52 -6.67
N LYS E 256 -62.04 10.18 -6.47
CA LYS E 256 -62.81 9.54 -7.54
C LYS E 256 -63.00 10.48 -8.72
N GLN E 257 -63.34 11.74 -8.46
CA GLN E 257 -63.54 12.68 -9.56
C GLN E 257 -62.25 12.96 -10.31
N CYS E 258 -61.13 13.05 -9.59
CA CYS E 258 -59.84 13.21 -10.26
C CYS E 258 -59.46 11.97 -11.05
N ALA E 259 -59.94 10.80 -10.63
CA ALA E 259 -59.66 9.60 -11.40
C ALA E 259 -60.43 9.59 -12.71
N LEU E 260 -61.71 9.94 -12.68
CA LEU E 260 -62.50 9.93 -13.91
C LEU E 260 -62.07 11.03 -14.87
N ILE E 261 -61.78 12.22 -14.35
CA ILE E 261 -61.37 13.32 -15.20
C ILE E 261 -60.00 13.05 -15.79
N SER E 262 -59.08 12.48 -15.01
CA SER E 262 -57.81 12.09 -15.58
C SER E 262 -57.92 10.88 -16.50
N LYS E 263 -59.01 10.12 -16.43
CA LYS E 263 -59.26 9.12 -17.47
C LYS E 263 -59.60 9.79 -18.78
N SER E 264 -60.49 10.77 -18.76
CA SER E 264 -60.96 11.30 -20.03
C SER E 264 -60.10 12.44 -20.58
N ALA E 265 -58.80 12.41 -20.24
CA ALA E 265 -57.75 13.29 -20.79
C ALA E 265 -58.04 14.76 -20.50
N GLY E 266 -57.96 15.11 -19.22
CA GLY E 266 -58.03 16.47 -18.76
C GLY E 266 -56.83 16.83 -17.92
N GLY E 267 -56.78 18.10 -17.54
CA GLY E 267 -55.74 18.58 -16.64
C GLY E 267 -56.34 19.08 -15.35
N ILE E 268 -55.84 18.62 -14.21
CA ILE E 268 -56.56 18.76 -12.95
C ILE E 268 -55.73 19.57 -11.98
N GLY E 269 -56.29 20.70 -11.52
CA GLY E 269 -55.70 21.47 -10.45
C GLY E 269 -56.60 21.44 -9.24
N VAL E 270 -56.05 21.13 -8.07
CA VAL E 270 -56.85 20.81 -6.88
C VAL E 270 -56.52 21.82 -5.79
N ALA E 271 -57.55 22.40 -5.19
CA ALA E 271 -57.38 23.29 -4.04
C ALA E 271 -57.40 22.46 -2.77
N VAL E 272 -56.26 22.33 -2.10
CA VAL E 272 -56.17 21.42 -0.97
C VAL E 272 -55.98 22.29 0.27
N SER E 273 -56.63 23.44 0.28
CA SER E 273 -56.47 24.34 1.41
C SER E 273 -57.18 23.85 2.66
N CYS E 274 -58.32 23.20 2.50
CA CYS E 274 -59.26 23.00 3.62
C CYS E 274 -59.14 21.63 4.26
N ILE E 275 -57.94 21.09 4.37
CA ILE E 275 -57.70 19.83 5.07
C ILE E 275 -56.95 20.15 6.35
N ARG E 276 -57.40 19.59 7.47
CA ARG E 276 -56.81 19.88 8.77
C ARG E 276 -55.42 19.30 8.86
N ALA E 277 -54.60 19.92 9.70
CA ALA E 277 -53.17 19.69 9.68
C ALA E 277 -52.78 18.57 10.63
N THR E 278 -51.48 18.41 10.85
CA THR E 278 -50.97 17.33 11.68
C THR E 278 -51.25 17.62 13.15
N GLY E 279 -51.90 16.68 13.83
CA GLY E 279 -52.07 16.75 15.25
C GLY E 279 -53.42 17.24 15.72
N SER E 280 -54.27 17.71 14.81
CA SER E 280 -55.59 18.18 15.20
C SER E 280 -56.47 17.02 15.62
N TYR E 281 -57.37 17.29 16.56
CA TYR E 281 -58.19 16.24 17.14
C TYR E 281 -59.26 15.80 16.17
N ILE E 282 -59.55 14.51 16.16
CA ILE E 282 -60.56 13.92 15.30
C ILE E 282 -61.69 13.44 16.18
N ALA E 283 -62.86 14.06 16.06
CA ALA E 283 -63.96 13.79 16.97
C ALA E 283 -64.62 12.44 16.73
N GLY E 284 -64.36 11.79 15.61
CA GLY E 284 -65.00 10.54 15.33
C GLY E 284 -64.33 9.37 16.01
N THR E 285 -63.00 9.28 15.89
CA THR E 285 -62.26 8.12 16.37
C THR E 285 -61.23 8.49 17.43
N ASN E 286 -61.33 9.68 18.01
CA ASN E 286 -60.57 10.13 19.18
C ASN E 286 -59.06 10.15 18.96
N GLY E 287 -58.62 10.23 17.70
CA GLY E 287 -57.23 10.26 17.38
C GLY E 287 -56.78 11.61 16.86
N ASN E 288 -55.61 11.63 16.24
CA ASN E 288 -55.06 12.84 15.68
C ASN E 288 -54.65 12.58 14.24
N SER E 289 -54.85 13.57 13.39
CA SER E 289 -54.54 13.44 11.98
C SER E 289 -53.04 13.42 11.75
N ASN E 290 -52.63 12.80 10.66
CA ASN E 290 -51.24 12.81 10.25
C ASN E 290 -50.92 13.91 9.27
N GLY E 291 -51.91 14.70 8.88
CA GLY E 291 -51.66 15.87 8.07
C GLY E 291 -51.95 15.69 6.59
N LEU E 292 -51.10 16.27 5.76
CA LEU E 292 -51.28 16.25 4.32
C LEU E 292 -50.34 15.31 3.59
N VAL E 293 -49.22 14.92 4.20
CA VAL E 293 -48.16 14.21 3.50
C VAL E 293 -48.58 12.81 3.03
N PRO E 294 -49.23 11.94 3.82
CA PRO E 294 -49.66 10.67 3.23
C PRO E 294 -50.83 10.83 2.27
N MET E 295 -51.65 11.86 2.46
CA MET E 295 -52.76 12.12 1.53
C MET E 295 -52.25 12.50 0.15
N LEU E 296 -51.32 13.44 0.09
CA LEU E 296 -50.70 13.77 -1.17
C LEU E 296 -49.82 12.64 -1.70
N ARG E 297 -49.43 11.71 -0.85
CA ARG E 297 -48.77 10.51 -1.37
C ARG E 297 -49.78 9.58 -2.05
N VAL E 298 -51.02 9.54 -1.57
CA VAL E 298 -52.07 8.80 -2.26
C VAL E 298 -52.37 9.45 -3.61
N TYR E 299 -52.41 10.78 -3.64
CA TYR E 299 -52.55 11.45 -4.93
C TYR E 299 -51.32 11.27 -5.82
N ASN E 300 -50.16 10.97 -5.24
CA ASN E 300 -49.00 10.66 -6.06
C ASN E 300 -49.21 9.34 -6.80
N ASN E 301 -49.61 8.29 -6.09
CA ASN E 301 -49.83 7.04 -6.81
C ASN E 301 -51.02 7.10 -7.76
N THR E 302 -52.02 7.93 -7.46
CA THR E 302 -53.11 8.07 -8.41
C THR E 302 -52.64 8.81 -9.66
N ALA E 303 -51.72 9.76 -9.49
CA ALA E 303 -51.15 10.41 -10.67
C ALA E 303 -50.27 9.46 -11.47
N ARG E 304 -49.70 8.45 -10.84
CA ARG E 304 -48.97 7.47 -11.65
C ARG E 304 -49.89 6.49 -12.35
N TYR E 305 -50.99 6.08 -11.71
CA TYR E 305 -51.78 4.98 -12.25
C TYR E 305 -52.59 5.41 -13.48
N VAL E 306 -53.52 6.34 -13.31
CA VAL E 306 -54.38 6.76 -14.40
C VAL E 306 -53.59 7.63 -15.35
N ASP E 307 -53.56 7.25 -16.62
CA ASP E 307 -52.94 8.07 -17.66
C ASP E 307 -54.03 8.72 -18.49
N GLN E 308 -53.70 9.88 -19.06
CA GLN E 308 -54.68 10.64 -19.84
C GLN E 308 -54.91 9.97 -21.18
N GLY E 309 -56.14 9.51 -21.41
CA GLY E 309 -56.46 8.87 -22.67
C GLY E 309 -55.81 7.50 -22.78
N GLY E 310 -55.40 7.17 -24.00
CA GLY E 310 -54.75 5.90 -24.23
C GLY E 310 -53.25 5.97 -24.04
N ASN E 311 -52.83 6.27 -22.79
CA ASN E 311 -51.43 6.44 -22.39
C ASN E 311 -50.72 7.50 -23.22
N LYS E 312 -51.45 8.51 -23.68
CA LYS E 312 -50.88 9.47 -24.62
C LYS E 312 -50.03 10.51 -23.93
N ARG E 313 -50.33 10.82 -22.67
CA ARG E 313 -49.47 11.60 -21.80
C ARG E 313 -49.86 11.30 -20.36
N PRO E 314 -48.90 11.29 -19.43
CA PRO E 314 -49.23 10.86 -18.06
C PRO E 314 -50.12 11.86 -17.35
N GLY E 315 -51.02 11.34 -16.53
CA GLY E 315 -51.96 12.18 -15.81
C GLY E 315 -51.25 12.94 -14.73
N ALA E 316 -51.33 14.27 -14.78
CA ALA E 316 -50.62 15.12 -13.85
C ALA E 316 -51.61 15.94 -13.03
N PHE E 317 -51.26 16.14 -11.77
CA PHE E 317 -52.10 16.87 -10.82
C PHE E 317 -51.36 18.09 -10.31
N ALA E 318 -52.08 19.20 -10.17
CA ALA E 318 -51.58 20.35 -9.46
C ALA E 318 -52.20 20.38 -8.07
N ILE E 319 -51.39 20.72 -7.08
CA ILE E 319 -51.82 20.81 -5.70
C ILE E 319 -51.60 22.23 -5.24
N TYR E 320 -52.67 22.95 -4.94
CA TYR E 320 -52.53 24.33 -4.51
C TYR E 320 -52.74 24.41 -3.02
N LEU E 321 -51.85 25.15 -2.36
CA LEU E 321 -51.93 25.33 -0.91
C LEU E 321 -51.71 26.80 -0.59
N GLU E 322 -52.52 27.35 0.29
CA GLU E 322 -52.25 28.69 0.78
C GLU E 322 -51.20 28.62 1.89
N PRO E 323 -50.33 29.63 2.00
CA PRO E 323 -49.14 29.48 2.86
C PRO E 323 -49.43 29.54 4.34
N TRP E 324 -50.63 29.88 4.78
CA TRP E 324 -50.89 29.90 6.22
C TRP E 324 -51.14 28.54 6.82
N HIS E 325 -51.23 27.49 6.01
CA HIS E 325 -51.51 26.17 6.53
C HIS E 325 -50.29 25.62 7.27
N LEU E 326 -50.56 24.81 8.30
CA LEU E 326 -49.50 24.39 9.22
C LEU E 326 -48.52 23.42 8.60
N ASP E 327 -48.95 22.61 7.65
CA ASP E 327 -48.09 21.61 7.05
C ASP E 327 -47.23 22.15 5.92
N ILE E 328 -47.00 23.47 5.89
CA ILE E 328 -46.39 24.11 4.74
C ILE E 328 -44.92 23.71 4.58
N PHE E 329 -44.23 23.38 5.66
CA PHE E 329 -42.82 23.04 5.52
C PHE E 329 -42.62 21.65 4.93
N GLU E 330 -43.37 20.67 5.42
CA GLU E 330 -43.35 19.35 4.79
C GLU E 330 -43.98 19.37 3.41
N PHE E 331 -44.86 20.32 3.14
CA PHE E 331 -45.38 20.50 1.78
C PHE E 331 -44.30 21.01 0.84
N LEU E 332 -43.45 21.93 1.31
CA LEU E 332 -42.42 22.45 0.43
C LEU E 332 -41.25 21.48 0.29
N ASP E 333 -41.01 20.63 1.29
CA ASP E 333 -39.94 19.65 1.19
C ASP E 333 -40.41 18.34 0.58
N LEU E 334 -41.47 18.38 -0.23
CA LEU E 334 -42.13 17.16 -0.66
C LEU E 334 -41.77 16.73 -2.08
N LYS E 335 -41.53 17.67 -2.99
CA LYS E 335 -41.07 17.33 -4.33
C LYS E 335 -39.57 17.57 -4.38
N LYS E 336 -38.82 16.59 -3.89
CA LYS E 336 -37.37 16.66 -3.95
C LYS E 336 -36.82 15.35 -4.49
N ASN E 337 -35.50 15.19 -4.42
CA ASN E 337 -34.86 13.99 -4.94
C ASN E 337 -34.36 13.07 -3.84
N THR E 338 -33.84 13.63 -2.75
CA THR E 338 -33.28 12.83 -1.68
C THR E 338 -34.32 12.63 -0.57
N GLY E 339 -33.87 12.10 0.56
CA GLY E 339 -34.74 11.85 1.68
C GLY E 339 -35.36 10.47 1.64
N LYS E 340 -36.22 10.21 2.61
CA LYS E 340 -36.96 8.97 2.62
C LYS E 340 -38.01 8.98 1.53
N GLU E 341 -38.31 7.79 1.01
CA GLU E 341 -39.24 7.71 -0.11
C GLU E 341 -40.68 7.92 0.36
N GLU E 342 -40.99 7.53 1.58
CA GLU E 342 -42.36 7.67 2.09
C GLU E 342 -42.70 9.09 2.51
N GLN E 343 -41.79 10.04 2.37
CA GLN E 343 -42.05 11.43 2.67
C GLN E 343 -41.85 12.30 1.44
N ARG E 344 -42.01 11.72 0.26
CA ARG E 344 -41.85 12.43 -1.00
C ARG E 344 -42.99 12.05 -1.92
N ALA E 345 -43.52 13.04 -2.63
CA ALA E 345 -44.54 12.80 -3.66
C ALA E 345 -44.11 13.62 -4.87
N ARG E 346 -43.30 13.03 -5.74
CA ARG E 346 -42.59 13.81 -6.73
C ARG E 346 -43.17 13.74 -8.13
N ASP E 347 -44.22 12.95 -8.36
CA ASP E 347 -44.90 12.96 -9.65
C ASP E 347 -46.15 13.84 -9.62
N LEU E 348 -46.13 14.90 -8.83
CA LEU E 348 -47.20 15.89 -8.79
C LEU E 348 -46.63 17.22 -9.23
N PHE E 349 -47.43 18.28 -9.12
CA PHE E 349 -46.94 19.62 -9.37
C PHE E 349 -47.50 20.53 -8.30
N PHE E 350 -46.62 21.16 -7.53
CA PHE E 350 -46.98 21.87 -6.32
C PHE E 350 -47.05 23.36 -6.57
N ALA E 351 -47.96 24.03 -5.88
CA ALA E 351 -48.09 25.46 -6.09
C ALA E 351 -48.63 26.16 -4.87
N LEU E 352 -48.11 27.37 -4.64
CA LEU E 352 -48.51 28.21 -3.52
C LEU E 352 -49.47 29.28 -4.00
N TRP E 353 -50.56 29.44 -3.27
CA TRP E 353 -51.60 30.40 -3.59
C TRP E 353 -51.49 31.52 -2.55
N ILE E 354 -50.61 32.46 -2.81
CA ILE E 354 -50.10 33.37 -1.78
C ILE E 354 -50.96 34.64 -1.70
N PRO E 355 -51.39 35.05 -0.51
CA PRO E 355 -52.09 36.33 -0.38
C PRO E 355 -51.11 37.48 -0.25
N ASP E 356 -51.61 38.70 -0.01
CA ASP E 356 -50.70 39.83 0.13
C ASP E 356 -50.01 39.88 1.49
N LEU E 357 -50.58 39.22 2.50
CA LEU E 357 -50.02 39.33 3.84
C LEU E 357 -48.68 38.63 3.95
N PHE E 358 -48.50 37.50 3.27
CA PHE E 358 -47.18 36.87 3.30
C PHE E 358 -46.17 37.71 2.54
N MET E 359 -46.63 38.45 1.54
CA MET E 359 -45.74 39.38 0.85
C MET E 359 -45.31 40.52 1.78
N LYS E 360 -46.24 41.06 2.56
CA LYS E 360 -45.91 42.18 3.43
C LYS E 360 -45.07 41.73 4.62
N ARG E 361 -45.33 40.54 5.15
CA ARG E 361 -44.54 40.06 6.27
C ARG E 361 -43.16 39.61 5.85
N VAL E 362 -42.99 39.12 4.62
CA VAL E 362 -41.63 38.90 4.13
C VAL E 362 -40.96 40.23 3.83
N GLU E 363 -41.75 41.23 3.45
CA GLU E 363 -41.20 42.55 3.08
C GLU E 363 -40.54 43.23 4.26
N THR E 364 -41.18 43.22 5.43
CA THR E 364 -40.67 43.95 6.59
C THR E 364 -40.21 43.03 7.71
N ASN E 365 -39.84 41.78 7.38
CA ASN E 365 -39.15 40.84 8.28
C ASN E 365 -39.98 40.53 9.54
N GLN E 366 -41.30 40.60 9.44
CA GLN E 366 -42.12 40.39 10.62
C GLN E 366 -42.40 38.89 10.78
N ASP E 367 -43.34 38.55 11.65
CA ASP E 367 -43.65 37.17 11.93
C ASP E 367 -44.90 36.73 11.17
N TRP E 368 -45.18 35.43 11.26
CA TRP E 368 -46.21 34.81 10.45
C TRP E 368 -46.83 33.69 11.25
N SER E 369 -48.15 33.54 11.14
CA SER E 369 -48.92 32.66 12.00
C SER E 369 -49.40 31.45 11.20
N LEU E 370 -48.75 30.32 11.39
CA LEU E 370 -49.18 29.06 10.80
C LEU E 370 -50.25 28.44 11.69
N MET E 371 -51.43 28.26 11.15
CA MET E 371 -52.58 27.76 11.89
C MET E 371 -53.15 26.52 11.21
N CYS E 372 -54.25 26.01 11.77
CA CYS E 372 -54.93 24.83 11.28
C CYS E 372 -56.37 25.17 10.93
N PRO E 373 -56.85 24.80 9.74
CA PRO E 373 -58.19 25.24 9.32
C PRO E 373 -59.33 24.54 10.02
N ASN E 374 -59.06 23.59 10.90
CA ASN E 374 -60.11 23.15 11.82
C ASN E 374 -60.26 24.13 12.96
N GLU E 375 -59.14 24.66 13.45
CA GLU E 375 -59.19 25.65 14.53
C GLU E 375 -59.74 26.97 14.03
N CYS E 376 -59.31 27.40 12.84
CA CYS E 376 -59.66 28.70 12.28
C CYS E 376 -60.43 28.47 10.99
N PRO E 377 -61.74 28.25 11.08
CA PRO E 377 -62.49 27.81 9.91
C PRO E 377 -62.95 28.94 9.03
N GLY E 378 -63.11 28.62 7.75
CA GLY E 378 -63.66 29.53 6.77
C GLY E 378 -62.72 30.65 6.39
N LEU E 379 -61.48 30.30 6.05
CA LEU E 379 -60.45 31.30 5.82
C LEU E 379 -60.13 31.49 4.33
N ASP E 380 -60.00 30.40 3.56
CA ASP E 380 -59.59 30.51 2.18
C ASP E 380 -60.64 31.11 1.27
N GLU E 381 -61.87 31.22 1.73
CA GLU E 381 -62.95 31.84 0.98
C GLU E 381 -62.97 33.35 1.14
N VAL E 382 -61.93 33.93 1.72
CA VAL E 382 -61.89 35.34 2.08
C VAL E 382 -60.57 35.91 1.58
N TRP E 383 -60.64 36.99 0.79
CA TRP E 383 -59.47 37.57 0.16
C TRP E 383 -59.34 39.05 0.51
N GLY E 384 -58.12 39.56 0.36
CA GLY E 384 -57.88 40.98 0.46
C GLY E 384 -57.88 41.56 1.86
N GLU E 385 -58.48 42.75 2.01
CA GLU E 385 -58.54 43.42 3.29
C GLU E 385 -59.36 42.62 4.30
N GLU E 386 -60.38 41.90 3.84
CA GLU E 386 -61.16 41.06 4.73
C GLU E 386 -60.33 39.90 5.24
N PHE E 387 -59.46 39.35 4.39
CA PHE E 387 -58.50 38.37 4.85
C PHE E 387 -57.49 38.96 5.83
N GLU E 388 -57.16 40.24 5.65
CA GLU E 388 -56.26 40.89 6.59
C GLU E 388 -56.93 41.05 7.95
N LYS E 389 -58.24 41.34 7.95
CA LYS E 389 -58.96 41.53 9.20
C LYS E 389 -59.21 40.20 9.91
N LEU E 390 -59.61 39.18 9.16
CA LEU E 390 -59.89 37.89 9.77
C LEU E 390 -58.61 37.22 10.22
N TYR E 391 -57.54 37.35 9.43
CA TYR E 391 -56.26 36.78 9.80
C TYR E 391 -55.66 37.52 10.99
N ALA E 392 -55.88 38.83 11.07
CA ALA E 392 -55.41 39.55 12.26
C ALA E 392 -56.23 39.19 13.49
N SER E 393 -57.52 38.91 13.32
CA SER E 393 -58.35 38.58 14.47
C SER E 393 -58.04 37.19 15.01
N TYR E 394 -57.76 36.21 14.12
CA TYR E 394 -57.25 34.95 14.62
C TYR E 394 -55.82 35.07 15.09
N GLU E 395 -55.06 36.03 14.57
CA GLU E 395 -53.69 36.25 15.02
C GLU E 395 -53.66 36.89 16.40
N LYS E 396 -54.77 37.53 16.80
CA LYS E 396 -54.87 38.18 18.10
C LYS E 396 -55.22 37.18 19.20
N GLN E 397 -56.13 36.25 18.92
CA GLN E 397 -56.71 35.42 19.98
C GLN E 397 -55.76 34.35 20.49
N GLY E 398 -54.62 34.14 19.85
CA GLY E 398 -53.74 33.07 20.25
C GLY E 398 -54.24 31.70 19.88
N ARG E 399 -55.17 31.61 18.94
CA ARG E 399 -55.68 30.33 18.47
C ARG E 399 -54.72 29.66 17.49
N VAL E 400 -53.73 30.39 17.00
CA VAL E 400 -52.74 29.86 16.05
C VAL E 400 -51.88 28.81 16.71
N ARG E 401 -51.15 28.04 15.92
CA ARG E 401 -50.39 26.93 16.50
C ARG E 401 -48.89 27.14 16.41
N LYS E 402 -48.40 27.72 15.33
CA LYS E 402 -46.97 27.97 15.22
C LYS E 402 -46.78 29.39 14.72
N VAL E 403 -45.68 30.01 15.15
CA VAL E 403 -45.29 31.34 14.70
C VAL E 403 -43.88 31.23 14.12
N VAL E 404 -43.77 31.53 12.83
CA VAL E 404 -42.51 31.41 12.12
C VAL E 404 -42.18 32.78 11.52
N LYS E 405 -40.91 33.19 11.63
CA LYS E 405 -40.45 34.39 10.95
C LYS E 405 -40.60 34.24 9.45
N ALA E 406 -41.13 35.28 8.80
CA ALA E 406 -41.60 35.16 7.42
C ALA E 406 -40.46 34.97 6.44
N GLN E 407 -39.30 35.58 6.70
CA GLN E 407 -38.16 35.43 5.81
C GLN E 407 -37.54 34.04 5.89
N GLN E 408 -37.81 33.29 6.96
CA GLN E 408 -37.37 31.90 7.01
C GLN E 408 -38.17 31.04 6.03
N LEU E 409 -39.49 31.21 6.00
CA LEU E 409 -40.32 30.49 5.06
C LEU E 409 -40.07 30.95 3.63
N TRP E 410 -39.75 32.22 3.46
CA TRP E 410 -39.36 32.71 2.14
C TRP E 410 -38.05 32.09 1.69
N TYR E 411 -37.12 31.89 2.63
CA TYR E 411 -35.88 31.18 2.32
C TYR E 411 -36.15 29.72 1.99
N ALA E 412 -37.18 29.12 2.59
CA ALA E 412 -37.53 27.74 2.23
C ALA E 412 -38.13 27.68 0.84
N ILE E 413 -38.95 28.67 0.48
CA ILE E 413 -39.52 28.74 -0.86
C ILE E 413 -38.42 28.89 -1.91
N ILE E 414 -37.44 29.74 -1.64
CA ILE E 414 -36.35 29.90 -2.60
C ILE E 414 -35.44 28.68 -2.62
N GLU E 415 -35.37 27.92 -1.52
CA GLU E 415 -34.66 26.65 -1.58
C GLU E 415 -35.40 25.65 -2.47
N SER E 416 -36.73 25.63 -2.40
CA SER E 416 -37.48 24.67 -3.21
C SER E 416 -37.48 25.05 -4.69
N GLN E 417 -37.69 26.33 -5.00
CA GLN E 417 -37.66 26.77 -6.40
C GLN E 417 -36.26 26.69 -6.96
N THR E 418 -35.25 26.92 -6.13
CA THR E 418 -33.87 26.77 -6.56
C THR E 418 -33.55 25.31 -6.86
N GLU E 419 -34.08 24.40 -6.06
CA GLU E 419 -33.73 22.99 -6.26
C GLU E 419 -34.48 22.37 -7.43
N THR E 420 -35.81 22.53 -7.47
CA THR E 420 -36.60 21.83 -8.48
C THR E 420 -37.42 22.73 -9.39
N GLY E 421 -37.71 23.96 -8.98
CA GLY E 421 -38.60 24.82 -9.73
C GLY E 421 -40.02 24.81 -9.22
N THR E 422 -40.39 23.84 -8.62
CA THR E 422 -41.63 23.87 -7.85
C THR E 422 -41.34 24.43 -6.46
N PRO E 423 -42.27 25.15 -5.83
CA PRO E 423 -43.66 25.44 -6.17
C PRO E 423 -43.85 26.51 -7.21
N TYR E 424 -45.02 26.52 -7.82
CA TYR E 424 -45.43 27.69 -8.59
C TYR E 424 -45.84 28.76 -7.58
N MET E 425 -45.97 29.99 -8.05
CA MET E 425 -46.39 31.07 -7.18
C MET E 425 -47.51 31.85 -7.84
N LEU E 426 -48.67 31.86 -7.23
CA LEU E 426 -49.75 32.70 -7.71
C LEU E 426 -50.14 33.65 -6.59
N TYR E 427 -50.80 34.74 -6.95
CA TYR E 427 -51.10 35.81 -6.00
C TYR E 427 -52.60 35.87 -5.80
N LYS E 428 -53.02 35.62 -4.56
CA LYS E 428 -54.42 35.36 -4.24
C LYS E 428 -55.29 36.60 -4.44
N ASP E 429 -54.88 37.72 -3.84
CA ASP E 429 -55.69 38.92 -3.90
C ASP E 429 -55.66 39.55 -5.28
N SER E 430 -54.55 39.37 -6.00
CA SER E 430 -54.45 39.88 -7.37
C SER E 430 -55.40 39.15 -8.30
N CYS E 431 -55.55 37.84 -8.13
CA CYS E 431 -56.47 37.07 -8.96
C CYS E 431 -57.92 37.29 -8.56
N ASN E 432 -58.18 37.34 -7.25
CA ASN E 432 -59.54 37.57 -6.77
C ASN E 432 -60.03 38.98 -7.05
N ARG E 433 -59.12 39.93 -7.24
CA ARG E 433 -59.53 41.31 -7.47
C ARG E 433 -59.79 41.60 -8.94
N LYS E 434 -59.08 40.94 -9.84
CA LYS E 434 -59.07 41.34 -11.24
C LYS E 434 -59.67 40.27 -12.13
N SER E 435 -60.81 39.72 -11.73
CA SER E 435 -61.48 38.69 -12.49
C SER E 435 -62.96 39.02 -12.64
N ASN E 436 -63.56 38.47 -13.68
CA ASN E 436 -64.95 38.76 -14.00
C ASN E 436 -65.91 37.89 -13.18
N GLN E 437 -65.40 36.93 -12.43
CA GLN E 437 -66.24 36.08 -11.58
C GLN E 437 -66.18 36.49 -10.12
N GLN E 438 -66.12 37.80 -9.85
CA GLN E 438 -66.14 38.29 -8.49
C GLN E 438 -67.48 38.06 -7.81
N ASN E 439 -68.58 38.06 -8.57
CA ASN E 439 -69.91 37.98 -7.96
C ASN E 439 -70.21 36.61 -7.37
N LEU E 440 -69.42 35.59 -7.72
CA LEU E 440 -69.69 34.25 -7.23
C LEU E 440 -69.13 34.03 -5.84
N GLY E 441 -67.94 34.55 -5.56
CA GLY E 441 -67.29 34.27 -4.31
C GLY E 441 -65.80 34.47 -4.38
N THR E 442 -65.04 33.46 -3.98
CA THR E 442 -63.60 33.55 -3.90
C THR E 442 -62.98 32.47 -4.78
N ILE E 443 -62.12 32.88 -5.70
CA ILE E 443 -61.44 31.93 -6.56
C ILE E 443 -60.38 31.21 -5.75
N LYS E 444 -60.55 29.90 -5.58
CA LYS E 444 -59.65 29.16 -4.72
C LYS E 444 -58.37 28.78 -5.44
N CYS E 445 -58.48 28.21 -6.63
CA CYS E 445 -57.34 27.59 -7.29
C CYS E 445 -57.37 27.91 -8.78
N SER E 446 -56.53 27.18 -9.53
CA SER E 446 -56.31 27.37 -10.94
C SER E 446 -55.84 26.03 -11.50
N ASN E 447 -55.66 25.96 -12.82
CA ASN E 447 -55.37 24.67 -13.44
C ASN E 447 -53.90 24.30 -13.28
N LEU E 448 -53.49 23.27 -14.03
CA LEU E 448 -52.12 22.77 -13.93
C LEU E 448 -51.12 23.75 -14.51
N CYS E 449 -51.43 24.34 -15.65
CA CYS E 449 -50.48 25.21 -16.32
C CYS E 449 -50.64 26.68 -15.94
N THR E 450 -51.47 26.96 -14.93
CA THR E 450 -51.62 28.27 -14.28
C THR E 450 -52.02 29.38 -15.26
N GLU E 451 -53.09 29.15 -15.99
CA GLU E 451 -53.63 30.20 -16.83
C GLU E 451 -55.14 30.32 -16.73
N ILE E 452 -55.82 29.38 -16.11
CA ILE E 452 -57.27 29.41 -16.00
C ILE E 452 -57.60 29.73 -14.55
N VAL E 453 -58.11 30.93 -14.32
CA VAL E 453 -58.44 31.40 -12.98
C VAL E 453 -59.96 31.50 -12.92
N GLU E 454 -60.62 30.47 -12.40
CA GLU E 454 -62.08 30.41 -12.38
C GLU E 454 -62.57 29.96 -11.01
N TYR E 455 -63.87 30.16 -10.79
CA TYR E 455 -64.50 29.83 -9.51
C TYR E 455 -64.77 28.34 -9.39
N THR E 456 -64.35 27.77 -8.26
CA THR E 456 -64.61 26.38 -7.90
C THR E 456 -65.49 26.35 -6.66
N SER E 457 -66.18 25.22 -6.47
CA SER E 457 -67.01 25.07 -5.28
C SER E 457 -67.14 23.59 -4.97
N LYS E 458 -68.00 23.28 -4.00
CA LYS E 458 -68.38 21.90 -3.77
C LYS E 458 -69.30 21.40 -4.86
N ASP E 459 -70.08 22.30 -5.46
CA ASP E 459 -71.06 21.93 -6.48
C ASP E 459 -70.56 22.19 -7.89
N GLU E 460 -69.80 23.26 -8.11
CA GLU E 460 -69.34 23.63 -9.44
C GLU E 460 -67.87 23.26 -9.59
N VAL E 461 -67.58 22.34 -10.49
CA VAL E 461 -66.21 21.96 -10.86
C VAL E 461 -65.87 22.70 -12.14
N ALA E 462 -64.79 23.49 -12.13
CA ALA E 462 -64.56 24.43 -13.21
C ALA E 462 -63.94 23.75 -14.41
N VAL E 463 -64.53 24.01 -15.58
CA VAL E 463 -64.11 23.41 -16.84
C VAL E 463 -63.85 24.54 -17.83
N CYS E 464 -62.72 24.50 -18.51
CA CYS E 464 -62.46 25.50 -19.55
C CYS E 464 -61.85 24.85 -20.77
N ASN E 465 -62.28 25.33 -21.94
CA ASN E 465 -61.80 24.92 -23.24
C ASN E 465 -60.72 25.86 -23.73
N LEU E 466 -59.90 25.37 -24.65
CA LEU E 466 -58.74 26.12 -25.10
C LEU E 466 -58.72 26.17 -26.63
N ALA E 467 -58.02 27.19 -27.13
CA ALA E 467 -57.79 27.34 -28.57
C ALA E 467 -56.58 28.25 -28.75
N SER E 468 -55.54 27.73 -29.37
CA SER E 468 -54.29 28.45 -29.53
C SER E 468 -54.19 29.02 -30.93
N LEU E 469 -54.15 30.34 -31.03
CA LEU E 469 -53.86 30.99 -32.30
C LEU E 469 -52.37 31.13 -32.49
N ALA E 470 -51.90 30.82 -33.69
CA ALA E 470 -50.55 31.18 -34.04
C ALA E 470 -50.48 32.67 -34.38
N LEU E 471 -49.27 33.17 -34.52
CA LEU E 471 -49.09 34.59 -34.79
C LEU E 471 -48.39 34.86 -36.10
N ASN E 472 -47.31 34.14 -36.39
CA ASN E 472 -46.44 34.43 -37.52
C ASN E 472 -47.08 34.16 -38.88
N MET E 473 -48.25 33.54 -38.92
CA MET E 473 -48.96 33.42 -40.19
C MET E 473 -49.63 34.73 -40.58
N TYR E 474 -49.80 35.65 -39.62
CA TYR E 474 -50.46 36.93 -39.87
C TYR E 474 -49.53 38.01 -40.41
N VAL E 475 -48.22 37.81 -40.34
CA VAL E 475 -47.28 38.86 -40.74
C VAL E 475 -47.26 38.95 -42.26
N THR E 476 -47.60 40.12 -42.79
CA THR E 476 -47.58 40.33 -44.22
C THR E 476 -46.15 40.52 -44.72
N SER E 477 -46.02 40.61 -46.04
CA SER E 477 -44.70 40.74 -46.66
C SER E 477 -44.12 42.14 -46.50
N GLU E 478 -44.94 43.11 -46.14
CA GLU E 478 -44.52 44.49 -45.96
C GLU E 478 -43.78 44.71 -44.64
N HIS E 479 -43.70 43.67 -43.80
CA HIS E 479 -43.24 43.71 -42.40
C HIS E 479 -44.03 44.70 -41.57
N THR E 480 -45.31 44.86 -41.92
CA THR E 480 -46.29 45.57 -41.12
C THR E 480 -47.39 44.58 -40.77
N TYR E 481 -47.73 44.49 -39.49
CA TYR E 481 -48.54 43.40 -39.00
C TYR E 481 -50.00 43.61 -39.38
N ASP E 482 -50.69 42.51 -39.63
CA ASP E 482 -52.08 42.54 -40.05
C ASP E 482 -52.95 42.48 -38.80
N PHE E 483 -53.68 43.55 -38.53
CA PHE E 483 -54.56 43.58 -37.36
C PHE E 483 -55.98 43.15 -37.68
N LYS E 484 -56.50 43.56 -38.84
CA LYS E 484 -57.91 43.34 -39.16
C LYS E 484 -58.23 41.89 -39.45
N LYS E 485 -57.24 41.10 -39.84
CA LYS E 485 -57.45 39.66 -40.01
C LYS E 485 -57.55 38.95 -38.67
N LEU E 486 -56.77 39.41 -37.69
CA LEU E 486 -56.62 38.70 -36.42
C LEU E 486 -57.91 38.71 -35.62
N ALA E 487 -58.61 39.85 -35.61
CA ALA E 487 -59.90 39.91 -34.95
C ALA E 487 -60.94 39.04 -35.66
N GLU E 488 -60.83 38.90 -36.98
CA GLU E 488 -61.78 38.12 -37.74
C GLU E 488 -61.63 36.63 -37.46
N VAL E 489 -60.39 36.15 -37.46
CA VAL E 489 -60.13 34.76 -37.09
C VAL E 489 -60.48 34.53 -35.63
N THR E 490 -60.28 35.54 -34.78
CA THR E 490 -60.71 35.44 -33.39
C THR E 490 -62.22 35.28 -33.27
N LYS E 491 -62.98 35.93 -34.15
CA LYS E 491 -64.43 35.73 -34.18
C LYS E 491 -64.79 34.30 -34.56
N VAL E 492 -64.07 33.74 -35.55
CA VAL E 492 -64.32 32.35 -35.93
C VAL E 492 -63.97 31.39 -34.79
N VAL E 493 -62.91 31.72 -34.03
CA VAL E 493 -62.49 30.87 -32.92
C VAL E 493 -63.52 30.90 -31.80
N VAL E 494 -64.05 32.08 -31.47
CA VAL E 494 -65.04 32.18 -30.40
C VAL E 494 -66.32 31.46 -30.79
N ARG E 495 -66.69 31.51 -32.08
CA ARG E 495 -67.83 30.69 -32.50
C ARG E 495 -67.52 29.20 -32.44
N ASN E 496 -66.26 28.82 -32.65
CA ASN E 496 -65.89 27.41 -32.54
C ASN E 496 -65.99 26.90 -31.11
N LEU E 497 -65.39 27.62 -30.15
CA LEU E 497 -65.40 27.17 -28.77
C LEU E 497 -66.81 27.21 -28.18
N ASN E 498 -67.57 28.25 -28.50
CA ASN E 498 -68.94 28.30 -28.03
C ASN E 498 -69.79 27.21 -28.67
N LYS E 499 -69.40 26.72 -29.84
CA LYS E 499 -70.03 25.48 -30.29
C LYS E 499 -69.45 24.25 -29.61
N ILE E 500 -68.25 24.34 -29.03
CA ILE E 500 -67.66 23.16 -28.39
C ILE E 500 -68.37 22.86 -27.07
N ILE E 501 -68.71 23.91 -26.31
CA ILE E 501 -69.25 23.78 -24.95
C ILE E 501 -70.58 23.01 -24.94
N ASP E 502 -71.35 23.10 -26.02
CA ASP E 502 -72.65 22.46 -26.05
C ASP E 502 -72.64 21.07 -26.66
N ILE E 503 -71.47 20.53 -27.01
CA ILE E 503 -71.37 19.22 -27.65
C ILE E 503 -70.66 18.27 -26.70
N ASN E 504 -69.85 18.84 -25.81
CA ASN E 504 -68.94 18.09 -24.95
C ASN E 504 -69.69 17.17 -24.01
N TYR E 505 -69.05 16.06 -23.67
CA TYR E 505 -69.56 15.08 -22.72
C TYR E 505 -68.69 15.13 -21.46
N TYR E 506 -69.23 15.72 -20.42
CA TYR E 506 -68.47 15.96 -19.22
C TYR E 506 -68.35 14.66 -18.43
N PRO E 507 -67.17 14.33 -17.91
CA PRO E 507 -67.04 13.03 -17.22
C PRO E 507 -67.71 12.96 -15.88
N VAL E 508 -67.89 14.08 -15.19
CA VAL E 508 -68.55 14.08 -13.87
C VAL E 508 -69.82 14.92 -13.97
N PRO E 509 -70.83 14.70 -13.13
CA PRO E 509 -72.05 15.52 -13.25
C PRO E 509 -71.90 16.94 -12.73
N GLU E 510 -70.89 17.22 -11.90
CA GLU E 510 -70.70 18.60 -11.44
C GLU E 510 -70.10 19.49 -12.51
N ALA E 511 -69.54 18.93 -13.57
CA ALA E 511 -68.88 19.73 -14.58
C ALA E 511 -69.89 20.44 -15.48
N CYS E 512 -71.01 19.78 -15.76
CA CYS E 512 -71.96 20.30 -16.73
C CYS E 512 -72.70 21.52 -16.20
N LEU E 513 -72.97 21.54 -14.90
CA LEU E 513 -73.67 22.68 -14.31
C LEU E 513 -72.79 23.92 -14.31
N SER E 514 -71.50 23.76 -14.00
CA SER E 514 -70.59 24.91 -14.03
C SER E 514 -70.37 25.39 -15.45
N ASN E 515 -70.01 24.48 -16.35
CA ASN E 515 -69.67 24.87 -17.71
C ASN E 515 -70.88 25.32 -18.51
N LYS E 516 -72.11 25.05 -18.07
CA LYS E 516 -73.26 25.60 -18.77
C LYS E 516 -73.88 26.80 -18.05
N ARG E 517 -73.67 26.96 -16.75
CA ARG E 517 -74.07 28.21 -16.12
C ARG E 517 -73.15 29.35 -16.51
N HIS E 518 -71.86 29.20 -16.27
CA HIS E 518 -70.98 30.34 -16.44
C HIS E 518 -70.39 30.44 -17.83
N ARG E 519 -70.18 29.29 -18.49
CA ARG E 519 -69.75 29.13 -19.87
C ARG E 519 -68.48 29.92 -20.18
N PRO E 520 -67.30 29.48 -19.74
CA PRO E 520 -66.08 30.16 -20.13
C PRO E 520 -65.43 29.51 -21.35
N ILE E 521 -64.55 30.29 -21.98
CA ILE E 521 -63.70 29.79 -23.05
C ILE E 521 -62.26 30.19 -22.75
N GLY E 522 -61.36 29.82 -23.65
CA GLY E 522 -59.97 30.14 -23.48
C GLY E 522 -59.25 30.25 -24.80
N ILE E 523 -58.57 31.37 -25.01
CA ILE E 523 -57.82 31.63 -26.24
C ILE E 523 -56.39 31.96 -25.84
N GLY E 524 -55.44 31.26 -26.45
CA GLY E 524 -54.04 31.54 -26.19
C GLY E 524 -53.19 31.48 -27.43
N VAL E 525 -52.26 32.41 -27.57
CA VAL E 525 -51.45 32.50 -28.77
C VAL E 525 -50.13 31.80 -28.53
N GLN E 526 -49.50 31.40 -29.63
CA GLN E 526 -48.21 30.73 -29.60
C GLN E 526 -47.28 31.39 -30.60
N GLY E 527 -45.98 31.34 -30.31
CA GLY E 527 -45.00 31.90 -31.22
C GLY E 527 -45.03 33.41 -31.31
N LEU E 528 -44.64 34.08 -30.24
CA LEU E 528 -44.49 35.52 -30.28
C LEU E 528 -43.12 35.93 -30.80
N ALA E 529 -42.09 35.11 -30.55
CA ALA E 529 -40.76 35.39 -31.04
C ALA E 529 -40.71 35.37 -32.56
N ASP E 530 -41.49 34.49 -33.20
CA ASP E 530 -41.53 34.48 -34.65
C ASP E 530 -42.26 35.70 -35.20
N ALA E 531 -43.27 36.19 -34.49
CA ALA E 531 -43.90 37.44 -34.92
C ALA E 531 -42.95 38.62 -34.77
N PHE E 532 -42.08 38.59 -33.75
CA PHE E 532 -41.11 39.67 -33.61
C PHE E 532 -40.02 39.59 -34.67
N ILE E 533 -39.56 38.39 -35.01
CA ILE E 533 -38.54 38.26 -36.04
C ILE E 533 -39.10 38.62 -37.40
N LEU E 534 -40.29 38.12 -37.73
CA LEU E 534 -40.89 38.44 -39.02
C LEU E 534 -41.40 39.87 -39.10
N MET E 535 -41.63 40.53 -37.97
CA MET E 535 -41.85 41.96 -37.97
C MET E 535 -40.56 42.75 -37.85
N ARG E 536 -39.44 42.05 -37.63
CA ARG E 536 -38.08 42.61 -37.62
C ARG E 536 -37.93 43.68 -36.54
N TYR E 537 -38.17 43.29 -35.30
CA TYR E 537 -37.92 44.18 -34.18
C TYR E 537 -37.10 43.46 -33.13
N PRO E 538 -36.29 44.18 -32.37
CA PRO E 538 -35.66 43.58 -31.19
C PRO E 538 -36.70 43.24 -30.14
N PHE E 539 -36.35 42.29 -29.28
CA PHE E 539 -37.32 41.81 -28.30
C PHE E 539 -37.55 42.86 -27.22
N GLU E 540 -36.49 43.54 -26.79
CA GLU E 540 -36.60 44.60 -25.79
C GLU E 540 -36.64 45.99 -26.42
N SER E 541 -37.21 46.12 -27.60
CA SER E 541 -37.30 47.41 -28.28
C SER E 541 -38.52 48.17 -27.78
N ALA E 542 -38.83 49.29 -28.43
CA ALA E 542 -40.06 50.01 -28.17
C ALA E 542 -41.21 49.48 -28.99
N GLU E 543 -40.97 49.10 -30.25
CA GLU E 543 -42.04 48.61 -31.09
C GLU E 543 -42.49 47.20 -30.70
N ALA E 544 -41.68 46.47 -29.93
CA ALA E 544 -42.13 45.21 -29.40
C ALA E 544 -43.15 45.42 -28.30
N GLN E 545 -42.83 46.30 -27.34
CA GLN E 545 -43.75 46.58 -26.24
C GLN E 545 -44.98 47.32 -26.72
N LEU E 546 -44.85 48.15 -27.75
CA LEU E 546 -46.03 48.68 -28.41
C LEU E 546 -46.77 47.58 -29.15
N LEU E 547 -46.03 46.63 -29.70
CA LEU E 547 -46.60 45.67 -30.64
C LEU E 547 -47.50 44.67 -29.94
N ASN E 548 -47.01 44.02 -28.88
CA ASN E 548 -47.82 43.01 -28.18
C ASN E 548 -49.01 43.64 -27.48
N LYS E 549 -48.86 44.89 -27.04
CA LYS E 549 -49.97 45.65 -26.50
C LYS E 549 -51.05 45.85 -27.55
N GLN E 550 -50.66 46.25 -28.76
CA GLN E 550 -51.63 46.40 -29.85
C GLN E 550 -52.25 45.07 -30.25
N ILE E 551 -51.46 43.99 -30.21
CA ILE E 551 -51.94 42.67 -30.60
C ILE E 551 -53.01 42.21 -29.64
N PHE E 552 -52.74 42.30 -28.34
CA PHE E 552 -53.75 41.80 -27.41
C PHE E 552 -54.90 42.77 -27.24
N GLU E 553 -54.74 44.05 -27.61
CA GLU E 553 -55.93 44.88 -27.77
C GLU E 553 -56.78 44.41 -28.94
N THR E 554 -56.14 43.91 -30.00
CA THR E 554 -56.90 43.40 -31.13
C THR E 554 -57.59 42.09 -30.79
N ILE E 555 -56.88 41.18 -30.13
CA ILE E 555 -57.45 39.89 -29.75
C ILE E 555 -58.54 40.07 -28.73
N TYR E 556 -58.32 40.93 -27.75
CA TYR E 556 -59.30 41.19 -26.72
C TYR E 556 -60.53 41.88 -27.28
N TYR E 557 -60.32 42.83 -28.20
CA TYR E 557 -61.42 43.55 -28.82
C TYR E 557 -62.27 42.65 -29.69
N GLY E 558 -61.61 41.83 -30.51
CA GLY E 558 -62.35 40.91 -31.37
C GLY E 558 -63.04 39.82 -30.59
N ALA E 559 -62.46 39.42 -29.46
CA ALA E 559 -63.10 38.43 -28.60
C ALA E 559 -64.37 39.01 -27.99
N LEU E 560 -64.30 40.25 -27.49
CA LEU E 560 -65.49 40.87 -26.91
C LEU E 560 -66.55 41.16 -27.96
N GLU E 561 -66.14 41.51 -29.19
CA GLU E 561 -67.11 41.73 -30.25
C GLU E 561 -67.78 40.43 -30.66
N ALA E 562 -67.01 39.34 -30.65
CA ALA E 562 -67.57 38.05 -31.03
C ALA E 562 -68.56 37.54 -29.98
N SER E 563 -68.19 37.63 -28.70
CA SER E 563 -69.10 37.20 -27.65
C SER E 563 -70.30 38.13 -27.54
N CYS E 564 -70.14 39.41 -27.89
CA CYS E 564 -71.26 40.33 -27.98
C CYS E 564 -72.22 39.90 -29.08
N ASP E 565 -71.68 39.52 -30.23
CA ASP E 565 -72.54 39.13 -31.35
C ASP E 565 -73.16 37.76 -31.11
N LEU E 566 -72.59 36.96 -30.23
CA LEU E 566 -73.26 35.73 -29.81
C LEU E 566 -74.38 36.02 -28.82
N ALA E 567 -74.14 36.93 -27.88
CA ALA E 567 -75.16 37.29 -26.91
C ALA E 567 -76.31 38.06 -27.53
N LYS E 568 -76.08 38.67 -28.69
CA LYS E 568 -77.17 39.30 -29.44
C LYS E 568 -78.11 38.26 -30.03
N GLU E 569 -77.67 37.01 -30.12
CA GLU E 569 -78.40 35.96 -30.80
C GLU E 569 -78.93 34.87 -29.88
N GLN E 570 -78.30 34.66 -28.72
CA GLN E 570 -78.76 33.63 -27.80
C GLN E 570 -79.02 34.11 -26.39
N GLY E 571 -78.74 35.38 -26.09
CA GLY E 571 -78.86 35.87 -24.74
C GLY E 571 -77.62 35.56 -23.93
N PRO E 572 -77.29 36.44 -22.97
CA PRO E 572 -76.09 36.22 -22.16
C PRO E 572 -76.20 35.02 -21.23
N TYR E 573 -75.12 34.70 -20.53
CA TYR E 573 -75.12 33.52 -19.69
C TYR E 573 -75.95 33.75 -18.43
N GLU E 574 -76.12 32.68 -17.65
CA GLU E 574 -77.15 32.65 -16.62
C GLU E 574 -76.81 33.56 -15.44
N THR E 575 -75.53 33.86 -15.23
CA THR E 575 -75.15 34.69 -14.11
C THR E 575 -74.47 35.98 -14.56
N TYR E 576 -75.05 36.67 -15.56
CA TYR E 576 -74.35 37.84 -16.09
C TYR E 576 -74.53 39.06 -15.21
N GLU E 577 -75.77 39.39 -14.86
CA GLU E 577 -76.07 40.65 -14.17
C GLU E 577 -75.53 40.60 -12.75
N GLY E 578 -74.46 41.34 -12.51
CA GLY E 578 -73.72 41.27 -11.27
C GLY E 578 -72.24 41.33 -11.55
N SER E 579 -71.86 40.92 -12.76
CA SER E 579 -70.46 40.95 -13.16
C SER E 579 -70.02 42.39 -13.43
N PRO E 580 -68.73 42.69 -13.29
CA PRO E 580 -68.26 44.07 -13.57
C PRO E 580 -68.35 44.49 -15.03
N VAL E 581 -68.47 43.54 -15.96
CA VAL E 581 -68.73 43.88 -17.35
C VAL E 581 -70.14 44.46 -17.50
N SER E 582 -71.10 43.93 -16.73
CA SER E 582 -72.41 44.56 -16.66
C SER E 582 -72.35 45.92 -16.00
N LYS E 583 -71.39 46.13 -15.12
CA LYS E 583 -71.12 47.44 -14.54
C LYS E 583 -70.21 48.29 -15.42
N GLY E 584 -69.86 47.81 -16.61
CA GLY E 584 -69.08 48.58 -17.56
C GLY E 584 -67.58 48.48 -17.39
N ILE E 585 -67.10 48.01 -16.25
CA ILE E 585 -65.67 47.90 -16.04
C ILE E 585 -65.17 46.67 -16.78
N LEU E 586 -64.32 46.88 -17.77
CA LEU E 586 -63.68 45.77 -18.45
C LEU E 586 -62.40 45.42 -17.71
N GLN E 587 -61.58 44.55 -18.32
CA GLN E 587 -60.38 44.07 -17.63
C GLN E 587 -59.31 45.14 -17.53
N TYR E 588 -59.24 46.04 -18.52
CA TYR E 588 -58.15 47.03 -18.51
C TYR E 588 -58.34 48.08 -17.42
N ASP E 589 -59.58 48.40 -17.06
CA ASP E 589 -59.79 49.35 -15.97
C ASP E 589 -59.50 48.74 -14.61
N MET E 590 -59.57 47.42 -14.47
CA MET E 590 -59.11 46.77 -13.25
C MET E 590 -57.60 46.85 -13.12
N TRP E 591 -56.89 47.04 -14.23
CA TRP E 591 -55.49 47.38 -14.21
C TRP E 591 -55.25 48.88 -14.25
N ASN E 592 -56.33 49.68 -14.39
CA ASN E 592 -56.29 51.14 -14.49
C ASN E 592 -55.38 51.62 -15.62
N VAL E 593 -55.43 50.93 -16.75
CA VAL E 593 -54.63 51.28 -17.91
C VAL E 593 -55.60 51.55 -19.06
N THR E 594 -55.68 52.80 -19.46
CA THR E 594 -56.47 53.16 -20.63
C THR E 594 -55.81 52.59 -21.89
N PRO E 595 -56.55 51.92 -22.76
CA PRO E 595 -55.94 51.34 -23.95
C PRO E 595 -55.59 52.40 -24.98
N THR E 596 -54.92 51.97 -26.04
CA THR E 596 -54.47 52.91 -27.07
C THR E 596 -55.66 53.35 -27.93
N ASP E 597 -55.37 54.26 -28.86
CA ASP E 597 -56.38 54.73 -29.80
C ASP E 597 -56.46 53.88 -31.05
N LEU E 598 -56.02 52.61 -30.96
CA LEU E 598 -56.01 51.73 -32.11
C LEU E 598 -57.42 51.31 -32.52
N TRP E 599 -58.34 51.27 -31.57
CA TRP E 599 -59.70 50.79 -31.85
C TRP E 599 -60.75 51.75 -31.34
N ASP E 600 -62.02 51.35 -31.45
CA ASP E 600 -63.16 52.13 -30.97
C ASP E 600 -63.82 51.31 -29.87
N TRP E 601 -63.56 51.68 -28.62
CA TRP E 601 -64.09 50.95 -27.48
C TRP E 601 -65.45 51.44 -27.04
N LYS E 602 -65.85 52.64 -27.47
CA LYS E 602 -67.10 53.23 -27.00
C LYS E 602 -68.31 52.48 -27.56
N VAL E 603 -68.30 52.19 -28.87
CA VAL E 603 -69.41 51.47 -29.48
C VAL E 603 -69.43 50.02 -29.01
N LEU E 604 -68.25 49.47 -28.67
CA LEU E 604 -68.18 48.13 -28.10
C LEU E 604 -68.87 48.11 -26.74
N LYS E 605 -68.55 49.07 -25.88
CA LYS E 605 -69.17 49.12 -24.58
C LYS E 605 -70.64 49.50 -24.64
N GLU E 606 -71.07 50.17 -25.72
CA GLU E 606 -72.49 50.42 -25.91
C GLU E 606 -73.23 49.14 -26.25
N LYS E 607 -72.67 48.35 -27.16
CA LYS E 607 -73.35 47.11 -27.56
C LYS E 607 -73.29 46.07 -26.46
N ILE E 608 -72.22 46.06 -25.66
CA ILE E 608 -72.17 45.20 -24.48
C ILE E 608 -73.17 45.69 -23.45
N ALA E 609 -73.30 47.01 -23.29
CA ALA E 609 -74.28 47.56 -22.36
C ALA E 609 -75.72 47.34 -22.84
N LYS E 610 -75.92 47.04 -24.11
CA LYS E 610 -77.26 46.77 -24.63
C LYS E 610 -77.52 45.30 -24.92
N TYR E 611 -76.47 44.46 -24.96
CA TYR E 611 -76.68 43.05 -25.24
C TYR E 611 -75.92 42.10 -24.33
N GLY E 612 -74.93 42.55 -23.56
CA GLY E 612 -74.17 41.62 -22.76
C GLY E 612 -73.19 40.80 -23.59
N ILE E 613 -72.56 39.84 -22.92
CA ILE E 613 -71.63 38.93 -23.57
C ILE E 613 -72.05 37.50 -23.25
N ARG E 614 -71.59 36.58 -24.09
CA ARG E 614 -72.01 35.19 -24.00
C ARG E 614 -71.09 34.36 -23.11
N ASN E 615 -69.81 34.67 -23.08
CA ASN E 615 -68.86 33.92 -22.27
C ASN E 615 -68.28 34.82 -21.21
N SER E 616 -68.07 34.28 -20.01
CA SER E 616 -67.58 35.09 -18.90
C SER E 616 -66.13 35.48 -19.10
N LEU E 617 -65.25 34.49 -19.16
CA LEU E 617 -63.83 34.73 -19.28
C LEU E 617 -63.35 34.27 -20.64
N LEU E 618 -62.47 35.05 -21.27
CA LEU E 618 -62.16 34.85 -22.68
C LEU E 618 -60.72 34.45 -22.95
N ILE E 619 -59.75 35.22 -22.52
CA ILE E 619 -58.38 35.11 -23.01
C ILE E 619 -57.54 34.37 -22.00
N ALA E 620 -56.71 33.44 -22.46
CA ALA E 620 -55.88 32.66 -21.56
C ALA E 620 -54.64 32.14 -22.28
N PRO E 621 -53.49 32.77 -22.10
CA PRO E 621 -52.26 32.23 -22.69
C PRO E 621 -51.76 30.97 -22.01
N MET E 622 -51.94 29.87 -22.70
CA MET E 622 -51.51 28.53 -22.30
C MET E 622 -50.07 28.33 -22.74
N PRO E 623 -49.37 27.29 -22.24
CA PRO E 623 -47.98 27.12 -22.69
C PRO E 623 -47.84 26.56 -24.10
N THR E 624 -48.68 25.61 -24.50
CA THR E 624 -48.63 24.92 -25.80
C THR E 624 -47.25 24.32 -26.09
N ALA E 625 -46.90 23.31 -25.31
CA ALA E 625 -45.72 22.54 -25.63
C ALA E 625 -45.93 21.73 -26.91
N SER E 626 -46.98 20.90 -26.93
CA SER E 626 -47.17 19.96 -28.03
C SER E 626 -47.70 20.64 -29.28
N THR E 627 -48.52 21.67 -29.13
CA THR E 627 -49.09 22.35 -30.28
C THR E 627 -48.03 23.12 -31.05
N ALA E 628 -47.22 23.89 -30.33
CA ALA E 628 -46.09 24.55 -30.95
C ALA E 628 -45.03 23.55 -31.40
N GLN E 629 -44.99 22.36 -30.79
CA GLN E 629 -44.15 21.32 -31.34
C GLN E 629 -44.65 20.85 -32.70
N ILE E 630 -45.97 20.86 -32.91
CA ILE E 630 -46.50 20.52 -34.23
C ILE E 630 -46.19 21.62 -35.23
N LEU E 631 -46.66 22.83 -34.96
CA LEU E 631 -46.63 23.86 -36.00
C LEU E 631 -45.28 24.53 -36.15
N GLY E 632 -44.29 24.17 -35.35
CA GLY E 632 -42.95 24.72 -35.49
C GLY E 632 -42.72 26.05 -34.81
N ASN E 633 -43.76 26.67 -34.27
CA ASN E 633 -43.61 27.94 -33.58
C ASN E 633 -42.88 27.74 -32.25
N ASN E 634 -42.48 28.85 -31.65
CA ASN E 634 -41.89 28.78 -30.33
C ASN E 634 -42.99 28.63 -29.30
N GLU E 635 -42.61 28.20 -28.10
CA GLU E 635 -43.51 28.16 -26.97
C GLU E 635 -44.00 29.59 -26.67
N SER E 636 -45.21 29.70 -26.14
CA SER E 636 -46.25 30.73 -26.41
C SER E 636 -45.66 32.15 -26.50
N ILE E 637 -45.10 32.70 -25.43
CA ILE E 637 -44.71 34.10 -25.43
C ILE E 637 -43.24 34.31 -25.11
N GLU E 638 -42.53 33.29 -24.65
CA GLU E 638 -41.16 33.48 -24.24
C GLU E 638 -40.25 33.62 -25.46
N PRO E 639 -39.04 34.18 -25.29
CA PRO E 639 -38.06 34.15 -26.38
C PRO E 639 -37.50 32.76 -26.64
N TYR E 640 -36.62 32.63 -27.63
CA TYR E 640 -35.96 31.37 -27.86
C TYR E 640 -35.01 31.04 -26.73
N THR E 641 -34.99 29.78 -26.32
CA THR E 641 -34.09 29.33 -25.28
C THR E 641 -32.64 29.47 -25.72
N SER E 642 -32.34 29.06 -26.95
CA SER E 642 -31.06 29.32 -27.57
C SER E 642 -31.28 29.31 -29.08
N ASN E 643 -30.36 29.94 -29.79
CA ASN E 643 -30.46 29.94 -31.25
C ASN E 643 -30.20 28.56 -31.82
N ILE E 644 -29.32 27.80 -31.17
CA ILE E 644 -29.15 26.38 -31.45
C ILE E 644 -30.13 25.61 -30.58
N TYR E 645 -30.98 24.80 -31.21
CA TYR E 645 -31.84 23.89 -30.48
C TYR E 645 -31.60 22.47 -30.97
N THR E 646 -31.61 21.52 -30.03
CA THR E 646 -31.30 20.14 -30.35
C THR E 646 -32.52 19.46 -30.97
N ARG E 647 -32.25 18.30 -31.56
CA ARG E 647 -33.29 17.47 -32.15
C ARG E 647 -33.07 16.03 -31.72
N ARG E 648 -34.15 15.41 -31.27
CA ARG E 648 -34.20 14.00 -30.88
C ARG E 648 -34.39 13.15 -32.13
N VAL E 649 -33.33 12.52 -32.59
CA VAL E 649 -33.36 11.59 -33.70
C VAL E 649 -32.79 10.27 -33.20
N LEU E 650 -33.39 9.15 -33.62
CA LEU E 650 -32.85 7.84 -33.31
C LEU E 650 -31.43 7.71 -33.85
N SER E 651 -30.49 7.47 -32.94
CA SER E 651 -29.04 7.43 -33.11
C SER E 651 -28.43 8.79 -33.44
N GLY E 652 -29.22 9.85 -33.63
CA GLY E 652 -28.66 11.17 -33.72
C GLY E 652 -29.43 12.22 -32.97
N GLU E 653 -28.84 12.78 -31.93
CA GLU E 653 -29.48 13.82 -31.13
C GLU E 653 -28.60 15.05 -31.28
N PHE E 654 -28.96 15.93 -32.20
CA PHE E 654 -27.95 16.87 -32.70
C PHE E 654 -28.46 18.31 -32.69
N GLN E 655 -27.72 19.22 -33.33
CA GLN E 655 -27.94 20.64 -33.17
C GLN E 655 -28.40 21.27 -34.48
N ILE E 656 -29.56 21.92 -34.43
CA ILE E 656 -30.08 22.70 -35.56
C ILE E 656 -30.30 24.13 -35.10
N VAL E 657 -29.74 25.08 -35.84
CA VAL E 657 -29.86 26.50 -35.53
C VAL E 657 -31.27 26.98 -35.85
N ASN E 658 -31.62 28.15 -35.34
CA ASN E 658 -32.91 28.77 -35.61
C ASN E 658 -32.99 29.13 -37.10
N PRO E 659 -33.96 28.59 -37.84
CA PRO E 659 -33.96 28.77 -39.31
C PRO E 659 -34.29 30.18 -39.78
N HIS E 660 -34.81 31.05 -38.92
CA HIS E 660 -34.93 32.45 -39.31
C HIS E 660 -33.58 33.15 -39.24
N LEU E 661 -32.81 32.85 -38.18
CA LEU E 661 -31.44 33.31 -38.08
C LEU E 661 -30.61 32.83 -39.26
N LEU E 662 -30.76 31.56 -39.62
CA LEU E 662 -30.06 31.00 -40.76
C LEU E 662 -30.57 31.60 -42.07
N LYS E 663 -31.86 31.94 -42.12
CA LYS E 663 -32.42 32.60 -43.30
C LYS E 663 -31.79 33.97 -43.50
N ASP E 664 -31.53 34.70 -42.41
CA ASP E 664 -30.81 35.96 -42.57
C ASP E 664 -29.33 35.75 -42.85
N LEU E 665 -28.72 34.69 -42.30
CA LEU E 665 -27.28 34.52 -42.48
C LEU E 665 -26.91 34.08 -43.88
N THR E 666 -27.76 33.28 -44.55
CA THR E 666 -27.45 32.92 -45.92
C THR E 666 -27.61 34.10 -46.87
N GLU E 667 -28.45 35.07 -46.52
CA GLU E 667 -28.60 36.26 -47.35
C GLU E 667 -27.51 37.28 -47.08
N ARG E 668 -27.13 37.46 -45.81
CA ARG E 668 -26.11 38.44 -45.46
C ARG E 668 -24.68 37.96 -45.70
N GLY E 669 -24.50 36.74 -46.20
CA GLY E 669 -23.21 36.25 -46.62
C GLY E 669 -22.32 35.72 -45.52
N LEU E 670 -22.54 36.11 -44.25
CA LEU E 670 -21.68 35.70 -43.16
C LEU E 670 -21.81 34.22 -42.82
N TRP E 671 -22.84 33.55 -43.32
CA TRP E 671 -22.95 32.11 -43.13
C TRP E 671 -21.88 31.41 -43.95
N HIS E 672 -21.26 30.41 -43.34
CA HIS E 672 -20.25 29.61 -44.00
C HIS E 672 -20.35 28.19 -43.46
N GLU E 673 -19.40 27.35 -43.84
CA GLU E 673 -19.50 25.92 -43.56
C GLU E 673 -19.06 25.53 -42.15
N GLU E 674 -18.68 26.49 -41.30
CA GLU E 674 -18.32 26.19 -39.92
C GLU E 674 -18.96 27.12 -38.91
N MET E 675 -19.94 27.92 -39.33
CA MET E 675 -20.59 28.88 -38.45
C MET E 675 -21.38 28.18 -37.35
N LYS E 676 -21.96 27.01 -37.66
CA LYS E 676 -22.58 26.15 -36.66
C LYS E 676 -21.58 25.81 -35.56
N ASN E 677 -20.38 25.38 -35.96
CA ASN E 677 -19.33 25.07 -35.00
C ASN E 677 -18.89 26.32 -34.25
N GLN E 678 -19.01 27.49 -34.87
CA GLN E 678 -18.70 28.72 -34.16
C GLN E 678 -19.76 29.04 -33.10
N ILE E 679 -21.00 28.54 -33.27
CA ILE E 679 -22.04 28.79 -32.27
C ILE E 679 -22.21 27.60 -31.31
N ILE E 680 -21.49 26.49 -31.54
CA ILE E 680 -21.49 25.38 -30.57
C ILE E 680 -20.93 25.82 -29.23
N ALA E 681 -19.76 26.45 -29.23
CA ALA E 681 -19.04 26.79 -28.01
C ALA E 681 -19.56 28.07 -27.33
N CYS E 682 -20.74 28.56 -27.70
CA CYS E 682 -21.33 29.71 -27.05
C CYS E 682 -22.77 29.47 -26.61
N ASN E 683 -23.37 28.33 -26.99
CA ASN E 683 -24.71 27.90 -26.59
C ASN E 683 -25.78 28.92 -26.98
N GLY E 684 -25.90 29.14 -28.29
CA GLY E 684 -26.88 30.04 -28.83
C GLY E 684 -26.48 31.50 -28.88
N SER E 685 -25.47 31.89 -28.11
CA SER E 685 -25.04 33.28 -28.05
C SER E 685 -24.29 33.63 -29.32
N ILE E 686 -25.01 34.19 -30.30
CA ILE E 686 -24.38 34.66 -31.52
C ILE E 686 -23.60 35.95 -31.33
N GLN E 687 -23.75 36.62 -30.20
CA GLN E 687 -23.16 37.93 -30.01
C GLN E 687 -21.69 37.88 -29.66
N SER E 688 -21.14 36.71 -29.34
CA SER E 688 -19.73 36.60 -29.01
C SER E 688 -18.85 36.41 -30.23
N ILE E 689 -19.43 36.21 -31.41
CA ILE E 689 -18.64 35.87 -32.59
C ILE E 689 -18.21 37.18 -33.23
N PRO E 690 -17.07 37.25 -33.92
CA PRO E 690 -16.69 38.50 -34.60
C PRO E 690 -17.35 38.73 -35.96
N GLU E 691 -18.06 37.76 -36.50
CA GLU E 691 -18.78 37.92 -37.76
C GLU E 691 -20.21 38.32 -37.42
N ILE E 692 -20.42 39.62 -37.26
CA ILE E 692 -21.62 40.18 -36.65
C ILE E 692 -22.04 41.46 -37.34
N PRO E 693 -23.29 41.57 -37.80
CA PRO E 693 -23.77 42.85 -38.32
C PRO E 693 -24.31 43.79 -37.24
N ASP E 694 -24.30 43.34 -35.97
CA ASP E 694 -24.76 44.08 -34.80
C ASP E 694 -26.23 44.48 -34.87
N ASP E 695 -27.00 43.82 -35.73
CA ASP E 695 -28.45 43.87 -35.70
C ASP E 695 -29.05 42.55 -35.30
N LEU E 696 -28.37 41.45 -35.64
CA LEU E 696 -28.77 40.13 -35.20
C LEU E 696 -28.61 39.96 -33.70
N LYS E 697 -27.72 40.75 -33.09
CA LYS E 697 -27.60 40.77 -31.63
C LYS E 697 -28.82 41.37 -30.96
N GLN E 698 -29.63 42.13 -31.68
CA GLN E 698 -30.89 42.66 -31.17
C GLN E 698 -32.09 41.84 -31.62
N LEU E 699 -32.08 41.35 -32.86
CA LEU E 699 -33.20 40.56 -33.37
C LEU E 699 -33.19 39.13 -32.85
N TYR E 700 -32.07 38.65 -32.31
CA TYR E 700 -31.91 37.24 -31.95
C TYR E 700 -31.29 37.11 -30.58
N LYS E 701 -31.84 37.84 -29.62
CA LYS E 701 -31.32 37.77 -28.26
C LYS E 701 -31.67 36.44 -27.61
N THR E 702 -30.66 35.76 -27.09
CA THR E 702 -30.88 34.59 -26.27
C THR E 702 -31.58 35.00 -24.99
N VAL E 703 -32.53 34.17 -24.52
CA VAL E 703 -33.30 34.52 -23.34
C VAL E 703 -32.45 34.53 -22.07
N TRP E 704 -31.33 33.79 -22.08
CA TRP E 704 -30.38 33.91 -20.99
C TRP E 704 -29.66 35.25 -21.02
N GLU E 705 -29.58 35.87 -22.20
CA GLU E 705 -28.98 37.18 -22.40
C GLU E 705 -30.01 38.30 -22.35
N ILE E 706 -31.22 38.01 -21.89
CA ILE E 706 -32.30 38.99 -21.79
C ILE E 706 -32.55 39.26 -20.32
N SER E 707 -32.58 40.54 -19.94
CA SER E 707 -32.92 40.90 -18.58
C SER E 707 -34.40 40.62 -18.32
N GLN E 708 -34.68 39.97 -17.20
CA GLN E 708 -36.00 39.39 -16.98
C GLN E 708 -37.05 40.45 -16.68
N LYS E 709 -36.63 41.59 -16.13
CA LYS E 709 -37.59 42.59 -15.69
C LYS E 709 -38.25 43.31 -16.86
N THR E 710 -37.59 43.35 -18.02
CA THR E 710 -38.25 43.89 -19.20
C THR E 710 -39.36 42.95 -19.67
N VAL E 711 -39.11 41.65 -19.59
CA VAL E 711 -40.13 40.64 -19.90
C VAL E 711 -41.27 40.73 -18.90
N LEU E 712 -40.95 41.04 -17.65
CA LEU E 712 -41.99 41.21 -16.63
C LEU E 712 -42.83 42.45 -16.88
N LYS E 713 -42.21 43.52 -17.39
CA LYS E 713 -42.99 44.69 -17.78
C LYS E 713 -43.89 44.38 -18.97
N MET E 714 -43.36 43.63 -19.93
CA MET E 714 -44.16 43.19 -21.07
C MET E 714 -45.30 42.29 -20.63
N ALA E 715 -45.08 41.50 -19.58
CA ALA E 715 -46.15 40.69 -19.01
C ALA E 715 -47.15 41.55 -18.25
N ALA E 716 -46.71 42.69 -17.72
CA ALA E 716 -47.66 43.58 -17.07
C ALA E 716 -48.58 44.24 -18.08
N GLU E 717 -48.04 44.59 -19.24
CA GLU E 717 -48.87 45.19 -20.28
C GLU E 717 -49.80 44.15 -20.90
N ARG E 718 -49.23 43.03 -21.34
CA ARG E 718 -50.02 42.03 -22.05
C ARG E 718 -51.03 41.38 -21.12
N GLY E 719 -50.61 41.01 -19.90
CA GLY E 719 -51.53 40.50 -18.91
C GLY E 719 -52.46 41.55 -18.37
N ALA E 720 -52.12 42.83 -18.53
CA ALA E 720 -53.10 43.88 -18.29
C ALA E 720 -54.18 43.89 -19.36
N PHE E 721 -53.94 43.30 -20.53
CA PHE E 721 -55.04 43.11 -21.46
C PHE E 721 -55.54 41.66 -21.55
N ILE E 722 -55.44 40.89 -20.47
CA ILE E 722 -55.92 39.50 -20.45
C ILE E 722 -56.82 39.31 -19.24
N ASP E 723 -58.01 38.73 -19.47
CA ASP E 723 -58.97 38.53 -18.40
C ASP E 723 -58.73 37.28 -17.57
N GLN E 724 -57.62 36.58 -17.79
CA GLN E 724 -57.17 35.51 -16.90
C GLN E 724 -55.68 35.64 -16.74
N SER E 725 -55.05 34.60 -16.22
CA SER E 725 -53.62 34.64 -15.98
C SER E 725 -52.88 34.22 -17.24
N GLN E 726 -51.57 34.02 -17.13
CA GLN E 726 -50.75 33.57 -18.24
C GLN E 726 -49.53 32.86 -17.70
N SER E 727 -49.02 31.90 -18.47
CA SER E 727 -47.82 31.19 -18.07
C SER E 727 -46.62 32.11 -18.13
N LEU E 728 -45.61 31.81 -17.32
CA LEU E 728 -44.43 32.68 -17.29
C LEU E 728 -43.22 31.81 -16.92
N ASN E 729 -42.54 31.30 -17.94
CA ASN E 729 -41.33 30.52 -17.72
C ASN E 729 -40.19 31.47 -17.40
N ILE E 730 -39.72 31.44 -16.15
CA ILE E 730 -38.61 32.29 -15.72
C ILE E 730 -37.29 31.58 -15.98
N HIS E 731 -36.42 32.22 -16.75
CA HIS E 731 -35.12 31.69 -17.11
C HIS E 731 -34.05 32.50 -16.40
N ILE E 732 -33.32 31.88 -15.46
CA ILE E 732 -32.23 32.53 -14.76
C ILE E 732 -31.06 31.55 -14.74
N ALA E 733 -29.88 32.01 -15.17
CA ALA E 733 -28.77 31.10 -15.43
C ALA E 733 -28.16 30.54 -14.14
N GLU E 734 -28.12 31.34 -13.09
CA GLU E 734 -27.47 30.88 -11.88
C GLU E 734 -28.37 31.15 -10.69
N PRO E 735 -28.29 30.31 -9.66
CA PRO E 735 -29.05 30.58 -8.42
C PRO E 735 -28.51 31.81 -7.70
N ASN E 736 -29.34 32.83 -7.61
CA ASN E 736 -29.01 34.02 -6.85
C ASN E 736 -30.28 34.60 -6.25
N TYR E 737 -30.23 34.90 -4.96
CA TYR E 737 -31.45 35.19 -4.21
C TYR E 737 -31.95 36.59 -4.48
N GLY E 738 -31.09 37.47 -4.96
CA GLY E 738 -31.50 38.85 -5.16
C GLY E 738 -32.37 39.02 -6.38
N LYS E 739 -31.99 38.36 -7.49
CA LYS E 739 -32.79 38.43 -8.69
C LYS E 739 -34.09 37.66 -8.53
N LEU E 740 -34.07 36.58 -7.74
CA LEU E 740 -35.30 35.85 -7.42
C LEU E 740 -36.23 36.69 -6.56
N THR E 741 -35.72 37.19 -5.44
CA THR E 741 -36.56 37.88 -4.46
C THR E 741 -37.07 39.19 -5.02
N SER E 742 -36.17 39.98 -5.61
CA SER E 742 -36.57 41.21 -6.30
C SER E 742 -37.42 40.94 -7.51
N MET E 743 -37.29 39.75 -8.10
CA MET E 743 -38.12 39.41 -9.25
C MET E 743 -39.56 39.13 -8.84
N HIS E 744 -39.75 38.36 -7.75
CA HIS E 744 -41.11 38.07 -7.30
C HIS E 744 -41.76 39.32 -6.72
N PHE E 745 -41.00 40.12 -5.97
CA PHE E 745 -41.54 41.37 -5.46
C PHE E 745 -41.83 42.34 -6.60
N TYR E 746 -41.01 42.32 -7.65
CA TYR E 746 -41.28 43.18 -8.79
C TYR E 746 -42.53 42.74 -9.52
N GLY E 747 -42.74 41.42 -9.61
CA GLY E 747 -43.96 40.93 -10.22
C GLY E 747 -45.19 41.26 -9.39
N TRP E 748 -45.05 41.29 -8.07
CA TRP E 748 -46.16 41.69 -7.23
C TRP E 748 -46.41 43.19 -7.34
N LYS E 749 -45.36 43.99 -7.58
CA LYS E 749 -45.54 45.42 -7.70
C LYS E 749 -46.13 45.82 -9.04
N GLN E 750 -45.79 45.09 -10.11
CA GLN E 750 -46.43 45.36 -11.40
C GLN E 750 -47.88 44.91 -11.40
N GLY E 751 -48.25 43.98 -10.53
CA GLY E 751 -49.61 43.54 -10.41
C GLY E 751 -49.94 42.20 -11.04
N LEU E 752 -48.93 41.39 -11.34
CA LEU E 752 -49.14 40.16 -12.12
C LEU E 752 -49.84 39.10 -11.31
N LYS E 753 -50.67 38.31 -12.01
CA LYS E 753 -51.43 37.23 -11.41
C LYS E 753 -50.62 35.94 -11.27
N THR E 754 -49.39 35.90 -11.77
CA THR E 754 -48.60 34.69 -11.72
C THR E 754 -47.14 35.07 -11.54
N GLY E 755 -46.57 34.73 -10.40
CA GLY E 755 -45.20 35.09 -10.13
C GLY E 755 -44.21 34.28 -10.93
N MET E 756 -44.51 33.01 -11.18
CA MET E 756 -43.56 32.11 -11.81
C MET E 756 -44.33 30.89 -12.29
N TYR E 757 -43.76 30.19 -13.25
CA TYR E 757 -44.29 28.90 -13.66
C TYR E 757 -43.18 27.86 -13.64
N TYR E 758 -41.94 28.29 -13.85
CA TYR E 758 -40.75 27.47 -13.62
C TYR E 758 -39.56 28.39 -13.39
N LEU E 759 -38.70 28.01 -12.45
CA LEU E 759 -37.37 28.58 -12.34
C LEU E 759 -36.41 27.65 -13.10
N ARG E 760 -36.02 28.06 -14.29
CA ARG E 760 -35.18 27.24 -15.15
C ARG E 760 -33.75 27.75 -15.10
N THR E 761 -32.81 26.85 -14.77
CA THR E 761 -31.40 27.16 -14.74
C THR E 761 -30.69 26.26 -15.74
N ARG E 762 -30.03 26.87 -16.74
CA ARG E 762 -29.27 26.03 -17.64
C ARG E 762 -27.99 25.55 -16.95
N PRO E 763 -27.59 24.29 -17.17
CA PRO E 763 -26.35 23.80 -16.58
C PRO E 763 -25.12 24.23 -17.39
N SER F 19 -35.16 24.79 45.00
CA SER F 19 -34.39 24.57 46.21
C SER F 19 -33.83 23.15 46.27
N HIS F 20 -34.31 22.38 47.23
CA HIS F 20 -33.82 21.03 47.45
C HIS F 20 -34.46 20.07 46.46
N MET F 21 -34.19 18.77 46.63
CA MET F 21 -34.87 17.75 45.83
C MET F 21 -36.28 17.59 46.35
N HIS F 22 -37.23 18.20 45.64
CA HIS F 22 -38.64 18.07 45.94
C HIS F 22 -39.29 17.22 44.85
N VAL F 23 -40.16 16.32 45.26
CA VAL F 23 -40.96 15.56 44.33
C VAL F 23 -42.36 16.15 44.32
N ILE F 24 -43.03 16.03 43.18
CA ILE F 24 -44.36 16.57 42.99
C ILE F 24 -45.34 15.47 43.38
N LYS F 25 -45.83 15.53 44.62
CA LYS F 25 -46.78 14.55 45.09
C LYS F 25 -48.12 14.74 44.39
N ARG F 26 -48.74 13.60 44.05
CA ARG F 26 -49.90 13.36 43.20
C ARG F 26 -51.07 14.32 43.41
N ASP F 27 -51.21 14.86 44.63
CA ASP F 27 -52.15 15.93 44.88
C ASP F 27 -51.78 17.20 44.11
N GLY F 28 -50.53 17.32 43.69
CA GLY F 28 -50.04 18.50 43.00
C GLY F 28 -49.04 19.28 43.80
N ARG F 29 -48.67 18.81 44.97
CA ARG F 29 -47.82 19.57 45.86
C ARG F 29 -46.38 19.09 45.70
N GLN F 30 -45.50 19.52 46.60
CA GLN F 30 -44.12 19.07 46.57
C GLN F 30 -43.65 18.75 47.98
N GLU F 31 -42.73 17.80 48.08
CA GLU F 31 -42.13 17.47 49.37
C GLU F 31 -40.66 17.14 49.19
N ARG F 32 -39.99 16.98 50.32
CA ARG F 32 -38.64 16.45 50.34
C ARG F 32 -38.66 14.95 50.00
N VAL F 33 -37.52 14.44 49.59
CA VAL F 33 -37.40 13.05 49.22
C VAL F 33 -37.18 12.24 50.50
N MET F 34 -38.23 11.56 50.93
CA MET F 34 -38.14 10.65 52.07
C MET F 34 -38.30 9.23 51.55
N PHE F 35 -37.24 8.44 51.68
CA PHE F 35 -37.14 7.18 50.95
C PHE F 35 -37.94 6.05 51.58
N ASP F 36 -38.22 6.11 52.89
CA ASP F 36 -39.00 5.03 53.49
C ASP F 36 -40.47 5.08 53.15
N LYS F 37 -40.93 6.08 52.38
CA LYS F 37 -42.28 6.00 51.85
C LYS F 37 -42.37 4.92 50.79
N ILE F 38 -41.28 4.68 50.05
CA ILE F 38 -41.26 3.65 49.02
C ILE F 38 -41.40 2.27 49.64
N THR F 39 -40.46 1.90 50.51
CA THR F 39 -40.51 0.61 51.18
C THR F 39 -41.70 0.54 52.15
N SER F 40 -42.17 1.69 52.62
CA SER F 40 -43.44 1.73 53.35
C SER F 40 -44.61 1.33 52.47
N ARG F 41 -44.54 1.59 51.16
CA ARG F 41 -45.66 1.25 50.30
C ARG F 41 -45.55 -0.15 49.69
N ILE F 42 -44.34 -0.56 49.30
CA ILE F 42 -44.16 -1.83 48.60
C ILE F 42 -44.50 -3.00 49.51
N GLN F 43 -43.98 -2.98 50.75
CA GLN F 43 -44.27 -4.03 51.71
C GLN F 43 -45.74 -4.05 52.10
N LYS F 44 -46.41 -2.89 52.01
CA LYS F 44 -47.87 -2.89 52.11
C LYS F 44 -48.49 -3.59 50.92
N LEU F 45 -47.87 -3.51 49.74
CA LEU F 45 -48.38 -4.20 48.55
C LEU F 45 -47.67 -5.53 48.30
N CYS F 46 -47.12 -6.17 49.33
CA CYS F 46 -46.51 -7.48 49.17
C CYS F 46 -47.21 -8.57 49.98
N TYR F 47 -48.43 -8.32 50.44
CA TYR F 47 -49.07 -9.29 51.32
C TYR F 47 -49.54 -10.52 50.54
N GLY F 48 -49.15 -11.68 51.03
CA GLY F 48 -49.50 -12.93 50.40
C GLY F 48 -48.48 -13.52 49.46
N LEU F 49 -47.21 -13.17 49.60
CA LEU F 49 -46.18 -13.68 48.71
C LEU F 49 -45.06 -14.33 49.51
N ASN F 50 -44.15 -14.99 48.79
CA ASN F 50 -43.01 -15.68 49.37
C ASN F 50 -41.99 -14.65 49.82
N MET F 51 -41.98 -14.33 51.12
CA MET F 51 -41.05 -13.34 51.66
C MET F 51 -39.61 -13.82 51.70
N ASP F 52 -39.32 -15.08 51.35
CA ASP F 52 -37.94 -15.54 51.25
C ASP F 52 -37.22 -14.93 50.07
N PHE F 53 -37.94 -14.48 49.06
CA PHE F 53 -37.32 -13.86 47.90
C PHE F 53 -37.95 -12.52 47.53
N VAL F 54 -39.10 -12.18 48.11
CA VAL F 54 -39.65 -10.84 47.92
C VAL F 54 -38.82 -9.85 48.72
N ASP F 55 -38.19 -8.91 48.01
CA ASP F 55 -37.21 -8.01 48.61
C ASP F 55 -37.51 -6.59 48.15
N PRO F 56 -38.08 -5.75 49.00
CA PRO F 56 -38.36 -4.36 48.61
C PRO F 56 -37.11 -3.51 48.43
N ALA F 57 -35.99 -3.89 49.03
CA ALA F 57 -34.81 -3.04 49.03
C ALA F 57 -34.14 -2.97 47.67
N GLN F 58 -34.15 -4.06 46.91
CA GLN F 58 -33.55 -4.04 45.58
C GLN F 58 -34.37 -3.17 44.63
N ILE F 59 -35.70 -3.30 44.72
CA ILE F 59 -36.61 -2.49 43.91
C ILE F 59 -36.45 -1.02 44.25
N THR F 60 -36.38 -0.71 45.54
CA THR F 60 -36.18 0.66 45.98
C THR F 60 -34.84 1.20 45.50
N MET F 61 -33.81 0.36 45.52
CA MET F 61 -32.47 0.78 45.09
C MET F 61 -32.44 1.12 43.61
N LYS F 62 -33.02 0.27 42.77
CA LYS F 62 -33.01 0.58 41.34
C LYS F 62 -33.98 1.70 40.99
N VAL F 63 -35.02 1.95 41.81
CA VAL F 63 -35.85 3.12 41.58
C VAL F 63 -35.07 4.40 41.90
N ILE F 64 -34.35 4.41 43.03
CA ILE F 64 -33.59 5.59 43.42
C ILE F 64 -32.39 5.81 42.50
N GLN F 65 -31.98 4.78 41.75
CA GLN F 65 -31.03 5.01 40.66
C GLN F 65 -31.59 5.94 39.59
N GLY F 66 -32.91 5.95 39.41
CA GLY F 66 -33.50 6.79 38.39
C GLY F 66 -34.11 8.11 38.84
N LEU F 67 -34.27 8.31 40.15
CA LEU F 67 -34.95 9.49 40.65
C LEU F 67 -34.10 10.75 40.46
N TYR F 68 -34.76 11.89 40.35
CA TYR F 68 -34.11 13.19 40.34
C TYR F 68 -35.07 14.21 40.95
N SER F 69 -34.74 15.49 40.82
CA SER F 69 -35.51 16.54 41.47
C SER F 69 -36.62 17.02 40.57
N GLY F 70 -37.81 17.21 41.13
CA GLY F 70 -38.96 17.58 40.34
C GLY F 70 -39.46 16.43 39.50
N VAL F 71 -39.87 15.34 40.15
CA VAL F 71 -40.41 14.17 39.49
C VAL F 71 -41.81 13.93 40.04
N THR F 72 -42.77 13.73 39.14
CA THR F 72 -44.11 13.34 39.55
C THR F 72 -44.07 11.90 40.06
N THR F 73 -44.77 11.65 41.18
CA THR F 73 -44.64 10.37 41.88
C THR F 73 -45.25 9.20 41.11
N VAL F 74 -46.12 9.47 40.14
CA VAL F 74 -46.66 8.38 39.34
C VAL F 74 -45.58 7.80 38.42
N GLU F 75 -44.55 8.59 38.10
CA GLU F 75 -43.39 8.02 37.43
C GLU F 75 -42.60 7.10 38.36
N LEU F 76 -42.65 7.38 39.66
CA LEU F 76 -41.96 6.50 40.59
C LEU F 76 -42.71 5.19 40.76
N ASP F 77 -44.04 5.23 40.73
CA ASP F 77 -44.76 3.95 40.76
C ASP F 77 -44.63 3.19 39.45
N THR F 78 -44.60 3.91 38.32
CA THR F 78 -44.42 3.26 37.03
C THR F 78 -43.06 2.60 36.93
N LEU F 79 -42.01 3.30 37.36
CA LEU F 79 -40.67 2.73 37.36
C LEU F 79 -40.52 1.65 38.43
N ALA F 80 -41.34 1.69 39.47
CA ALA F 80 -41.31 0.63 40.47
C ALA F 80 -41.88 -0.66 39.91
N ALA F 81 -43.03 -0.58 39.24
CA ALA F 81 -43.59 -1.77 38.60
C ALA F 81 -42.71 -2.27 37.47
N GLU F 82 -42.02 -1.35 36.79
CA GLU F 82 -41.10 -1.74 35.73
C GLU F 82 -39.90 -2.49 36.29
N THR F 83 -39.35 -2.01 37.40
CA THR F 83 -38.21 -2.67 38.02
C THR F 83 -38.60 -4.04 38.57
N ALA F 84 -39.80 -4.14 39.15
CA ALA F 84 -40.28 -5.45 39.61
C ALA F 84 -40.48 -6.40 38.44
N ALA F 85 -40.94 -5.87 37.30
CA ALA F 85 -41.08 -6.68 36.10
C ALA F 85 -39.74 -7.19 35.60
N THR F 86 -38.69 -6.37 35.70
CA THR F 86 -37.37 -6.85 35.31
C THR F 86 -36.78 -7.81 36.32
N LEU F 87 -37.16 -7.71 37.59
CA LEU F 87 -36.64 -8.61 38.61
C LEU F 87 -37.43 -9.90 38.73
N THR F 88 -38.52 -10.06 37.95
CA THR F 88 -39.36 -11.25 37.97
C THR F 88 -38.59 -12.55 37.68
N THR F 89 -37.44 -12.46 37.00
CA THR F 89 -36.63 -13.65 36.68
C THR F 89 -36.12 -14.34 37.95
N LYS F 90 -35.84 -13.58 39.00
CA LYS F 90 -35.29 -14.19 40.22
C LYS F 90 -36.34 -15.00 40.96
N HIS F 91 -37.58 -14.54 41.01
CA HIS F 91 -38.63 -15.33 41.62
C HIS F 91 -39.93 -14.96 40.95
N PRO F 92 -40.80 -15.94 40.66
CA PRO F 92 -42.03 -15.64 39.91
C PRO F 92 -43.06 -14.81 40.65
N ASP F 93 -42.88 -14.50 41.93
CA ASP F 93 -43.87 -13.68 42.62
C ASP F 93 -43.73 -12.19 42.31
N TYR F 94 -42.64 -11.77 41.67
CA TYR F 94 -42.52 -10.37 41.30
C TYR F 94 -43.42 -10.00 40.13
N ALA F 95 -43.94 -10.97 39.40
CA ALA F 95 -44.98 -10.67 38.42
C ALA F 95 -46.27 -10.29 39.13
N ILE F 96 -46.62 -11.03 40.18
CA ILE F 96 -47.79 -10.70 40.98
C ILE F 96 -47.58 -9.36 41.69
N LEU F 97 -46.34 -9.10 42.11
CA LEU F 97 -46.02 -7.82 42.72
C LEU F 97 -46.17 -6.67 41.73
N ALA F 98 -45.56 -6.80 40.54
CA ALA F 98 -45.61 -5.72 39.56
C ALA F 98 -47.01 -5.46 39.06
N ALA F 99 -47.82 -6.52 38.95
CA ALA F 99 -49.23 -6.34 38.65
C ALA F 99 -49.93 -5.57 39.75
N ARG F 100 -49.62 -5.87 41.02
CA ARG F 100 -50.25 -5.13 42.11
C ARG F 100 -49.78 -3.68 42.16
N ILE F 101 -48.56 -3.41 41.72
CA ILE F 101 -48.05 -2.04 41.73
C ILE F 101 -48.73 -1.21 40.66
N ALA F 102 -48.81 -1.74 39.43
CA ALA F 102 -49.40 -0.97 38.35
C ALA F 102 -50.92 -0.82 38.53
N VAL F 103 -51.59 -1.90 38.94
CA VAL F 103 -53.02 -1.85 39.12
C VAL F 103 -53.39 -1.01 40.33
N SER F 104 -52.57 -1.04 41.39
CA SER F 104 -52.82 -0.13 42.51
C SER F 104 -52.54 1.31 42.13
N ASN F 105 -51.58 1.54 41.24
CA ASN F 105 -51.31 2.88 40.74
C ASN F 105 -52.50 3.43 39.97
N LEU F 106 -53.15 2.59 39.19
CA LEU F 106 -54.32 3.08 38.47
C LEU F 106 -55.52 3.24 39.39
N HIS F 107 -55.73 2.30 40.31
CA HIS F 107 -56.91 2.37 41.17
C HIS F 107 -56.82 3.43 42.24
N LYS F 108 -55.62 3.91 42.55
CA LYS F 108 -55.55 5.12 43.36
C LYS F 108 -55.89 6.36 42.55
N GLU F 109 -55.75 6.29 41.22
CA GLU F 109 -55.83 7.51 40.43
C GLU F 109 -57.27 7.90 40.11
N THR F 110 -57.98 7.07 39.35
CA THR F 110 -59.25 7.48 38.80
C THR F 110 -60.40 7.19 39.76
N LYS F 111 -61.61 7.44 39.29
CA LYS F 111 -62.76 7.48 40.19
C LYS F 111 -63.25 6.09 40.54
N LYS F 112 -63.93 6.00 41.68
CA LYS F 112 -64.45 4.73 42.17
C LYS F 112 -65.79 4.39 41.52
N VAL F 113 -66.63 5.39 41.28
CA VAL F 113 -67.98 5.16 40.79
C VAL F 113 -67.98 5.19 39.26
N PHE F 114 -68.64 4.19 38.67
CA PHE F 114 -68.73 4.07 37.21
C PHE F 114 -69.57 5.19 36.60
N SER F 115 -70.62 5.60 37.31
CA SER F 115 -71.60 6.52 36.75
C SER F 115 -71.02 7.91 36.54
N ASP F 116 -70.18 8.36 37.47
CA ASP F 116 -69.61 9.70 37.32
C ASP F 116 -68.50 9.71 36.28
N VAL F 117 -67.86 8.57 36.05
CA VAL F 117 -66.93 8.42 34.94
C VAL F 117 -67.68 8.53 33.62
N MET F 118 -68.85 7.90 33.53
CA MET F 118 -69.63 7.99 32.30
C MET F 118 -70.15 9.41 32.08
N GLU F 119 -70.53 10.11 33.15
CA GLU F 119 -70.94 11.50 32.99
C GLU F 119 -69.76 12.40 32.62
N ASP F 120 -68.56 12.05 33.07
CA ASP F 120 -67.38 12.80 32.65
C ASP F 120 -67.06 12.57 31.19
N LEU F 121 -67.27 11.33 30.71
CA LEU F 121 -66.99 11.05 29.30
C LEU F 121 -68.02 11.68 28.38
N TYR F 122 -69.30 11.63 28.75
CA TYR F 122 -70.30 12.26 27.90
C TYR F 122 -70.23 13.77 27.98
N ASN F 123 -69.84 14.32 29.13
CA ASN F 123 -69.71 15.75 29.30
C ASN F 123 -68.32 16.25 28.93
N TYR F 124 -67.61 15.52 28.06
CA TYR F 124 -66.32 15.96 27.58
C TYR F 124 -66.46 17.17 26.68
N ILE F 125 -65.47 18.04 26.74
CA ILE F 125 -65.38 19.22 25.89
C ILE F 125 -63.98 19.29 25.32
N ASN F 126 -63.86 19.44 24.00
CA ASN F 126 -62.59 19.59 23.31
C ASN F 126 -61.86 20.80 23.85
N PRO F 127 -60.67 20.65 24.45
CA PRO F 127 -60.06 21.76 25.20
C PRO F 127 -59.50 22.90 24.37
N HIS F 128 -59.69 22.91 23.04
CA HIS F 128 -59.46 24.15 22.31
C HIS F 128 -60.49 24.35 21.19
N ASN F 129 -61.64 23.69 21.26
CA ASN F 129 -62.72 23.97 20.32
C ASN F 129 -64.09 24.07 20.96
N GLY F 130 -64.24 23.76 22.24
CA GLY F 130 -65.48 23.99 22.94
C GLY F 130 -66.62 23.06 22.61
N LYS F 131 -66.39 22.06 21.78
CA LYS F 131 -67.46 21.21 21.29
C LYS F 131 -67.76 20.11 22.28
N HIS F 132 -69.05 19.90 22.57
CA HIS F 132 -69.51 18.81 23.41
C HIS F 132 -69.36 17.52 22.60
N SER F 133 -68.13 17.01 22.59
CA SER F 133 -67.70 15.90 21.75
C SER F 133 -67.59 14.66 22.63
N PRO F 134 -68.63 13.86 22.74
CA PRO F 134 -68.66 12.83 23.79
C PRO F 134 -67.82 11.63 23.44
N MET F 135 -67.50 10.87 24.47
CA MET F 135 -66.87 9.58 24.31
C MET F 135 -67.89 8.45 24.25
N VAL F 136 -69.10 8.68 24.74
CA VAL F 136 -70.17 7.69 24.72
C VAL F 136 -71.44 8.34 24.20
N ALA F 137 -72.32 7.52 23.64
CA ALA F 137 -73.58 8.02 23.14
C ALA F 137 -74.54 8.33 24.29
N LYS F 138 -75.55 9.14 23.99
CA LYS F 138 -76.46 9.57 25.05
C LYS F 138 -77.38 8.46 25.51
N SER F 139 -77.66 7.48 24.63
CA SER F 139 -78.49 6.35 25.06
C SER F 139 -77.75 5.45 26.02
N THR F 140 -76.43 5.35 25.87
CA THR F 140 -75.62 4.60 26.82
C THR F 140 -75.67 5.24 28.19
N LEU F 141 -75.53 6.57 28.23
CA LEU F 141 -75.64 7.31 29.48
C LEU F 141 -77.05 7.24 30.05
N ASP F 142 -78.06 7.12 29.19
CA ASP F 142 -79.43 6.94 29.65
C ASP F 142 -79.60 5.59 30.34
N ILE F 143 -79.02 4.54 29.76
CA ILE F 143 -79.10 3.21 30.35
C ILE F 143 -78.33 3.17 31.67
N VAL F 144 -77.20 3.85 31.74
CA VAL F 144 -76.41 3.88 32.96
C VAL F 144 -77.14 4.65 34.05
N LEU F 145 -77.56 5.89 33.76
CA LEU F 145 -78.20 6.72 34.78
C LEU F 145 -79.57 6.22 35.17
N ALA F 146 -80.24 5.45 34.32
CA ALA F 146 -81.48 4.83 34.76
C ALA F 146 -81.25 3.60 35.61
N ASN F 147 -80.03 3.06 35.62
CA ASN F 147 -79.79 1.77 36.26
C ASN F 147 -78.49 1.75 37.03
N LYS F 148 -78.04 2.91 37.54
CA LYS F 148 -76.72 2.97 38.18
C LYS F 148 -76.70 2.33 39.54
N ASP F 149 -77.85 2.10 40.15
CA ASP F 149 -77.89 1.66 41.54
C ASP F 149 -77.60 0.17 41.64
N ARG F 150 -78.21 -0.64 40.78
CA ARG F 150 -77.88 -2.06 40.73
C ARG F 150 -76.52 -2.28 40.10
N LEU F 151 -76.20 -1.48 39.08
CA LEU F 151 -75.02 -1.75 38.27
C LEU F 151 -73.74 -1.29 38.94
N ASN F 152 -73.78 -0.20 39.72
CA ASN F 152 -72.63 0.13 40.54
C ASN F 152 -72.43 -0.87 41.67
N SER F 153 -73.48 -1.56 42.09
CA SER F 153 -73.33 -2.62 43.06
C SER F 153 -72.81 -3.91 42.43
N ALA F 154 -72.98 -4.08 41.11
CA ALA F 154 -72.59 -5.34 40.49
C ALA F 154 -71.09 -5.45 40.25
N ILE F 155 -70.39 -4.31 40.14
CA ILE F 155 -68.99 -4.32 39.75
C ILE F 155 -68.13 -4.82 40.91
N ILE F 156 -67.15 -5.65 40.59
CA ILE F 156 -66.22 -6.19 41.59
C ILE F 156 -64.80 -5.78 41.19
N TYR F 157 -64.19 -4.90 41.98
CA TYR F 157 -62.84 -4.43 41.71
C TYR F 157 -61.76 -5.36 42.23
N ASP F 158 -62.13 -6.51 42.80
CA ASP F 158 -61.16 -7.49 43.24
C ASP F 158 -60.54 -8.25 42.07
N ARG F 159 -61.10 -8.13 40.88
CA ARG F 159 -60.68 -8.90 39.73
C ARG F 159 -59.63 -8.20 38.89
N ASP F 160 -59.35 -6.92 39.16
CA ASP F 160 -58.36 -6.19 38.39
C ASP F 160 -56.94 -6.56 38.75
N PHE F 161 -56.71 -7.15 39.91
CA PHE F 161 -55.38 -7.62 40.29
C PHE F 161 -55.09 -9.01 39.76
N SER F 162 -55.83 -9.47 38.76
CA SER F 162 -55.68 -10.80 38.20
C SER F 162 -55.04 -10.81 36.82
N TYR F 163 -54.79 -9.65 36.24
CA TYR F 163 -54.12 -9.61 34.95
C TYR F 163 -52.62 -9.79 35.12
N ASN F 164 -51.96 -10.20 34.05
CA ASN F 164 -50.51 -10.10 34.02
C ASN F 164 -50.10 -8.65 33.87
N TYR F 165 -48.81 -8.40 34.14
CA TYR F 165 -48.29 -7.04 34.03
C TYR F 165 -48.26 -6.58 32.59
N PHE F 166 -47.71 -7.40 31.70
CA PHE F 166 -47.58 -6.99 30.30
C PHE F 166 -48.92 -6.95 29.61
N GLY F 167 -49.83 -7.83 30.01
CA GLY F 167 -51.20 -7.72 29.54
C GLY F 167 -51.90 -6.48 30.04
N PHE F 168 -51.54 -6.02 31.23
CA PHE F 168 -52.13 -4.79 31.71
C PHE F 168 -51.55 -3.56 31.03
N LYS F 169 -50.26 -3.59 30.70
CA LYS F 169 -49.70 -2.44 30.00
C LYS F 169 -50.18 -2.38 28.56
N THR F 170 -50.35 -3.55 27.94
CA THR F 170 -50.93 -3.58 26.60
C THR F 170 -52.39 -3.16 26.63
N LEU F 171 -53.11 -3.54 27.68
CA LEU F 171 -54.49 -3.11 27.84
C LEU F 171 -54.58 -1.62 28.11
N GLU F 172 -53.56 -1.05 28.74
CA GLU F 172 -53.63 0.35 29.15
C GLU F 172 -53.19 1.28 28.03
N ARG F 173 -52.21 0.89 27.23
CA ARG F 173 -51.63 1.84 26.28
C ARG F 173 -52.57 2.18 25.14
N SER F 174 -53.56 1.32 24.85
CA SER F 174 -54.34 1.52 23.64
C SER F 174 -55.84 1.34 23.84
N TYR F 175 -56.27 0.61 24.86
CA TYR F 175 -57.67 0.23 24.91
C TYR F 175 -58.51 1.07 25.85
N LEU F 176 -57.95 1.55 26.96
CA LEU F 176 -58.72 2.36 27.88
C LEU F 176 -58.92 3.75 27.31
N LEU F 177 -60.14 4.28 27.46
CA LEU F 177 -60.49 5.54 26.84
C LEU F 177 -59.84 6.69 27.60
N LYS F 178 -59.01 7.45 26.91
CA LYS F 178 -58.19 8.48 27.52
C LYS F 178 -58.87 9.83 27.45
N ILE F 179 -58.52 10.71 28.39
CA ILE F 179 -58.97 12.09 28.36
C ILE F 179 -57.73 12.98 28.39
N ASN F 180 -57.43 13.61 27.26
CA ASN F 180 -56.30 14.53 27.08
C ASN F 180 -54.97 13.90 27.41
N GLY F 181 -54.82 12.60 27.14
CA GLY F 181 -53.60 11.89 27.40
C GLY F 181 -53.56 11.18 28.73
N LYS F 182 -54.47 11.48 29.65
CA LYS F 182 -54.52 10.82 30.94
C LYS F 182 -55.63 9.78 30.91
N VAL F 183 -55.29 8.55 31.26
CA VAL F 183 -56.25 7.46 31.22
C VAL F 183 -57.26 7.63 32.33
N ALA F 184 -58.54 7.62 31.98
CA ALA F 184 -59.60 7.87 32.95
C ALA F 184 -60.59 6.72 33.02
N GLU F 185 -60.13 5.49 32.83
CA GLU F 185 -60.98 4.33 32.99
C GLU F 185 -60.25 3.22 33.71
N ARG F 186 -60.85 2.71 34.77
CA ARG F 186 -60.44 1.46 35.34
C ARG F 186 -60.82 0.32 34.39
N PRO F 187 -60.17 -0.84 34.50
CA PRO F 187 -60.54 -1.95 33.59
C PRO F 187 -61.96 -2.46 33.77
N GLN F 188 -62.46 -2.55 35.00
CA GLN F 188 -63.86 -2.92 35.18
C GLN F 188 -64.82 -1.86 34.67
N HIS F 189 -64.37 -0.60 34.59
CA HIS F 189 -65.17 0.41 33.93
C HIS F 189 -65.25 0.13 32.44
N MET F 190 -64.19 -0.43 31.85
CA MET F 190 -64.25 -0.73 30.43
C MET F 190 -65.11 -1.95 30.17
N LEU F 191 -64.98 -2.99 30.99
CA LEU F 191 -65.74 -4.21 30.73
C LEU F 191 -67.22 -4.03 31.05
N MET F 192 -67.52 -3.27 32.10
CA MET F 192 -68.91 -2.93 32.34
C MET F 192 -69.45 -1.96 31.29
N ARG F 193 -68.59 -1.08 30.75
CA ARG F 193 -68.98 -0.25 29.62
C ARG F 193 -69.30 -1.08 28.39
N VAL F 194 -68.60 -2.19 28.19
CA VAL F 194 -68.91 -3.08 27.08
C VAL F 194 -70.26 -3.77 27.30
N SER F 195 -70.50 -4.25 28.53
CA SER F 195 -71.76 -4.96 28.78
C SER F 195 -72.97 -4.04 28.70
N VAL F 196 -72.82 -2.76 29.06
CA VAL F 196 -73.89 -1.81 28.80
C VAL F 196 -73.98 -1.51 27.31
N GLY F 197 -72.84 -1.49 26.62
CA GLY F 197 -72.81 -1.19 25.20
C GLY F 197 -73.42 -2.27 24.33
N ILE F 198 -73.53 -3.50 24.83
CA ILE F 198 -74.19 -4.55 24.08
C ILE F 198 -75.58 -4.80 24.63
N HIS F 199 -75.67 -5.18 25.90
CA HIS F 199 -76.98 -5.48 26.48
C HIS F 199 -77.63 -4.17 26.89
N LYS F 200 -78.45 -3.62 26.00
CA LYS F 200 -78.93 -2.26 26.18
C LYS F 200 -80.05 -2.18 27.21
N GLU F 201 -81.18 -2.83 26.93
CA GLU F 201 -82.33 -2.69 27.82
C GLU F 201 -82.20 -3.61 29.03
N ASP F 202 -81.70 -4.82 28.84
CA ASP F 202 -81.69 -5.80 29.91
C ASP F 202 -80.46 -5.61 30.79
N ILE F 203 -80.63 -5.88 32.08
CA ILE F 203 -79.56 -5.76 33.05
C ILE F 203 -79.06 -7.11 33.54
N ASP F 204 -79.94 -8.12 33.64
CA ASP F 204 -79.53 -9.46 34.06
C ASP F 204 -78.55 -10.07 33.08
N ALA F 205 -78.74 -9.81 31.79
CA ALA F 205 -77.75 -10.22 30.80
C ALA F 205 -76.48 -9.39 30.90
N ALA F 206 -76.57 -8.17 31.40
CA ALA F 206 -75.37 -7.36 31.57
C ALA F 206 -74.58 -7.77 32.80
N ILE F 207 -75.21 -8.39 33.78
CA ILE F 207 -74.53 -8.83 34.98
C ILE F 207 -74.02 -10.26 34.84
N GLU F 208 -74.78 -11.12 34.17
CA GLU F 208 -74.25 -12.44 33.80
C GLU F 208 -73.14 -12.29 32.76
N THR F 209 -73.33 -11.37 31.81
CA THR F 209 -72.30 -11.10 30.81
C THR F 209 -71.10 -10.42 31.43
N TYR F 210 -71.33 -9.55 32.41
CA TYR F 210 -70.21 -8.90 33.08
C TYR F 210 -69.42 -9.87 33.93
N ASN F 211 -70.11 -10.71 34.70
CA ASN F 211 -69.39 -11.58 35.61
C ASN F 211 -68.72 -12.71 34.86
N LEU F 212 -69.39 -13.25 33.84
CA LEU F 212 -68.78 -14.23 32.97
C LEU F 212 -67.68 -13.61 32.12
N LEU F 213 -67.72 -12.31 31.90
CA LEU F 213 -66.71 -11.62 31.12
C LEU F 213 -65.48 -11.30 31.97
N SER F 214 -65.68 -10.63 33.09
CA SER F 214 -64.61 -10.20 33.97
C SER F 214 -64.01 -11.34 34.78
N GLU F 215 -64.67 -12.50 34.82
CA GLU F 215 -64.00 -13.71 35.29
C GLU F 215 -63.19 -14.38 34.19
N ARG F 216 -62.92 -13.67 33.09
CA ARG F 216 -61.92 -14.01 32.08
C ARG F 216 -62.25 -15.31 31.35
N TRP F 217 -63.53 -15.65 31.25
CA TRP F 217 -63.92 -16.86 30.53
C TRP F 217 -63.80 -16.65 29.02
N PHE F 218 -64.57 -15.71 28.49
CA PHE F 218 -64.46 -15.31 27.10
C PHE F 218 -64.23 -13.81 27.04
N THR F 219 -63.72 -13.35 25.90
CA THR F 219 -63.56 -11.93 25.64
C THR F 219 -63.95 -11.64 24.20
N HIS F 220 -64.49 -10.45 23.98
CA HIS F 220 -64.86 -10.05 22.63
C HIS F 220 -63.63 -9.64 21.82
N ALA F 221 -63.85 -9.28 20.57
CA ALA F 221 -62.78 -8.85 19.70
C ALA F 221 -62.41 -7.41 20.00
N SER F 222 -61.36 -6.95 19.34
CA SER F 222 -60.80 -5.63 19.66
C SER F 222 -61.61 -4.43 19.17
N PRO F 223 -62.29 -4.42 18.01
CA PRO F 223 -63.20 -3.30 17.75
C PRO F 223 -64.40 -3.26 18.66
N THR F 224 -64.80 -4.39 19.25
CA THR F 224 -65.82 -4.35 20.28
C THR F 224 -65.31 -3.64 21.53
N LEU F 225 -64.06 -3.90 21.90
CA LEU F 225 -63.46 -3.18 23.02
C LEU F 225 -63.20 -1.72 22.67
N PHE F 226 -63.06 -1.40 21.39
CA PHE F 226 -62.91 0.00 21.00
C PHE F 226 -64.21 0.76 21.14
N ASN F 227 -65.27 0.25 20.51
CA ASN F 227 -66.43 1.10 20.25
C ASN F 227 -67.70 0.49 20.80
N ALA F 228 -67.65 -0.01 22.03
CA ALA F 228 -68.86 -0.48 22.67
C ALA F 228 -69.55 0.69 23.35
N GLY F 229 -70.75 1.02 22.89
CA GLY F 229 -71.50 2.10 23.50
C GLY F 229 -70.98 3.49 23.22
N THR F 230 -69.97 3.63 22.39
CA THR F 230 -69.41 4.95 22.07
C THR F 230 -70.30 5.64 21.06
N ASN F 231 -69.82 6.75 20.50
CA ASN F 231 -70.70 7.55 19.66
C ASN F 231 -70.83 6.95 18.26
N ARG F 232 -69.79 6.28 17.76
CA ARG F 232 -69.85 5.56 16.49
C ARG F 232 -69.70 4.09 16.77
N PRO F 233 -70.78 3.38 17.09
CA PRO F 233 -70.63 1.96 17.43
C PRO F 233 -70.38 1.10 16.21
N GLN F 234 -69.13 0.71 16.02
CA GLN F 234 -68.77 -0.16 14.91
C GLN F 234 -68.09 -1.36 15.55
N LEU F 235 -68.90 -2.32 15.98
CA LEU F 235 -68.40 -3.41 16.78
C LEU F 235 -67.80 -4.52 15.94
N SER F 236 -67.88 -4.43 14.62
CA SER F 236 -67.49 -5.55 13.77
C SER F 236 -66.00 -5.53 13.47
N SER F 237 -65.47 -6.70 13.16
CA SER F 237 -64.05 -6.81 12.88
C SER F 237 -63.72 -7.60 11.64
N CYS F 238 -64.70 -8.07 10.88
CA CYS F 238 -64.41 -8.84 9.67
C CYS F 238 -65.14 -8.24 8.49
N PHE F 239 -64.40 -7.87 7.45
CA PHE F 239 -64.95 -7.25 6.26
C PHE F 239 -64.35 -7.87 5.00
N LEU F 240 -65.22 -8.35 4.13
CA LEU F 240 -64.86 -8.99 2.88
C LEU F 240 -65.50 -8.22 1.75
N LEU F 241 -64.67 -7.66 0.87
CA LEU F 241 -65.10 -6.81 -0.22
C LEU F 241 -64.58 -7.35 -1.54
N SER F 242 -65.42 -7.32 -2.56
CA SER F 242 -65.03 -7.61 -3.93
C SER F 242 -65.27 -6.37 -4.79
N MET F 243 -64.71 -6.39 -5.98
CA MET F 243 -64.80 -5.23 -6.86
C MET F 243 -66.20 -5.06 -7.40
N LYS F 244 -66.67 -3.82 -7.42
CA LYS F 244 -67.97 -3.54 -8.03
C LYS F 244 -67.94 -3.74 -9.53
N ASP F 245 -66.83 -3.38 -10.17
CA ASP F 245 -66.76 -3.32 -11.62
C ASP F 245 -65.30 -3.35 -12.03
N ASP F 246 -65.06 -3.78 -13.25
CA ASP F 246 -63.73 -3.67 -13.86
C ASP F 246 -63.63 -2.36 -14.64
N SER F 247 -63.95 -1.26 -13.99
CA SER F 247 -63.85 0.07 -14.57
C SER F 247 -63.18 0.97 -13.55
N ILE F 248 -62.94 2.22 -13.95
CA ILE F 248 -62.40 3.19 -13.00
C ILE F 248 -63.41 3.49 -11.91
N GLU F 249 -64.70 3.51 -12.26
CA GLU F 249 -65.73 3.77 -11.27
C GLU F 249 -65.82 2.67 -10.24
N GLY F 250 -65.65 1.41 -10.68
CA GLY F 250 -65.67 0.31 -9.73
C GLY F 250 -64.44 0.27 -8.86
N ILE F 251 -63.27 0.58 -9.43
CA ILE F 251 -62.03 0.53 -8.69
C ILE F 251 -61.99 1.62 -7.63
N TYR F 252 -62.38 2.83 -8.01
CA TYR F 252 -62.31 3.90 -7.03
C TYR F 252 -63.50 3.94 -6.10
N ASP F 253 -64.64 3.35 -6.47
CA ASP F 253 -65.70 3.20 -5.48
C ASP F 253 -65.36 2.13 -4.46
N THR F 254 -64.68 1.07 -4.90
CA THR F 254 -64.20 0.08 -3.95
C THR F 254 -63.11 0.65 -3.06
N LEU F 255 -62.27 1.53 -3.62
CA LEU F 255 -61.30 2.26 -2.82
C LEU F 255 -61.96 3.15 -1.79
N LYS F 256 -63.08 3.77 -2.15
CA LYS F 256 -63.83 4.56 -1.18
C LYS F 256 -64.38 3.71 -0.05
N GLN F 257 -64.95 2.55 -0.38
CA GLN F 257 -65.50 1.69 0.67
C GLN F 257 -64.42 1.15 1.59
N CYS F 258 -63.26 0.81 1.02
CA CYS F 258 -62.14 0.37 1.86
C CYS F 258 -61.61 1.51 2.71
N ALA F 259 -61.75 2.75 2.25
CA ALA F 259 -61.33 3.88 3.06
C ALA F 259 -62.24 4.08 4.26
N LEU F 260 -63.55 4.02 4.05
CA LEU F 260 -64.48 4.22 5.17
C LEU F 260 -64.44 3.07 6.16
N ILE F 261 -64.34 1.84 5.66
CA ILE F 261 -64.31 0.69 6.55
C ILE F 261 -63.00 0.66 7.33
N SER F 262 -61.89 1.00 6.67
CA SER F 262 -60.64 1.11 7.42
C SER F 262 -60.61 2.33 8.33
N LYS F 263 -61.49 3.31 8.12
CA LYS F 263 -61.65 4.35 9.14
C LYS F 263 -62.30 3.80 10.38
N SER F 264 -63.38 3.03 10.23
CA SER F 264 -64.12 2.64 11.42
C SER F 264 -63.61 1.36 12.05
N ALA F 265 -62.31 1.08 11.90
CA ALA F 265 -61.56 0.01 12.57
C ALA F 265 -62.13 -1.37 12.23
N GLY F 266 -61.95 -1.74 10.96
CA GLY F 266 -62.25 -3.07 10.48
C GLY F 266 -61.05 -3.70 9.79
N GLY F 267 -61.24 -4.95 9.40
CA GLY F 267 -60.22 -5.66 8.66
C GLY F 267 -60.74 -6.04 7.29
N ILE F 268 -60.00 -5.72 6.23
CA ILE F 268 -60.54 -5.71 4.89
C ILE F 268 -59.79 -6.70 4.03
N GLY F 269 -60.51 -7.68 3.49
CA GLY F 269 -59.97 -8.58 2.48
C GLY F 269 -60.67 -8.39 1.16
N VAL F 270 -59.92 -8.21 0.09
CA VAL F 270 -60.46 -7.75 -1.19
C VAL F 270 -60.22 -8.82 -2.24
N ALA F 271 -61.26 -9.17 -2.98
CA ALA F 271 -61.14 -10.09 -4.11
C ALA F 271 -60.80 -9.30 -5.37
N VAL F 272 -59.57 -9.44 -5.86
CA VAL F 272 -59.15 -8.58 -6.97
C VAL F 272 -58.97 -9.49 -8.18
N SER F 273 -59.86 -10.47 -8.30
CA SER F 273 -59.74 -11.41 -9.40
C SER F 273 -60.15 -10.79 -10.74
N CYS F 274 -61.14 -9.90 -10.72
CA CYS F 274 -61.85 -9.53 -11.95
C CYS F 274 -61.35 -8.23 -12.56
N ILE F 275 -60.05 -7.96 -12.49
CA ILE F 275 -59.45 -6.80 -13.14
C ILE F 275 -58.63 -7.30 -14.32
N ARG F 276 -58.80 -6.66 -15.47
CA ARG F 276 -58.11 -7.10 -16.68
C ARG F 276 -56.62 -6.84 -16.57
N ALA F 277 -55.85 -7.64 -17.31
CA ALA F 277 -54.42 -7.74 -17.08
C ALA F 277 -53.68 -6.74 -17.96
N THR F 278 -52.35 -6.87 -17.99
CA THR F 278 -51.52 -5.95 -18.73
C THR F 278 -51.64 -6.18 -20.23
N GLY F 279 -51.97 -5.14 -20.97
CA GLY F 279 -51.97 -5.19 -22.41
C GLY F 279 -53.32 -5.37 -23.06
N SER F 280 -54.36 -5.64 -22.29
CA SER F 280 -55.69 -5.81 -22.86
C SER F 280 -56.22 -4.48 -23.39
N TYR F 281 -57.02 -4.57 -24.43
CA TYR F 281 -57.50 -3.37 -25.11
C TYR F 281 -58.58 -2.70 -24.28
N ILE F 282 -58.58 -1.38 -24.30
CA ILE F 282 -59.54 -0.57 -23.57
C ILE F 282 -60.40 0.15 -24.59
N ALA F 283 -61.69 -0.21 -24.63
CA ALA F 283 -62.57 0.28 -25.68
C ALA F 283 -62.94 1.75 -25.52
N GLY F 284 -62.71 2.33 -24.36
CA GLY F 284 -63.08 3.71 -24.15
C GLY F 284 -62.07 4.70 -24.72
N THR F 285 -60.79 4.49 -24.42
CA THR F 285 -59.75 5.45 -24.78
C THR F 285 -58.70 4.85 -25.70
N ASN F 286 -58.98 3.70 -26.30
CA ASN F 286 -58.19 3.07 -27.37
C ASN F 286 -56.77 2.73 -26.94
N GLY F 287 -56.53 2.57 -25.63
CA GLY F 287 -55.23 2.24 -25.13
C GLY F 287 -55.17 0.83 -24.57
N ASN F 288 -54.12 0.57 -23.81
CA ASN F 288 -53.93 -0.73 -23.19
C ASN F 288 -53.68 -0.54 -21.71
N SER F 289 -54.20 -1.45 -20.90
CA SER F 289 -54.07 -1.36 -19.46
C SER F 289 -52.64 -1.68 -19.03
N ASN F 290 -52.26 -1.13 -17.89
CA ASN F 290 -50.97 -1.44 -17.29
C ASN F 290 -51.04 -2.58 -16.29
N GLY F 291 -52.22 -3.12 -16.05
CA GLY F 291 -52.35 -4.30 -15.23
C GLY F 291 -52.78 -4.04 -13.81
N LEU F 292 -52.20 -4.78 -12.87
CA LEU F 292 -52.57 -4.70 -11.47
C LEU F 292 -51.55 -3.97 -10.61
N VAL F 293 -50.31 -3.85 -11.06
CA VAL F 293 -49.22 -3.38 -10.21
C VAL F 293 -49.38 -1.91 -9.78
N PRO F 294 -49.70 -0.94 -10.64
CA PRO F 294 -49.92 0.40 -10.08
C PRO F 294 -51.21 0.52 -9.30
N MET F 295 -52.22 -0.30 -9.61
CA MET F 295 -53.46 -0.30 -8.86
C MET F 295 -53.25 -0.76 -7.42
N LEU F 296 -52.56 -1.88 -7.26
CA LEU F 296 -52.20 -2.33 -5.92
C LEU F 296 -51.18 -1.41 -5.26
N ARG F 297 -50.47 -0.59 -6.04
CA ARG F 297 -49.64 0.44 -5.42
C ARG F 297 -50.51 1.57 -4.85
N VAL F 298 -51.63 1.87 -5.51
CA VAL F 298 -52.59 2.84 -4.96
C VAL F 298 -53.20 2.31 -3.67
N TYR F 299 -53.53 1.02 -3.66
CA TYR F 299 -53.98 0.41 -2.41
C TYR F 299 -52.88 0.34 -1.37
N ASN F 300 -51.61 0.36 -1.78
CA ASN F 300 -50.54 0.42 -0.80
C ASN F 300 -50.54 1.76 -0.07
N ASN F 301 -50.61 2.87 -0.82
CA ASN F 301 -50.65 4.15 -0.11
C ASN F 301 -51.93 4.36 0.66
N THR F 302 -53.05 3.77 0.21
CA THR F 302 -54.26 3.88 1.01
C THR F 302 -54.12 3.08 2.30
N ALA F 303 -53.43 1.95 2.26
CA ALA F 303 -53.18 1.20 3.47
C ALA F 303 -52.24 1.95 4.41
N ARG F 304 -51.37 2.80 3.87
CA ARG F 304 -50.56 3.61 4.78
C ARG F 304 -51.33 4.78 5.38
N TYR F 305 -52.21 5.41 4.60
CA TYR F 305 -52.81 6.66 5.04
C TYR F 305 -53.85 6.45 6.14
N VAL F 306 -54.93 5.73 5.83
CA VAL F 306 -56.00 5.54 6.79
C VAL F 306 -55.56 4.52 7.83
N ASP F 307 -55.61 4.91 9.10
CA ASP F 307 -55.34 4.00 10.20
C ASP F 307 -56.65 3.61 10.87
N GLN F 308 -56.67 2.41 11.46
CA GLN F 308 -57.88 1.90 12.08
C GLN F 308 -58.14 2.63 13.39
N GLY F 309 -59.25 3.35 13.46
CA GLY F 309 -59.59 4.06 14.68
C GLY F 309 -58.69 5.26 14.89
N GLY F 310 -58.38 5.51 16.16
CA GLY F 310 -57.50 6.61 16.50
C GLY F 310 -56.04 6.20 16.50
N ASN F 311 -55.53 5.80 15.33
CA ASN F 311 -54.16 5.32 15.12
C ASN F 311 -53.82 4.15 16.01
N LYS F 312 -54.81 3.33 16.35
CA LYS F 312 -54.59 2.30 17.35
C LYS F 312 -53.91 1.07 16.77
N ARG F 313 -54.10 0.82 15.47
CA ARG F 313 -53.31 -0.15 14.72
C ARG F 313 -53.44 0.21 13.24
N PRO F 314 -52.38 0.00 12.45
CA PRO F 314 -52.42 0.46 11.06
C PRO F 314 -53.41 -0.33 10.23
N GLY F 315 -54.05 0.37 9.29
CA GLY F 315 -55.05 -0.25 8.44
C GLY F 315 -54.38 -1.19 7.45
N ALA F 316 -54.76 -2.46 7.47
CA ALA F 316 -54.13 -3.46 6.63
C ALA F 316 -55.16 -4.05 5.68
N PHE F 317 -54.70 -4.35 4.46
CA PHE F 317 -55.54 -4.88 3.41
C PHE F 317 -55.02 -6.24 2.98
N ALA F 318 -55.94 -7.16 2.74
CA ALA F 318 -55.61 -8.42 2.08
C ALA F 318 -56.03 -8.33 0.63
N ILE F 319 -55.19 -8.86 -0.25
CA ILE F 319 -55.44 -8.86 -1.69
C ILE F 319 -55.48 -10.31 -2.13
N TYR F 320 -56.63 -10.78 -2.58
CA TYR F 320 -56.74 -12.16 -3.01
C TYR F 320 -56.76 -12.23 -4.52
N LEU F 321 -55.98 -13.14 -5.06
CA LEU F 321 -55.91 -13.34 -6.50
C LEU F 321 -55.95 -14.83 -6.80
N GLU F 322 -56.75 -15.20 -7.80
CA GLU F 322 -56.71 -16.57 -8.28
C GLU F 322 -55.54 -16.75 -9.23
N PRO F 323 -54.90 -17.92 -9.24
CA PRO F 323 -53.61 -18.06 -9.93
C PRO F 323 -53.69 -18.08 -11.44
N TRP F 324 -54.87 -18.14 -12.04
CA TRP F 324 -54.93 -18.14 -13.49
C TRP F 324 -54.79 -16.75 -14.10
N HIS F 325 -54.76 -15.71 -13.30
CA HIS F 325 -54.67 -14.36 -13.83
C HIS F 325 -53.27 -14.10 -14.39
N LEU F 326 -53.21 -13.27 -15.43
CA LEU F 326 -51.98 -13.12 -16.20
C LEU F 326 -50.89 -12.37 -15.44
N ASP F 327 -51.27 -11.47 -14.55
CA ASP F 327 -50.29 -10.67 -13.82
C ASP F 327 -49.73 -11.37 -12.60
N ILE F 328 -49.80 -12.71 -12.55
CA ILE F 328 -49.51 -13.45 -11.34
C ILE F 328 -48.03 -13.37 -10.97
N PHE F 329 -47.14 -13.22 -11.95
CA PHE F 329 -45.72 -13.21 -11.61
C PHE F 329 -45.30 -11.88 -10.98
N GLU F 330 -45.75 -10.77 -11.55
CA GLU F 330 -45.52 -9.48 -10.91
C GLU F 330 -46.32 -9.33 -9.63
N PHE F 331 -47.42 -10.07 -9.49
CA PHE F 331 -48.14 -10.10 -8.23
C PHE F 331 -47.34 -10.82 -7.15
N LEU F 332 -46.66 -11.91 -7.51
CA LEU F 332 -45.89 -12.63 -6.52
C LEU F 332 -44.57 -11.94 -6.20
N ASP F 333 -44.01 -11.19 -7.14
CA ASP F 333 -42.78 -10.45 -6.89
C ASP F 333 -43.03 -9.06 -6.33
N LEU F 334 -44.16 -8.85 -5.66
CA LEU F 334 -44.60 -7.51 -5.31
C LEU F 334 -44.35 -7.15 -3.85
N LYS F 335 -44.45 -8.11 -2.94
CA LYS F 335 -44.11 -7.86 -1.53
C LYS F 335 -42.71 -8.43 -1.30
N LYS F 336 -41.71 -7.64 -1.67
CA LYS F 336 -40.34 -8.03 -1.40
C LYS F 336 -39.58 -6.86 -0.77
N ASN F 337 -38.27 -6.99 -0.67
CA ASN F 337 -37.45 -5.96 -0.05
C ASN F 337 -36.62 -5.19 -1.06
N THR F 338 -36.09 -5.86 -2.08
CA THR F 338 -35.23 -5.22 -3.05
C THR F 338 -36.04 -4.81 -4.27
N GLY F 339 -35.34 -4.42 -5.33
CA GLY F 339 -35.97 -4.00 -6.56
C GLY F 339 -36.27 -2.52 -6.57
N LYS F 340 -36.91 -2.09 -7.66
CA LYS F 340 -37.36 -0.72 -7.76
C LYS F 340 -38.52 -0.48 -6.80
N GLU F 341 -38.62 0.75 -6.32
CA GLU F 341 -39.65 1.06 -5.34
C GLU F 341 -41.03 1.15 -6.00
N GLU F 342 -41.09 1.59 -7.25
CA GLU F 342 -42.35 1.75 -7.93
C GLU F 342 -42.96 0.43 -8.41
N GLN F 343 -42.30 -0.69 -8.17
CA GLN F 343 -42.82 -2.00 -8.52
C GLN F 343 -42.98 -2.88 -7.29
N ARG F 344 -43.16 -2.25 -6.13
CA ARG F 344 -43.33 -2.96 -4.87
C ARG F 344 -44.47 -2.32 -4.10
N ALA F 345 -45.30 -3.16 -3.48
CA ALA F 345 -46.37 -2.69 -2.60
C ALA F 345 -46.31 -3.57 -1.36
N ARG F 346 -45.51 -3.15 -0.38
CA ARG F 346 -45.12 -4.05 0.69
C ARG F 346 -45.87 -3.84 2.00
N ASP F 347 -46.74 -2.83 2.09
CA ASP F 347 -47.57 -2.67 3.28
C ASP F 347 -48.96 -3.25 3.06
N LEU F 348 -49.07 -4.30 2.28
CA LEU F 348 -50.31 -5.03 2.08
C LEU F 348 -50.11 -6.47 2.57
N PHE F 349 -51.09 -7.31 2.34
CA PHE F 349 -50.96 -8.73 2.63
C PHE F 349 -51.55 -9.52 1.48
N PHE F 350 -50.74 -10.33 0.83
CA PHE F 350 -51.08 -10.95 -0.43
C PHE F 350 -51.50 -12.40 -0.21
N ALA F 351 -52.44 -12.86 -1.03
CA ALA F 351 -52.91 -14.23 -0.85
C ALA F 351 -53.43 -14.81 -2.15
N LEU F 352 -53.16 -16.10 -2.33
CA LEU F 352 -53.58 -16.84 -3.50
C LEU F 352 -54.80 -17.68 -3.17
N TRP F 353 -55.80 -17.61 -4.04
CA TRP F 353 -57.06 -18.31 -3.88
C TRP F 353 -57.05 -19.43 -4.91
N ILE F 354 -56.44 -20.56 -4.55
CA ILE F 354 -56.01 -21.57 -5.52
C ILE F 354 -57.10 -22.61 -5.72
N PRO F 355 -57.45 -22.94 -6.97
CA PRO F 355 -58.39 -24.04 -7.21
C PRO F 355 -57.68 -25.38 -7.23
N ASP F 356 -58.39 -26.46 -7.55
CA ASP F 356 -57.75 -27.77 -7.59
C ASP F 356 -56.91 -27.98 -8.84
N LEU F 357 -57.18 -27.24 -9.90
CA LEU F 357 -56.48 -27.49 -11.15
C LEU F 357 -55.02 -27.09 -11.07
N PHE F 358 -54.69 -26.03 -10.36
CA PHE F 358 -53.28 -25.71 -10.21
C PHE F 358 -52.59 -26.73 -9.33
N MET F 359 -53.33 -27.34 -8.40
CA MET F 359 -52.77 -28.44 -7.61
C MET F 359 -52.47 -29.64 -8.48
N LYS F 360 -53.38 -29.98 -9.40
CA LYS F 360 -53.20 -31.16 -10.24
C LYS F 360 -52.13 -30.93 -11.29
N ARG F 361 -52.04 -29.72 -11.84
CA ARG F 361 -51.02 -29.43 -12.84
C ARG F 361 -49.64 -29.30 -12.22
N VAL F 362 -49.54 -28.83 -10.97
CA VAL F 362 -48.24 -28.91 -10.30
C VAL F 362 -47.93 -30.36 -9.95
N GLU F 363 -48.96 -31.16 -9.67
CA GLU F 363 -48.78 -32.54 -9.26
C GLU F 363 -48.12 -33.38 -10.35
N THR F 364 -48.58 -33.25 -11.59
CA THR F 364 -48.09 -34.08 -12.68
C THR F 364 -47.29 -33.31 -13.72
N ASN F 365 -46.70 -32.17 -13.33
CA ASN F 365 -45.71 -31.42 -14.10
C ASN F 365 -46.27 -30.95 -15.46
N GLN F 366 -47.57 -30.73 -15.54
CA GLN F 366 -48.17 -30.36 -16.81
C GLN F 366 -48.09 -28.84 -16.99
N ASP F 367 -48.81 -28.31 -17.97
CA ASP F 367 -48.76 -26.90 -18.27
C ASP F 367 -49.97 -26.19 -17.69
N TRP F 368 -49.94 -24.86 -17.80
CA TRP F 368 -50.91 -24.01 -17.13
C TRP F 368 -51.16 -22.79 -17.99
N SER F 369 -52.41 -22.37 -18.05
CA SER F 369 -52.85 -21.34 -18.99
C SER F 369 -53.17 -20.05 -18.25
N LEU F 370 -52.25 -19.09 -18.33
CA LEU F 370 -52.47 -17.76 -17.80
C LEU F 370 -53.25 -16.94 -18.82
N MET F 371 -54.43 -16.49 -18.44
CA MET F 371 -55.34 -15.77 -19.31
C MET F 371 -55.71 -14.42 -18.70
N CYS F 372 -56.57 -13.69 -19.40
CA CYS F 372 -57.04 -12.38 -18.99
C CYS F 372 -58.55 -12.39 -18.83
N PRO F 373 -59.09 -11.91 -17.71
CA PRO F 373 -60.54 -12.03 -17.48
C PRO F 373 -61.39 -11.11 -18.32
N ASN F 374 -60.80 -10.25 -19.15
CA ASN F 374 -61.60 -9.61 -20.19
C ASN F 374 -61.81 -10.55 -21.36
N GLU F 375 -60.78 -11.33 -21.70
CA GLU F 375 -60.89 -12.30 -22.79
C GLU F 375 -61.78 -13.46 -22.39
N CYS F 376 -61.63 -13.95 -21.16
CA CYS F 376 -62.32 -15.13 -20.67
C CYS F 376 -63.19 -14.72 -19.49
N PRO F 377 -64.40 -14.22 -19.76
CA PRO F 377 -65.19 -13.60 -18.70
C PRO F 377 -66.00 -14.60 -17.90
N GLY F 378 -66.25 -14.22 -16.65
CA GLY F 378 -67.12 -14.98 -15.76
C GLY F 378 -66.50 -16.27 -15.28
N LEU F 379 -65.27 -16.20 -14.77
CA LEU F 379 -64.53 -17.40 -14.40
C LEU F 379 -64.46 -17.62 -12.90
N ASP F 380 -64.20 -16.58 -12.11
CA ASP F 380 -64.01 -16.75 -10.67
C ASP F 380 -65.28 -17.10 -9.92
N GLU F 381 -66.44 -16.94 -10.55
CA GLU F 381 -67.72 -17.30 -9.96
C GLU F 381 -68.05 -18.76 -10.15
N VAL F 382 -67.09 -19.56 -10.60
CA VAL F 382 -67.31 -20.95 -10.96
C VAL F 382 -66.23 -21.80 -10.29
N TRP F 383 -66.64 -22.82 -9.54
CA TRP F 383 -65.72 -23.64 -8.76
C TRP F 383 -65.87 -25.11 -9.11
N GLY F 384 -64.83 -25.88 -8.81
CA GLY F 384 -64.90 -27.32 -8.90
C GLY F 384 -64.83 -27.90 -10.29
N GLU F 385 -65.66 -28.92 -10.53
CA GLU F 385 -65.69 -29.59 -11.82
C GLU F 385 -66.17 -28.65 -12.93
N GLU F 386 -67.07 -27.72 -12.59
CA GLU F 386 -67.51 -26.73 -13.56
C GLU F 386 -66.38 -25.79 -13.95
N PHE F 387 -65.53 -25.45 -12.98
CA PHE F 387 -64.32 -24.69 -13.29
C PHE F 387 -63.36 -25.52 -14.13
N GLU F 388 -63.34 -26.83 -13.92
CA GLU F 388 -62.49 -27.68 -14.75
C GLU F 388 -62.98 -27.70 -16.19
N LYS F 389 -64.30 -27.71 -16.36
CA LYS F 389 -64.88 -27.76 -17.70
C LYS F 389 -64.73 -26.42 -18.43
N LEU F 390 -65.00 -25.32 -17.71
CA LEU F 390 -64.90 -24.00 -18.34
C LEU F 390 -63.44 -23.64 -18.61
N TYR F 391 -62.56 -23.98 -17.69
CA TYR F 391 -61.15 -23.73 -17.87
C TYR F 391 -60.56 -24.59 -18.98
N ALA F 392 -61.06 -25.82 -19.12
CA ALA F 392 -60.60 -26.64 -20.22
C ALA F 392 -61.15 -26.13 -21.55
N SER F 393 -62.36 -25.58 -21.55
CA SER F 393 -62.93 -25.09 -22.81
C SER F 393 -62.25 -23.80 -23.27
N TYR F 394 -61.90 -22.91 -22.33
CA TYR F 394 -61.05 -21.79 -22.74
C TYR F 394 -59.62 -22.24 -23.04
N GLU F 395 -59.18 -23.33 -22.42
CA GLU F 395 -57.84 -23.85 -22.69
C GLU F 395 -57.77 -24.51 -24.05
N LYS F 396 -58.92 -24.90 -24.61
CA LYS F 396 -58.99 -25.52 -25.93
C LYS F 396 -58.96 -24.49 -27.05
N GLN F 397 -59.68 -23.38 -26.89
CA GLN F 397 -59.90 -22.46 -28.00
C GLN F 397 -58.68 -21.63 -28.35
N GLY F 398 -57.62 -21.68 -27.55
CA GLY F 398 -56.48 -20.83 -27.83
C GLY F 398 -56.72 -19.37 -27.51
N ARG F 399 -57.72 -19.06 -26.70
CA ARG F 399 -58.00 -17.70 -26.29
C ARG F 399 -57.06 -17.24 -25.19
N VAL F 400 -56.33 -18.15 -24.56
CA VAL F 400 -55.38 -17.85 -23.48
C VAL F 400 -54.23 -17.01 -24.02
N ARG F 401 -53.47 -16.41 -23.12
CA ARG F 401 -52.41 -15.52 -23.57
C ARG F 401 -51.02 -16.04 -23.28
N LYS F 402 -50.81 -16.69 -22.15
CA LYS F 402 -49.51 -17.25 -21.86
C LYS F 402 -49.69 -18.67 -21.36
N VAL F 403 -48.71 -19.52 -21.65
CA VAL F 403 -48.68 -20.90 -21.17
C VAL F 403 -47.39 -21.09 -20.39
N VAL F 404 -47.51 -21.38 -19.10
CA VAL F 404 -46.37 -21.55 -18.22
C VAL F 404 -46.43 -22.94 -17.62
N LYS F 405 -45.29 -23.62 -17.56
CA LYS F 405 -45.19 -24.88 -16.83
C LYS F 405 -45.51 -24.67 -15.36
N ALA F 406 -46.33 -25.56 -14.81
CA ALA F 406 -46.94 -25.32 -13.51
C ALA F 406 -45.93 -25.37 -12.37
N GLN F 407 -44.91 -26.23 -12.49
CA GLN F 407 -43.91 -26.31 -11.44
C GLN F 407 -42.99 -25.10 -11.42
N GLN F 408 -42.94 -24.32 -12.51
CA GLN F 408 -42.21 -23.06 -12.48
C GLN F 408 -42.92 -22.04 -11.60
N LEU F 409 -44.23 -21.92 -11.76
CA LEU F 409 -45.00 -21.00 -10.93
C LEU F 409 -45.05 -21.48 -9.49
N TRP F 410 -45.05 -22.80 -9.28
CA TRP F 410 -44.96 -23.34 -7.93
C TRP F 410 -43.61 -23.02 -7.30
N TYR F 411 -42.55 -23.04 -8.10
CA TYR F 411 -41.24 -22.61 -7.62
C TYR F 411 -41.22 -21.12 -7.31
N ALA F 412 -42.00 -20.31 -8.04
CA ALA F 412 -42.08 -18.90 -7.71
C ALA F 412 -42.84 -18.67 -6.41
N ILE F 413 -43.89 -19.46 -6.17
CA ILE F 413 -44.65 -19.39 -4.92
C ILE F 413 -43.75 -19.75 -3.74
N ILE F 414 -42.95 -20.81 -3.89
CA ILE F 414 -42.07 -21.18 -2.79
C ILE F 414 -40.93 -20.18 -2.63
N GLU F 415 -40.54 -19.49 -3.70
CA GLU F 415 -39.59 -18.40 -3.52
C GLU F 415 -40.20 -17.25 -2.73
N SER F 416 -41.48 -16.94 -2.97
CA SER F 416 -42.09 -15.83 -2.27
C SER F 416 -42.38 -16.17 -0.80
N GLN F 417 -42.91 -17.37 -0.54
CA GLN F 417 -43.16 -17.78 0.83
C GLN F 417 -41.87 -18.00 1.59
N THR F 418 -40.83 -18.46 0.90
CA THR F 418 -39.53 -18.61 1.50
C THR F 418 -38.94 -17.26 1.87
N GLU F 419 -39.14 -16.25 1.02
CA GLU F 419 -38.51 -14.96 1.29
C GLU F 419 -39.28 -14.18 2.35
N THR F 420 -40.59 -14.02 2.21
CA THR F 420 -41.35 -13.17 3.12
C THR F 420 -42.45 -13.86 3.89
N GLY F 421 -42.95 -14.98 3.43
CA GLY F 421 -44.09 -15.63 4.04
C GLY F 421 -45.40 -15.31 3.35
N THR F 422 -45.47 -14.28 2.72
CA THR F 422 -46.56 -14.06 1.78
C THR F 422 -46.22 -14.70 0.44
N PRO F 423 -47.19 -15.20 -0.32
CA PRO F 423 -48.64 -15.17 -0.19
C PRO F 423 -49.19 -16.16 0.81
N TYR F 424 -50.41 -15.90 1.26
CA TYR F 424 -51.16 -16.94 1.94
C TYR F 424 -51.66 -17.91 0.88
N MET F 425 -52.12 -19.07 1.31
CA MET F 425 -52.65 -20.04 0.37
C MET F 425 -53.99 -20.55 0.87
N LEU F 426 -55.03 -20.31 0.10
CA LEU F 426 -56.32 -20.90 0.41
C LEU F 426 -56.77 -21.75 -0.76
N TYR F 427 -57.68 -22.66 -0.51
CA TYR F 427 -58.08 -23.65 -1.50
C TYR F 427 -59.51 -23.38 -1.91
N LYS F 428 -59.71 -23.07 -3.19
CA LYS F 428 -60.96 -22.52 -3.69
C LYS F 428 -62.09 -23.53 -3.63
N ASP F 429 -61.87 -24.72 -4.18
CA ASP F 429 -62.92 -25.72 -4.25
C ASP F 429 -63.21 -26.33 -2.89
N SER F 430 -62.20 -26.37 -2.01
CA SER F 430 -62.40 -26.86 -0.66
C SER F 430 -63.29 -25.94 0.15
N CYS F 431 -63.12 -24.62 -0.02
CA CYS F 431 -63.95 -23.66 0.69
C CYS F 431 -65.33 -23.57 0.09
N ASN F 432 -65.43 -23.58 -1.24
CA ASN F 432 -66.73 -23.51 -1.90
C ASN F 432 -67.55 -24.77 -1.70
N ARG F 433 -66.91 -25.90 -1.42
CA ARG F 433 -67.63 -27.15 -1.26
C ARG F 433 -68.14 -27.35 0.15
N LYS F 434 -67.44 -26.84 1.15
CA LYS F 434 -67.69 -27.21 2.53
C LYS F 434 -68.17 -26.02 3.36
N SER F 435 -69.10 -25.25 2.81
CA SER F 435 -69.62 -24.08 3.48
C SER F 435 -71.13 -24.09 3.43
N ASN F 436 -71.74 -23.40 4.39
CA ASN F 436 -73.18 -23.37 4.51
C ASN F 436 -73.82 -22.32 3.59
N GLN F 437 -73.01 -21.51 2.91
CA GLN F 437 -73.52 -20.51 1.98
C GLN F 437 -73.35 -20.95 0.54
N GLN F 438 -73.55 -22.23 0.26
CA GLN F 438 -73.50 -22.74 -1.12
C GLN F 438 -74.65 -22.23 -1.96
N ASN F 439 -75.81 -21.98 -1.35
CA ASN F 439 -76.99 -21.61 -2.13
C ASN F 439 -76.90 -20.22 -2.74
N LEU F 440 -75.96 -19.40 -2.28
CA LEU F 440 -75.87 -18.03 -2.77
C LEU F 440 -75.09 -17.95 -4.08
N GLY F 441 -74.02 -18.74 -4.19
CA GLY F 441 -73.16 -18.63 -5.34
C GLY F 441 -71.77 -19.15 -5.07
N THR F 442 -70.76 -18.34 -5.35
CA THR F 442 -69.37 -18.74 -5.24
C THR F 442 -68.66 -17.81 -4.27
N ILE F 443 -68.05 -18.38 -3.24
CA ILE F 443 -67.29 -17.59 -2.29
C ILE F 443 -66.00 -17.14 -2.94
N LYS F 444 -65.85 -15.83 -3.10
CA LYS F 444 -64.71 -15.31 -3.83
C LYS F 444 -63.49 -15.22 -2.94
N CYS F 445 -63.63 -14.61 -1.76
CA CYS F 445 -62.48 -14.25 -0.96
C CYS F 445 -62.77 -14.52 0.52
N SER F 446 -61.92 -13.99 1.38
CA SER F 446 -61.93 -14.19 2.82
C SER F 446 -61.26 -12.99 3.44
N ASN F 447 -61.24 -12.94 4.78
CA ASN F 447 -60.77 -11.74 5.44
C ASN F 447 -59.24 -11.71 5.50
N LEU F 448 -58.72 -10.78 6.31
CA LEU F 448 -57.28 -10.58 6.41
C LEU F 448 -56.60 -11.74 7.10
N CYS F 449 -57.18 -12.24 8.18
CA CYS F 449 -56.54 -13.29 8.96
C CYS F 449 -56.98 -14.69 8.54
N THR F 450 -57.71 -14.81 7.42
CA THR F 450 -58.05 -16.06 6.74
C THR F 450 -58.81 -17.03 7.63
N GLU F 451 -59.89 -16.56 8.23
CA GLU F 451 -60.76 -17.45 8.96
C GLU F 451 -62.23 -17.24 8.66
N ILE F 452 -62.59 -16.19 7.96
CA ILE F 452 -63.98 -15.90 7.65
C ILE F 452 -64.18 -16.17 6.18
N VAL F 453 -64.90 -17.23 5.87
CA VAL F 453 -65.14 -17.63 4.49
C VAL F 453 -66.63 -17.40 4.22
N GLU F 454 -66.97 -16.26 3.62
CA GLU F 454 -68.36 -15.87 3.40
C GLU F 454 -68.56 -15.36 1.99
N TYR F 455 -69.83 -15.26 1.59
CA TYR F 455 -70.19 -14.83 0.25
C TYR F 455 -70.11 -13.31 0.10
N THR F 456 -69.42 -12.87 -0.94
CA THR F 456 -69.33 -11.46 -1.31
C THR F 456 -69.99 -11.25 -2.66
N SER F 457 -70.40 -10.02 -2.93
CA SER F 457 -70.99 -9.70 -4.21
C SER F 457 -70.76 -8.23 -4.52
N LYS F 458 -71.39 -7.76 -5.59
CA LYS F 458 -71.42 -6.34 -5.85
C LYS F 458 -72.35 -5.63 -4.89
N ASP F 459 -73.37 -6.32 -4.41
CA ASP F 459 -74.38 -5.74 -3.53
C ASP F 459 -74.14 -6.07 -2.07
N GLU F 460 -73.67 -7.27 -1.76
CA GLU F 460 -73.49 -7.71 -0.39
C GLU F 460 -72.00 -7.67 -0.04
N VAL F 461 -71.65 -6.82 0.91
CA VAL F 461 -70.30 -6.75 1.46
C VAL F 461 -70.30 -7.53 2.77
N ALA F 462 -69.42 -8.53 2.89
CA ALA F 462 -69.56 -9.49 3.97
C ALA F 462 -68.98 -8.94 5.27
N VAL F 463 -69.76 -9.04 6.35
CA VAL F 463 -69.39 -8.53 7.66
C VAL F 463 -69.53 -9.67 8.65
N CYS F 464 -68.50 -9.87 9.48
CA CYS F 464 -68.62 -10.88 10.52
C CYS F 464 -68.05 -10.37 11.83
N ASN F 465 -68.74 -10.73 12.92
CA ASN F 465 -68.35 -10.40 14.29
C ASN F 465 -67.59 -11.55 14.91
N LEU F 466 -66.81 -11.24 15.94
CA LEU F 466 -65.92 -12.22 16.53
C LEU F 466 -66.11 -12.25 18.04
N ALA F 467 -65.73 -13.39 18.62
CA ALA F 467 -65.73 -13.57 20.07
C ALA F 467 -64.80 -14.71 20.40
N SER F 468 -63.76 -14.43 21.18
CA SER F 468 -62.72 -15.40 21.48
C SER F 468 -62.94 -15.96 22.88
N LEU F 469 -63.20 -17.25 22.96
CA LEU F 469 -63.25 -17.93 24.25
C LEU F 469 -61.86 -18.39 24.63
N ALA F 470 -61.50 -18.18 25.89
CA ALA F 470 -60.31 -18.82 26.42
C ALA F 470 -60.62 -20.27 26.74
N LEU F 471 -59.58 -21.03 27.05
CA LEU F 471 -59.76 -22.45 27.30
C LEU F 471 -59.32 -22.85 28.70
N ASN F 472 -58.16 -22.38 29.14
CA ASN F 472 -57.53 -22.84 30.38
C ASN F 472 -58.27 -22.41 31.64
N MET F 473 -59.28 -21.54 31.53
CA MET F 473 -60.11 -21.25 32.68
C MET F 473 -61.09 -22.38 32.97
N TYR F 474 -61.33 -23.26 31.99
CA TYR F 474 -62.28 -24.34 32.13
C TYR F 474 -61.70 -25.59 32.77
N VAL F 475 -60.38 -25.70 32.88
CA VAL F 475 -59.75 -26.91 33.39
C VAL F 475 -59.95 -26.98 34.89
N THR F 476 -60.61 -28.04 35.36
CA THR F 476 -60.83 -28.23 36.78
C THR F 476 -59.56 -28.72 37.46
N SER F 477 -59.63 -28.82 38.79
CA SER F 477 -58.47 -29.22 39.58
C SER F 477 -58.20 -30.72 39.48
N GLU F 478 -59.15 -31.49 38.99
CA GLU F 478 -59.03 -32.93 38.85
C GLU F 478 -58.18 -33.33 37.64
N HIS F 479 -57.77 -32.34 36.84
CA HIS F 479 -57.13 -32.50 35.52
C HIS F 479 -58.01 -33.32 34.57
N THR F 480 -59.33 -33.18 34.74
CA THR F 480 -60.32 -33.67 33.80
C THR F 480 -61.12 -32.47 33.32
N TYR F 481 -61.25 -32.33 32.01
CA TYR F 481 -61.73 -31.09 31.43
C TYR F 481 -63.24 -30.98 31.61
N ASP F 482 -63.70 -29.74 31.78
CA ASP F 482 -65.11 -29.47 32.00
C ASP F 482 -65.76 -29.23 30.65
N PHE F 483 -66.67 -30.12 30.27
CA PHE F 483 -67.36 -29.98 28.99
C PHE F 483 -68.69 -29.24 29.12
N LYS F 484 -69.44 -29.50 30.19
CA LYS F 484 -70.79 -28.98 30.33
C LYS F 484 -70.82 -27.49 30.59
N LYS F 485 -69.74 -26.93 31.12
CA LYS F 485 -69.66 -25.48 31.28
C LYS F 485 -69.41 -24.78 29.95
N LEU F 486 -68.62 -25.42 29.07
CA LEU F 486 -68.16 -24.78 27.86
C LEU F 486 -69.30 -24.52 26.88
N ALA F 487 -70.22 -25.47 26.76
CA ALA F 487 -71.40 -25.26 25.93
C ALA F 487 -72.30 -24.18 26.50
N GLU F 488 -72.34 -24.05 27.82
CA GLU F 488 -73.19 -23.06 28.47
C GLU F 488 -72.69 -21.65 28.23
N VAL F 489 -71.38 -21.45 28.40
CA VAL F 489 -70.77 -20.16 28.09
C VAL F 489 -70.87 -19.87 26.60
N THR F 490 -70.78 -20.91 25.77
CA THR F 490 -70.98 -20.74 24.34
C THR F 490 -72.39 -20.26 24.01
N LYS F 491 -73.39 -20.72 24.77
CA LYS F 491 -74.75 -20.20 24.62
C LYS F 491 -74.83 -18.73 24.96
N VAL F 492 -74.15 -18.32 26.05
CA VAL F 492 -74.14 -16.91 26.41
C VAL F 492 -73.43 -16.06 25.35
N VAL F 493 -72.38 -16.62 24.73
CA VAL F 493 -71.63 -15.92 23.69
C VAL F 493 -72.48 -15.72 22.45
N VAL F 494 -73.21 -16.76 22.03
CA VAL F 494 -74.05 -16.67 20.85
C VAL F 494 -75.18 -15.68 21.06
N ARG F 495 -75.72 -15.62 22.28
CA ARG F 495 -76.70 -14.58 22.56
C ARG F 495 -76.07 -13.19 22.56
N ASN F 496 -74.79 -13.08 22.95
CA ASN F 496 -74.11 -11.79 22.92
C ASN F 496 -73.91 -11.29 21.49
N LEU F 497 -73.35 -12.14 20.61
CA LEU F 497 -73.07 -11.72 19.24
C LEU F 497 -74.36 -11.46 18.46
N ASN F 498 -75.37 -12.30 18.67
CA ASN F 498 -76.64 -12.06 18.01
C ASN F 498 -77.31 -10.80 18.55
N LYS F 499 -76.99 -10.39 19.77
CA LYS F 499 -77.39 -9.04 20.15
C LYS F 499 -76.46 -7.98 19.58
N ILE F 500 -75.23 -8.33 19.16
CA ILE F 500 -74.33 -7.32 18.62
C ILE F 500 -74.78 -6.90 17.23
N ILE F 501 -75.22 -7.87 16.41
CA ILE F 501 -75.54 -7.63 15.00
C ILE F 501 -76.64 -6.60 14.81
N ASP F 502 -77.56 -6.50 15.77
CA ASP F 502 -78.68 -5.59 15.64
C ASP F 502 -78.44 -4.22 16.27
N ILE F 503 -77.24 -3.94 16.78
CA ILE F 503 -76.95 -2.67 17.45
C ILE F 503 -75.91 -1.93 16.61
N ASN F 504 -75.15 -2.67 15.83
CA ASN F 504 -73.98 -2.16 15.11
C ASN F 504 -74.39 -1.10 14.08
N TYR F 505 -73.47 -0.17 13.85
CA TYR F 505 -73.61 0.89 12.86
C TYR F 505 -72.62 0.63 11.74
N TYR F 506 -73.13 0.15 10.63
CA TYR F 506 -72.29 -0.27 9.52
C TYR F 506 -71.78 0.95 8.79
N PRO F 507 -70.50 1.02 8.42
CA PRO F 507 -69.99 2.24 7.79
C PRO F 507 -70.45 2.44 6.36
N VAL F 508 -70.78 1.38 5.64
CA VAL F 508 -71.23 1.50 4.26
C VAL F 508 -72.65 0.95 4.16
N PRO F 509 -73.48 1.38 3.20
CA PRO F 509 -74.85 0.85 3.13
C PRO F 509 -74.94 -0.57 2.62
N GLU F 510 -73.92 -1.08 1.93
CA GLU F 510 -73.97 -2.47 1.49
C GLU F 510 -73.73 -3.47 2.61
N ALA F 511 -73.20 -3.01 3.74
CA ALA F 511 -72.89 -3.93 4.83
C ALA F 511 -74.14 -4.38 5.57
N CYS F 512 -75.12 -3.49 5.70
CA CYS F 512 -76.29 -3.77 6.53
C CYS F 512 -77.19 -4.82 5.89
N LEU F 513 -77.29 -4.80 4.56
CA LEU F 513 -78.12 -5.76 3.86
C LEU F 513 -77.54 -7.16 3.96
N SER F 514 -76.22 -7.31 3.83
CA SER F 514 -75.60 -8.62 3.97
C SER F 514 -75.68 -9.12 5.41
N ASN F 515 -75.26 -8.28 6.36
CA ASN F 515 -75.20 -8.72 7.74
C ASN F 515 -76.58 -8.89 8.37
N LYS F 516 -77.64 -8.35 7.77
CA LYS F 516 -78.97 -8.64 8.30
C LYS F 516 -79.74 -9.67 7.48
N ARG F 517 -79.39 -9.90 6.22
CA ARG F 517 -79.97 -11.03 5.52
C ARG F 517 -79.39 -12.34 6.02
N HIS F 518 -78.07 -12.48 5.97
CA HIS F 518 -77.50 -13.79 6.23
C HIS F 518 -77.14 -13.99 7.69
N ARG F 519 -76.77 -12.92 8.38
CA ARG F 519 -76.51 -12.82 9.81
C ARG F 519 -75.49 -13.87 10.28
N PRO F 520 -74.20 -13.70 10.00
CA PRO F 520 -73.22 -14.64 10.56
C PRO F 520 -72.61 -14.13 11.86
N ILE F 521 -72.02 -15.07 12.60
CA ILE F 521 -71.24 -14.76 13.78
C ILE F 521 -69.89 -15.45 13.66
N GLY F 522 -69.07 -15.28 14.68
CA GLY F 522 -67.76 -15.91 14.69
C GLY F 522 -67.27 -16.15 16.10
N ILE F 523 -66.88 -17.38 16.39
CA ILE F 523 -66.39 -17.78 17.69
C ILE F 523 -65.03 -18.41 17.50
N GLY F 524 -64.03 -17.95 18.24
CA GLY F 524 -62.71 -18.52 18.16
C GLY F 524 -62.05 -18.63 19.50
N VAL F 525 -61.37 -19.74 19.76
CA VAL F 525 -60.77 -19.98 21.05
C VAL F 525 -59.31 -19.60 21.00
N GLN F 526 -58.75 -19.33 22.18
CA GLN F 526 -57.36 -18.96 22.33
C GLN F 526 -56.74 -19.79 23.45
N GLY F 527 -55.44 -20.04 23.34
CA GLY F 527 -54.73 -20.77 24.36
C GLY F 527 -55.10 -22.24 24.43
N LEU F 528 -54.74 -22.99 23.41
CA LEU F 528 -54.91 -24.44 23.46
C LEU F 528 -53.75 -25.13 24.15
N ALA F 529 -52.55 -24.56 24.05
CA ALA F 529 -51.38 -25.12 24.72
C ALA F 529 -51.53 -25.08 26.23
N ASP F 530 -52.17 -24.04 26.76
CA ASP F 530 -52.42 -24.00 28.20
C ASP F 530 -53.45 -25.02 28.63
N ALA F 531 -54.44 -25.30 27.78
CA ALA F 531 -55.39 -26.36 28.10
C ALA F 531 -54.70 -27.72 28.06
N PHE F 532 -53.72 -27.91 27.17
CA PHE F 532 -53.00 -29.17 27.16
C PHE F 532 -52.08 -29.32 28.35
N ILE F 533 -51.41 -28.24 28.76
CA ILE F 533 -50.53 -28.33 29.92
C ILE F 533 -51.35 -28.53 31.19
N LEU F 534 -52.43 -27.77 31.35
CA LEU F 534 -53.26 -27.94 32.55
C LEU F 534 -54.07 -29.21 32.55
N MET F 535 -54.29 -29.83 31.38
CA MET F 535 -54.82 -31.18 31.34
C MET F 535 -53.72 -32.23 31.37
N ARG F 536 -52.46 -31.80 31.33
CA ARG F 536 -51.27 -32.65 31.48
C ARG F 536 -51.21 -33.74 30.43
N TYR F 537 -51.18 -33.32 29.17
CA TYR F 537 -50.99 -34.27 28.09
C TYR F 537 -49.90 -33.76 27.16
N PRO F 538 -49.18 -34.66 26.51
CA PRO F 538 -48.28 -34.23 25.43
C PRO F 538 -49.06 -33.68 24.26
N PHE F 539 -48.40 -32.83 23.47
CA PHE F 539 -49.09 -32.18 22.37
C PHE F 539 -49.40 -33.17 21.25
N GLU F 540 -48.47 -34.07 20.96
CA GLU F 540 -48.67 -35.09 19.94
C GLU F 540 -49.10 -36.44 20.53
N SER F 541 -49.84 -36.41 21.63
CA SER F 541 -50.29 -37.65 22.27
C SER F 541 -51.58 -38.13 21.59
N ALA F 542 -52.21 -39.14 22.19
CA ALA F 542 -53.52 -39.58 21.75
C ALA F 542 -54.64 -38.79 22.42
N GLU F 543 -54.49 -38.46 23.70
CA GLU F 543 -55.53 -37.72 24.39
C GLU F 543 -55.59 -36.27 23.97
N ALA F 544 -54.55 -35.75 23.34
CA ALA F 544 -54.64 -34.41 22.76
C ALA F 544 -55.52 -34.42 21.53
N GLN F 545 -55.28 -35.37 20.61
CA GLN F 545 -56.07 -35.46 19.40
C GLN F 545 -57.50 -35.90 19.68
N LEU F 546 -57.69 -36.71 20.71
CA LEU F 546 -59.04 -36.96 21.19
C LEU F 546 -59.62 -35.72 21.85
N LEU F 547 -58.76 -34.94 22.51
CA LEU F 547 -59.23 -33.88 23.37
C LEU F 547 -59.78 -32.71 22.58
N ASN F 548 -59.02 -32.20 21.59
CA ASN F 548 -59.49 -31.05 20.82
C ASN F 548 -60.68 -31.41 19.95
N LYS F 549 -60.75 -32.67 19.53
CA LYS F 549 -61.92 -33.18 18.82
C LYS F 549 -63.15 -33.12 19.71
N GLN F 550 -63.03 -33.57 20.97
CA GLN F 550 -64.14 -33.49 21.89
C GLN F 550 -64.51 -32.05 22.23
N ILE F 551 -63.50 -31.17 22.32
CA ILE F 551 -63.73 -29.77 22.66
C ILE F 551 -64.53 -29.10 21.57
N PHE F 552 -64.11 -29.27 20.32
CA PHE F 552 -64.86 -28.58 19.27
C PHE F 552 -66.16 -29.28 18.92
N GLU F 553 -66.33 -30.55 19.29
CA GLU F 553 -67.67 -31.11 19.28
C GLU F 553 -68.55 -30.43 20.33
N THR F 554 -67.97 -30.07 21.48
CA THR F 554 -68.74 -29.39 22.51
C THR F 554 -69.08 -27.97 22.09
N ILE F 555 -68.10 -27.24 21.55
CA ILE F 555 -68.31 -25.86 21.11
C ILE F 555 -69.28 -25.81 19.95
N TYR F 556 -69.12 -26.72 19.00
CA TYR F 556 -69.98 -26.77 17.83
C TYR F 556 -71.40 -27.17 18.22
N TYR F 557 -71.53 -28.12 19.14
CA TYR F 557 -72.84 -28.58 19.59
C TYR F 557 -73.57 -27.49 20.36
N GLY F 558 -72.88 -26.83 21.28
CA GLY F 558 -73.50 -25.76 22.04
C GLY F 558 -73.82 -24.55 21.19
N ALA F 559 -73.02 -24.31 20.15
CA ALA F 559 -73.31 -23.22 19.23
C ALA F 559 -74.58 -23.51 18.44
N LEU F 560 -74.71 -24.75 17.93
CA LEU F 560 -75.92 -25.10 17.20
C LEU F 560 -77.15 -25.14 18.09
N GLU F 561 -76.99 -25.54 19.35
CA GLU F 561 -78.12 -25.54 20.28
C GLU F 561 -78.54 -24.11 20.61
N ALA F 562 -77.56 -23.20 20.72
CA ALA F 562 -77.87 -21.82 21.03
C ALA F 562 -78.57 -21.13 19.87
N SER F 563 -78.06 -21.31 18.65
CA SER F 563 -78.71 -20.72 17.49
C SER F 563 -80.06 -21.36 17.21
N CYS F 564 -80.22 -22.64 17.56
CA CYS F 564 -81.53 -23.28 17.48
C CYS F 564 -82.50 -22.64 18.45
N ASP F 565 -82.06 -22.37 19.68
CA ASP F 565 -82.95 -21.79 20.67
C ASP F 565 -83.22 -20.32 20.37
N LEU F 566 -82.36 -19.67 19.58
CA LEU F 566 -82.68 -18.34 19.09
C LEU F 566 -83.70 -18.39 17.96
N ALA F 567 -83.54 -19.35 17.04
CA ALA F 567 -84.47 -19.48 15.93
C ALA F 567 -85.83 -19.98 16.39
N LYS F 568 -85.92 -20.60 17.56
CA LYS F 568 -87.20 -20.97 18.15
C LYS F 568 -87.96 -19.73 18.62
N GLU F 569 -87.27 -18.61 18.78
CA GLU F 569 -87.84 -17.41 19.38
C GLU F 569 -87.99 -16.25 18.40
N GLN F 570 -87.19 -16.19 17.34
CA GLN F 570 -87.28 -15.10 16.39
C GLN F 570 -87.44 -15.55 14.95
N GLY F 571 -87.41 -16.85 14.67
CA GLY F 571 -87.44 -17.33 13.31
C GLY F 571 -86.07 -17.31 12.68
N PRO F 572 -85.81 -18.24 11.76
CA PRO F 572 -84.49 -18.32 11.12
C PRO F 572 -84.21 -17.13 10.21
N TYR F 573 -83.00 -17.07 9.66
CA TYR F 573 -82.64 -15.93 8.84
C TYR F 573 -83.32 -15.99 7.48
N GLU F 574 -83.14 -14.92 6.70
CA GLU F 574 -83.99 -14.68 5.54
C GLU F 574 -83.70 -15.66 4.41
N THR F 575 -82.50 -16.24 4.37
CA THR F 575 -82.16 -17.16 3.29
C THR F 575 -81.86 -18.56 3.83
N TYR F 576 -82.69 -19.08 4.72
CA TYR F 576 -82.36 -20.37 5.33
C TYR F 576 -82.68 -21.54 4.41
N GLU F 577 -83.91 -21.59 3.89
CA GLU F 577 -84.37 -22.77 3.15
C GLU F 577 -83.66 -22.86 1.81
N GLY F 578 -82.74 -23.83 1.71
CA GLY F 578 -81.84 -23.93 0.58
C GLY F 578 -80.46 -24.31 1.06
N SER F 579 -80.16 -23.98 2.32
CA SER F 579 -78.88 -24.31 2.90
C SER F 579 -78.82 -25.81 3.20
N PRO F 580 -77.61 -26.39 3.24
CA PRO F 580 -77.50 -27.83 3.56
C PRO F 580 -77.88 -28.18 4.99
N VAL F 581 -77.91 -27.22 5.91
CA VAL F 581 -78.42 -27.48 7.24
C VAL F 581 -79.92 -27.73 7.19
N SER F 582 -80.63 -27.02 6.31
CA SER F 582 -82.04 -27.33 6.05
C SER F 582 -82.19 -28.69 5.38
N LYS F 583 -81.18 -29.13 4.64
CA LYS F 583 -81.13 -30.47 4.08
C LYS F 583 -80.56 -31.49 5.06
N GLY F 584 -80.27 -31.08 6.30
CA GLY F 584 -79.82 -31.98 7.33
C GLY F 584 -78.33 -32.22 7.38
N ILE F 585 -77.60 -31.88 6.31
CA ILE F 585 -76.17 -32.09 6.30
C ILE F 585 -75.52 -30.99 7.12
N LEU F 586 -74.88 -31.36 8.22
CA LEU F 586 -74.11 -30.40 8.99
C LEU F 586 -72.69 -30.35 8.44
N GLN F 587 -71.78 -29.69 9.15
CA GLN F 587 -70.44 -29.49 8.65
C GLN F 587 -69.62 -30.77 8.68
N TYR F 588 -69.88 -31.65 9.65
CA TYR F 588 -69.05 -32.85 9.78
C TYR F 588 -69.31 -33.85 8.66
N ASP F 589 -70.53 -33.91 8.12
CA ASP F 589 -70.80 -34.79 7.00
C ASP F 589 -70.19 -34.30 5.71
N MET F 590 -69.96 -32.98 5.58
CA MET F 590 -69.20 -32.48 4.45
C MET F 590 -67.74 -32.88 4.51
N TRP F 591 -67.26 -33.21 5.70
CA TRP F 591 -65.97 -33.86 5.88
C TRP F 591 -66.09 -35.36 5.92
N ASN F 592 -67.31 -35.90 5.91
CA ASN F 592 -67.61 -37.34 5.99
C ASN F 592 -66.99 -37.99 7.22
N VAL F 593 -67.03 -37.29 8.35
CA VAL F 593 -66.50 -37.78 9.60
C VAL F 593 -67.65 -37.81 10.60
N THR F 594 -68.06 -39.00 10.97
CA THR F 594 -69.06 -39.17 12.03
C THR F 594 -68.46 -38.73 13.35
N PRO F 595 -69.15 -37.90 14.14
CA PRO F 595 -68.59 -37.45 15.41
C PRO F 595 -68.63 -38.56 16.45
N THR F 596 -68.03 -38.26 17.60
CA THR F 596 -67.95 -39.26 18.66
C THR F 596 -69.30 -39.42 19.35
N ASP F 597 -69.35 -40.35 20.30
CA ASP F 597 -70.55 -40.58 21.09
C ASP F 597 -70.60 -39.71 22.33
N LEU F 598 -69.90 -38.57 22.31
CA LEU F 598 -69.85 -37.70 23.48
C LEU F 598 -71.18 -36.97 23.70
N TRP F 599 -71.93 -36.74 22.62
CA TRP F 599 -73.16 -35.97 22.73
C TRP F 599 -74.34 -36.68 22.07
N ASP F 600 -75.48 -36.01 22.01
CA ASP F 600 -76.68 -36.52 21.37
C ASP F 600 -77.00 -35.60 20.20
N TRP F 601 -76.67 -36.05 18.99
CA TRP F 601 -76.86 -35.23 17.80
C TRP F 601 -78.23 -35.42 17.17
N LYS F 602 -78.92 -36.50 17.53
CA LYS F 602 -80.21 -36.80 16.90
C LYS F 602 -81.28 -35.79 17.29
N VAL F 603 -81.39 -35.50 18.60
CA VAL F 603 -82.38 -34.53 19.06
C VAL F 603 -82.02 -33.12 18.61
N LEU F 604 -80.72 -32.85 18.45
CA LEU F 604 -80.28 -31.58 17.90
C LEU F 604 -80.75 -31.42 16.47
N LYS F 605 -80.54 -32.45 15.65
CA LYS F 605 -80.98 -32.37 14.26
C LYS F 605 -82.49 -32.42 14.13
N GLU F 606 -83.19 -32.96 15.12
CA GLU F 606 -84.65 -32.90 15.11
C GLU F 606 -85.12 -31.48 15.38
N LYS F 607 -84.54 -30.81 16.37
CA LYS F 607 -84.98 -29.46 16.68
C LYS F 607 -84.54 -28.46 15.62
N ILE F 608 -83.39 -28.71 14.98
CA ILE F 608 -83.00 -27.90 13.82
C ILE F 608 -83.93 -28.17 12.66
N ALA F 609 -84.32 -29.42 12.47
CA ALA F 609 -85.26 -29.76 11.41
C ALA F 609 -86.67 -29.24 11.68
N LYS F 610 -86.98 -28.88 12.93
CA LYS F 610 -88.28 -28.31 13.26
C LYS F 610 -88.24 -26.81 13.54
N TYR F 611 -87.05 -26.22 13.72
CA TYR F 611 -86.98 -24.79 14.00
C TYR F 611 -85.91 -24.04 13.22
N GLY F 612 -84.96 -24.72 12.58
CA GLY F 612 -83.90 -23.99 11.89
C GLY F 612 -82.90 -23.39 12.87
N ILE F 613 -81.99 -22.60 12.30
CA ILE F 613 -80.98 -21.91 13.08
C ILE F 613 -81.03 -20.43 12.74
N ARG F 614 -80.49 -19.62 13.64
CA ARG F 614 -80.57 -18.18 13.52
C ARG F 614 -79.40 -17.58 12.77
N ASN F 615 -78.21 -18.16 12.91
CA ASN F 615 -77.02 -17.65 12.25
C ASN F 615 -76.52 -18.69 11.26
N SER F 616 -76.03 -18.21 10.10
CA SER F 616 -75.60 -19.13 9.06
C SER F 616 -74.31 -19.82 9.45
N LEU F 617 -73.24 -19.06 9.63
CA LEU F 617 -71.93 -19.60 9.95
C LEU F 617 -71.55 -19.23 11.38
N LEU F 618 -70.96 -20.17 12.10
CA LEU F 618 -70.81 -20.02 13.54
C LEU F 618 -69.37 -19.94 14.00
N ILE F 619 -68.54 -20.92 13.70
CA ILE F 619 -67.26 -21.10 14.38
C ILE F 619 -66.15 -20.59 13.50
N ALA F 620 -65.21 -19.85 14.08
CA ALA F 620 -64.11 -19.28 13.32
C ALA F 620 -62.89 -19.04 14.20
N PRO F 621 -61.90 -19.91 14.17
CA PRO F 621 -60.67 -19.65 14.93
C PRO F 621 -59.81 -18.53 14.34
N MET F 622 -59.84 -17.40 15.02
CA MET F 622 -59.08 -16.21 14.69
C MET F 622 -57.70 -16.31 15.32
N PRO F 623 -56.73 -15.47 14.94
CA PRO F 623 -55.40 -15.60 15.57
C PRO F 623 -55.33 -15.07 16.99
N THR F 624 -56.00 -13.94 17.29
CA THR F 624 -55.98 -13.26 18.60
C THR F 624 -54.55 -12.98 19.08
N ALA F 625 -53.89 -12.08 18.37
CA ALA F 625 -52.62 -11.57 18.87
C ALA F 625 -52.82 -10.72 20.11
N SER F 626 -53.65 -9.68 20.00
CA SER F 626 -53.77 -8.70 21.08
C SER F 626 -54.60 -9.24 22.24
N THR F 627 -55.61 -10.06 21.96
CA THR F 627 -56.46 -10.58 23.01
C THR F 627 -55.72 -11.56 23.90
N ALA F 628 -55.00 -12.49 23.29
CA ALA F 628 -54.13 -13.38 24.05
C ALA F 628 -52.96 -12.62 24.66
N GLN F 629 -52.58 -11.48 24.08
CA GLN F 629 -51.60 -10.64 24.75
C GLN F 629 -52.17 -10.05 26.03
N ILE F 630 -53.48 -9.77 26.06
CA ILE F 630 -54.10 -9.30 27.30
C ILE F 630 -54.17 -10.43 28.32
N LEU F 631 -54.86 -11.51 27.97
CA LEU F 631 -55.18 -12.50 28.99
C LEU F 631 -54.05 -13.46 29.32
N GLY F 632 -52.90 -13.33 28.66
CA GLY F 632 -51.76 -14.15 28.97
C GLY F 632 -51.73 -15.51 28.30
N ASN F 633 -52.80 -15.90 27.62
CA ASN F 633 -52.83 -17.18 26.94
C ASN F 633 -51.91 -17.16 25.73
N ASN F 634 -51.69 -18.35 25.18
CA ASN F 634 -50.92 -18.42 23.96
C ASN F 634 -51.82 -18.06 22.78
N GLU F 635 -51.19 -17.75 21.65
CA GLU F 635 -51.91 -17.53 20.40
C GLU F 635 -52.64 -18.81 20.02
N SER F 636 -53.77 -18.66 19.34
CA SER F 636 -55.03 -19.44 19.45
C SER F 636 -54.80 -20.95 19.59
N ILE F 637 -54.22 -21.63 18.61
CA ILE F 637 -54.15 -23.09 18.64
C ILE F 637 -52.74 -23.62 18.52
N GLU F 638 -51.77 -22.78 18.16
CA GLU F 638 -50.43 -23.28 17.94
C GLU F 638 -49.75 -23.59 19.27
N PRO F 639 -48.67 -24.40 19.26
CA PRO F 639 -47.87 -24.58 20.48
C PRO F 639 -47.05 -23.35 20.82
N TYR F 640 -46.32 -23.39 21.93
CA TYR F 640 -45.43 -22.29 22.26
C TYR F 640 -44.29 -22.21 21.27
N THR F 641 -43.93 -20.98 20.91
CA THR F 641 -42.82 -20.76 19.98
C THR F 641 -41.51 -21.21 20.61
N SER F 642 -41.31 -20.85 21.87
CA SER F 642 -40.21 -21.38 22.67
C SER F 642 -40.62 -21.29 24.13
N ASN F 643 -39.97 -22.10 24.96
CA ASN F 643 -40.26 -22.06 26.39
C ASN F 643 -39.78 -20.76 27.01
N ILE F 644 -38.68 -20.22 26.50
CA ILE F 644 -38.25 -18.87 26.82
C ILE F 644 -38.89 -17.92 25.83
N TYR F 645 -39.62 -16.93 26.34
CA TYR F 645 -40.16 -15.86 25.52
C TYR F 645 -39.68 -14.53 26.06
N THR F 646 -39.36 -13.61 25.15
CA THR F 646 -38.80 -12.33 25.53
C THR F 646 -39.91 -11.39 25.98
N ARG F 647 -39.48 -10.31 26.62
CA ARG F 647 -40.37 -9.26 27.07
C ARG F 647 -39.79 -7.91 26.71
N ARG F 648 -40.64 -7.07 26.12
CA ARG F 648 -40.32 -5.69 25.74
C ARG F 648 -40.49 -4.81 26.97
N VAL F 649 -39.39 -4.41 27.57
CA VAL F 649 -39.37 -3.47 28.68
C VAL F 649 -38.45 -2.32 28.28
N LEU F 650 -38.84 -1.10 28.63
CA LEU F 650 -37.99 0.07 28.42
C LEU F 650 -36.67 -0.13 29.15
N SER F 651 -35.58 -0.11 28.38
CA SER F 651 -34.19 -0.38 28.74
C SER F 651 -33.95 -1.84 29.13
N GLY F 652 -34.97 -2.69 29.19
CA GLY F 652 -34.72 -4.11 29.36
C GLY F 652 -35.61 -4.98 28.48
N GLU F 653 -35.02 -5.68 27.52
CA GLU F 653 -35.76 -6.55 26.62
C GLU F 653 -35.19 -7.95 26.88
N PHE F 654 -35.87 -8.71 27.74
CA PHE F 654 -35.16 -9.84 28.35
C PHE F 654 -35.96 -11.13 28.26
N GLN F 655 -35.54 -12.17 28.98
CA GLN F 655 -36.04 -13.51 28.77
C GLN F 655 -36.81 -14.01 29.99
N ILE F 656 -38.07 -14.39 29.79
CA ILE F 656 -38.89 -15.01 30.81
C ILE F 656 -39.35 -16.36 30.31
N VAL F 657 -39.12 -17.41 31.11
CA VAL F 657 -39.50 -18.77 30.76
C VAL F 657 -41.01 -18.92 30.88
N ASN F 658 -41.54 -19.99 30.31
CA ASN F 658 -42.96 -20.32 30.40
C ASN F 658 -43.31 -20.62 31.85
N PRO F 659 -44.23 -19.87 32.47
CA PRO F 659 -44.47 -20.02 33.91
C PRO F 659 -45.16 -21.32 34.31
N HIS F 660 -45.74 -22.06 33.38
CA HIS F 660 -46.21 -23.39 33.73
C HIS F 660 -45.06 -24.38 33.84
N LEU F 661 -44.11 -24.27 32.90
CA LEU F 661 -42.86 -25.03 32.97
C LEU F 661 -42.12 -24.72 34.26
N LEU F 662 -42.03 -23.44 34.61
CA LEU F 662 -41.40 -23.03 35.85
C LEU F 662 -42.18 -23.48 37.07
N LYS F 663 -43.52 -23.53 36.95
CA LYS F 663 -44.36 -24.03 38.01
C LYS F 663 -44.09 -25.50 38.29
N ASP F 664 -43.84 -26.29 37.23
CA ASP F 664 -43.45 -27.67 37.47
C ASP F 664 -42.01 -27.79 37.95
N LEU F 665 -41.11 -26.90 37.50
CA LEU F 665 -39.71 -27.05 37.88
C LEU F 665 -39.44 -26.68 39.33
N THR F 666 -40.17 -25.70 39.88
CA THR F 666 -39.99 -25.38 41.29
C THR F 666 -40.53 -26.48 42.19
N GLU F 667 -41.50 -27.27 41.71
CA GLU F 667 -42.02 -28.37 42.50
C GLU F 667 -41.16 -29.62 42.36
N ARG F 668 -40.66 -29.88 41.16
CA ARG F 668 -39.85 -31.08 40.93
C ARG F 668 -38.40 -30.92 41.37
N GLY F 669 -38.02 -29.76 41.91
CA GLY F 669 -36.72 -29.57 42.50
C GLY F 669 -35.58 -29.26 41.54
N LEU F 670 -35.73 -29.62 40.25
CA LEU F 670 -34.64 -29.41 39.30
C LEU F 670 -34.41 -27.95 38.96
N TRP F 671 -35.32 -27.06 39.32
CA TRP F 671 -35.08 -25.64 39.15
C TRP F 671 -34.01 -25.17 40.11
N HIS F 672 -33.10 -24.34 39.61
CA HIS F 672 -32.04 -23.78 40.40
C HIS F 672 -31.75 -22.38 39.87
N GLU F 673 -30.71 -21.75 40.39
CA GLU F 673 -30.45 -20.35 40.13
C GLU F 673 -29.75 -20.09 38.79
N GLU F 674 -29.47 -21.12 37.98
CA GLU F 674 -28.87 -20.92 36.67
C GLU F 674 -29.57 -21.71 35.57
N MET F 675 -30.74 -22.27 35.85
CA MET F 675 -31.46 -23.07 34.86
C MET F 675 -31.92 -22.24 33.69
N LYS F 676 -32.27 -20.97 33.94
CA LYS F 676 -32.54 -20.01 32.86
C LYS F 676 -31.36 -19.91 31.91
N ASN F 677 -30.15 -19.76 32.48
CA ASN F 677 -28.94 -19.69 31.68
C ASN F 677 -28.69 -21.02 30.98
N GLN F 678 -29.14 -22.12 31.57
CA GLN F 678 -29.02 -23.40 30.87
C GLN F 678 -29.97 -23.50 29.68
N ILE F 679 -31.09 -22.75 29.69
CA ILE F 679 -32.00 -22.78 28.56
C ILE F 679 -31.78 -21.59 27.59
N ILE F 680 -30.87 -20.66 27.93
CA ILE F 680 -30.50 -19.59 26.99
C ILE F 680 -29.87 -20.17 25.73
N ALA F 681 -28.88 -21.04 25.89
CA ALA F 681 -28.10 -21.55 24.77
C ALA F 681 -28.78 -22.69 24.00
N CYS F 682 -30.08 -22.91 24.22
CA CYS F 682 -30.82 -23.90 23.46
C CYS F 682 -32.10 -23.36 22.84
N ASN F 683 -32.48 -22.12 23.15
CA ASN F 683 -33.63 -21.41 22.58
C ASN F 683 -34.94 -22.17 22.81
N GLY F 684 -35.27 -22.32 24.09
CA GLY F 684 -36.50 -22.98 24.48
C GLY F 684 -36.43 -24.49 24.55
N SER F 685 -35.44 -25.11 23.92
CA SER F 685 -35.32 -26.56 23.90
C SER F 685 -34.85 -27.05 25.26
N ILE F 686 -35.80 -27.43 26.12
CA ILE F 686 -35.45 -27.99 27.42
C ILE F 686 -34.97 -29.42 27.31
N GLN F 687 -35.11 -30.06 26.16
CA GLN F 687 -34.79 -31.47 26.04
C GLN F 687 -33.31 -31.76 25.88
N SER F 688 -32.49 -30.75 25.65
CA SER F 688 -31.05 -30.95 25.53
C SER F 688 -30.32 -30.95 26.86
N ILE F 689 -31.00 -30.60 27.95
CA ILE F 689 -30.32 -30.41 29.22
C ILE F 689 -30.29 -31.79 29.91
N PRO F 690 -29.29 -32.08 30.75
CA PRO F 690 -29.28 -33.38 31.45
C PRO F 690 -30.16 -33.44 32.69
N GLU F 691 -30.71 -32.32 33.15
CA GLU F 691 -31.61 -32.30 34.31
C GLU F 691 -33.02 -32.38 33.77
N ILE F 692 -33.49 -33.62 33.56
CA ILE F 692 -34.69 -33.90 32.78
C ILE F 692 -35.48 -35.05 33.41
N PRO F 693 -36.77 -34.87 33.69
CA PRO F 693 -37.59 -36.01 34.11
C PRO F 693 -38.17 -36.81 32.96
N ASP F 694 -37.88 -36.41 31.71
CA ASP F 694 -38.34 -37.05 30.47
C ASP F 694 -39.86 -37.11 30.34
N ASP F 695 -40.57 -36.28 31.08
CA ASP F 695 -41.98 -36.03 30.88
C ASP F 695 -42.22 -34.61 30.41
N LEU F 696 -41.36 -33.68 30.85
CA LEU F 696 -41.39 -32.30 30.38
C LEU F 696 -41.01 -32.20 28.91
N LYS F 697 -40.23 -33.17 28.42
CA LYS F 697 -39.93 -33.25 27.00
C LYS F 697 -41.15 -33.57 26.15
N GLN F 698 -42.20 -34.13 26.75
CA GLN F 698 -43.46 -34.37 26.08
C GLN F 698 -44.50 -33.30 26.37
N LEU F 699 -44.54 -32.81 27.60
CA LEU F 699 -45.51 -31.79 27.96
C LEU F 699 -45.12 -30.40 27.47
N TYR F 700 -43.87 -30.19 27.11
CA TYR F 700 -43.36 -28.86 26.78
C TYR F 700 -42.54 -28.89 25.51
N LYS F 701 -43.10 -29.48 24.47
CA LYS F 701 -42.41 -29.56 23.19
C LYS F 701 -42.37 -28.19 22.53
N THR F 702 -41.17 -27.77 22.16
CA THR F 702 -41.01 -26.58 21.33
C THR F 702 -41.61 -26.84 19.96
N VAL F 703 -42.28 -25.84 19.38
CA VAL F 703 -42.95 -26.04 18.10
C VAL F 703 -41.95 -26.24 16.96
N TRP F 704 -40.71 -25.78 17.13
CA TRP F 704 -39.68 -26.11 16.17
C TRP F 704 -39.27 -27.58 16.29
N GLU F 705 -39.49 -28.18 17.46
CA GLU F 705 -39.22 -29.59 17.71
C GLU F 705 -40.46 -30.45 17.52
N ILE F 706 -41.51 -29.92 16.90
CA ILE F 706 -42.74 -30.64 16.64
C ILE F 706 -42.86 -30.86 15.14
N SER F 707 -43.10 -32.10 14.75
CA SER F 707 -43.33 -32.41 13.34
C SER F 707 -44.66 -31.82 12.90
N GLN F 708 -44.64 -31.14 11.76
CA GLN F 708 -45.77 -30.29 11.37
C GLN F 708 -46.96 -31.10 10.90
N LYS F 709 -46.73 -32.31 10.41
CA LYS F 709 -47.83 -33.07 9.84
C LYS F 709 -48.77 -33.62 10.89
N THR F 710 -48.31 -33.79 12.12
CA THR F 710 -49.22 -34.14 13.20
C THR F 710 -50.15 -32.99 13.52
N VAL F 711 -49.61 -31.76 13.51
CA VAL F 711 -50.42 -30.56 13.69
C VAL F 711 -51.40 -30.42 12.54
N LEU F 712 -50.99 -30.80 11.33
CA LEU F 712 -51.90 -30.75 10.18
C LEU F 712 -53.02 -31.78 10.31
N LYS F 713 -52.72 -32.95 10.88
CA LYS F 713 -53.79 -33.92 11.14
C LYS F 713 -54.75 -33.40 12.20
N MET F 714 -54.20 -32.77 13.24
CA MET F 714 -55.03 -32.14 14.26
C MET F 714 -55.87 -31.02 13.69
N ALA F 715 -55.35 -30.31 12.69
CA ALA F 715 -56.13 -29.30 11.98
C ALA F 715 -57.18 -29.92 11.08
N ALA F 716 -56.94 -31.15 10.61
CA ALA F 716 -57.95 -31.82 9.82
C ALA F 716 -59.12 -32.24 10.68
N GLU F 717 -58.84 -32.68 11.90
CA GLU F 717 -59.92 -33.07 12.82
C GLU F 717 -60.67 -31.84 13.31
N ARG F 718 -59.93 -30.86 13.84
CA ARG F 718 -60.57 -29.71 14.46
C ARG F 718 -61.28 -28.86 13.41
N GLY F 719 -60.63 -28.62 12.26
CA GLY F 719 -61.26 -27.94 11.16
C GLY F 719 -62.33 -28.76 10.48
N ALA F 720 -62.30 -30.08 10.68
CA ALA F 720 -63.44 -30.89 10.29
C ALA F 720 -64.64 -30.65 11.20
N PHE F 721 -64.44 -30.11 12.39
CA PHE F 721 -65.59 -29.67 13.18
C PHE F 721 -65.76 -28.15 13.22
N ILE F 722 -65.35 -27.43 12.17
CA ILE F 722 -65.50 -25.97 12.11
C ILE F 722 -66.17 -25.60 10.80
N ASP F 723 -67.22 -24.78 10.86
CA ASP F 723 -67.96 -24.39 9.67
C ASP F 723 -67.34 -23.23 8.92
N GLN F 724 -66.15 -22.79 9.28
CA GLN F 724 -65.37 -21.86 8.48
C GLN F 724 -63.91 -22.32 8.52
N SER F 725 -63.01 -21.45 8.10
CA SER F 725 -61.61 -21.80 8.06
C SER F 725 -60.97 -21.54 9.42
N GLN F 726 -59.65 -21.63 9.48
CA GLN F 726 -58.91 -21.35 10.70
C GLN F 726 -57.49 -20.94 10.34
N SER F 727 -56.90 -20.10 11.18
CA SER F 727 -55.52 -19.67 10.96
C SER F 727 -54.57 -20.84 11.18
N LEU F 728 -53.42 -20.79 10.51
CA LEU F 728 -52.47 -21.88 10.62
C LEU F 728 -51.07 -21.31 10.44
N ASN F 729 -50.43 -20.95 11.54
CA ASN F 729 -49.07 -20.45 11.50
C ASN F 729 -48.13 -21.64 11.32
N ILE F 730 -47.49 -21.73 10.16
CA ILE F 730 -46.55 -22.81 9.87
C ILE F 730 -45.16 -22.40 10.31
N HIS F 731 -44.56 -23.21 11.19
CA HIS F 731 -43.22 -22.97 11.73
C HIS F 731 -42.28 -24.01 11.16
N ILE F 732 -41.32 -23.57 10.33
CA ILE F 732 -40.30 -24.47 9.78
C ILE F 732 -38.96 -23.77 9.92
N ALA F 733 -37.98 -24.47 10.50
CA ALA F 733 -36.75 -23.81 10.93
C ALA F 733 -35.86 -23.42 9.75
N GLU F 734 -35.86 -24.22 8.70
CA GLU F 734 -34.97 -23.93 7.59
C GLU F 734 -35.72 -24.02 6.28
N PRO F 735 -35.33 -23.25 5.28
CA PRO F 735 -35.95 -23.35 3.95
C PRO F 735 -35.61 -24.68 3.29
N ASN F 736 -36.62 -25.50 3.08
CA ASN F 736 -36.46 -26.75 2.35
C ASN F 736 -37.74 -27.05 1.59
N TYR F 737 -37.58 -27.37 0.31
CA TYR F 737 -38.72 -27.39 -0.60
C TYR F 737 -39.55 -28.65 -0.44
N GLY F 738 -38.97 -29.69 0.15
CA GLY F 738 -39.69 -30.94 0.27
C GLY F 738 -40.74 -30.89 1.37
N LYS F 739 -40.38 -30.32 2.51
CA LYS F 739 -41.33 -30.19 3.61
C LYS F 739 -42.40 -29.15 3.28
N LEU F 740 -42.03 -28.12 2.51
CA LEU F 740 -43.01 -27.15 2.05
C LEU F 740 -43.98 -27.77 1.05
N THR F 741 -43.44 -28.39 0.00
CA THR F 741 -44.28 -28.89 -1.09
C THR F 741 -45.14 -30.06 -0.63
N SER F 742 -44.53 -31.01 0.07
CA SER F 742 -45.26 -32.11 0.68
C SER F 742 -46.20 -31.64 1.77
N MET F 743 -45.89 -30.49 2.39
CA MET F 743 -46.77 -29.96 3.42
C MET F 743 -48.05 -29.38 2.82
N HIS F 744 -47.92 -28.61 1.74
CA HIS F 744 -49.10 -28.04 1.11
C HIS F 744 -49.93 -29.12 0.43
N PHE F 745 -49.26 -30.08 -0.22
CA PHE F 745 -49.99 -31.19 -0.82
C PHE F 745 -50.64 -32.05 0.25
N TYR F 746 -49.98 -32.20 1.40
CA TYR F 746 -50.58 -32.97 2.49
C TYR F 746 -51.79 -32.24 3.05
N GLY F 747 -51.73 -30.92 3.13
CA GLY F 747 -52.88 -30.15 3.57
C GLY F 747 -54.02 -30.22 2.59
N TRP F 748 -53.71 -30.30 1.29
CA TRP F 748 -54.77 -30.47 0.30
C TRP F 748 -55.35 -31.87 0.35
N LYS F 749 -54.55 -32.86 0.72
CA LYS F 749 -55.05 -34.22 0.79
C LYS F 749 -55.88 -34.46 2.04
N GLN F 750 -55.55 -33.81 3.16
CA GLN F 750 -56.40 -33.91 4.34
C GLN F 750 -57.70 -33.16 4.16
N GLY F 751 -57.74 -32.18 3.26
CA GLY F 751 -58.94 -31.44 2.96
C GLY F 751 -59.04 -30.07 3.55
N LEU F 752 -57.93 -29.49 4.01
CA LEU F 752 -57.97 -28.24 4.77
C LEU F 752 -58.31 -27.04 3.88
N LYS F 753 -59.02 -26.09 4.47
CA LYS F 753 -59.43 -24.87 3.79
C LYS F 753 -58.36 -23.81 3.78
N THR F 754 -57.22 -24.03 4.44
CA THR F 754 -56.18 -23.02 4.52
C THR F 754 -54.84 -23.72 4.53
N GLY F 755 -54.06 -23.53 3.48
CA GLY F 755 -52.78 -24.18 3.39
C GLY F 755 -51.76 -23.60 4.33
N MET F 756 -51.80 -22.29 4.57
CA MET F 756 -50.77 -21.61 5.32
C MET F 756 -51.31 -20.25 5.71
N TYR F 757 -50.73 -19.67 6.76
CA TYR F 757 -51.01 -18.29 7.10
C TYR F 757 -49.71 -17.52 7.24
N TYR F 758 -48.64 -18.21 7.62
CA TYR F 758 -47.28 -17.68 7.57
C TYR F 758 -46.30 -18.84 7.48
N LEU F 759 -45.26 -18.66 6.68
CA LEU F 759 -44.08 -19.51 6.74
C LEU F 759 -43.06 -18.82 7.62
N ARG F 760 -42.93 -19.28 8.86
CA ARG F 760 -42.05 -18.65 9.83
C ARG F 760 -40.77 -19.46 9.98
N THR F 761 -39.63 -18.80 9.80
CA THR F 761 -38.32 -19.40 9.94
C THR F 761 -37.58 -18.68 11.05
N ARG F 762 -37.21 -19.40 12.12
CA ARG F 762 -36.41 -18.72 13.11
C ARG F 762 -34.98 -18.55 12.62
N PRO F 763 -34.34 -17.41 12.91
CA PRO F 763 -32.95 -17.20 12.50
C PRO F 763 -31.98 -17.89 13.45
#